data_3G0G
#
_entry.id   3G0G
#
_cell.length_a   122.906
_cell.length_b   122.921
_cell.length_c   145.092
_cell.angle_alpha   90.000
_cell.angle_beta   114.770
_cell.angle_gamma   90.000
#
_symmetry.space_group_name_H-M   'P 1 21 1'
#
loop_
_entity.id
_entity.type
_entity.pdbx_description
1 polymer 'Dipeptidyl peptidase 4'
2 branched 2-acetamido-2-deoxy-beta-D-glucopyranose-(1-4)-2-acetamido-2-deoxy-beta-D-glucopyranose
3 non-polymer 2-({2-[(3R)-3-aminopiperidin-1-yl]-5-bromo-6-oxopyrimidin-1(6H)-yl}methyl)benzonitrile
4 non-polymer 2-acetamido-2-deoxy-beta-D-glucopyranose
5 water water
#
_entity_poly.entity_id   1
_entity_poly.type   'polypeptide(L)'
_entity_poly.pdbx_seq_one_letter_code
;ADPGGSHHHHHHSRKTYTLTDYLKNTYRLKLYSLRWISDHEYLYKQENNILVFNAEYGNSSVFLENSTFDEFGHSINDYS
ISPDGQFILLEYNYVKQWRHSYTASYDIYDLNKRQLITEERIPNNTQWVTWSPVGHKLAYVWNNDIYVKIEPNLPSYRIT
WTGKEDIIYNGITDWVYEEEVFSAYSALWWSPNGTFLAYAQFNDTEVPLIEYSFYSDESLQYPKTVRVPYPKAGAVNPTV
KFFVVNTDSLSSVTNATSIQITAPASMLIGDHYLCDVTWATQERISLQWLRRIQNYSVMDICDYDESSGRWNCLVARQHI
EMSTTGWVGRFRPSEPHFTLDGNSFYKIISNEEGYRHICYFQIDKKDCTFITKGTWEVIGIEALTSDYLYYISNEYKGMP
GGRNLYKIQLSDYTKVTCLSCELNPERCQYYSVSFSKEAKYYQLRCSGPGLPLYTLHSSVNDKGLRVLEDNSALDKMLQN
VQMPSKKLDFIILNETKFWYQMILPPHFDKSKKYPLLLDVYAGPCSQKADTVFRLNWATYLASTENIIVASFDGRGSGYQ
GDKIMHAINRRLGTFEVEDQIEAARQFSKMGFVDNKRIAIWGWSYGGYVTSMVLGSGSGVFKCGIAVAPVSRWEYYDSVY
TERYMGLPTPEDNLDHYRNSTVMSRAENFKQVEYLLIHGTADDNVHFQQSAQISKALVDVGVDFQAMWYTDEDHGIASST
AHQHIYTHMSHFIKQCFSLP
;
_entity_poly.pdbx_strand_id   A,B,C,D
#
loop_
_chem_comp.id
_chem_comp.type
_chem_comp.name
_chem_comp.formula
NAG D-saccharide, beta linking 2-acetamido-2-deoxy-beta-D-glucopyranose 'C8 H15 N O6'
RUM non-polymer 2-({2-[(3R)-3-aminopiperidin-1-yl]-5-bromo-6-oxopyrimidin-1(6H)-yl}methyl)benzonitrile 'C17 H18 Br N5 O'
#
# COMPACT_ATOMS: atom_id res chain seq x y z
N LYS A 15 7.42 27.81 49.13
CA LYS A 15 6.95 27.59 47.73
C LYS A 15 7.44 28.69 46.78
N THR A 16 7.58 28.35 45.51
CA THR A 16 8.15 29.26 44.51
C THR A 16 7.06 29.91 43.66
N TYR A 17 7.45 30.92 42.89
CA TYR A 17 6.56 31.57 41.93
C TYR A 17 6.55 30.67 40.69
N THR A 18 5.40 30.06 40.39
CA THR A 18 5.32 29.08 39.29
C THR A 18 4.91 29.68 37.95
N LEU A 19 4.97 28.85 36.92
CA LEU A 19 4.50 29.24 35.60
C LEU A 19 3.00 29.50 35.65
N THR A 20 2.25 28.60 36.31
CA THR A 20 0.82 28.80 36.50
C THR A 20 0.55 30.15 37.16
N ASP A 21 1.40 30.49 38.15
CA ASP A 21 1.31 31.77 38.84
C ASP A 21 1.29 32.94 37.89
N TYR A 22 2.24 32.95 36.96
CA TYR A 22 2.39 33.99 35.94
C TYR A 22 1.24 33.95 34.91
N LEU A 23 0.84 32.74 34.52
CA LEU A 23 -0.14 32.57 33.45
C LEU A 23 -1.56 32.93 33.88
N LYS A 24 -1.90 32.55 35.12
CA LYS A 24 -3.23 32.81 35.66
C LYS A 24 -3.31 33.99 36.62
N ASN A 25 -2.25 34.81 36.65
CA ASN A 25 -2.14 35.99 37.53
C ASN A 25 -2.61 35.79 38.99
N THR A 26 -1.99 34.84 39.68
CA THR A 26 -2.34 34.54 41.07
C THR A 26 -1.94 35.70 41.99
N TYR A 27 -0.84 36.38 41.66
CA TYR A 27 -0.32 37.51 42.42
C TYR A 27 -0.46 38.79 41.60
N ARG A 28 -1.43 39.61 42.00
CA ARG A 28 -1.88 40.73 41.21
C ARG A 28 -1.25 42.04 41.69
N LEU A 29 -0.61 42.78 40.76
CA LEU A 29 -0.18 44.14 41.02
C LEU A 29 -1.37 45.07 40.90
N LYS A 30 -1.71 45.73 42.00
CA LYS A 30 -2.83 46.67 42.05
C LYS A 30 -2.33 48.06 41.61
N LEU A 31 -3.12 48.75 40.81
CA LEU A 31 -2.81 50.12 40.39
C LEU A 31 -3.77 51.10 41.06
N TYR A 32 -3.67 52.37 40.65
CA TYR A 32 -4.59 53.42 41.01
C TYR A 32 -4.68 54.34 39.81
N SER A 33 -5.52 53.94 38.87
CA SER A 33 -5.72 54.69 37.66
C SER A 33 -6.71 55.84 37.92
N LEU A 34 -6.33 57.07 37.57
CA LEU A 34 -7.21 58.22 37.75
C LEU A 34 -7.26 59.12 36.52
N ARG A 35 -8.39 59.82 36.35
CA ARG A 35 -8.52 60.81 35.29
C ARG A 35 -8.90 62.16 35.92
N TRP A 36 -7.99 63.13 35.85
CA TRP A 36 -8.26 64.46 36.37
C TRP A 36 -9.43 65.10 35.62
N ILE A 37 -10.45 65.51 36.37
CA ILE A 37 -11.65 66.14 35.81
C ILE A 37 -11.57 67.66 35.83
N SER A 38 -10.98 68.19 36.89
CA SER A 38 -10.78 69.63 37.06
C SER A 38 -9.38 69.82 37.62
N ASP A 39 -9.20 70.85 38.45
CA ASP A 39 -7.89 71.11 39.05
C ASP A 39 -7.80 70.61 40.50
N HIS A 40 -8.88 70.02 40.99
CA HIS A 40 -8.93 69.47 42.35
C HIS A 40 -9.83 68.23 42.47
N GLU A 41 -10.24 67.69 41.32
CA GLU A 41 -11.09 66.51 41.28
C GLU A 41 -10.68 65.50 40.22
N TYR A 42 -10.89 64.23 40.53
CA TYR A 42 -10.59 63.16 39.59
C TYR A 42 -11.56 62.01 39.75
N LEU A 43 -11.70 61.21 38.68
CA LEU A 43 -12.58 60.05 38.71
C LEU A 43 -11.78 58.77 38.95
N TYR A 44 -12.43 57.80 39.61
CA TYR A 44 -11.81 56.51 39.88
C TYR A 44 -12.80 55.34 39.83
N LYS A 45 -12.48 54.36 38.96
CA LYS A 45 -13.32 53.20 38.71
C LYS A 45 -13.39 52.24 39.92
N GLN A 46 -14.54 51.60 40.11
CA GLN A 46 -14.81 50.64 41.19
C GLN A 46 -15.99 49.72 40.86
N ASN A 49 -18.83 50.78 39.80
CA ASN A 49 -18.92 52.11 40.38
C ASN A 49 -17.88 53.07 39.83
N ILE A 50 -18.24 54.35 39.76
CA ILE A 50 -17.31 55.41 39.39
C ILE A 50 -17.48 56.52 40.41
N LEU A 51 -16.42 56.83 41.14
CA LEU A 51 -16.48 57.88 42.16
C LEU A 51 -15.77 59.12 41.68
N VAL A 52 -16.21 60.27 42.19
CA VAL A 52 -15.45 61.50 42.05
C VAL A 52 -14.71 61.67 43.36
N PHE A 53 -13.45 62.05 43.27
CA PHE A 53 -12.64 62.28 44.46
C PHE A 53 -12.22 63.74 44.51
N ASN A 54 -12.18 64.28 45.73
CA ASN A 54 -11.60 65.59 45.98
C ASN A 54 -10.13 65.38 46.31
N ALA A 55 -9.26 66.07 45.58
CA ALA A 55 -7.83 65.97 45.81
C ALA A 55 -7.46 66.50 47.19
N GLU A 56 -8.21 67.51 47.65
CA GLU A 56 -8.02 68.10 48.97
C GLU A 56 -8.26 67.12 50.12
N TYR A 57 -9.51 66.67 50.25
CA TYR A 57 -9.96 65.97 51.46
C TYR A 57 -9.97 64.45 51.32
N GLY A 58 -9.96 63.97 50.09
CA GLY A 58 -9.99 62.53 49.82
C GLY A 58 -11.37 61.91 49.92
N ASN A 59 -12.37 62.74 50.17
CA ASN A 59 -13.76 62.30 50.21
C ASN A 59 -14.28 62.03 48.79
N SER A 60 -15.20 61.07 48.68
CA SER A 60 -15.75 60.71 47.37
C SER A 60 -17.27 60.51 47.38
N SER A 61 -17.91 61.10 46.38
CA SER A 61 -19.33 60.87 46.12
C SER A 61 -19.46 60.15 44.78
N VAL A 62 -20.38 59.19 44.71
CA VAL A 62 -20.58 58.37 43.51
C VAL A 62 -21.04 59.20 42.31
N PHE A 63 -20.43 58.96 41.15
CA PHE A 63 -20.80 59.67 39.92
C PHE A 63 -21.89 58.91 39.17
N LEU A 64 -21.70 57.60 39.04
CA LEU A 64 -22.74 56.69 38.55
C LEU A 64 -22.58 55.31 39.18
N GLU A 65 -23.71 54.64 39.40
CA GLU A 65 -23.72 53.31 40.01
C GLU A 65 -23.18 52.23 39.10
N ASN A 66 -22.69 51.16 39.72
CA ASN A 66 -22.18 49.97 39.03
C ASN A 66 -23.06 49.47 37.88
N SER A 67 -24.35 49.31 38.16
CA SER A 67 -25.32 48.87 37.14
C SER A 67 -26.48 49.87 37.00
N THR A 68 -26.16 51.10 36.60
CA THR A 68 -27.16 52.11 36.25
C THR A 68 -27.73 51.75 34.89
N PHE A 69 -26.88 51.18 34.03
CA PHE A 69 -27.25 50.74 32.69
C PHE A 69 -27.51 49.24 32.69
N ASP A 70 -28.27 48.78 33.68
CA ASP A 70 -28.65 47.38 33.83
C ASP A 70 -29.57 46.94 32.68
N GLU A 71 -30.42 47.85 32.24
CA GLU A 71 -31.35 47.60 31.13
C GLU A 71 -30.78 48.04 29.78
N PHE A 72 -29.46 48.24 29.74
CA PHE A 72 -28.77 48.65 28.51
C PHE A 72 -28.74 47.52 27.47
N GLY A 73 -28.38 46.32 27.91
CA GLY A 73 -28.38 45.15 27.04
C GLY A 73 -27.04 44.88 26.36
N HIS A 74 -26.19 45.90 26.33
CA HIS A 74 -24.85 45.79 25.74
C HIS A 74 -23.78 45.79 26.82
N SER A 75 -22.68 45.10 26.55
CA SER A 75 -21.53 45.06 27.45
C SER A 75 -20.69 46.33 27.27
N ILE A 76 -20.66 47.17 28.32
CA ILE A 76 -19.96 48.46 28.30
C ILE A 76 -18.45 48.30 28.42
N ASN A 77 -17.74 48.70 27.36
CA ASN A 77 -16.30 48.57 27.28
C ASN A 77 -15.57 49.72 27.97
N ASP A 78 -15.96 50.95 27.65
CA ASP A 78 -15.30 52.13 28.19
C ASP A 78 -16.28 53.30 28.27
N TYR A 79 -16.10 54.14 29.26
CA TYR A 79 -16.89 55.34 29.43
C TYR A 79 -15.98 56.52 29.11
N SER A 80 -16.58 57.64 28.69
CA SER A 80 -15.84 58.88 28.46
C SER A 80 -16.73 60.09 28.76
N ILE A 81 -16.40 60.81 29.83
CA ILE A 81 -17.16 61.99 30.26
C ILE A 81 -16.72 63.24 29.50
N SER A 82 -17.67 64.10 29.17
CA SER A 82 -17.37 65.38 28.54
C SER A 82 -16.69 66.32 29.57
N PRO A 83 -15.84 67.25 29.09
CA PRO A 83 -15.14 68.20 29.97
C PRO A 83 -16.04 69.12 30.83
N ASP A 84 -17.25 69.42 30.37
CA ASP A 84 -18.18 70.24 31.16
C ASP A 84 -19.00 69.40 32.14
N GLY A 85 -18.76 68.09 32.13
CA GLY A 85 -19.36 67.15 33.07
C GLY A 85 -20.84 66.86 32.85
N GLN A 86 -21.37 67.32 31.71
CA GLN A 86 -22.79 67.23 31.41
C GLN A 86 -23.22 65.96 30.66
N PHE A 87 -22.28 65.31 29.97
CA PHE A 87 -22.59 64.12 29.18
C PHE A 87 -21.52 63.05 29.33
N ILE A 88 -21.95 61.79 29.29
CA ILE A 88 -21.05 60.65 29.29
C ILE A 88 -21.23 59.81 28.03
N LEU A 89 -20.12 59.59 27.34
CA LEU A 89 -20.08 58.76 26.16
C LEU A 89 -19.80 57.32 26.57
N LEU A 90 -20.58 56.38 26.02
CA LEU A 90 -20.41 54.97 26.34
C LEU A 90 -20.00 54.18 25.11
N GLU A 91 -19.00 53.32 25.29
CA GLU A 91 -18.41 52.55 24.20
C GLU A 91 -18.69 51.06 24.33
N TYR A 92 -19.21 50.46 23.26
CA TYR A 92 -19.45 49.02 23.23
C TYR A 92 -19.25 48.50 21.81
N ASN A 93 -19.41 47.19 21.62
CA ASN A 93 -19.14 46.53 20.34
C ASN A 93 -17.71 46.81 19.86
N TYR A 94 -16.78 46.71 20.81
CA TYR A 94 -15.37 46.97 20.59
C TYR A 94 -14.78 45.84 19.76
N VAL A 95 -14.21 46.21 18.61
CA VAL A 95 -13.54 45.27 17.75
C VAL A 95 -12.12 45.79 17.48
N LYS A 96 -11.14 45.10 18.05
CA LYS A 96 -9.75 45.46 17.88
C LYS A 96 -9.33 45.36 16.41
N GLN A 97 -8.54 46.34 15.96
CA GLN A 97 -7.85 46.22 14.68
C GLN A 97 -6.33 46.08 14.92
N TRP A 98 -5.56 47.16 14.79
CA TRP A 98 -4.13 47.05 15.06
C TRP A 98 -3.77 47.32 16.54
N ARG A 99 -2.61 47.90 16.79
CA ARG A 99 -2.14 48.13 18.14
C ARG A 99 -3.04 49.11 18.92
N HIS A 100 -3.43 50.20 18.26
CA HIS A 100 -4.24 51.27 18.88
C HIS A 100 -5.61 51.42 18.26
N SER A 101 -5.73 51.07 16.99
CA SER A 101 -6.99 51.26 16.28
C SER A 101 -8.01 50.20 16.66
N TYR A 102 -9.27 50.65 16.67
CA TYR A 102 -10.40 49.75 16.84
C TYR A 102 -11.66 50.39 16.29
N THR A 103 -12.69 49.55 16.18
CA THR A 103 -14.02 49.96 15.80
C THR A 103 -14.91 49.80 17.01
N ALA A 104 -15.96 50.61 17.10
CA ALA A 104 -16.92 50.53 18.20
C ALA A 104 -18.27 51.19 17.88
N SER A 105 -19.27 50.83 18.69
CA SER A 105 -20.60 51.45 18.71
C SER A 105 -20.69 52.37 19.92
N TYR A 106 -21.51 53.41 19.80
CA TYR A 106 -21.61 54.42 20.86
C TYR A 106 -23.03 54.86 21.24
N ASP A 107 -23.13 55.36 22.47
CA ASP A 107 -24.36 55.93 23.03
C ASP A 107 -23.97 57.09 23.93
N ILE A 108 -24.76 58.17 23.88
CA ILE A 108 -24.53 59.34 24.73
C ILE A 108 -25.63 59.45 25.78
N TYR A 109 -25.21 59.57 27.04
CA TYR A 109 -26.12 59.64 28.16
C TYR A 109 -26.13 61.05 28.72
N ASP A 110 -27.30 61.68 28.72
CA ASP A 110 -27.49 63.00 29.31
C ASP A 110 -27.52 62.85 30.82
N LEU A 111 -26.47 63.35 31.48
CA LEU A 111 -26.32 63.22 32.93
C LEU A 111 -27.38 63.98 33.73
N ASN A 112 -27.80 65.13 33.20
CA ASN A 112 -28.85 65.92 33.83
C ASN A 112 -30.21 65.26 33.72
N LYS A 113 -30.62 64.93 32.49
CA LYS A 113 -31.93 64.35 32.23
C LYS A 113 -32.04 62.87 32.60
N ARG A 114 -30.89 62.24 32.86
CA ARG A 114 -30.82 60.83 33.25
C ARG A 114 -31.43 59.87 32.22
N GLN A 115 -31.03 60.06 30.95
CA GLN A 115 -31.54 59.23 29.85
C GLN A 115 -30.65 59.33 28.62
N LEU A 116 -30.63 58.27 27.84
CA LEU A 116 -29.83 58.19 26.62
C LEU A 116 -30.43 59.07 25.52
N ILE A 117 -29.56 59.67 24.71
CA ILE A 117 -29.97 60.38 23.50
C ILE A 117 -30.33 59.35 22.43
N THR A 118 -31.45 59.56 21.73
CA THR A 118 -31.93 58.60 20.72
C THR A 118 -32.07 59.15 19.32
N GLU A 119 -31.98 60.48 19.17
CA GLU A 119 -32.04 61.11 17.85
C GLU A 119 -30.63 61.48 17.35
N GLU A 120 -30.39 61.24 16.07
CA GLU A 120 -29.10 61.49 15.42
C GLU A 120 -27.93 60.85 16.19
N ARG A 121 -28.02 59.53 16.40
CA ARG A 121 -27.01 58.80 17.15
C ARG A 121 -25.72 58.62 16.36
N ILE A 122 -24.64 58.32 17.07
CA ILE A 122 -23.35 58.01 16.46
C ILE A 122 -23.46 56.63 15.80
N PRO A 123 -23.06 56.53 14.52
CA PRO A 123 -23.21 55.27 13.77
C PRO A 123 -22.42 54.10 14.35
N ASN A 124 -22.82 52.89 13.98
CA ASN A 124 -22.09 51.69 14.36
C ASN A 124 -20.80 51.68 13.53
N ASN A 125 -19.77 51.04 14.07
CA ASN A 125 -18.47 50.95 13.40
C ASN A 125 -17.72 52.27 13.30
N THR A 126 -17.85 53.07 14.36
CA THR A 126 -17.12 54.32 14.42
C THR A 126 -15.65 54.04 14.76
N GLN A 127 -14.78 54.76 14.07
CA GLN A 127 -13.36 54.54 14.14
C GLN A 127 -12.71 55.31 15.28
N TRP A 128 -13.21 56.50 15.53
CA TRP A 128 -12.66 57.38 16.56
C TRP A 128 -13.66 58.44 17.02
N VAL A 129 -13.66 58.71 18.32
CA VAL A 129 -14.52 59.74 18.92
C VAL A 129 -13.73 60.54 19.94
N THR A 130 -13.97 61.84 20.02
CA THR A 130 -13.32 62.67 21.02
C THR A 130 -14.14 63.91 21.34
N TRP A 131 -14.25 64.23 22.63
CA TRP A 131 -14.84 65.49 23.05
C TRP A 131 -13.84 66.60 22.75
N SER A 132 -14.33 67.82 22.59
CA SER A 132 -13.47 69.00 22.49
C SER A 132 -12.94 69.28 23.89
N PRO A 133 -11.87 70.08 24.02
CA PRO A 133 -11.24 70.25 25.34
C PRO A 133 -12.11 70.95 26.39
N VAL A 134 -13.02 71.83 25.95
CA VAL A 134 -13.97 72.47 26.85
C VAL A 134 -15.40 72.18 26.35
N GLY A 135 -16.36 72.19 27.27
CA GLY A 135 -17.76 72.00 26.91
C GLY A 135 -18.18 70.58 26.56
N HIS A 136 -18.93 70.45 25.46
CA HIS A 136 -19.48 69.16 25.04
C HIS A 136 -19.57 68.99 23.53
N LYS A 137 -18.74 69.71 22.76
CA LYS A 137 -18.60 69.46 21.33
C LYS A 137 -17.99 68.08 21.15
N LEU A 138 -18.30 67.44 20.03
CA LEU A 138 -17.92 66.05 19.84
C LEU A 138 -17.68 65.75 18.36
N ALA A 139 -16.46 65.35 18.02
CA ALA A 139 -16.11 64.98 16.64
C ALA A 139 -15.83 63.48 16.53
N TYR A 140 -16.24 62.88 15.42
CA TYR A 140 -15.99 61.46 15.22
C TYR A 140 -15.57 61.11 13.80
N VAL A 141 -15.04 59.90 13.64
CA VAL A 141 -14.63 59.38 12.34
C VAL A 141 -15.40 58.09 12.04
N TRP A 142 -16.00 58.02 10.86
CA TRP A 142 -16.78 56.86 10.43
C TRP A 142 -16.64 56.73 8.92
N ASN A 143 -16.25 55.54 8.46
CA ASN A 143 -15.94 55.29 7.05
C ASN A 143 -14.91 56.29 6.54
N ASN A 144 -13.84 56.47 7.32
CA ASN A 144 -12.73 57.38 6.99
C ASN A 144 -13.07 58.87 6.85
N ASP A 145 -14.27 59.27 7.28
CA ASP A 145 -14.67 60.69 7.22
C ASP A 145 -14.92 61.32 8.59
N ILE A 146 -14.71 62.63 8.67
CA ILE A 146 -14.87 63.37 9.92
C ILE A 146 -16.25 64.05 10.06
N TYR A 147 -16.93 63.78 11.17
CA TYR A 147 -18.20 64.44 11.51
C TYR A 147 -18.07 65.22 12.82
N VAL A 148 -18.82 66.31 12.95
CA VAL A 148 -18.85 67.11 14.17
C VAL A 148 -20.28 67.29 14.69
N LYS A 149 -20.47 67.01 15.97
CA LYS A 149 -21.72 67.32 16.66
C LYS A 149 -21.50 68.45 17.66
N ILE A 150 -22.17 69.58 17.44
CA ILE A 150 -22.12 70.69 18.39
C ILE A 150 -22.86 70.24 19.64
N GLU A 151 -24.05 69.69 19.45
CA GLU A 151 -24.84 69.19 20.55
C GLU A 151 -25.12 67.71 20.34
N PRO A 152 -25.03 66.91 21.43
CA PRO A 152 -25.26 65.47 21.43
C PRO A 152 -26.53 65.01 20.70
N ASN A 153 -27.61 65.78 20.82
CA ASN A 153 -28.89 65.45 20.18
C ASN A 153 -29.06 65.95 18.74
N LEU A 154 -28.27 66.94 18.35
CA LEU A 154 -28.39 67.55 17.02
C LEU A 154 -27.71 66.74 15.92
N PRO A 155 -28.11 66.92 14.66
CA PRO A 155 -27.41 66.27 13.55
C PRO A 155 -25.93 66.68 13.48
N SER A 156 -25.13 65.82 12.84
CA SER A 156 -23.70 66.06 12.71
C SER A 156 -23.37 66.65 11.36
N TYR A 157 -22.37 67.54 11.34
CA TYR A 157 -21.91 68.13 10.10
C TYR A 157 -20.77 67.29 9.53
N ARG A 158 -20.92 66.89 8.27
CA ARG A 158 -19.87 66.13 7.59
C ARG A 158 -18.77 67.06 7.09
N ILE A 159 -17.56 66.86 7.61
CA ILE A 159 -16.41 67.70 7.31
C ILE A 159 -15.72 67.30 6.00
N THR A 160 -15.49 66.00 5.84
CA THR A 160 -14.76 65.47 4.68
C THR A 160 -15.60 64.48 3.90
N TRP A 161 -15.37 64.42 2.61
CA TRP A 161 -16.20 63.61 1.73
C TRP A 161 -15.32 62.67 0.92
N THR A 162 -14.02 62.75 1.16
CA THR A 162 -13.01 62.05 0.37
C THR A 162 -12.58 60.70 0.96
N GLY A 163 -13.07 60.38 2.16
CA GLY A 163 -12.70 59.14 2.85
C GLY A 163 -13.01 57.89 2.07
N LYS A 164 -12.00 57.04 1.89
CA LYS A 164 -12.14 55.78 1.14
C LYS A 164 -11.29 54.69 1.75
N GLU A 165 -11.93 53.58 2.10
CA GLU A 165 -11.28 52.45 2.78
C GLU A 165 -10.00 52.00 2.10
N ASP A 166 -8.93 51.89 2.91
CA ASP A 166 -7.57 51.51 2.48
C ASP A 166 -6.88 52.52 1.58
N ILE A 167 -7.48 53.69 1.39
CA ILE A 167 -6.97 54.65 0.41
C ILE A 167 -6.82 56.07 0.97
N ILE A 168 -7.93 56.66 1.45
CA ILE A 168 -7.89 58.01 2.03
C ILE A 168 -8.37 57.94 3.48
N TYR A 169 -7.59 58.52 4.39
CA TYR A 169 -7.89 58.53 5.83
C TYR A 169 -7.99 59.96 6.34
N ASN A 170 -9.19 60.39 6.68
CA ASN A 170 -9.41 61.70 7.26
C ASN A 170 -9.63 61.58 8.77
N GLY A 171 -8.72 62.15 9.54
CA GLY A 171 -8.88 62.18 10.99
C GLY A 171 -8.32 60.97 11.71
N ILE A 172 -8.00 59.94 10.94
CA ILE A 172 -7.36 58.74 11.49
C ILE A 172 -6.13 58.39 10.66
N THR A 173 -5.20 57.69 11.31
CA THR A 173 -3.92 57.26 10.76
C THR A 173 -4.04 55.94 9.97
N ASP A 174 -3.13 55.73 9.02
CA ASP A 174 -3.01 54.48 8.28
C ASP A 174 -2.07 53.57 9.07
N TRP A 175 -1.77 52.39 8.55
CA TRP A 175 -0.99 51.46 9.32
C TRP A 175 0.34 52.02 9.87
N VAL A 176 1.14 52.65 9.00
CA VAL A 176 2.49 53.06 9.36
C VAL A 176 2.53 54.27 10.29
N TYR A 177 1.57 55.19 10.13
CA TYR A 177 1.48 56.32 11.04
C TYR A 177 0.94 55.88 12.40
N GLU A 178 0.01 54.93 12.40
CA GLU A 178 -0.50 54.41 13.68
C GLU A 178 0.64 53.76 14.47
N GLU A 179 1.42 52.90 13.81
CA GLU A 179 2.45 52.11 14.52
C GLU A 179 3.74 52.86 14.82
N GLU A 180 4.17 53.73 13.90
CA GLU A 180 5.53 54.26 13.97
C GLU A 180 5.69 55.76 14.07
N VAL A 181 4.60 56.51 14.00
CA VAL A 181 4.71 57.98 14.10
C VAL A 181 3.97 58.54 15.31
N PHE A 182 2.67 58.26 15.40
CA PHE A 182 1.81 58.83 16.44
C PHE A 182 1.45 57.89 17.59
N SER A 183 1.79 56.61 17.46
CA SER A 183 1.40 55.61 18.46
C SER A 183 -0.09 55.76 18.82
N ALA A 184 -0.89 56.17 17.85
CA ALA A 184 -2.31 56.38 18.02
C ALA A 184 -3.03 56.24 16.69
N TYR A 185 -4.35 56.13 16.75
CA TYR A 185 -5.20 55.97 15.57
C TYR A 185 -5.70 57.33 15.07
N SER A 186 -5.86 58.28 15.99
CA SER A 186 -6.49 59.55 15.68
C SER A 186 -5.54 60.57 15.14
N ALA A 187 -5.97 61.26 14.10
CA ALA A 187 -5.24 62.37 13.57
C ALA A 187 -6.17 63.59 13.65
N LEU A 188 -6.69 63.80 14.86
CA LEU A 188 -7.56 64.95 15.18
C LEU A 188 -7.00 65.74 16.35
N TRP A 189 -7.07 67.06 16.25
CA TRP A 189 -6.53 67.91 17.31
C TRP A 189 -7.37 69.16 17.47
N TRP A 190 -8.19 69.17 18.52
CA TRP A 190 -9.00 70.33 18.88
C TRP A 190 -8.08 71.46 19.37
N SER A 191 -8.45 72.71 19.12
CA SER A 191 -7.78 73.83 19.76
C SER A 191 -8.23 73.92 21.24
N PRO A 192 -7.44 74.59 22.11
CA PRO A 192 -7.71 74.54 23.56
C PRO A 192 -9.12 74.92 24.05
N ASN A 193 -9.84 75.75 23.30
CA ASN A 193 -11.23 76.10 23.68
C ASN A 193 -12.28 75.54 22.72
N GLY A 194 -11.84 74.67 21.80
CA GLY A 194 -12.76 73.97 20.91
C GLY A 194 -13.24 74.69 19.66
N THR A 195 -12.80 75.94 19.46
CA THR A 195 -13.16 76.69 18.25
C THR A 195 -12.72 75.96 16.97
N PHE A 196 -11.48 75.47 16.98
CA PHE A 196 -10.89 74.84 15.80
C PHE A 196 -10.73 73.34 15.88
N LEU A 197 -10.88 72.68 14.74
CA LEU A 197 -10.53 71.27 14.61
C LEU A 197 -9.45 71.14 13.54
N ALA A 198 -8.26 70.72 13.99
CA ALA A 198 -7.12 70.45 13.11
C ALA A 198 -7.09 68.96 12.83
N TYR A 199 -6.84 68.59 11.57
CA TYR A 199 -6.72 67.19 11.21
C TYR A 199 -5.75 66.89 10.08
N ALA A 200 -5.26 65.65 10.06
CA ALA A 200 -4.39 65.17 8.99
C ALA A 200 -5.15 64.30 7.98
N GLN A 201 -4.69 64.30 6.74
CA GLN A 201 -5.23 63.41 5.72
C GLN A 201 -4.12 62.56 5.12
N PHE A 202 -4.31 61.25 5.15
CA PHE A 202 -3.34 60.32 4.58
C PHE A 202 -3.84 59.67 3.30
N ASN A 203 -2.97 59.63 2.29
CA ASN A 203 -3.28 59.06 1.00
C ASN A 203 -2.40 57.83 0.81
N ASP A 204 -3.04 56.66 0.75
CA ASP A 204 -2.34 55.39 0.55
C ASP A 204 -2.57 54.79 -0.84
N THR A 205 -2.78 55.61 -1.86
CA THR A 205 -3.18 55.11 -3.17
C THR A 205 -2.16 54.16 -3.80
N GLU A 206 -0.88 54.47 -3.65
CA GLU A 206 0.15 53.70 -4.35
C GLU A 206 1.07 52.93 -3.40
N VAL A 207 0.68 52.88 -2.13
CA VAL A 207 1.36 52.08 -1.12
C VAL A 207 1.03 50.62 -1.39
N PRO A 208 2.04 49.76 -1.56
CA PRO A 208 1.73 48.35 -1.83
C PRO A 208 1.07 47.67 -0.62
N LEU A 209 0.37 46.57 -0.88
CA LEU A 209 -0.38 45.89 0.16
C LEU A 209 0.33 44.61 0.61
N ILE A 210 0.41 44.42 1.92
CA ILE A 210 0.80 43.13 2.45
C ILE A 210 -0.46 42.30 2.48
N GLU A 211 -0.37 41.09 1.96
CA GLU A 211 -1.48 40.15 1.97
C GLU A 211 -1.08 38.92 2.80
N TYR A 212 -2.01 38.40 3.59
CA TYR A 212 -1.79 37.16 4.35
C TYR A 212 -3.13 36.46 4.60
N SER A 213 -3.08 35.17 4.91
CA SER A 213 -4.27 34.38 5.14
C SER A 213 -4.78 34.65 6.53
N PHE A 214 -6.09 34.73 6.66
CA PHE A 214 -6.74 34.63 7.98
C PHE A 214 -7.65 33.41 7.92
N TYR A 215 -7.47 32.49 8.85
CA TYR A 215 -8.19 31.21 8.80
C TYR A 215 -9.50 31.24 9.56
N SER A 216 -9.56 32.07 10.59
CA SER A 216 -10.77 32.32 11.37
C SER A 216 -11.33 31.06 12.04
N ASP A 217 -12.63 31.11 12.37
CA ASP A 217 -13.37 29.99 12.94
C ASP A 217 -13.41 28.74 12.07
N GLU A 218 -13.38 27.59 12.72
CA GLU A 218 -13.42 26.29 12.08
C GLU A 218 -14.47 26.22 10.96
N SER A 219 -15.54 26.98 11.11
CA SER A 219 -16.69 26.92 10.20
C SER A 219 -16.48 27.71 8.89
N LEU A 220 -15.42 28.50 8.83
CA LEU A 220 -15.09 29.23 7.61
C LEU A 220 -14.42 28.26 6.63
N GLN A 221 -15.13 27.93 5.55
CA GLN A 221 -14.63 26.94 4.62
C GLN A 221 -13.41 27.43 3.78
N TYR A 222 -13.45 28.68 3.29
CA TYR A 222 -12.34 29.24 2.51
C TYR A 222 -11.64 30.36 3.27
N PRO A 223 -10.34 30.20 3.54
CA PRO A 223 -9.65 31.22 4.32
C PRO A 223 -9.80 32.61 3.72
N LYS A 224 -9.82 33.59 4.62
CA LYS A 224 -9.87 35.00 4.27
C LYS A 224 -8.45 35.46 3.88
N THR A 225 -8.36 36.35 2.90
CA THR A 225 -7.08 37.01 2.61
C THR A 225 -7.18 38.45 3.10
N VAL A 226 -6.40 38.75 4.14
CA VAL A 226 -6.34 40.11 4.67
C VAL A 226 -5.34 40.88 3.81
N ARG A 227 -5.69 42.12 3.49
CA ARG A 227 -4.84 43.02 2.69
C ARG A 227 -4.74 44.37 3.39
N VAL A 228 -3.53 44.83 3.69
CA VAL A 228 -3.32 46.13 4.34
C VAL A 228 -2.27 46.93 3.56
N PRO A 229 -2.53 48.22 3.29
CA PRO A 229 -1.46 49.03 2.70
C PRO A 229 -0.34 49.12 3.70
N TYR A 230 0.86 48.75 3.30
CA TYR A 230 1.94 48.62 4.26
C TYR A 230 3.23 48.82 3.51
N PRO A 231 3.87 49.99 3.71
CA PRO A 231 5.11 50.29 2.99
C PRO A 231 6.32 49.61 3.65
N LYS A 232 6.94 48.68 2.94
CA LYS A 232 8.13 48.03 3.42
C LYS A 232 9.30 48.94 3.06
N ALA A 233 10.48 48.68 3.60
CA ALA A 233 11.60 49.62 3.45
C ALA A 233 11.86 49.99 1.98
N GLY A 234 11.95 51.29 1.70
CA GLY A 234 12.27 51.75 0.33
C GLY A 234 11.09 51.75 -0.64
N ALA A 235 9.90 51.34 -0.17
CA ALA A 235 8.70 51.36 -1.00
C ALA A 235 8.04 52.75 -1.01
N VAL A 236 6.98 52.92 -1.80
CA VAL A 236 6.21 54.16 -1.82
C VAL A 236 5.45 54.37 -0.50
N ASN A 237 5.68 55.52 0.13
CA ASN A 237 5.04 55.87 1.39
C ASN A 237 3.74 56.62 1.19
N PRO A 238 2.82 56.53 2.18
CA PRO A 238 1.63 57.35 2.14
C PRO A 238 2.01 58.83 2.07
N THR A 239 1.13 59.65 1.53
CA THR A 239 1.36 61.09 1.55
C THR A 239 0.40 61.72 2.55
N VAL A 240 0.73 62.93 2.98
CA VAL A 240 -0.04 63.56 4.06
C VAL A 240 -0.35 65.02 3.74
N LYS A 241 -1.53 65.45 4.18
CA LYS A 241 -2.00 66.83 4.07
C LYS A 241 -2.55 67.25 5.43
N PHE A 242 -2.43 68.54 5.75
CA PHE A 242 -2.93 69.08 7.01
C PHE A 242 -4.01 70.14 6.80
N PHE A 243 -5.10 70.01 7.55
CA PHE A 243 -6.23 70.91 7.41
C PHE A 243 -6.69 71.44 8.75
N VAL A 244 -7.36 72.59 8.71
CA VAL A 244 -7.97 73.19 9.89
C VAL A 244 -9.36 73.72 9.55
N VAL A 245 -10.35 73.31 10.32
CA VAL A 245 -11.72 73.78 10.13
C VAL A 245 -12.19 74.58 11.36
N ASN A 246 -13.01 75.60 11.11
CA ASN A 246 -13.62 76.39 12.16
C ASN A 246 -14.98 75.81 12.53
N THR A 247 -15.09 75.25 13.72
CA THR A 247 -16.32 74.59 14.14
C THR A 247 -17.39 75.55 14.64
N ASP A 248 -17.01 76.79 14.92
CA ASP A 248 -17.98 77.78 15.39
C ASP A 248 -18.88 78.31 14.26
N SER A 249 -18.38 78.25 13.04
CA SER A 249 -19.19 78.61 11.87
C SER A 249 -19.40 77.39 10.97
N LEU A 250 -20.39 76.58 11.33
CA LEU A 250 -20.74 75.38 10.57
C LEU A 250 -22.19 75.43 10.10
N SER A 251 -22.36 75.54 8.79
CA SER A 251 -23.67 75.60 8.19
C SER A 251 -24.18 74.22 7.80
N SER A 252 -25.47 73.98 8.06
CA SER A 252 -26.13 72.75 7.62
C SER A 252 -26.75 72.97 6.24
N VAL A 253 -26.33 74.06 5.60
CA VAL A 253 -26.78 74.43 4.27
C VAL A 253 -25.61 74.39 3.28
N THR A 254 -24.47 74.98 3.67
CA THR A 254 -23.26 74.94 2.84
C THR A 254 -22.22 73.95 3.40
N ASN A 255 -21.41 73.38 2.50
CA ASN A 255 -20.32 72.47 2.87
C ASN A 255 -19.25 73.20 3.70
N ALA A 256 -18.81 72.55 4.78
CA ALA A 256 -17.77 73.08 5.64
C ALA A 256 -16.46 73.27 4.88
N THR A 257 -15.86 74.46 5.00
CA THR A 257 -14.61 74.75 4.31
C THR A 257 -13.38 74.44 5.19
N SER A 258 -12.52 73.57 4.67
CA SER A 258 -11.31 73.20 5.40
C SER A 258 -10.10 73.91 4.83
N ILE A 259 -9.39 74.62 5.70
CA ILE A 259 -8.19 75.35 5.30
C ILE A 259 -6.95 74.46 5.38
N GLN A 260 -6.33 74.24 4.24
CA GLN A 260 -5.09 73.48 4.17
C GLN A 260 -3.92 74.33 4.64
N ILE A 261 -3.04 73.70 5.43
CA ILE A 261 -1.73 74.26 5.78
C ILE A 261 -0.66 73.37 5.13
N THR A 262 -0.07 73.86 4.05
CA THR A 262 0.93 73.09 3.31
C THR A 262 2.24 73.03 4.08
N ALA A 263 2.95 71.91 3.99
CA ALA A 263 4.27 71.74 4.61
C ALA A 263 5.25 72.78 4.04
N PRO A 264 6.32 73.12 4.80
CA PRO A 264 7.32 74.09 4.30
C PRO A 264 8.06 73.65 3.03
N ALA A 265 8.55 74.62 2.27
CA ALA A 265 9.27 74.37 1.03
C ALA A 265 10.40 73.34 1.21
N SER A 266 11.13 73.43 2.32
CA SER A 266 12.23 72.49 2.60
C SER A 266 11.80 71.05 2.76
N MET A 267 10.50 70.83 2.88
CA MET A 267 9.93 69.49 3.03
C MET A 267 9.26 68.98 1.75
N LEU A 268 8.62 69.89 1.01
CA LEU A 268 7.89 69.56 -0.21
C LEU A 268 8.81 69.09 -1.31
N ILE A 269 10.10 69.41 -1.19
CA ILE A 269 11.12 68.98 -2.14
C ILE A 269 11.23 67.44 -2.33
N GLY A 270 10.72 66.66 -1.37
CA GLY A 270 10.79 65.19 -1.39
C GLY A 270 9.78 64.53 -0.46
N ASP A 271 9.98 63.24 -0.18
CA ASP A 271 9.11 62.49 0.74
C ASP A 271 9.30 62.98 2.16
N HIS A 272 8.19 63.05 2.90
CA HIS A 272 8.23 63.62 4.24
C HIS A 272 7.10 63.11 5.11
N TYR A 273 7.25 63.31 6.41
CA TYR A 273 6.26 62.91 7.38
C TYR A 273 5.80 64.09 8.20
N LEU A 274 4.52 64.14 8.52
CA LEU A 274 4.05 65.01 9.58
C LEU A 274 4.30 64.24 10.86
N CYS A 275 5.18 64.73 11.73
CA CYS A 275 5.52 63.97 12.92
C CYS A 275 4.98 64.49 14.26
N ASP A 276 4.48 65.72 14.29
CA ASP A 276 3.92 66.28 15.53
C ASP A 276 2.93 67.42 15.29
N VAL A 277 1.89 67.49 16.11
CA VAL A 277 0.89 68.56 16.04
C VAL A 277 0.64 69.07 17.46
N THR A 278 0.84 70.37 17.65
CA THR A 278 0.70 70.99 18.97
C THR A 278 0.08 72.37 18.87
N TRP A 279 -1.06 72.56 19.54
CA TRP A 279 -1.67 73.88 19.66
C TRP A 279 -0.91 74.71 20.68
N ALA A 280 -0.66 75.97 20.34
CA ALA A 280 0.07 76.88 21.23
C ALA A 280 -0.91 77.79 21.96
N THR A 281 -1.80 78.43 21.21
CA THR A 281 -2.85 79.28 21.77
C THR A 281 -4.17 78.92 21.12
N GLN A 282 -5.14 79.82 21.24
CA GLN A 282 -6.47 79.64 20.65
C GLN A 282 -6.42 79.86 19.15
N GLU A 283 -5.32 80.45 18.68
CA GLU A 283 -5.19 80.86 17.28
C GLU A 283 -3.80 80.58 16.69
N ARG A 284 -2.97 79.86 17.45
CA ARG A 284 -1.62 79.50 17.00
C ARG A 284 -1.34 78.01 17.17
N ILE A 285 -0.89 77.40 16.08
CA ILE A 285 -0.62 75.95 16.02
C ILE A 285 0.82 75.69 15.53
N SER A 286 1.47 74.68 16.10
CA SER A 286 2.78 74.25 15.63
C SER A 286 2.71 72.87 15.02
N LEU A 287 3.41 72.69 13.91
CA LEU A 287 3.48 71.40 13.25
C LEU A 287 4.94 71.04 13.03
N GLN A 288 5.32 69.81 13.35
CA GLN A 288 6.65 69.33 13.01
C GLN A 288 6.61 68.36 11.84
N TRP A 289 7.55 68.56 10.91
CA TRP A 289 7.68 67.73 9.73
C TRP A 289 9.08 67.16 9.63
N LEU A 290 9.20 65.99 9.02
CA LEU A 290 10.43 65.21 9.00
C LEU A 290 10.69 64.69 7.59
N ARG A 291 11.90 64.86 7.06
CA ARG A 291 12.22 64.28 5.76
C ARG A 291 12.23 62.75 5.85
N ARG A 292 11.93 62.08 4.74
CA ARG A 292 12.02 60.63 4.71
C ARG A 292 13.41 60.14 5.16
N ILE A 293 14.47 60.87 4.77
CA ILE A 293 15.76 60.70 5.45
C ILE A 293 15.63 61.47 6.75
N GLN A 294 15.34 60.72 7.83
CA GLN A 294 14.88 61.28 9.11
C GLN A 294 15.94 61.96 9.96
N ASN A 295 16.88 62.67 9.32
CA ASN A 295 17.90 63.40 10.06
C ASN A 295 17.73 64.92 9.94
N TYR A 296 16.53 65.33 9.51
CA TYR A 296 16.18 66.73 9.28
C TYR A 296 14.67 66.97 9.51
N SER A 297 14.34 67.84 10.47
CA SER A 297 12.96 68.21 10.75
C SER A 297 12.79 69.73 10.85
N VAL A 298 11.56 70.18 10.58
CA VAL A 298 11.20 71.59 10.60
C VAL A 298 9.91 71.75 11.39
N MET A 299 9.90 72.74 12.29
CA MET A 299 8.70 73.08 13.01
C MET A 299 8.12 74.40 12.49
N ASP A 300 6.88 74.35 12.03
CA ASP A 300 6.11 75.53 11.64
C ASP A 300 5.33 76.10 12.82
N ILE A 301 5.29 77.42 12.93
CA ILE A 301 4.34 78.09 13.80
C ILE A 301 3.33 78.79 12.90
N CYS A 302 2.08 78.37 12.98
CA CYS A 302 1.06 78.89 12.10
C CYS A 302 0.01 79.68 12.88
N ASP A 303 -0.26 80.88 12.37
CA ASP A 303 -1.18 81.83 12.99
C ASP A 303 -2.43 82.03 12.16
N TYR A 304 -3.57 82.04 12.84
CA TYR A 304 -4.85 82.30 12.18
C TYR A 304 -4.96 83.76 11.75
N ASP A 305 -5.40 83.99 10.53
CA ASP A 305 -5.60 85.35 10.02
C ASP A 305 -7.11 85.66 9.98
N GLU A 306 -7.49 86.78 10.59
CA GLU A 306 -8.90 87.16 10.72
C GLU A 306 -9.56 87.66 9.44
N SER A 307 -9.06 88.78 8.91
CA SER A 307 -9.63 89.42 7.73
C SER A 307 -9.23 88.71 6.42
N SER A 308 -9.20 87.38 6.47
CA SER A 308 -8.86 86.54 5.31
C SER A 308 -9.24 85.08 5.58
N GLY A 309 -9.25 84.68 6.85
CA GLY A 309 -9.64 83.33 7.25
C GLY A 309 -8.67 82.22 6.87
N ARG A 310 -7.40 82.56 6.70
CA ARG A 310 -6.36 81.58 6.38
C ARG A 310 -5.39 81.40 7.55
N TRP A 311 -4.42 80.50 7.39
CA TRP A 311 -3.36 80.28 8.38
C TRP A 311 -2.00 80.57 7.77
N ASN A 312 -1.19 81.33 8.49
CA ASN A 312 0.10 81.75 7.98
C ASN A 312 1.26 81.27 8.84
N CYS A 313 2.28 80.71 8.19
CA CYS A 313 3.45 80.19 8.87
C CYS A 313 4.69 80.84 8.26
N LEU A 314 5.20 81.87 8.91
CA LEU A 314 6.34 82.64 8.38
C LEU A 314 7.62 81.81 8.36
N VAL A 315 8.38 81.97 7.27
CA VAL A 315 9.68 81.31 7.06
C VAL A 315 10.69 81.71 8.14
N ALA A 316 10.43 82.84 8.81
CA ALA A 316 11.26 83.33 9.90
C ALA A 316 10.90 82.69 11.25
N ARG A 317 9.74 82.05 11.32
CA ARG A 317 9.32 81.36 12.55
C ARG A 317 9.58 79.85 12.54
N GLN A 318 10.21 79.37 11.47
CA GLN A 318 10.56 77.95 11.35
C GLN A 318 11.75 77.63 12.23
N HIS A 319 11.72 76.43 12.81
CA HIS A 319 12.82 75.96 13.64
C HIS A 319 13.31 74.65 13.11
N ILE A 320 14.62 74.50 13.01
CA ILE A 320 15.25 73.33 12.43
C ILE A 320 15.98 72.53 13.50
N GLU A 321 15.57 71.28 13.67
CA GLU A 321 16.24 70.31 14.54
C GLU A 321 16.87 69.30 13.59
N MET A 322 18.18 69.11 13.70
CA MET A 322 18.87 68.14 12.84
C MET A 322 19.94 67.37 13.59
N SER A 323 20.50 66.37 12.92
CA SER A 323 21.52 65.51 13.51
C SER A 323 22.51 65.10 12.44
N THR A 324 23.79 65.13 12.79
CA THR A 324 24.84 64.72 11.85
C THR A 324 25.31 63.30 12.14
N THR A 325 25.08 62.84 13.36
CA THR A 325 25.55 61.53 13.74
C THR A 325 24.46 60.47 13.65
N GLY A 326 23.22 60.89 13.41
CA GLY A 326 22.09 59.95 13.35
C GLY A 326 20.78 60.54 12.90
N TRP A 327 19.69 60.07 13.50
CA TRP A 327 18.34 60.54 13.24
C TRP A 327 17.95 61.61 14.28
N VAL A 328 16.82 62.27 14.06
CA VAL A 328 16.40 63.30 15.01
C VAL A 328 15.29 62.80 15.93
N GLY A 329 15.46 63.04 17.23
CA GLY A 329 14.53 62.59 18.26
C GLY A 329 14.87 61.19 18.75
N ARG A 330 14.26 60.77 19.87
CA ARG A 330 14.42 59.40 20.33
C ARG A 330 13.81 58.45 19.28
N PHE A 331 12.52 58.60 19.04
CA PHE A 331 11.87 57.92 17.93
C PHE A 331 11.27 58.93 16.94
N ARG A 332 10.97 60.12 17.44
CA ARG A 332 10.49 61.23 16.63
C ARG A 332 10.92 62.51 17.34
N PRO A 333 11.07 63.63 16.59
CA PRO A 333 11.43 64.89 17.25
C PRO A 333 10.49 65.17 18.41
N SER A 334 11.04 65.69 19.50
CA SER A 334 10.29 65.93 20.73
C SER A 334 9.17 66.97 20.58
N GLU A 335 8.14 66.88 21.44
CA GLU A 335 7.02 67.83 21.40
C GLU A 335 7.27 69.12 22.23
N PRO A 336 6.88 70.29 21.69
CA PRO A 336 7.09 71.57 22.37
C PRO A 336 6.00 71.92 23.39
N HIS A 337 6.41 72.54 24.49
CA HIS A 337 5.49 72.96 25.55
C HIS A 337 5.54 74.47 25.66
N PHE A 338 4.47 75.10 25.17
CA PHE A 338 4.42 76.53 25.03
C PHE A 338 4.07 77.27 26.32
N THR A 339 4.58 78.49 26.44
CA THR A 339 4.14 79.43 27.47
C THR A 339 2.71 79.83 27.15
N LEU A 340 2.04 80.49 28.10
CA LEU A 340 0.63 80.85 27.92
C LEU A 340 0.39 81.77 26.73
N ASP A 341 1.24 82.78 26.56
CA ASP A 341 1.15 83.68 25.39
C ASP A 341 1.58 83.02 24.08
N GLY A 342 2.23 81.87 24.20
CA GLY A 342 2.66 81.08 23.05
C GLY A 342 3.76 81.74 22.23
N ASN A 343 4.48 82.65 22.86
CA ASN A 343 5.58 83.34 22.20
C ASN A 343 6.91 82.66 22.52
N SER A 344 6.84 81.67 23.41
CA SER A 344 7.98 80.90 23.83
C SER A 344 7.59 79.45 24.12
N PHE A 345 8.54 78.54 23.95
CA PHE A 345 8.30 77.14 24.28
C PHE A 345 9.57 76.45 24.75
N TYR A 346 9.37 75.26 25.33
CA TYR A 346 10.47 74.42 25.75
C TYR A 346 10.30 73.09 25.06
N LYS A 347 11.42 72.51 24.61
CA LYS A 347 11.44 71.14 24.11
C LYS A 347 12.78 70.47 24.37
N ILE A 348 12.73 69.16 24.57
CA ILE A 348 13.92 68.36 24.73
C ILE A 348 14.66 68.23 23.40
N ILE A 349 15.94 68.58 23.38
CA ILE A 349 16.79 68.30 22.21
C ILE A 349 18.15 67.83 22.72
N SER A 350 18.91 67.14 21.88
CA SER A 350 20.26 66.73 22.27
C SER A 350 21.19 67.94 22.22
N ASN A 351 22.07 68.05 23.21
CA ASN A 351 22.98 69.20 23.31
C ASN A 351 24.25 69.04 22.48
N GLU A 352 25.23 69.92 22.72
CA GLU A 352 26.48 69.86 21.96
C GLU A 352 27.26 68.58 22.25
N GLU A 353 27.19 68.11 23.50
CA GLU A 353 27.87 66.88 23.91
C GLU A 353 27.03 65.60 23.67
N GLY A 354 25.83 65.77 23.13
CA GLY A 354 25.01 64.64 22.71
C GLY A 354 23.93 64.19 23.68
N TYR A 355 23.77 64.90 24.80
CA TYR A 355 22.75 64.53 25.77
C TYR A 355 21.50 65.35 25.58
N ARG A 356 20.36 64.73 25.86
CA ARG A 356 19.07 65.37 25.65
C ARG A 356 18.68 66.20 26.85
N HIS A 357 18.52 67.50 26.60
CA HIS A 357 18.16 68.46 27.62
C HIS A 357 17.15 69.47 27.09
N ILE A 358 16.65 70.32 27.98
CA ILE A 358 15.57 71.22 27.64
C ILE A 358 16.16 72.52 27.10
N CYS A 359 15.72 72.90 25.91
CA CYS A 359 16.12 74.17 25.31
C CYS A 359 14.90 75.06 25.43
N TYR A 360 15.15 76.34 25.76
CA TYR A 360 14.12 77.36 25.80
C TYR A 360 14.15 78.12 24.49
N PHE A 361 12.99 78.30 23.87
CA PHE A 361 12.93 78.90 22.54
C PHE A 361 12.09 80.16 22.50
N GLN A 362 12.48 81.08 21.61
CA GLN A 362 11.65 82.24 21.28
C GLN A 362 11.07 82.01 19.90
N ILE A 363 9.76 82.15 19.79
CA ILE A 363 9.05 82.02 18.53
C ILE A 363 9.81 82.69 17.37
N ASP A 364 10.38 83.87 17.66
CA ASP A 364 11.06 84.68 16.66
C ASP A 364 12.56 84.43 16.48
N LYS A 365 13.24 83.97 17.53
CA LYS A 365 14.70 83.82 17.51
C LYS A 365 15.21 82.43 17.11
N LYS A 366 16.23 82.43 16.25
CA LYS A 366 16.89 81.21 15.76
C LYS A 366 17.56 80.42 16.88
N ASP A 367 18.11 81.14 17.86
CA ASP A 367 18.82 80.54 18.99
C ASP A 367 17.91 80.08 20.12
N CYS A 368 18.36 79.07 20.84
CA CYS A 368 17.73 78.67 22.06
C CYS A 368 18.80 78.49 23.12
N THR A 369 18.44 78.79 24.36
CA THR A 369 19.34 78.56 25.49
C THR A 369 18.93 77.26 26.24
N PHE A 370 19.93 76.43 26.55
CA PHE A 370 19.70 75.22 27.33
C PHE A 370 19.54 75.56 28.80
N ILE A 371 18.54 74.94 29.44
CA ILE A 371 18.24 75.24 30.84
C ILE A 371 18.61 74.07 31.78
N THR A 372 18.85 72.89 31.19
CA THR A 372 19.43 71.78 31.93
C THR A 372 20.72 71.35 31.24
N LYS A 373 21.65 70.81 32.03
CA LYS A 373 22.96 70.35 31.57
C LYS A 373 23.40 69.09 32.31
N GLY A 374 24.35 68.37 31.72
CA GLY A 374 24.95 67.21 32.40
C GLY A 374 25.00 65.90 31.61
N THR A 375 25.68 64.92 32.18
CA THR A 375 25.80 63.60 31.55
C THR A 375 24.69 62.67 32.03
N TRP A 376 23.47 63.05 31.67
CA TRP A 376 22.24 62.32 31.95
C TRP A 376 21.22 62.93 31.02
N GLU A 377 19.96 62.49 31.07
CA GLU A 377 18.99 62.94 30.09
C GLU A 377 17.63 63.27 30.64
N VAL A 378 17.01 64.25 30.02
CA VAL A 378 15.63 64.57 30.32
C VAL A 378 14.76 63.59 29.54
N ILE A 379 13.89 62.89 30.25
CA ILE A 379 13.00 61.89 29.67
C ILE A 379 11.77 62.55 29.07
N GLY A 380 11.34 63.65 29.66
CA GLY A 380 10.11 64.33 29.24
C GLY A 380 9.74 65.54 30.09
N ILE A 381 9.17 66.54 29.43
CA ILE A 381 8.57 67.67 30.13
C ILE A 381 7.16 67.28 30.53
N GLU A 382 6.84 67.41 31.82
CA GLU A 382 5.56 66.94 32.35
C GLU A 382 4.49 68.01 32.60
N ALA A 383 4.90 69.18 33.10
CA ALA A 383 4.00 70.30 33.33
C ALA A 383 4.75 71.62 33.27
N LEU A 384 4.09 72.62 32.68
CA LEU A 384 4.63 73.96 32.61
C LEU A 384 3.67 74.94 33.28
N THR A 385 4.15 75.63 34.31
CA THR A 385 3.34 76.68 34.96
C THR A 385 3.99 78.06 34.78
N SER A 386 3.40 79.05 35.43
CA SER A 386 3.91 80.42 35.40
C SER A 386 5.33 80.56 35.97
N ASP A 387 5.65 79.79 37.01
CA ASP A 387 6.96 79.93 37.69
C ASP A 387 7.85 78.69 37.71
N TYR A 388 7.29 77.53 37.33
CA TYR A 388 8.05 76.29 37.34
C TYR A 388 7.81 75.45 36.09
N LEU A 389 8.84 74.73 35.68
CA LEU A 389 8.72 73.66 34.71
C LEU A 389 9.07 72.36 35.43
N TYR A 390 8.20 71.37 35.28
CA TYR A 390 8.39 70.06 35.87
C TYR A 390 8.85 69.06 34.82
N TYR A 391 9.80 68.21 35.17
CA TYR A 391 10.32 67.24 34.22
C TYR A 391 10.82 65.96 34.88
N ILE A 392 10.82 64.88 34.12
CA ILE A 392 11.38 63.60 34.57
C ILE A 392 12.73 63.38 33.90
N SER A 393 13.68 62.84 34.67
CA SER A 393 15.01 62.54 34.16
C SER A 393 15.68 61.40 34.93
N ASN A 394 16.80 60.93 34.41
CA ASN A 394 17.56 59.86 35.04
C ASN A 394 18.87 60.35 35.67
N GLU A 395 18.83 61.54 36.28
CA GLU A 395 20.03 62.14 36.84
C GLU A 395 20.39 61.56 38.21
N TYR A 396 19.37 61.25 39.01
CA TYR A 396 19.60 60.77 40.37
C TYR A 396 20.56 59.59 40.42
N LYS A 397 21.74 59.86 40.99
CA LYS A 397 22.78 58.86 41.22
C LYS A 397 23.48 58.40 39.95
N GLY A 398 23.33 59.16 38.85
CA GLY A 398 23.92 58.81 37.55
C GLY A 398 23.43 57.46 37.00
N MET A 399 22.19 57.12 37.35
CA MET A 399 21.57 55.87 36.93
C MET A 399 20.63 56.08 35.74
N PRO A 400 21.02 55.58 34.56
CA PRO A 400 20.18 55.80 33.38
C PRO A 400 18.86 55.05 33.47
N GLY A 401 18.75 54.12 34.42
CA GLY A 401 17.53 53.32 34.58
C GLY A 401 16.58 53.82 35.65
N GLY A 402 16.95 54.93 36.31
CA GLY A 402 16.10 55.56 37.30
C GLY A 402 15.24 56.66 36.70
N ARG A 403 14.13 56.98 37.35
CA ARG A 403 13.25 58.05 36.90
C ARG A 403 12.73 58.84 38.10
N ASN A 404 13.08 60.12 38.15
CA ASN A 404 12.61 61.00 39.21
C ASN A 404 12.01 62.29 38.67
N LEU A 405 11.14 62.89 39.46
CA LEU A 405 10.48 64.15 39.12
C LEU A 405 11.25 65.35 39.63
N TYR A 406 11.45 66.33 38.75
CA TYR A 406 12.23 67.52 39.06
C TYR A 406 11.47 68.82 38.75
N LYS A 407 11.67 69.80 39.62
CA LYS A 407 11.04 71.10 39.49
C LYS A 407 12.16 72.07 39.12
N ILE A 408 11.96 72.88 38.08
CA ILE A 408 12.97 73.90 37.75
C ILE A 408 12.39 75.32 37.81
N GLN A 409 12.93 76.12 38.74
CA GLN A 409 12.55 77.51 38.90
C GLN A 409 12.86 78.31 37.63
N LEU A 410 11.82 78.82 36.99
CA LEU A 410 11.93 79.52 35.70
C LEU A 410 12.66 80.86 35.75
N SER A 411 12.58 81.54 36.89
CA SER A 411 13.29 82.81 37.08
C SER A 411 14.79 82.61 37.31
N ASP A 412 15.16 81.40 37.75
CA ASP A 412 16.56 81.01 38.00
C ASP A 412 16.81 79.50 37.80
N TYR A 413 17.52 79.16 36.72
CA TYR A 413 17.70 77.77 36.29
C TYR A 413 18.58 76.90 37.18
N THR A 414 19.22 77.51 38.18
CA THR A 414 20.08 76.76 39.06
C THR A 414 19.26 76.19 40.23
N LYS A 415 18.07 76.73 40.47
CA LYS A 415 17.21 76.26 41.55
C LYS A 415 16.37 75.08 41.09
N VAL A 416 16.95 73.89 41.23
CA VAL A 416 16.32 72.64 40.83
C VAL A 416 16.06 71.80 42.07
N THR A 417 14.83 71.33 42.23
CA THR A 417 14.45 70.53 43.38
C THR A 417 13.98 69.14 42.94
N CYS A 418 14.55 68.10 43.52
CA CYS A 418 14.06 66.76 43.24
C CYS A 418 12.87 66.46 44.13
N LEU A 419 11.70 66.31 43.50
CA LEU A 419 10.45 66.08 44.20
C LEU A 419 10.17 64.64 44.56
N SER A 420 10.98 63.70 44.09
CA SER A 420 10.67 62.30 44.35
C SER A 420 11.83 61.45 44.88
N CYS A 421 13.06 61.97 44.77
CA CYS A 421 14.28 61.27 45.15
C CYS A 421 14.30 60.64 46.54
N GLU A 422 13.89 61.42 47.54
CA GLU A 422 14.01 61.01 48.94
C GLU A 422 12.73 60.48 49.59
N LEU A 423 11.65 60.41 48.83
CA LEU A 423 10.35 59.97 49.38
C LEU A 423 10.41 58.59 50.03
N ASN A 424 11.01 57.63 49.32
CA ASN A 424 11.31 56.30 49.82
C ASN A 424 12.42 55.70 48.96
N PRO A 425 13.66 56.16 49.16
CA PRO A 425 14.79 55.90 48.27
C PRO A 425 15.16 54.43 48.09
N GLU A 426 14.77 53.59 49.04
CA GLU A 426 15.07 52.16 48.97
C GLU A 426 14.15 51.48 47.98
N ARG A 427 12.83 51.72 48.11
CA ARG A 427 11.86 51.02 47.28
C ARG A 427 11.43 51.77 46.01
N CYS A 428 11.72 53.07 45.97
CA CYS A 428 11.27 53.90 44.86
C CYS A 428 12.38 54.64 44.11
N GLN A 429 12.59 54.27 42.86
CA GLN A 429 13.62 54.85 42.01
C GLN A 429 13.14 55.04 40.58
N TYR A 430 11.88 54.70 40.34
CA TYR A 430 11.29 54.84 39.01
C TYR A 430 9.92 55.50 39.15
N TYR A 431 9.80 56.75 38.70
CA TYR A 431 8.56 57.51 38.89
C TYR A 431 8.00 58.04 37.59
N SER A 432 6.68 57.97 37.46
CA SER A 432 5.95 58.72 36.45
C SER A 432 4.98 59.61 37.21
N VAL A 433 4.36 60.54 36.50
CA VAL A 433 3.56 61.57 37.18
C VAL A 433 2.27 61.90 36.41
N SER A 434 1.28 62.44 37.14
CA SER A 434 0.04 62.91 36.56
C SER A 434 -0.42 64.16 37.30
N PHE A 435 -0.18 65.32 36.67
CA PHE A 435 -0.63 66.61 37.21
C PHE A 435 -2.09 66.83 36.88
N SER A 436 -2.79 67.51 37.78
CA SER A 436 -4.17 67.97 37.53
C SER A 436 -4.19 69.06 36.46
N LYS A 437 -5.39 69.39 35.99
CA LYS A 437 -5.64 70.39 34.92
C LYS A 437 -4.72 71.63 34.90
N GLU A 438 -4.48 72.24 36.06
CA GLU A 438 -3.58 73.40 36.15
C GLU A 438 -2.32 73.13 36.98
N ALA A 439 -2.04 71.85 37.20
CA ALA A 439 -0.87 71.41 37.97
C ALA A 439 -0.95 71.79 39.46
N LYS A 440 -2.17 71.85 40.00
CA LYS A 440 -2.36 72.16 41.42
C LYS A 440 -1.91 70.97 42.28
N TYR A 441 -2.22 69.77 41.79
CA TYR A 441 -1.83 68.53 42.46
C TYR A 441 -1.13 67.64 41.46
N TYR A 442 -0.43 66.63 41.97
CA TYR A 442 0.05 65.57 41.11
C TYR A 442 0.03 64.22 41.79
N GLN A 443 -0.22 63.18 41.00
CA GLN A 443 -0.14 61.80 41.45
C GLN A 443 1.17 61.20 41.02
N LEU A 444 1.96 60.74 41.98
CA LEU A 444 3.18 60.03 41.65
C LEU A 444 2.93 58.53 41.60
N ARG A 445 3.43 57.90 40.55
CA ARG A 445 3.45 56.43 40.45
C ARG A 445 4.89 55.95 40.45
N CYS A 446 5.21 55.11 41.44
CA CYS A 446 6.53 54.52 41.58
C CYS A 446 6.45 53.05 41.16
N SER A 447 7.28 52.66 40.20
CA SER A 447 7.23 51.30 39.63
C SER A 447 8.28 50.32 40.11
N GLY A 448 9.27 50.81 40.88
CA GLY A 448 10.27 49.94 41.46
C GLY A 448 11.42 50.68 42.08
N PRO A 449 12.39 49.95 42.65
CA PRO A 449 12.52 48.49 42.57
C PRO A 449 11.69 47.67 43.57
N GLY A 450 11.02 48.33 44.49
CA GLY A 450 10.12 47.63 45.40
C GLY A 450 8.74 47.63 44.78
N LEU A 451 7.74 47.18 45.54
CA LEU A 451 6.36 47.20 45.07
C LEU A 451 5.93 48.62 44.66
N PRO A 452 5.15 48.74 43.57
CA PRO A 452 4.64 50.02 43.11
C PRO A 452 3.90 50.80 44.20
N LEU A 453 4.11 52.13 44.20
CA LEU A 453 3.52 53.01 45.21
C LEU A 453 2.87 54.21 44.55
N TYR A 454 1.63 54.48 44.95
CA TYR A 454 0.83 55.55 44.38
C TYR A 454 0.49 56.57 45.45
N THR A 455 0.90 57.82 45.24
CA THR A 455 0.71 58.89 46.23
C THR A 455 0.19 60.17 45.62
N LEU A 456 -0.56 60.94 46.42
CA LEU A 456 -1.10 62.24 46.01
C LEU A 456 -0.34 63.37 46.70
N HIS A 457 0.01 64.39 45.93
CA HIS A 457 0.83 65.51 46.41
C HIS A 457 0.28 66.88 46.04
N SER A 458 0.55 67.86 46.90
CA SER A 458 0.14 69.25 46.68
C SER A 458 1.34 70.01 46.09
N SER A 459 1.16 70.60 44.90
CA SER A 459 2.29 71.23 44.21
C SER A 459 2.69 72.62 44.73
N VAL A 460 1.81 73.26 45.51
CA VAL A 460 2.10 74.59 46.05
C VAL A 460 3.23 74.55 47.08
N ASN A 461 3.41 73.39 47.70
CA ASN A 461 4.43 73.21 48.73
C ASN A 461 5.05 71.80 48.73
N ASP A 462 4.78 71.04 47.66
CA ASP A 462 5.34 69.70 47.42
C ASP A 462 4.99 68.65 48.49
N LYS A 463 4.33 69.09 49.57
CA LYS A 463 3.97 68.19 50.66
C LYS A 463 3.06 67.06 50.18
N GLY A 464 3.26 65.88 50.76
CA GLY A 464 2.45 64.71 50.44
C GLY A 464 1.10 64.83 51.09
N LEU A 465 0.07 64.46 50.34
CA LEU A 465 -1.29 64.39 50.89
C LEU A 465 -1.55 63.01 51.49
N ARG A 466 -1.49 61.97 50.66
CA ARG A 466 -1.75 60.61 51.13
C ARG A 466 -1.29 59.50 50.19
N VAL A 467 -1.20 58.31 50.76
CA VAL A 467 -0.89 57.09 50.02
C VAL A 467 -2.20 56.60 49.42
N LEU A 468 -2.20 56.39 48.10
CA LEU A 468 -3.38 55.91 47.37
C LEU A 468 -3.43 54.37 47.25
N GLU A 469 -2.32 53.76 46.83
CA GLU A 469 -2.19 52.30 46.81
C GLU A 469 -0.77 51.93 47.20
N ASP A 470 -0.63 51.13 48.25
CA ASP A 470 0.70 50.70 48.70
C ASP A 470 1.01 49.25 48.40
N ASN A 471 0.02 48.54 47.86
CA ASN A 471 0.16 47.13 47.48
C ASN A 471 0.47 46.21 48.67
N SER A 472 -0.07 46.52 49.85
CA SER A 472 0.17 45.68 51.01
C SER A 472 -0.59 44.35 50.92
N ALA A 473 -1.61 44.28 50.08
CA ALA A 473 -2.29 43.01 49.80
C ALA A 473 -1.29 42.04 49.16
N LEU A 474 -0.77 42.42 47.99
CA LEU A 474 0.24 41.65 47.29
C LEU A 474 1.41 41.32 48.18
N ASP A 475 1.87 42.32 48.94
CA ASP A 475 2.99 42.18 49.85
C ASP A 475 2.80 41.04 50.85
N LYS A 476 1.58 40.91 51.37
CA LYS A 476 1.23 39.82 52.29
C LYS A 476 1.45 38.49 51.59
N MET A 477 0.77 38.29 50.46
CA MET A 477 0.87 37.04 49.71
C MET A 477 2.32 36.71 49.36
N LEU A 478 3.10 37.71 48.94
CA LEU A 478 4.50 37.52 48.55
C LEU A 478 5.46 37.17 49.70
N GLN A 479 4.98 37.29 50.93
CA GLN A 479 5.74 36.93 52.13
C GLN A 479 5.85 35.40 52.19
N ASN A 480 4.83 34.73 51.67
CA ASN A 480 4.73 33.27 51.66
C ASN A 480 5.47 32.59 50.48
N VAL A 481 6.14 33.39 49.66
CA VAL A 481 6.78 32.88 48.44
C VAL A 481 8.27 33.18 48.38
N GLN A 482 9.07 32.19 47.98
CA GLN A 482 10.50 32.38 47.73
C GLN A 482 10.69 33.16 46.41
N MET A 483 10.70 34.48 46.52
CA MET A 483 10.82 35.36 45.35
C MET A 483 12.26 35.57 44.93
N PRO A 484 12.50 35.85 43.64
CA PRO A 484 13.85 36.16 43.21
C PRO A 484 14.22 37.62 43.53
N SER A 485 15.49 37.97 43.35
CA SER A 485 15.93 39.34 43.57
C SER A 485 16.51 39.94 42.28
N LYS A 486 16.70 41.25 42.27
CA LYS A 486 17.26 41.91 41.09
C LYS A 486 18.56 42.66 41.40
N LYS A 487 19.55 42.47 40.55
CA LYS A 487 20.77 43.24 40.63
C LYS A 487 20.83 44.13 39.38
N LEU A 488 20.94 45.43 39.61
CA LEU A 488 21.16 46.38 38.53
C LEU A 488 22.59 46.88 38.69
N ASP A 489 23.37 46.86 37.62
CA ASP A 489 24.76 47.36 37.71
C ASP A 489 25.35 47.61 36.32
N PHE A 490 26.64 47.98 36.29
CA PHE A 490 27.31 48.22 35.04
C PHE A 490 28.65 47.50 34.91
N ILE A 491 29.10 47.37 33.67
CA ILE A 491 30.45 46.92 33.34
C ILE A 491 31.10 48.00 32.47
N ILE A 492 32.43 47.95 32.36
CA ILE A 492 33.18 48.92 31.58
C ILE A 492 33.71 48.28 30.32
N LEU A 493 33.29 48.81 29.17
CA LEU A 493 33.80 48.40 27.87
C LEU A 493 34.38 49.62 27.16
N ASN A 494 35.61 49.51 26.66
CA ASN A 494 36.31 50.64 26.03
C ASN A 494 36.12 51.95 26.80
N GLU A 495 36.30 51.86 28.12
CA GLU A 495 36.19 52.99 29.07
C GLU A 495 34.79 53.60 29.22
N THR A 496 33.76 52.85 28.87
CA THR A 496 32.37 53.33 28.96
C THR A 496 31.48 52.37 29.78
N LYS A 497 30.56 52.95 30.55
CA LYS A 497 29.61 52.18 31.38
C LYS A 497 28.47 51.63 30.57
N PHE A 498 28.26 50.32 30.68
CA PHE A 498 27.13 49.65 30.05
C PHE A 498 26.35 48.93 31.15
N TRP A 499 25.06 49.19 31.19
CA TRP A 499 24.26 48.70 32.30
C TRP A 499 23.65 47.34 32.02
N TYR A 500 23.52 46.55 33.07
CA TYR A 500 22.87 45.25 32.99
C TYR A 500 22.02 45.02 34.23
N GLN A 501 21.02 44.16 34.12
CA GLN A 501 20.25 43.72 35.30
C GLN A 501 20.18 42.20 35.32
N MET A 502 19.87 41.64 36.49
CA MET A 502 19.81 40.21 36.65
C MET A 502 18.72 39.79 37.61
N ILE A 503 17.88 38.86 37.18
CA ILE A 503 16.90 38.29 38.06
C ILE A 503 17.56 37.04 38.66
N LEU A 504 17.78 37.08 39.97
CA LEU A 504 18.53 36.03 40.63
C LEU A 504 17.61 35.09 41.37
N PRO A 505 17.84 33.77 41.23
CA PRO A 505 17.06 32.81 42.03
C PRO A 505 17.16 33.11 43.53
N PRO A 506 16.09 32.82 44.28
CA PRO A 506 16.05 32.99 45.74
C PRO A 506 17.17 32.21 46.42
N HIS A 507 17.70 32.73 47.52
CA HIS A 507 18.84 32.13 48.24
C HIS A 507 20.08 31.98 47.35
N PHE A 508 20.27 32.97 46.47
CA PHE A 508 21.37 33.01 45.53
C PHE A 508 22.75 32.79 46.17
N ASP A 509 23.49 31.80 45.66
CA ASP A 509 24.80 31.43 46.18
C ASP A 509 25.91 31.76 45.18
N LYS A 510 26.74 32.75 45.49
CA LYS A 510 27.85 33.13 44.59
C LYS A 510 28.76 31.96 44.19
N SER A 511 28.86 30.95 45.04
CA SER A 511 29.75 29.81 44.82
C SER A 511 29.12 28.67 44.02
N LYS A 512 27.86 28.83 43.64
CA LYS A 512 27.18 27.85 42.80
C LYS A 512 27.12 28.33 41.36
N LYS A 513 27.06 27.39 40.42
CA LYS A 513 26.98 27.70 39.01
C LYS A 513 25.52 27.58 38.56
N TYR A 514 25.05 28.58 37.83
CA TYR A 514 23.66 28.64 37.42
C TYR A 514 23.54 28.74 35.90
N PRO A 515 22.51 28.07 35.32
CA PRO A 515 22.18 28.33 33.92
C PRO A 515 21.77 29.77 33.76
N LEU A 516 22.13 30.39 32.63
CA LEU A 516 21.75 31.78 32.43
C LEU A 516 21.01 32.00 31.12
N LEU A 517 19.91 32.76 31.21
CA LEU A 517 19.16 33.17 30.04
C LEU A 517 19.29 34.67 29.80
N LEU A 518 19.73 35.04 28.62
CA LEU A 518 19.82 36.45 28.26
C LEU A 518 18.49 36.86 27.61
N ASP A 519 17.76 37.75 28.30
CA ASP A 519 16.53 38.39 27.78
C ASP A 519 16.92 39.64 26.95
N VAL A 520 16.61 39.63 25.67
CA VAL A 520 17.10 40.72 24.79
C VAL A 520 16.02 41.52 24.06
N TYR A 521 16.11 42.84 24.14
CA TYR A 521 15.38 43.73 23.22
C TYR A 521 16.47 44.32 22.32
N ALA A 522 17.25 45.24 22.89
CA ALA A 522 18.47 45.79 22.25
C ALA A 522 18.31 46.53 20.94
N GLY A 523 17.09 46.97 20.63
CA GLY A 523 16.85 47.87 19.51
C GLY A 523 17.28 49.29 19.80
N PRO A 524 17.28 50.16 18.77
CA PRO A 524 17.73 51.51 18.99
C PRO A 524 16.84 52.19 20.03
N CYS A 525 17.48 52.89 20.96
CA CYS A 525 16.83 53.56 22.08
C CYS A 525 16.06 52.62 23.03
N SER A 526 16.49 51.37 23.13
CA SER A 526 15.90 50.44 24.09
C SER A 526 16.53 50.61 25.46
N GLN A 527 15.80 50.19 26.48
CA GLN A 527 16.35 50.12 27.82
C GLN A 527 15.76 48.94 28.55
N LYS A 528 16.58 47.90 28.68
CA LYS A 528 16.21 46.66 29.35
C LYS A 528 16.81 46.54 30.75
N ALA A 529 17.68 47.47 31.12
CA ALA A 529 18.22 47.53 32.48
C ALA A 529 17.62 48.71 33.23
N ASP A 530 16.76 48.43 34.21
CA ASP A 530 16.05 49.49 34.94
C ASP A 530 15.57 49.06 36.33
N THR A 531 15.01 50.01 37.08
CA THR A 531 14.62 49.71 38.45
C THR A 531 13.18 49.23 38.59
N VAL A 532 12.50 48.98 37.48
CA VAL A 532 11.10 48.57 37.55
C VAL A 532 10.93 47.21 38.21
N PHE A 533 9.90 47.08 39.04
CA PHE A 533 9.47 45.80 39.56
C PHE A 533 8.52 45.13 38.57
N ARG A 534 8.85 43.89 38.18
CA ARG A 534 8.04 43.15 37.22
C ARG A 534 7.71 41.72 37.68
N LEU A 535 6.46 41.33 37.55
CA LEU A 535 6.09 39.92 37.75
C LEU A 535 5.84 39.32 36.37
N ASN A 536 6.82 38.56 35.88
CA ASN A 536 6.74 38.00 34.53
C ASN A 536 7.36 36.60 34.38
N TRP A 537 7.56 36.20 33.13
CA TRP A 537 8.07 34.87 32.83
C TRP A 537 9.43 34.65 33.51
N ALA A 538 10.31 35.65 33.38
CA ALA A 538 11.64 35.65 34.04
C ALA A 538 11.57 35.38 35.54
N THR A 539 10.57 35.98 36.17
CA THR A 539 10.28 35.77 37.59
C THR A 539 10.11 34.27 37.90
N TYR A 540 9.39 33.55 37.04
CA TYR A 540 9.17 32.10 37.23
C TYR A 540 10.43 31.26 37.03
N LEU A 541 11.22 31.66 36.03
CA LEU A 541 12.46 31.00 35.66
C LEU A 541 13.50 31.13 36.75
N ALA A 542 13.48 32.26 37.45
CA ALA A 542 14.40 32.47 38.56
C ALA A 542 13.83 31.81 39.83
N SER A 543 12.54 31.98 40.07
CA SER A 543 11.89 31.38 41.24
C SER A 543 11.91 29.85 41.24
N THR A 544 11.27 29.25 40.22
CA THR A 544 11.06 27.81 40.19
C THR A 544 12.19 27.08 39.49
N GLU A 545 12.71 27.62 38.39
CA GLU A 545 13.70 26.84 37.62
C GLU A 545 15.15 27.11 38.00
N ASN A 546 15.35 28.13 38.85
CA ASN A 546 16.69 28.55 39.29
C ASN A 546 17.60 29.01 38.15
N ILE A 547 17.03 29.80 37.24
CA ILE A 547 17.77 30.33 36.12
C ILE A 547 17.96 31.83 36.32
N ILE A 548 19.21 32.29 36.18
CA ILE A 548 19.44 33.73 36.12
C ILE A 548 18.90 34.23 34.79
N VAL A 549 18.13 35.30 34.81
CA VAL A 549 17.73 35.96 33.58
C VAL A 549 18.39 37.33 33.59
N ALA A 550 19.32 37.53 32.65
CA ALA A 550 20.03 38.79 32.56
C ALA A 550 19.58 39.55 31.33
N SER A 551 19.62 40.88 31.41
CA SER A 551 19.44 41.78 30.26
C SER A 551 20.63 42.72 30.22
N PHE A 552 20.87 43.35 29.07
CA PHE A 552 22.07 44.19 28.90
C PHE A 552 21.82 45.29 27.84
N ASP A 553 22.06 46.55 28.20
CA ASP A 553 21.89 47.68 27.27
C ASP A 553 23.23 48.12 26.73
N GLY A 554 23.61 47.54 25.60
CA GLY A 554 24.88 47.87 24.95
C GLY A 554 24.68 49.03 24.01
N ARG A 555 25.49 49.09 22.95
CA ARG A 555 25.45 50.20 21.99
C ARG A 555 24.12 50.30 21.26
N GLY A 556 23.70 51.53 20.99
CA GLY A 556 22.39 51.76 20.39
C GLY A 556 21.28 51.90 21.41
N SER A 557 21.53 51.51 22.66
CA SER A 557 20.53 51.70 23.71
C SER A 557 20.38 53.19 24.06
N GLY A 558 19.26 53.53 24.70
CA GLY A 558 18.90 54.91 24.94
C GLY A 558 19.16 55.52 26.30
N TYR A 559 18.65 56.73 26.49
CA TYR A 559 18.69 57.47 27.76
C TYR A 559 20.10 57.65 28.33
N GLN A 560 21.10 57.46 27.48
CA GLN A 560 22.50 57.61 27.87
C GLN A 560 23.30 58.46 26.91
N GLY A 561 22.62 59.26 26.08
CA GLY A 561 23.34 60.14 25.14
C GLY A 561 23.43 59.57 23.73
N ASP A 562 23.66 60.46 22.77
CA ASP A 562 23.76 60.06 21.36
C ASP A 562 24.94 59.15 21.06
N LYS A 563 26.10 59.47 21.63
CA LYS A 563 27.30 58.67 21.40
C LYS A 563 27.01 57.15 21.49
N ILE A 564 26.25 56.72 22.50
CA ILE A 564 25.86 55.32 22.63
C ILE A 564 24.68 54.97 21.70
N MET A 565 23.62 55.79 21.74
CA MET A 565 22.46 55.56 20.90
C MET A 565 22.74 55.58 19.40
N HIS A 566 23.50 56.54 18.90
CA HIS A 566 23.78 56.65 17.44
C HIS A 566 24.89 55.74 16.95
N ALA A 567 25.47 54.94 17.85
CA ALA A 567 26.59 54.05 17.50
C ALA A 567 26.24 53.08 16.35
N ILE A 568 25.02 52.58 16.37
CA ILE A 568 24.54 51.65 15.34
C ILE A 568 23.87 52.36 14.15
N ASN A 569 24.02 53.66 14.03
CA ASN A 569 23.45 54.36 12.88
C ASN A 569 23.91 53.73 11.60
N ARG A 570 22.94 53.36 10.75
CA ARG A 570 23.17 52.74 9.42
C ARG A 570 23.78 51.35 9.45
N ARG A 571 23.83 50.73 10.63
CA ARG A 571 24.54 49.48 10.83
C ARG A 571 23.78 48.56 11.78
N LEU A 572 22.45 48.48 11.63
CA LEU A 572 21.69 47.53 12.43
C LEU A 572 22.23 46.12 12.19
N GLY A 573 22.22 45.31 13.23
CA GLY A 573 22.71 43.94 13.15
C GLY A 573 24.22 43.81 13.38
N THR A 574 24.82 44.81 14.02
CA THR A 574 26.27 44.77 14.24
C THR A 574 26.63 45.01 15.69
N PHE A 575 26.94 46.26 16.05
CA PHE A 575 27.41 46.56 17.41
C PHE A 575 26.46 46.06 18.50
N GLU A 576 25.15 46.14 18.29
CA GLU A 576 24.17 45.69 19.30
C GLU A 576 24.18 44.18 19.45
N VAL A 577 24.45 43.47 18.34
CA VAL A 577 24.61 42.02 18.34
C VAL A 577 25.93 41.64 19.02
N GLU A 578 27.03 42.23 18.58
CA GLU A 578 28.35 41.98 19.20
C GLU A 578 28.32 42.19 20.72
N ASP A 579 27.62 43.23 21.16
CA ASP A 579 27.58 43.59 22.58
C ASP A 579 26.77 42.61 23.46
N GLN A 580 25.75 41.97 22.89
CA GLN A 580 24.99 40.96 23.64
C GLN A 580 25.87 39.75 23.88
N ILE A 581 26.74 39.46 22.91
CA ILE A 581 27.67 38.33 22.99
C ILE A 581 28.73 38.61 24.05
N GLU A 582 29.34 39.80 23.98
CA GLU A 582 30.30 40.21 24.99
C GLU A 582 29.71 40.21 26.42
N ALA A 583 28.47 40.66 26.56
CA ALA A 583 27.81 40.68 27.87
C ALA A 583 27.79 39.28 28.48
N ALA A 584 27.35 38.31 27.67
CA ALA A 584 27.37 36.92 28.06
C ALA A 584 28.78 36.46 28.41
N ARG A 585 29.77 36.92 27.66
CA ARG A 585 31.16 36.62 27.98
C ARG A 585 31.54 37.20 29.34
N GLN A 586 31.17 38.46 29.58
CA GLN A 586 31.44 39.08 30.86
C GLN A 586 30.73 38.35 32.00
N PHE A 587 29.52 37.87 31.71
CA PHE A 587 28.75 37.16 32.72
C PHE A 587 29.43 35.85 33.09
N SER A 588 30.13 35.25 32.13
CA SER A 588 30.87 34.01 32.35
C SER A 588 31.97 34.20 33.38
N LYS A 589 32.77 35.25 33.17
CA LYS A 589 33.87 35.62 34.06
C LYS A 589 33.42 36.07 35.47
N MET A 590 32.10 36.12 35.72
CA MET A 590 31.56 36.48 37.04
C MET A 590 31.53 35.32 38.05
N GLY A 591 31.76 34.10 37.56
CA GLY A 591 32.01 32.97 38.46
C GLY A 591 30.82 32.10 38.85
N PHE A 592 29.63 32.70 38.91
CA PHE A 592 28.41 31.98 39.26
C PHE A 592 27.60 31.47 38.07
N VAL A 593 28.18 31.56 36.86
CA VAL A 593 27.47 31.17 35.64
C VAL A 593 28.04 29.88 35.02
N ASP A 594 27.17 28.91 34.74
CA ASP A 594 27.55 27.70 34.03
C ASP A 594 27.64 28.03 32.55
N ASN A 595 28.86 28.11 32.02
CA ASN A 595 29.00 28.49 30.62
C ASN A 595 28.70 27.37 29.62
N LYS A 596 28.40 26.19 30.14
CA LYS A 596 27.91 25.12 29.29
C LYS A 596 26.40 25.29 29.07
N ARG A 597 25.78 26.20 29.81
CA ARG A 597 24.32 26.36 29.78
C ARG A 597 23.91 27.82 29.75
N ILE A 598 24.19 28.47 28.63
CA ILE A 598 23.82 29.86 28.41
C ILE A 598 22.86 29.93 27.21
N ALA A 599 21.76 30.65 27.38
CA ALA A 599 20.76 30.78 26.33
C ALA A 599 20.44 32.24 26.10
N ILE A 600 19.68 32.51 25.04
CA ILE A 600 19.27 33.86 24.71
C ILE A 600 17.88 33.76 24.10
N TRP A 601 17.02 34.74 24.34
CA TRP A 601 15.71 34.69 23.70
C TRP A 601 15.25 36.11 23.53
N GLY A 602 14.33 36.37 22.61
CA GLY A 602 13.96 37.76 22.25
C GLY A 602 12.76 37.87 21.32
N TRP A 603 12.00 38.95 21.45
CA TRP A 603 10.74 39.13 20.71
C TRP A 603 10.94 40.37 19.84
N SER A 604 10.33 40.43 18.65
CA SER A 604 10.52 41.59 17.74
C SER A 604 12.00 41.80 17.48
N TYR A 605 12.48 43.04 17.54
CA TYR A 605 13.93 43.31 17.40
C TYR A 605 14.71 42.32 18.30
N GLY A 606 14.12 42.03 19.46
CA GLY A 606 14.66 41.01 20.37
C GLY A 606 14.90 39.69 19.64
N GLY A 607 13.92 39.24 18.85
CA GLY A 607 14.11 38.04 18.01
C GLY A 607 15.18 38.18 16.91
N TYR A 608 15.23 39.34 16.27
CA TYR A 608 16.26 39.59 15.25
C TYR A 608 17.66 39.43 15.84
N VAL A 609 17.91 40.08 16.99
CA VAL A 609 19.24 40.05 17.64
C VAL A 609 19.56 38.63 18.13
N THR A 610 18.57 37.98 18.77
CA THR A 610 18.71 36.60 19.22
C THR A 610 19.12 35.70 18.06
N SER A 611 18.56 35.92 16.87
CA SER A 611 18.86 35.05 15.75
C SER A 611 20.24 35.35 15.18
N MET A 612 20.54 36.64 15.03
CA MET A 612 21.86 37.11 14.66
C MET A 612 22.96 36.56 15.60
N VAL A 613 22.69 36.59 16.92
CA VAL A 613 23.66 36.08 17.90
C VAL A 613 23.89 34.58 17.68
N LEU A 614 22.79 33.83 17.57
CA LEU A 614 22.86 32.37 17.40
C LEU A 614 23.50 32.01 16.08
N GLY A 615 23.39 32.89 15.09
CA GLY A 615 24.00 32.64 13.80
C GLY A 615 25.41 33.19 13.70
N SER A 616 25.93 33.78 14.77
CA SER A 616 27.26 34.42 14.72
C SER A 616 28.39 33.41 14.81
N GLY A 617 28.10 32.26 15.43
CA GLY A 617 29.07 31.19 15.58
C GLY A 617 30.12 31.53 16.62
N SER A 618 29.69 32.21 17.67
CA SER A 618 30.60 32.63 18.74
C SER A 618 30.90 31.48 19.68
N GLY A 619 30.03 30.48 19.69
CA GLY A 619 30.17 29.35 20.60
C GLY A 619 29.67 29.60 22.01
N VAL A 620 29.22 30.82 22.30
CA VAL A 620 28.82 31.19 23.67
C VAL A 620 27.50 30.55 24.15
N PHE A 621 26.49 30.48 23.29
CA PHE A 621 25.14 29.99 23.63
C PHE A 621 24.81 28.59 23.11
N LYS A 622 24.17 27.80 23.97
CA LYS A 622 23.75 26.46 23.62
C LYS A 622 22.49 26.49 22.76
N CYS A 623 21.67 27.51 22.98
CA CYS A 623 20.37 27.56 22.37
C CYS A 623 19.75 28.94 22.50
N GLY A 624 18.68 29.18 21.76
CA GLY A 624 17.97 30.44 21.85
C GLY A 624 16.58 30.38 21.27
N ILE A 625 15.77 31.37 21.63
CA ILE A 625 14.41 31.46 21.11
C ILE A 625 14.20 32.81 20.43
N ALA A 626 13.69 32.78 19.20
CA ALA A 626 13.37 34.03 18.52
C ALA A 626 11.89 34.10 18.21
N VAL A 627 11.18 34.99 18.90
CA VAL A 627 9.73 35.16 18.72
C VAL A 627 9.38 36.34 17.79
N ALA A 628 8.66 36.02 16.70
CA ALA A 628 8.27 36.98 15.69
C ALA A 628 9.43 37.90 15.29
N PRO A 629 10.57 37.32 14.87
CA PRO A 629 11.75 38.14 14.59
C PRO A 629 11.71 38.76 13.25
N VAL A 630 12.22 39.98 13.15
CA VAL A 630 12.64 40.48 11.86
C VAL A 630 13.75 39.55 11.36
N SER A 631 13.69 39.16 10.08
CA SER A 631 14.76 38.40 9.46
C SER A 631 15.62 39.21 8.46
N ARG A 632 15.01 40.16 7.76
CA ARG A 632 15.78 41.10 6.93
C ARG A 632 15.07 42.42 6.72
N TRP A 633 15.85 43.50 6.69
CA TRP A 633 15.30 44.85 6.81
C TRP A 633 14.45 45.36 5.66
N GLU A 634 14.47 44.67 4.54
CA GLU A 634 13.55 45.08 3.48
C GLU A 634 12.15 44.56 3.67
N TYR A 635 11.99 43.60 4.57
CA TYR A 635 10.68 43.06 4.87
C TYR A 635 9.92 43.98 5.82
N TYR A 636 10.64 44.82 6.55
CA TYR A 636 10.03 45.67 7.58
C TYR A 636 9.64 47.08 7.12
N ASP A 637 8.80 47.76 7.92
CA ASP A 637 8.23 49.03 7.45
C ASP A 637 9.25 50.14 7.16
N SER A 638 8.83 51.16 6.43
CA SER A 638 9.72 52.24 6.00
C SER A 638 10.07 53.18 7.15
N VAL A 639 9.09 53.57 7.95
CA VAL A 639 9.31 54.63 8.92
C VAL A 639 10.40 54.24 9.91
N TYR A 640 10.18 53.11 10.57
CA TYR A 640 11.09 52.62 11.58
C TYR A 640 12.44 52.21 10.99
N THR A 641 12.40 51.40 9.94
CA THR A 641 13.60 50.83 9.31
C THR A 641 14.54 51.88 8.71
N GLU A 642 13.98 52.80 7.95
CA GLU A 642 14.79 53.81 7.27
C GLU A 642 15.26 54.86 8.27
N ARG A 643 14.67 54.87 9.46
CA ARG A 643 15.13 55.81 10.47
C ARG A 643 16.58 55.52 10.80
N TYR A 644 16.90 54.23 10.85
CA TYR A 644 18.21 53.75 11.23
C TYR A 644 19.08 53.30 10.03
N MET A 645 18.44 52.87 8.95
CA MET A 645 19.14 52.20 7.84
C MET A 645 19.31 53.01 6.57
N GLY A 646 18.54 54.09 6.42
CA GLY A 646 18.49 54.80 5.14
C GLY A 646 17.69 53.99 4.14
N LEU A 647 17.85 54.31 2.86
CA LEU A 647 17.11 53.60 1.81
C LEU A 647 17.91 52.40 1.29
N PRO A 648 17.21 51.27 1.02
CA PRO A 648 17.89 50.09 0.48
C PRO A 648 18.19 50.20 -1.01
N THR A 649 18.86 51.28 -1.43
CA THR A 649 19.20 51.45 -2.83
C THR A 649 20.72 51.53 -2.98
N PRO A 650 21.22 51.18 -4.19
CA PRO A 650 22.68 51.13 -4.42
C PRO A 650 23.41 52.43 -4.10
N GLU A 651 22.77 53.56 -4.29
CA GLU A 651 23.40 54.85 -3.97
C GLU A 651 23.38 55.21 -2.48
N ASP A 652 22.70 54.41 -1.67
CA ASP A 652 22.55 54.70 -0.25
C ASP A 652 23.16 53.60 0.62
N ASN A 653 22.34 52.63 1.04
CA ASN A 653 22.76 51.63 2.02
C ASN A 653 22.32 50.21 1.66
N LEU A 654 22.27 49.90 0.37
CA LEU A 654 21.85 48.56 -0.05
C LEU A 654 22.78 47.44 0.45
N ASP A 655 24.10 47.66 0.37
CA ASP A 655 25.10 46.68 0.82
C ASP A 655 24.87 46.19 2.25
N HIS A 656 24.54 47.10 3.16
CA HIS A 656 24.35 46.71 4.55
C HIS A 656 22.97 46.07 4.81
N TYR A 657 21.97 46.42 4.01
CA TYR A 657 20.69 45.70 4.05
C TYR A 657 20.94 44.24 3.72
N ARG A 658 21.82 44.01 2.73
CA ARG A 658 22.13 42.67 2.23
C ARG A 658 23.05 41.91 3.18
N ASN A 659 23.83 42.64 3.99
CA ASN A 659 24.71 42.01 4.98
C ASN A 659 24.07 41.66 6.33
N SER A 660 22.92 42.26 6.64
CA SER A 660 22.36 42.14 7.97
C SER A 660 21.14 41.24 8.07
N THR A 661 21.07 40.22 7.22
CA THR A 661 19.97 39.26 7.22
C THR A 661 20.25 38.07 8.13
N VAL A 662 19.22 37.53 8.79
CA VAL A 662 19.35 36.26 9.54
C VAL A 662 19.67 35.10 8.58
N MET A 663 19.02 35.08 7.42
CA MET A 663 19.25 34.04 6.40
C MET A 663 20.72 33.78 6.04
N SER A 664 21.51 34.86 5.93
CA SER A 664 22.93 34.77 5.56
C SER A 664 23.79 34.04 6.61
N ARG A 665 23.25 33.79 7.81
CA ARG A 665 24.06 33.14 8.84
C ARG A 665 23.57 31.74 9.12
N ALA A 666 22.74 31.23 8.22
CA ALA A 666 22.05 29.97 8.44
C ALA A 666 23.01 28.82 8.72
N GLU A 667 24.19 28.86 8.10
CA GLU A 667 25.15 27.77 8.25
C GLU A 667 25.54 27.56 9.72
N ASN A 668 25.70 28.66 10.46
CA ASN A 668 26.16 28.61 11.85
C ASN A 668 25.13 28.10 12.83
N PHE A 669 23.88 28.00 12.42
CA PHE A 669 22.84 27.49 13.31
C PHE A 669 23.05 26.01 13.64
N LYS A 670 23.94 25.34 12.90
CA LYS A 670 24.35 23.96 13.18
C LYS A 670 24.94 23.78 14.59
N GLN A 671 25.40 24.87 15.18
CA GLN A 671 26.01 24.82 16.50
C GLN A 671 25.01 24.92 17.66
N VAL A 672 23.79 25.33 17.37
CA VAL A 672 22.84 25.68 18.43
C VAL A 672 21.50 24.99 18.25
N GLU A 673 20.69 25.02 19.28
CA GLU A 673 19.29 24.57 19.23
C GLU A 673 18.46 25.83 19.15
N TYR A 674 17.57 25.89 18.17
CA TYR A 674 16.85 27.12 17.89
C TYR A 674 15.37 26.89 17.90
N LEU A 675 14.62 27.76 18.56
CA LEU A 675 13.18 27.67 18.52
C LEU A 675 12.65 28.93 17.88
N LEU A 676 11.85 28.74 16.83
CA LEU A 676 11.46 29.87 16.06
C LEU A 676 9.96 29.94 15.97
N ILE A 677 9.39 31.01 16.56
CA ILE A 677 7.95 31.12 16.71
C ILE A 677 7.31 32.34 16.11
N HIS A 678 6.18 32.16 15.43
CA HIS A 678 5.50 33.28 14.80
C HIS A 678 3.97 33.12 14.66
N GLY A 679 3.23 34.18 14.96
CA GLY A 679 1.79 34.24 14.65
C GLY A 679 1.56 34.51 13.17
N THR A 680 0.60 33.81 12.59
CA THR A 680 0.36 33.85 11.14
C THR A 680 -0.37 35.11 10.70
N ALA A 681 -1.18 35.66 11.61
CA ALA A 681 -1.90 36.91 11.32
C ALA A 681 -1.14 38.13 11.85
N ASP A 682 0.18 38.05 11.90
CA ASP A 682 0.99 39.16 12.39
C ASP A 682 1.08 40.21 11.28
N ASP A 683 0.52 41.38 11.55
CA ASP A 683 0.47 42.49 10.62
C ASP A 683 1.71 43.38 10.68
N ASN A 684 2.46 43.23 11.77
CA ASN A 684 3.58 44.09 12.13
C ASN A 684 4.84 43.44 11.60
N VAL A 685 5.23 42.32 12.20
CA VAL A 685 6.30 41.49 11.67
C VAL A 685 5.68 40.36 10.90
N HIS A 686 5.68 40.49 9.58
CA HIS A 686 4.95 39.54 8.75
C HIS A 686 5.54 38.15 8.88
N PHE A 687 4.66 37.13 8.88
CA PHE A 687 5.10 35.74 8.95
C PHE A 687 6.15 35.45 7.87
N GLN A 688 6.08 36.18 6.76
CA GLN A 688 7.11 36.22 5.72
C GLN A 688 8.51 36.14 6.31
N GLN A 689 8.78 37.00 7.29
CA GLN A 689 10.14 37.14 7.83
C GLN A 689 10.64 35.83 8.44
N SER A 690 9.79 35.15 9.22
CA SER A 690 10.11 33.81 9.75
C SER A 690 10.04 32.68 8.71
N ALA A 691 9.28 32.88 7.64
CA ALA A 691 9.13 31.86 6.61
C ALA A 691 10.44 31.75 5.87
N GLN A 692 11.16 32.87 5.81
CA GLN A 692 12.39 32.91 5.05
C GLN A 692 13.55 32.40 5.91
N ILE A 693 13.45 32.60 7.22
CA ILE A 693 14.46 32.05 8.14
C ILE A 693 14.45 30.55 7.99
N SER A 694 13.27 29.96 8.11
CA SER A 694 13.14 28.50 8.07
C SER A 694 13.53 27.93 6.72
N LYS A 695 13.12 28.57 5.64
CA LYS A 695 13.54 28.12 4.31
C LYS A 695 15.06 28.00 4.28
N ALA A 696 15.75 28.99 4.87
CA ALA A 696 17.23 29.03 4.77
C ALA A 696 17.87 27.92 5.58
N LEU A 697 17.37 27.73 6.80
CA LEU A 697 17.84 26.63 7.63
C LEU A 697 17.61 25.33 6.88
N VAL A 698 16.43 25.24 6.27
CA VAL A 698 16.13 24.06 5.49
C VAL A 698 17.16 23.87 4.40
N ASP A 699 17.40 24.90 3.61
CA ASP A 699 18.35 24.79 2.51
C ASP A 699 19.76 24.38 2.90
N VAL A 700 20.24 24.74 4.09
CA VAL A 700 21.54 24.21 4.57
C VAL A 700 21.40 23.03 5.55
N GLY A 701 20.18 22.51 5.72
CA GLY A 701 19.96 21.29 6.49
C GLY A 701 20.28 21.39 7.97
N VAL A 702 19.72 22.40 8.63
CA VAL A 702 19.87 22.60 10.07
C VAL A 702 18.59 22.16 10.76
N ASP A 703 18.70 21.25 11.70
CA ASP A 703 17.50 20.89 12.46
C ASP A 703 17.23 21.98 13.49
N PHE A 704 15.98 22.38 13.59
CA PHE A 704 15.58 23.41 14.53
C PHE A 704 14.13 23.11 14.89
N GLN A 705 13.59 23.84 15.85
CA GLN A 705 12.19 23.71 16.25
C GLN A 705 11.45 24.93 15.76
N ALA A 706 10.16 24.77 15.57
CA ALA A 706 9.31 25.86 15.11
C ALA A 706 7.93 25.75 15.74
N MET A 707 7.21 26.85 15.74
CA MET A 707 5.83 26.86 16.22
C MET A 707 5.17 28.04 15.55
N TRP A 708 4.03 27.78 14.93
CA TRP A 708 3.25 28.87 14.37
C TRP A 708 2.05 29.07 15.25
N TYR A 709 1.57 30.31 15.31
CA TYR A 709 0.34 30.56 16.04
C TYR A 709 -0.74 31.05 15.11
N THR A 710 -1.74 30.18 14.87
CA THR A 710 -2.79 30.44 13.88
C THR A 710 -3.63 31.65 14.24
N ASP A 711 -3.61 32.66 13.36
CA ASP A 711 -4.44 33.85 13.52
C ASP A 711 -3.99 34.79 14.61
N GLU A 712 -2.81 34.56 15.16
CA GLU A 712 -2.28 35.47 16.19
C GLU A 712 -1.48 36.57 15.50
N ASP A 713 -1.44 37.72 16.15
CA ASP A 713 -0.75 38.87 15.61
C ASP A 713 0.56 39.07 16.35
N HIS A 714 1.16 40.24 16.22
CA HIS A 714 2.48 40.46 16.80
C HIS A 714 2.54 40.23 18.31
N GLY A 715 1.40 40.38 18.97
CA GLY A 715 1.36 40.28 20.41
C GLY A 715 1.24 38.86 20.92
N ILE A 716 0.78 37.95 20.07
CA ILE A 716 0.38 36.58 20.48
C ILE A 716 -0.31 36.67 21.85
N ALA A 717 -1.30 37.56 21.90
CA ALA A 717 -1.85 38.03 23.18
C ALA A 717 -3.16 37.38 23.67
N SER A 718 -3.76 36.47 22.91
CA SER A 718 -5.01 35.89 23.40
C SER A 718 -4.77 34.97 24.59
N SER A 719 -5.70 34.99 25.53
CA SER A 719 -5.64 34.16 26.73
C SER A 719 -4.91 32.81 26.57
N THR A 720 -5.43 31.98 25.68
CA THR A 720 -4.94 30.61 25.43
C THR A 720 -3.59 30.60 24.67
N ALA A 721 -3.49 31.42 23.64
CA ALA A 721 -2.22 31.56 22.87
C ALA A 721 -1.09 31.94 23.80
N HIS A 722 -1.35 32.95 24.64
CA HIS A 722 -0.38 33.42 25.62
C HIS A 722 0.06 32.29 26.56
N GLN A 723 -0.89 31.51 27.07
CA GLN A 723 -0.55 30.41 27.94
C GLN A 723 0.15 29.32 27.17
N HIS A 724 -0.23 29.13 25.91
CA HIS A 724 0.45 28.16 25.08
C HIS A 724 1.93 28.49 24.85
N ILE A 725 2.22 29.73 24.43
CA ILE A 725 3.59 30.05 23.97
C ILE A 725 4.60 29.95 25.11
N TYR A 726 4.25 30.55 26.25
CA TYR A 726 5.07 30.53 27.46
C TYR A 726 5.31 29.15 28.02
N THR A 727 4.32 28.28 27.84
CA THR A 727 4.46 26.89 28.26
C THR A 727 5.40 26.16 27.34
N HIS A 728 5.26 26.43 26.05
CA HIS A 728 6.12 25.82 25.04
C HIS A 728 7.58 26.23 25.22
N MET A 729 7.78 27.49 25.53
CA MET A 729 9.12 28.01 25.73
C MET A 729 9.76 27.45 27.00
N SER A 730 8.96 27.31 28.05
CA SER A 730 9.47 26.76 29.31
C SER A 730 10.00 25.37 29.06
N HIS A 731 9.27 24.58 28.29
CA HIS A 731 9.71 23.23 27.96
C HIS A 731 11.03 23.26 27.19
N PHE A 732 11.07 24.07 26.12
CA PHE A 732 12.29 24.21 25.34
C PHE A 732 13.49 24.58 26.20
N ILE A 733 13.33 25.59 27.05
CA ILE A 733 14.42 26.02 27.92
C ILE A 733 14.79 24.92 28.95
N LYS A 734 13.80 24.37 29.66
CA LYS A 734 14.09 23.32 30.62
C LYS A 734 14.84 22.17 29.96
N GLN A 735 14.51 21.87 28.70
CA GLN A 735 15.16 20.80 27.97
C GLN A 735 16.60 21.16 27.60
N CYS A 736 16.79 22.37 27.09
CA CYS A 736 18.10 22.92 26.75
C CYS A 736 19.04 22.92 27.98
N PHE A 737 18.49 23.24 29.15
CA PHE A 737 19.26 23.29 30.40
C PHE A 737 19.30 21.99 31.23
N SER A 738 18.78 20.89 30.68
CA SER A 738 18.74 19.59 31.41
C SER A 738 17.96 19.65 32.73
N LEU A 739 16.88 20.42 32.77
CA LEU A 739 16.09 20.59 33.98
C LEU A 739 14.83 19.74 33.92
N PRO A 740 14.57 18.95 34.99
CA PRO A 740 13.43 18.02 35.02
C PRO A 740 12.07 18.71 35.21
N HIS B 9 36.14 -9.54 13.49
CA HIS B 9 34.77 -9.30 12.91
C HIS B 9 34.24 -10.49 12.10
N HIS B 10 35.16 -11.35 11.63
CA HIS B 10 34.83 -12.61 10.96
C HIS B 10 33.83 -12.51 9.78
N HIS B 11 33.80 -11.33 9.16
CA HIS B 11 32.96 -11.04 7.99
C HIS B 11 31.45 -11.02 8.21
N HIS B 12 31.03 -11.07 9.48
CA HIS B 12 29.61 -10.94 9.81
C HIS B 12 29.10 -9.57 9.33
N SER B 13 27.81 -9.50 9.00
CA SER B 13 27.17 -8.22 8.67
C SER B 13 27.13 -7.30 9.90
N ARG B 14 27.81 -6.15 9.81
CA ARG B 14 27.84 -5.19 10.94
C ARG B 14 27.30 -3.82 10.61
N LYS B 15 27.27 -3.46 9.33
CA LYS B 15 26.66 -2.20 8.93
C LYS B 15 25.15 -2.33 8.77
N THR B 16 24.46 -1.22 8.96
CA THR B 16 23.00 -1.18 8.91
C THR B 16 22.61 -0.14 7.88
N TYR B 17 21.32 -0.10 7.53
CA TYR B 17 20.79 0.90 6.60
C TYR B 17 20.45 2.17 7.39
N THR B 18 21.36 3.13 7.34
CA THR B 18 21.24 4.39 8.10
C THR B 18 20.30 5.38 7.42
N LEU B 19 19.94 6.43 8.16
CA LEU B 19 19.16 7.55 7.63
C LEU B 19 19.91 8.27 6.50
N THR B 20 21.22 8.43 6.65
CA THR B 20 22.07 8.99 5.59
C THR B 20 21.99 8.14 4.32
N ASP B 21 22.02 6.82 4.46
CA ASP B 21 21.82 5.92 3.31
C ASP B 21 20.51 6.20 2.63
N TYR B 22 19.45 6.32 3.45
CA TYR B 22 18.11 6.61 2.93
C TYR B 22 18.04 7.96 2.25
N LEU B 23 18.50 9.01 2.92
CA LEU B 23 18.39 10.40 2.41
C LEU B 23 19.37 10.72 1.29
N LYS B 24 20.51 10.03 1.27
CA LYS B 24 21.57 10.28 0.28
C LYS B 24 21.60 9.27 -0.86
N ASN B 25 20.65 8.32 -0.84
CA ASN B 25 20.54 7.28 -1.88
C ASN B 25 21.81 6.45 -2.08
N THR B 26 22.31 5.92 -0.98
CA THR B 26 23.51 5.10 -0.99
C THR B 26 23.23 3.81 -1.76
N TYR B 27 22.07 3.23 -1.51
CA TYR B 27 21.67 2.00 -2.17
C TYR B 27 20.53 2.24 -3.15
N ARG B 28 20.91 2.38 -4.42
CA ARG B 28 19.97 2.73 -5.48
C ARG B 28 19.35 1.52 -6.17
N LEU B 29 18.04 1.60 -6.44
CA LEU B 29 17.36 0.56 -7.21
C LEU B 29 17.45 0.89 -8.69
N LYS B 30 17.95 -0.04 -9.48
CA LYS B 30 17.97 0.15 -10.92
C LYS B 30 16.61 -0.22 -11.48
N LEU B 31 16.17 0.54 -12.47
CA LEU B 31 14.90 0.33 -13.17
C LEU B 31 15.23 0.02 -14.62
N TYR B 32 14.33 -0.66 -15.32
CA TYR B 32 14.50 -0.77 -16.75
C TYR B 32 13.30 -0.13 -17.42
N SER B 33 13.38 1.18 -17.60
CA SER B 33 12.33 1.96 -18.20
C SER B 33 12.46 2.03 -19.72
N LEU B 34 11.51 1.42 -20.41
CA LEU B 34 11.47 1.37 -21.87
C LEU B 34 10.17 1.96 -22.39
N ARG B 35 10.15 2.19 -23.71
CA ARG B 35 8.98 2.75 -24.38
C ARG B 35 8.93 2.12 -25.78
N TRP B 36 7.89 1.34 -26.05
CA TRP B 36 7.73 0.65 -27.34
C TRP B 36 7.49 1.62 -28.50
N ILE B 37 7.83 1.20 -29.72
CA ILE B 37 7.57 2.02 -30.90
C ILE B 37 6.88 1.26 -32.02
N SER B 38 7.27 0.01 -32.20
CA SER B 38 6.61 -0.88 -33.13
C SER B 38 6.11 -2.08 -32.32
N ASP B 39 5.80 -3.17 -33.01
CA ASP B 39 5.34 -4.37 -32.35
C ASP B 39 6.51 -5.22 -31.86
N HIS B 40 7.72 -4.89 -32.30
CA HIS B 40 8.90 -5.72 -32.02
C HIS B 40 10.14 -4.95 -31.59
N GLU B 41 9.98 -3.63 -31.40
CA GLU B 41 11.11 -2.76 -31.04
C GLU B 41 10.76 -1.80 -29.93
N TYR B 42 11.77 -1.38 -29.17
CA TYR B 42 11.58 -0.40 -28.11
C TYR B 42 12.82 0.49 -27.91
N LEU B 43 12.63 1.63 -27.25
CA LEU B 43 13.72 2.58 -26.97
C LEU B 43 14.14 2.52 -25.50
N TYR B 44 15.45 2.65 -25.26
CA TYR B 44 16.02 2.68 -23.91
C TYR B 44 17.18 3.67 -23.79
N LYS B 45 17.36 4.25 -22.59
CA LYS B 45 18.31 5.34 -22.38
C LYS B 45 19.54 4.95 -21.53
N GLN B 46 20.70 5.52 -21.89
CA GLN B 46 21.97 5.33 -21.17
C GLN B 46 22.78 6.64 -21.05
N ASN B 49 22.49 8.46 -23.87
CA ASN B 49 22.21 7.84 -25.17
C ASN B 49 20.78 7.32 -25.29
N ILE B 50 20.32 7.11 -26.53
CA ILE B 50 19.01 6.53 -26.79
C ILE B 50 19.19 5.43 -27.84
N LEU B 51 18.94 4.19 -27.44
CA LEU B 51 19.10 3.04 -28.32
C LEU B 51 17.76 2.46 -28.72
N VAL B 52 17.63 2.05 -29.96
CA VAL B 52 16.50 1.23 -30.38
C VAL B 52 16.93 -0.20 -30.12
N PHE B 53 16.15 -0.91 -29.31
CA PHE B 53 16.41 -2.31 -29.05
C PHE B 53 15.50 -3.20 -29.87
N ASN B 54 16.05 -4.30 -30.36
CA ASN B 54 15.28 -5.31 -31.04
C ASN B 54 14.89 -6.36 -30.00
N ALA B 55 13.59 -6.51 -29.78
CA ALA B 55 13.07 -7.46 -28.80
C ALA B 55 13.32 -8.91 -29.22
N GLU B 56 13.43 -9.13 -30.54
CA GLU B 56 13.63 -10.48 -31.08
C GLU B 56 15.01 -11.03 -30.74
N TYR B 57 16.06 -10.30 -31.12
CA TYR B 57 17.45 -10.77 -31.00
C TYR B 57 18.26 -10.22 -29.82
N GLY B 58 17.90 -9.03 -29.35
CA GLY B 58 18.64 -8.36 -28.29
C GLY B 58 19.57 -7.29 -28.84
N ASN B 59 19.92 -7.39 -30.12
CA ASN B 59 20.79 -6.43 -30.78
C ASN B 59 20.22 -5.00 -30.75
N SER B 60 21.08 -4.04 -30.45
CA SER B 60 20.69 -2.63 -30.44
C SER B 60 21.67 -1.75 -31.21
N SER B 61 21.12 -0.76 -31.90
CA SER B 61 21.93 0.24 -32.58
C SER B 61 21.57 1.60 -32.00
N VAL B 62 22.58 2.44 -31.77
CA VAL B 62 22.39 3.77 -31.19
C VAL B 62 21.45 4.59 -32.08
N PHE B 63 20.28 4.93 -31.54
CA PHE B 63 19.27 5.69 -32.26
C PHE B 63 19.64 7.16 -32.29
N LEU B 64 19.86 7.73 -31.10
CA LEU B 64 20.30 9.11 -30.95
C LEU B 64 21.44 9.21 -29.94
N GLU B 65 22.60 9.63 -30.43
CA GLU B 65 23.80 9.82 -29.62
C GLU B 65 23.55 10.92 -28.60
N ASN B 66 24.03 10.71 -27.38
CA ASN B 66 23.90 11.71 -26.32
C ASN B 66 24.56 13.04 -26.67
N SER B 67 25.46 13.01 -27.65
CA SER B 67 26.21 14.19 -28.08
C SER B 67 25.54 14.99 -29.20
N THR B 68 24.35 14.57 -29.62
CA THR B 68 23.64 15.24 -30.73
C THR B 68 23.04 16.59 -30.33
N PHE B 69 22.50 16.67 -29.11
CA PHE B 69 21.90 17.91 -28.61
C PHE B 69 22.77 18.64 -27.59
N ASP B 70 24.08 18.47 -27.77
CA ASP B 70 25.07 19.26 -27.06
C ASP B 70 25.00 20.64 -27.70
N GLU B 71 25.06 20.67 -29.03
CA GLU B 71 24.82 21.89 -29.80
C GLU B 71 23.32 22.19 -29.77
N PHE B 72 22.89 22.89 -28.71
CA PHE B 72 21.47 23.24 -28.55
C PHE B 72 21.28 24.60 -27.85
N GLY B 73 21.73 24.72 -26.60
CA GLY B 73 21.64 25.98 -25.87
C GLY B 73 20.88 25.89 -24.57
N HIS B 74 19.95 24.94 -24.50
CA HIS B 74 19.11 24.76 -23.32
C HIS B 74 19.27 23.35 -22.76
N SER B 75 18.98 23.18 -21.48
CA SER B 75 18.99 21.85 -20.88
C SER B 75 17.66 21.15 -21.20
N ILE B 76 17.74 19.91 -21.68
CA ILE B 76 16.56 19.17 -22.12
C ILE B 76 15.96 18.29 -21.02
N ASN B 77 14.72 18.57 -20.66
CA ASN B 77 14.02 17.81 -19.62
C ASN B 77 13.54 16.44 -20.07
N ASP B 78 12.81 16.42 -21.18
CA ASP B 78 12.35 15.16 -21.75
C ASP B 78 12.28 15.26 -23.27
N TYR B 79 11.99 14.14 -23.92
CA TYR B 79 11.87 14.07 -25.35
C TYR B 79 10.67 13.18 -25.72
N SER B 80 10.15 13.36 -26.93
CA SER B 80 9.10 12.50 -27.45
C SER B 80 9.22 12.31 -28.97
N ILE B 81 9.56 11.10 -29.39
CA ILE B 81 9.64 10.75 -30.80
C ILE B 81 8.22 10.61 -31.38
N SER B 82 8.03 11.00 -32.63
CA SER B 82 6.76 10.83 -33.31
C SER B 82 6.52 9.35 -33.69
N PRO B 83 5.24 8.92 -33.73
CA PRO B 83 4.90 7.52 -34.03
C PRO B 83 5.63 6.98 -35.24
N ASP B 84 5.85 7.83 -36.24
CA ASP B 84 6.53 7.42 -37.45
C ASP B 84 8.04 7.54 -37.37
N GLY B 85 8.55 8.02 -36.25
CA GLY B 85 10.00 8.14 -36.02
C GLY B 85 10.73 9.09 -36.95
N GLN B 86 10.03 10.10 -37.46
CA GLN B 86 10.62 11.10 -38.34
C GLN B 86 10.99 12.39 -37.61
N PHE B 87 10.38 12.62 -36.45
CA PHE B 87 10.59 13.83 -35.66
C PHE B 87 10.74 13.54 -34.18
N ILE B 88 11.49 14.38 -33.49
CA ILE B 88 11.59 14.30 -32.03
C ILE B 88 11.29 15.65 -31.38
N LEU B 89 10.41 15.61 -30.39
CA LEU B 89 9.99 16.79 -29.66
C LEU B 89 10.86 16.92 -28.42
N LEU B 90 11.59 18.04 -28.31
CA LEU B 90 12.47 18.29 -27.17
C LEU B 90 11.87 19.32 -26.23
N GLU B 91 11.78 18.96 -24.94
CA GLU B 91 11.08 19.73 -23.92
C GLU B 91 12.07 20.37 -22.95
N TYR B 92 11.99 21.68 -22.80
CA TYR B 92 12.88 22.42 -21.92
C TYR B 92 12.11 23.53 -21.21
N ASN B 93 12.79 24.23 -20.29
CA ASN B 93 12.17 25.27 -19.44
C ASN B 93 10.96 24.76 -18.68
N TYR B 94 11.10 23.56 -18.13
CA TYR B 94 10.04 22.91 -17.38
C TYR B 94 9.79 23.65 -16.07
N VAL B 95 8.53 24.07 -15.89
CA VAL B 95 8.11 24.66 -14.63
C VAL B 95 6.91 23.84 -14.15
N LYS B 96 7.07 23.20 -13.00
CA LYS B 96 6.01 22.40 -12.39
C LYS B 96 4.82 23.27 -12.01
N GLN B 97 3.62 22.70 -12.08
CA GLN B 97 2.45 23.33 -11.50
C GLN B 97 1.93 22.40 -10.40
N TRP B 98 0.90 21.61 -10.68
CA TRP B 98 0.38 20.72 -9.64
C TRP B 98 1.03 19.32 -9.78
N ARG B 99 0.35 18.26 -9.33
CA ARG B 99 0.91 16.91 -9.39
C ARG B 99 1.29 16.45 -10.81
N HIS B 100 0.47 16.79 -11.79
CA HIS B 100 0.72 16.35 -13.17
C HIS B 100 1.00 17.50 -14.14
N SER B 101 0.41 18.65 -13.87
CA SER B 101 0.48 19.80 -14.77
C SER B 101 1.82 20.51 -14.75
N TYR B 102 2.15 21.10 -15.90
CA TYR B 102 3.36 21.91 -16.02
C TYR B 102 3.36 22.70 -17.28
N THR B 103 4.41 23.49 -17.41
CA THR B 103 4.64 24.40 -18.49
C THR B 103 6.06 24.15 -18.97
N ALA B 104 6.28 24.32 -20.27
CA ALA B 104 7.55 24.02 -20.88
C ALA B 104 7.64 24.62 -22.29
N SER B 105 8.88 24.88 -22.73
CA SER B 105 9.16 25.31 -24.10
C SER B 105 9.49 24.06 -24.91
N TYR B 106 9.19 24.09 -26.20
CA TYR B 106 9.43 22.93 -27.06
C TYR B 106 10.08 23.33 -28.37
N ASP B 107 11.01 22.49 -28.83
CA ASP B 107 11.54 22.58 -30.17
C ASP B 107 11.37 21.22 -30.83
N ILE B 108 11.41 21.20 -32.16
CA ILE B 108 11.23 19.96 -32.92
C ILE B 108 12.45 19.71 -33.78
N TYR B 109 13.06 18.55 -33.58
CA TYR B 109 14.19 18.16 -34.40
C TYR B 109 13.70 17.22 -35.49
N ASP B 110 14.03 17.56 -36.73
CA ASP B 110 13.75 16.72 -37.89
C ASP B 110 14.85 15.69 -37.98
N LEU B 111 14.48 14.42 -38.04
CA LEU B 111 15.49 13.34 -38.09
C LEU B 111 16.03 13.10 -39.50
N ASN B 112 15.15 13.16 -40.50
CA ASN B 112 15.54 12.89 -41.88
C ASN B 112 16.34 14.03 -42.53
N LYS B 113 16.08 15.26 -42.09
CA LYS B 113 16.88 16.42 -42.50
C LYS B 113 18.04 16.60 -41.53
N ARG B 114 17.93 15.95 -40.36
CA ARG B 114 18.95 16.03 -39.30
C ARG B 114 19.18 17.44 -38.73
N GLN B 115 18.14 18.26 -38.66
CA GLN B 115 18.26 19.63 -38.14
C GLN B 115 16.98 20.21 -37.54
N LEU B 116 17.15 21.15 -36.62
CA LEU B 116 16.04 21.76 -35.87
C LEU B 116 15.12 22.62 -36.73
N ILE B 117 13.81 22.42 -36.56
CA ILE B 117 12.84 23.27 -37.24
C ILE B 117 12.90 24.66 -36.62
N THR B 118 13.18 25.66 -37.46
CA THR B 118 13.31 27.05 -37.00
C THR B 118 12.08 27.89 -37.33
N GLU B 119 11.28 27.42 -38.27
CA GLU B 119 10.05 28.12 -38.67
C GLU B 119 8.84 27.60 -37.88
N GLU B 120 7.84 28.45 -37.71
CA GLU B 120 6.60 28.11 -37.00
C GLU B 120 6.85 27.29 -35.72
N ARG B 121 7.47 27.93 -34.74
CA ARG B 121 7.85 27.25 -33.50
C ARG B 121 6.68 27.17 -32.53
N ILE B 122 6.65 26.10 -31.74
CA ILE B 122 5.68 25.91 -30.64
C ILE B 122 5.98 26.96 -29.57
N PRO B 123 4.95 27.73 -29.15
CA PRO B 123 5.18 28.89 -28.27
C PRO B 123 5.76 28.53 -26.90
N ASN B 124 6.46 29.49 -26.31
CA ASN B 124 6.88 29.35 -24.91
C ASN B 124 5.63 29.24 -24.01
N ASN B 125 5.78 28.59 -22.86
CA ASN B 125 4.69 28.42 -21.91
C ASN B 125 3.56 27.57 -22.44
N THR B 126 3.92 26.47 -23.11
CA THR B 126 2.94 25.50 -23.57
C THR B 126 2.54 24.55 -22.42
N GLN B 127 1.24 24.30 -22.32
CA GLN B 127 0.67 23.56 -21.19
C GLN B 127 0.62 22.07 -21.46
N TRP B 128 0.52 21.68 -22.72
CA TRP B 128 0.48 20.28 -23.09
C TRP B 128 0.69 20.13 -24.58
N VAL B 129 1.45 19.11 -24.95
CA VAL B 129 1.76 18.80 -26.34
C VAL B 129 1.61 17.30 -26.55
N THR B 130 1.09 16.91 -27.71
CA THR B 130 0.93 15.50 -28.02
C THR B 130 0.93 15.19 -29.52
N TRP B 131 1.63 14.12 -29.90
CA TRP B 131 1.59 13.57 -31.24
C TRP B 131 0.27 12.82 -31.42
N SER B 132 -0.11 12.58 -32.66
CA SER B 132 -1.22 11.68 -32.97
C SER B 132 -0.70 10.27 -32.76
N PRO B 133 -1.60 9.27 -32.63
CA PRO B 133 -1.11 7.90 -32.42
C PRO B 133 -0.34 7.32 -33.62
N VAL B 134 -0.66 7.79 -34.83
CA VAL B 134 0.14 7.43 -36.00
C VAL B 134 0.58 8.70 -36.73
N GLY B 135 1.61 8.59 -37.57
CA GLY B 135 2.11 9.73 -38.33
C GLY B 135 2.85 10.75 -37.50
N HIS B 136 2.66 12.03 -37.79
CA HIS B 136 3.29 13.12 -37.05
C HIS B 136 2.46 14.39 -36.93
N LYS B 137 1.15 14.23 -36.70
CA LYS B 137 0.31 15.37 -36.34
C LYS B 137 0.61 15.76 -34.89
N LEU B 138 0.40 17.03 -34.59
CA LEU B 138 0.74 17.56 -33.29
C LEU B 138 -0.40 18.38 -32.77
N ALA B 139 -0.77 18.13 -31.52
CA ALA B 139 -1.77 18.94 -30.84
C ALA B 139 -1.14 19.52 -29.59
N TYR B 140 -1.43 20.78 -29.31
CA TYR B 140 -0.90 21.41 -28.09
C TYR B 140 -1.84 22.46 -27.52
N VAL B 141 -1.66 22.77 -26.24
CA VAL B 141 -2.48 23.77 -25.56
C VAL B 141 -1.59 24.90 -25.04
N TRP B 142 -1.97 26.13 -25.40
CA TRP B 142 -1.23 27.31 -24.99
C TRP B 142 -2.23 28.42 -24.69
N ASN B 143 -2.16 28.95 -23.46
CA ASN B 143 -3.13 29.93 -22.96
C ASN B 143 -4.55 29.36 -22.87
N ASN B 144 -4.63 28.07 -22.54
CA ASN B 144 -5.91 27.39 -22.35
C ASN B 144 -6.66 27.10 -23.66
N ASP B 145 -5.99 27.28 -24.78
CA ASP B 145 -6.57 27.03 -26.11
C ASP B 145 -5.83 25.92 -26.90
N ILE B 146 -6.60 25.16 -27.68
CA ILE B 146 -6.06 24.04 -28.46
C ILE B 146 -5.61 24.47 -29.86
N TYR B 147 -4.42 24.00 -30.24
CA TYR B 147 -3.84 24.29 -31.55
C TYR B 147 -3.40 22.99 -32.19
N VAL B 148 -3.48 22.91 -33.52
CA VAL B 148 -3.06 21.71 -34.22
C VAL B 148 -2.10 22.03 -35.36
N LYS B 149 -0.97 21.33 -35.40
CA LYS B 149 -0.02 21.35 -36.51
C LYS B 149 -0.12 20.05 -37.29
N ILE B 150 -0.48 20.14 -38.57
CA ILE B 150 -0.53 18.96 -39.43
C ILE B 150 0.89 18.56 -39.83
N GLU B 151 1.76 19.55 -39.94
CA GLU B 151 3.17 19.33 -40.20
C GLU B 151 3.98 20.17 -39.22
N PRO B 152 5.07 19.61 -38.67
CA PRO B 152 5.87 20.27 -37.64
C PRO B 152 6.41 21.66 -38.05
N ASN B 153 6.60 21.89 -39.34
CA ASN B 153 7.20 23.16 -39.80
C ASN B 153 6.21 24.13 -40.42
N LEU B 154 4.93 23.81 -40.32
CA LEU B 154 3.88 24.61 -40.92
C LEU B 154 3.10 25.39 -39.87
N PRO B 155 2.36 26.43 -40.29
CA PRO B 155 1.60 27.21 -39.32
C PRO B 155 0.54 26.33 -38.69
N SER B 156 0.28 26.52 -37.40
CA SER B 156 -0.70 25.71 -36.70
C SER B 156 -2.10 26.32 -36.76
N TYR B 157 -3.11 25.47 -36.93
CA TYR B 157 -4.51 25.88 -36.90
C TYR B 157 -4.94 26.01 -35.46
N ARG B 158 -5.71 27.04 -35.16
CA ARG B 158 -6.21 27.27 -33.81
C ARG B 158 -7.60 26.69 -33.74
N ILE B 159 -7.83 25.83 -32.76
CA ILE B 159 -9.09 25.11 -32.63
C ILE B 159 -10.09 25.86 -31.77
N THR B 160 -9.64 26.35 -30.62
CA THR B 160 -10.55 27.02 -29.70
C THR B 160 -10.14 28.48 -29.51
N TRP B 161 -11.10 29.31 -29.09
CA TRP B 161 -10.88 30.75 -28.96
C TRP B 161 -11.41 31.28 -27.64
N THR B 162 -11.89 30.37 -26.81
CA THR B 162 -12.58 30.71 -25.57
C THR B 162 -11.72 30.57 -24.29
N GLY B 163 -10.48 30.11 -24.45
CA GLY B 163 -9.59 29.85 -23.31
C GLY B 163 -9.27 31.07 -22.48
N LYS B 164 -9.45 30.94 -21.16
CA LYS B 164 -9.21 32.06 -20.24
C LYS B 164 -8.66 31.56 -18.89
N GLU B 165 -7.55 32.14 -18.45
CA GLU B 165 -6.86 31.76 -17.22
C GLU B 165 -7.82 31.61 -16.03
N ASP B 166 -7.83 30.43 -15.42
CA ASP B 166 -8.68 30.08 -14.25
C ASP B 166 -10.19 29.98 -14.54
N ILE B 167 -10.60 30.16 -15.79
CA ILE B 167 -12.03 30.15 -16.09
C ILE B 167 -12.41 29.07 -17.12
N ILE B 168 -11.79 29.14 -18.30
CA ILE B 168 -12.06 28.18 -19.37
C ILE B 168 -10.80 27.40 -19.78
N TYR B 169 -10.87 26.08 -19.67
CA TYR B 169 -9.78 25.17 -20.00
C TYR B 169 -10.14 24.29 -21.19
N ASN B 170 -9.44 24.49 -22.32
CA ASN B 170 -9.65 23.67 -23.51
C ASN B 170 -8.55 22.64 -23.67
N GLY B 171 -8.90 21.36 -23.55
CA GLY B 171 -7.94 20.27 -23.73
C GLY B 171 -6.98 20.02 -22.58
N ILE B 172 -7.09 20.82 -21.52
CA ILE B 172 -6.39 20.58 -20.27
C ILE B 172 -7.38 20.59 -19.12
N THR B 173 -7.03 19.95 -18.02
CA THR B 173 -7.93 19.83 -16.87
C THR B 173 -7.78 20.98 -15.87
N ASP B 174 -8.83 21.24 -15.08
CA ASP B 174 -8.72 22.21 -13.98
C ASP B 174 -8.13 21.50 -12.76
N TRP B 175 -7.91 22.21 -11.65
CA TRP B 175 -7.28 21.58 -10.49
C TRP B 175 -7.91 20.22 -10.11
N VAL B 176 -9.25 20.17 -10.00
CA VAL B 176 -9.91 19.01 -9.39
C VAL B 176 -9.96 17.80 -10.31
N TYR B 177 -10.10 18.06 -11.61
CA TYR B 177 -10.16 17.01 -12.59
C TYR B 177 -8.81 16.36 -12.76
N GLU B 178 -7.76 17.19 -12.68
CA GLU B 178 -6.38 16.73 -12.72
C GLU B 178 -6.06 15.79 -11.56
N GLU B 179 -6.39 16.22 -10.35
CA GLU B 179 -5.96 15.50 -9.18
C GLU B 179 -6.86 14.32 -8.86
N GLU B 180 -8.16 14.46 -9.11
CA GLU B 180 -9.13 13.48 -8.64
C GLU B 180 -9.82 12.62 -9.70
N VAL B 181 -9.76 13.05 -10.96
CA VAL B 181 -10.55 12.36 -11.98
C VAL B 181 -9.65 11.70 -13.02
N PHE B 182 -8.88 12.50 -13.76
CA PHE B 182 -8.00 11.96 -14.81
C PHE B 182 -6.57 11.65 -14.40
N SER B 183 -6.15 11.99 -13.19
CA SER B 183 -4.73 11.85 -12.80
C SER B 183 -3.83 12.35 -13.94
N ALA B 184 -4.26 13.42 -14.60
CA ALA B 184 -3.54 13.98 -15.72
C ALA B 184 -3.97 15.42 -15.97
N TYR B 185 -3.09 16.21 -16.60
CA TYR B 185 -3.38 17.58 -16.98
C TYR B 185 -4.10 17.59 -18.31
N SER B 186 -3.86 16.55 -19.08
CA SER B 186 -4.36 16.43 -20.45
C SER B 186 -5.83 16.06 -20.51
N ALA B 187 -6.56 16.76 -21.38
CA ALA B 187 -7.95 16.46 -21.71
C ALA B 187 -8.12 16.46 -23.26
N LEU B 188 -7.16 15.84 -23.93
CA LEU B 188 -7.18 15.65 -25.38
C LEU B 188 -7.07 14.17 -25.69
N TRP B 189 -7.78 13.70 -26.71
CA TRP B 189 -7.72 12.30 -27.10
C TRP B 189 -7.80 12.17 -28.62
N TRP B 190 -6.72 11.70 -29.23
CA TRP B 190 -6.72 11.44 -30.66
C TRP B 190 -7.49 10.16 -30.93
N SER B 191 -8.12 10.08 -32.11
CA SER B 191 -8.70 8.84 -32.56
C SER B 191 -7.56 7.95 -33.04
N PRO B 192 -7.77 6.61 -33.07
CA PRO B 192 -6.68 5.67 -33.34
C PRO B 192 -5.75 6.06 -34.51
N ASN B 193 -6.29 6.58 -35.61
CA ASN B 193 -5.43 6.95 -36.74
C ASN B 193 -5.16 8.46 -36.91
N GLY B 194 -5.59 9.23 -35.92
CA GLY B 194 -5.34 10.67 -35.91
C GLY B 194 -6.25 11.52 -36.79
N THR B 195 -7.33 10.93 -37.29
CA THR B 195 -8.33 11.73 -38.00
C THR B 195 -9.00 12.70 -37.01
N PHE B 196 -9.54 12.17 -35.91
CA PHE B 196 -10.29 12.99 -34.96
C PHE B 196 -9.47 13.33 -33.72
N LEU B 197 -9.83 14.44 -33.10
CA LEU B 197 -9.21 14.90 -31.87
C LEU B 197 -10.33 15.30 -30.89
N ALA B 198 -10.60 14.40 -29.95
CA ALA B 198 -11.64 14.62 -28.95
C ALA B 198 -11.07 15.45 -27.81
N TYR B 199 -11.87 16.39 -27.29
CA TYR B 199 -11.45 17.15 -26.12
C TYR B 199 -12.57 17.56 -25.18
N ALA B 200 -12.17 17.82 -23.93
CA ALA B 200 -13.05 18.37 -22.91
C ALA B 200 -12.74 19.85 -22.69
N GLN B 201 -13.77 20.58 -22.30
CA GLN B 201 -13.62 21.98 -21.92
C GLN B 201 -14.23 22.11 -20.54
N PHE B 202 -13.47 22.73 -19.64
CA PHE B 202 -13.90 22.92 -18.26
C PHE B 202 -14.18 24.39 -18.00
N ASN B 203 -15.23 24.63 -17.22
CA ASN B 203 -15.70 25.96 -16.92
C ASN B 203 -15.71 26.14 -15.39
N ASP B 204 -14.84 27.03 -14.92
CA ASP B 204 -14.64 27.25 -13.49
C ASP B 204 -15.15 28.61 -13.03
N THR B 205 -16.05 29.19 -13.81
CA THR B 205 -16.53 30.55 -13.55
C THR B 205 -16.89 30.80 -12.09
N GLU B 206 -17.79 29.98 -11.54
CA GLU B 206 -18.27 30.19 -10.18
C GLU B 206 -17.61 29.29 -9.13
N VAL B 207 -16.51 28.66 -9.49
CA VAL B 207 -15.75 27.84 -8.56
C VAL B 207 -14.94 28.78 -7.66
N PRO B 208 -15.12 28.67 -6.32
CA PRO B 208 -14.41 29.55 -5.39
C PRO B 208 -12.91 29.32 -5.40
N LEU B 209 -12.17 30.35 -4.99
CA LEU B 209 -10.72 30.34 -5.05
C LEU B 209 -10.10 29.99 -3.69
N ILE B 210 -9.07 29.14 -3.70
CA ILE B 210 -8.25 28.97 -2.50
C ILE B 210 -7.09 29.94 -2.64
N GLU B 211 -6.90 30.80 -1.64
CA GLU B 211 -5.81 31.77 -1.65
C GLU B 211 -4.82 31.42 -0.55
N TYR B 212 -3.53 31.53 -0.87
CA TYR B 212 -2.45 31.28 0.07
C TYR B 212 -1.17 32.01 -0.30
N SER B 213 -0.35 32.29 0.70
CA SER B 213 0.88 33.01 0.48
C SER B 213 1.95 32.12 -0.11
N PHE B 214 2.67 32.66 -1.09
CA PHE B 214 3.87 32.04 -1.60
C PHE B 214 4.97 33.05 -1.36
N TYR B 215 6.02 32.63 -0.67
CA TYR B 215 7.05 33.57 -0.22
C TYR B 215 8.17 33.77 -1.25
N SER B 216 8.48 32.73 -2.02
CA SER B 216 9.44 32.78 -3.12
C SER B 216 10.87 33.05 -2.62
N ASP B 217 11.77 33.42 -3.53
CA ASP B 217 13.13 33.79 -3.15
C ASP B 217 13.08 34.90 -2.13
N GLU B 218 14.03 34.81 -1.18
CA GLU B 218 14.34 35.84 -0.20
C GLU B 218 14.29 37.29 -0.73
N SER B 219 14.53 37.47 -2.02
CA SER B 219 14.57 38.81 -2.62
C SER B 219 13.17 39.39 -2.99
N LEU B 220 12.13 38.55 -2.91
CA LEU B 220 10.75 39.01 -3.10
C LEU B 220 10.33 39.76 -1.83
N GLN B 221 10.05 41.07 -1.97
CA GLN B 221 9.79 41.92 -0.81
C GLN B 221 8.42 41.69 -0.23
N TYR B 222 7.45 41.50 -1.12
CA TYR B 222 6.08 41.31 -0.75
C TYR B 222 5.68 39.92 -1.19
N PRO B 223 5.19 39.10 -0.25
CA PRO B 223 4.80 37.76 -0.61
C PRO B 223 3.79 37.79 -1.73
N LYS B 224 3.70 36.67 -2.45
CA LYS B 224 2.72 36.49 -3.52
C LYS B 224 1.49 35.74 -2.93
N THR B 225 0.29 36.17 -3.34
CA THR B 225 -0.92 35.42 -3.04
C THR B 225 -1.30 34.56 -4.24
N VAL B 226 -1.30 33.24 -4.04
CA VAL B 226 -1.67 32.27 -5.07
C VAL B 226 -3.16 32.02 -5.02
N ARG B 227 -3.80 32.06 -6.18
CA ARG B 227 -5.26 31.88 -6.30
C ARG B 227 -5.58 30.69 -7.20
N VAL B 228 -6.36 29.75 -6.70
CA VAL B 228 -6.71 28.54 -7.47
C VAL B 228 -8.17 28.18 -7.30
N PRO B 229 -8.91 28.08 -8.43
CA PRO B 229 -10.28 27.58 -8.40
C PRO B 229 -10.24 26.18 -7.82
N TYR B 230 -10.84 26.02 -6.66
CA TYR B 230 -10.77 24.76 -5.90
C TYR B 230 -12.10 24.57 -5.16
N PRO B 231 -12.89 23.59 -5.61
CA PRO B 231 -14.19 23.36 -4.99
C PRO B 231 -14.04 22.48 -3.74
N LYS B 232 -14.30 23.06 -2.58
CA LYS B 232 -14.33 22.27 -1.36
C LYS B 232 -15.67 21.54 -1.30
N ALA B 233 -15.74 20.49 -0.48
CA ALA B 233 -16.95 19.68 -0.32
C ALA B 233 -18.18 20.55 -0.26
N GLY B 234 -19.04 20.44 -1.27
CA GLY B 234 -20.31 21.17 -1.27
C GLY B 234 -20.33 22.44 -2.09
N ALA B 235 -19.15 22.97 -2.43
CA ALA B 235 -19.04 24.21 -3.19
C ALA B 235 -19.52 23.99 -4.61
N VAL B 236 -19.60 25.07 -5.37
CA VAL B 236 -19.93 24.97 -6.77
C VAL B 236 -18.78 24.24 -7.47
N ASN B 237 -19.12 23.13 -8.14
CA ASN B 237 -18.19 22.36 -8.95
C ASN B 237 -18.00 22.98 -10.32
N PRO B 238 -16.89 22.66 -11.01
CA PRO B 238 -16.76 23.05 -12.41
C PRO B 238 -17.70 22.27 -13.32
N THR B 239 -18.11 22.87 -14.43
CA THR B 239 -18.91 22.18 -15.42
C THR B 239 -18.02 21.69 -16.57
N VAL B 240 -18.51 20.68 -17.29
CA VAL B 240 -17.74 20.06 -18.38
C VAL B 240 -18.55 19.95 -19.70
N LYS B 241 -17.88 20.25 -20.82
CA LYS B 241 -18.42 20.02 -22.16
C LYS B 241 -17.43 19.20 -23.00
N PHE B 242 -17.94 18.39 -23.92
CA PHE B 242 -17.09 17.53 -24.72
C PHE B 242 -17.23 17.79 -26.21
N PHE B 243 -16.10 17.72 -26.92
CA PHE B 243 -16.07 17.99 -28.36
C PHE B 243 -15.23 17.00 -29.17
N VAL B 244 -15.49 16.97 -30.47
CA VAL B 244 -14.69 16.24 -31.42
C VAL B 244 -14.49 17.14 -32.63
N VAL B 245 -13.26 17.20 -33.11
CA VAL B 245 -12.95 17.95 -34.32
C VAL B 245 -12.23 17.04 -35.33
N ASN B 246 -12.62 17.15 -36.60
CA ASN B 246 -11.95 16.43 -37.67
C ASN B 246 -10.72 17.21 -38.14
N THR B 247 -9.53 16.69 -37.84
CA THR B 247 -8.29 17.40 -38.14
C THR B 247 -7.85 17.32 -39.61
N ASP B 248 -8.60 16.56 -40.41
CA ASP B 248 -8.29 16.40 -41.83
C ASP B 248 -9.08 17.37 -42.69
N SER B 249 -10.10 18.00 -42.10
CA SER B 249 -10.91 18.98 -42.84
C SER B 249 -10.68 20.42 -42.38
N LEU B 250 -9.60 20.63 -41.64
CA LEU B 250 -9.16 21.97 -41.23
C LEU B 250 -8.72 22.79 -42.44
N SER B 251 -8.94 24.10 -42.40
CA SER B 251 -8.47 25.00 -43.45
C SER B 251 -7.94 26.30 -42.86
N SER B 252 -6.95 26.89 -43.52
CA SER B 252 -6.37 28.15 -43.06
C SER B 252 -7.24 29.35 -43.44
N VAL B 253 -8.51 29.10 -43.78
CA VAL B 253 -9.46 30.16 -44.13
C VAL B 253 -10.71 30.21 -43.25
N THR B 254 -11.29 29.06 -42.93
CA THR B 254 -12.41 29.01 -41.97
C THR B 254 -11.94 28.53 -40.59
N ASN B 255 -12.62 28.98 -39.54
CA ASN B 255 -12.35 28.48 -38.19
C ASN B 255 -12.79 27.02 -38.09
N ALA B 256 -12.06 26.24 -37.33
CA ALA B 256 -12.35 24.81 -37.16
C ALA B 256 -13.69 24.57 -36.48
N THR B 257 -14.45 23.59 -36.97
CA THR B 257 -15.76 23.27 -36.41
C THR B 257 -15.73 22.05 -35.46
N SER B 258 -16.02 22.30 -34.19
CA SER B 258 -15.95 21.26 -33.16
C SER B 258 -17.33 20.76 -32.81
N ILE B 259 -17.61 19.50 -33.13
CA ILE B 259 -18.92 18.93 -32.85
C ILE B 259 -19.07 18.57 -31.38
N GLN B 260 -20.09 19.12 -30.74
CA GLN B 260 -20.33 18.84 -29.34
C GLN B 260 -21.07 17.53 -29.15
N ILE B 261 -20.55 16.69 -28.26
CA ILE B 261 -21.28 15.52 -27.81
C ILE B 261 -21.80 15.89 -26.44
N THR B 262 -23.12 15.90 -26.31
CA THR B 262 -23.76 16.22 -25.03
C THR B 262 -23.88 14.97 -24.17
N ALA B 263 -24.04 15.18 -22.87
CA ALA B 263 -24.19 14.10 -21.91
C ALA B 263 -25.59 13.50 -22.00
N PRO B 264 -25.77 12.24 -21.55
CA PRO B 264 -27.11 11.66 -21.56
C PRO B 264 -28.04 12.48 -20.66
N ALA B 265 -29.35 12.35 -20.89
CA ALA B 265 -30.35 13.13 -20.18
C ALA B 265 -30.31 12.91 -18.67
N SER B 266 -29.96 11.70 -18.25
CA SER B 266 -29.94 11.33 -16.84
C SER B 266 -28.82 12.01 -16.04
N MET B 267 -27.85 12.60 -16.74
CA MET B 267 -26.74 13.33 -16.13
C MET B 267 -27.00 14.82 -16.06
N LEU B 268 -27.56 15.39 -17.14
CA LEU B 268 -27.88 16.81 -17.25
C LEU B 268 -28.90 17.26 -16.21
N ILE B 269 -29.53 16.29 -15.56
CA ILE B 269 -30.55 16.50 -14.55
C ILE B 269 -29.98 17.23 -13.31
N GLY B 270 -28.69 17.04 -13.05
CA GLY B 270 -28.00 17.72 -11.97
C GLY B 270 -26.52 17.86 -12.29
N ASP B 271 -25.72 18.03 -11.24
CA ASP B 271 -24.26 18.08 -11.37
C ASP B 271 -23.65 16.72 -11.73
N HIS B 272 -22.70 16.72 -12.65
CA HIS B 272 -22.09 15.49 -13.12
C HIS B 272 -20.64 15.74 -13.50
N TYR B 273 -19.91 14.66 -13.73
CA TYR B 273 -18.54 14.75 -14.24
C TYR B 273 -18.41 13.90 -15.48
N LEU B 274 -17.40 14.20 -16.29
CA LEU B 274 -16.92 13.31 -17.33
C LEU B 274 -15.78 12.53 -16.68
N CYS B 275 -15.87 11.21 -16.66
CA CYS B 275 -14.88 10.43 -15.91
C CYS B 275 -13.99 9.52 -16.75
N ASP B 276 -14.34 9.34 -18.03
CA ASP B 276 -13.59 8.45 -18.93
C ASP B 276 -13.87 8.71 -20.40
N VAL B 277 -12.79 8.81 -21.19
CA VAL B 277 -12.89 8.89 -22.64
C VAL B 277 -12.09 7.74 -23.22
N THR B 278 -12.68 6.99 -24.14
CA THR B 278 -12.01 5.88 -24.80
C THR B 278 -12.50 5.72 -26.24
N TRP B 279 -11.61 5.87 -27.21
CA TRP B 279 -11.94 5.54 -28.61
C TRP B 279 -12.08 4.04 -28.84
N ALA B 280 -13.21 3.62 -29.43
CA ALA B 280 -13.45 2.21 -29.72
C ALA B 280 -12.88 1.81 -31.08
N THR B 281 -13.12 2.66 -32.07
CA THR B 281 -12.63 2.46 -33.44
C THR B 281 -12.29 3.83 -33.96
N GLN B 282 -11.98 3.91 -35.26
CA GLN B 282 -11.70 5.17 -35.94
C GLN B 282 -12.89 6.13 -35.93
N GLU B 283 -14.09 5.58 -35.82
CA GLU B 283 -15.33 6.35 -35.93
C GLU B 283 -16.31 6.12 -34.77
N ARG B 284 -15.82 5.57 -33.67
CA ARG B 284 -16.64 5.26 -32.51
C ARG B 284 -15.88 5.58 -31.23
N ILE B 285 -16.50 6.38 -30.37
CA ILE B 285 -15.88 6.79 -29.12
C ILE B 285 -16.80 6.50 -27.91
N SER B 286 -16.22 6.07 -26.79
CA SER B 286 -17.00 5.78 -25.59
C SER B 286 -16.72 6.77 -24.47
N LEU B 287 -17.82 7.30 -23.93
CA LEU B 287 -17.77 8.26 -22.84
C LEU B 287 -18.39 7.66 -21.60
N GLN B 288 -17.80 7.92 -20.45
CA GLN B 288 -18.44 7.57 -19.20
C GLN B 288 -18.68 8.84 -18.39
N TRP B 289 -19.89 8.95 -17.86
CA TRP B 289 -20.27 10.10 -17.06
C TRP B 289 -20.69 9.64 -15.68
N LEU B 290 -20.58 10.54 -14.71
CA LEU B 290 -20.80 10.23 -13.32
C LEU B 290 -21.63 11.34 -12.68
N ARG B 291 -22.60 10.96 -11.85
CA ARG B 291 -23.35 11.96 -11.10
C ARG B 291 -22.51 12.48 -9.95
N ARG B 292 -22.77 13.71 -9.52
CA ARG B 292 -22.01 14.29 -8.41
C ARG B 292 -22.18 13.44 -7.17
N ILE B 293 -23.38 12.91 -6.98
CA ILE B 293 -23.55 11.81 -6.05
C ILE B 293 -23.07 10.61 -6.87
N GLN B 294 -21.88 10.12 -6.52
CA GLN B 294 -21.14 9.21 -7.38
C GLN B 294 -21.52 7.73 -7.30
N ASN B 295 -22.81 7.44 -7.16
CA ASN B 295 -23.28 6.05 -7.13
C ASN B 295 -23.95 5.58 -8.43
N TYR B 296 -23.87 6.41 -9.46
CA TYR B 296 -24.55 6.17 -10.71
C TYR B 296 -23.73 6.73 -11.88
N SER B 297 -23.42 5.87 -12.85
CA SER B 297 -22.69 6.29 -14.03
C SER B 297 -23.27 5.74 -15.31
N VAL B 298 -23.11 6.50 -16.39
CA VAL B 298 -23.63 6.11 -17.70
C VAL B 298 -22.53 6.14 -18.74
N MET B 299 -22.31 4.98 -19.36
CA MET B 299 -21.44 4.89 -20.52
C MET B 299 -22.23 5.11 -21.80
N ASP B 300 -21.79 6.07 -22.59
CA ASP B 300 -22.34 6.34 -23.93
C ASP B 300 -21.37 5.87 -24.99
N ILE B 301 -21.90 5.32 -26.08
CA ILE B 301 -21.10 4.89 -27.21
C ILE B 301 -21.59 5.67 -28.43
N CYS B 302 -20.71 6.48 -29.03
CA CYS B 302 -21.13 7.41 -30.08
C CYS B 302 -20.44 7.17 -31.42
N ASP B 303 -21.24 7.16 -32.48
CA ASP B 303 -20.73 6.92 -33.84
C ASP B 303 -20.73 8.18 -34.69
N TYR B 304 -19.67 8.33 -35.48
CA TYR B 304 -19.56 9.42 -36.44
C TYR B 304 -20.52 9.16 -37.57
N ASP B 305 -21.35 10.15 -37.88
CA ASP B 305 -22.28 10.04 -38.99
C ASP B 305 -21.64 10.66 -40.24
N GLU B 306 -21.66 9.88 -41.32
CA GLU B 306 -21.01 10.23 -42.58
C GLU B 306 -21.56 11.47 -43.26
N SER B 307 -22.85 11.45 -43.57
CA SER B 307 -23.50 12.49 -44.38
C SER B 307 -23.62 13.86 -43.71
N SER B 308 -23.74 13.86 -42.38
CA SER B 308 -23.91 15.10 -41.60
C SER B 308 -22.61 15.59 -40.98
N GLY B 309 -21.74 14.65 -40.63
CA GLY B 309 -20.46 14.98 -40.00
C GLY B 309 -20.61 15.27 -38.52
N ARG B 310 -21.59 14.63 -37.88
CA ARG B 310 -21.78 14.80 -36.44
C ARG B 310 -21.74 13.44 -35.73
N TRP B 311 -21.93 13.44 -34.42
CA TRP B 311 -21.81 12.22 -33.64
C TRP B 311 -23.13 11.84 -32.96
N ASN B 312 -23.44 10.55 -32.92
CA ASN B 312 -24.67 10.09 -32.30
C ASN B 312 -24.45 8.96 -31.32
N CYS B 313 -24.92 9.16 -30.10
CA CYS B 313 -24.86 8.10 -29.10
C CYS B 313 -26.28 7.56 -28.93
N LEU B 314 -26.56 6.44 -29.60
CA LEU B 314 -27.86 5.81 -29.51
C LEU B 314 -28.15 5.37 -28.08
N VAL B 315 -29.36 5.67 -27.63
CA VAL B 315 -29.86 5.30 -26.31
C VAL B 315 -29.78 3.79 -26.04
N ALA B 316 -29.99 2.98 -27.07
CA ALA B 316 -29.96 1.54 -26.95
C ALA B 316 -28.56 0.97 -26.70
N ARG B 317 -27.52 1.81 -26.81
CA ARG B 317 -26.15 1.36 -26.58
C ARG B 317 -25.58 1.87 -25.26
N GLN B 318 -26.38 2.64 -24.52
CA GLN B 318 -26.00 3.13 -23.22
C GLN B 318 -25.80 2.00 -22.23
N HIS B 319 -24.83 2.16 -21.35
CA HIS B 319 -24.60 1.18 -20.29
C HIS B 319 -24.56 1.84 -18.93
N ILE B 320 -25.36 1.33 -18.02
CA ILE B 320 -25.43 1.84 -16.67
C ILE B 320 -24.61 0.95 -15.74
N GLU B 321 -23.80 1.60 -14.93
CA GLU B 321 -23.08 0.95 -13.84
C GLU B 321 -23.52 1.72 -12.61
N MET B 322 -23.82 1.00 -11.54
CA MET B 322 -24.25 1.62 -10.29
C MET B 322 -23.94 0.78 -9.06
N SER B 323 -24.05 1.38 -7.88
CA SER B 323 -23.80 0.68 -6.64
C SER B 323 -24.84 1.02 -5.60
N THR B 324 -25.22 0.03 -4.80
CA THR B 324 -26.16 0.25 -3.69
C THR B 324 -25.42 0.33 -2.35
N THR B 325 -24.17 -0.13 -2.31
CA THR B 325 -23.40 -0.17 -1.06
C THR B 325 -22.34 0.93 -0.97
N GLY B 326 -22.13 1.66 -2.05
CA GLY B 326 -21.10 2.68 -2.06
C GLY B 326 -21.10 3.50 -3.33
N TRP B 327 -19.89 3.82 -3.79
CA TRP B 327 -19.66 4.58 -5.01
C TRP B 327 -19.38 3.58 -6.14
N VAL B 328 -19.24 4.07 -7.38
CA VAL B 328 -18.91 3.20 -8.50
C VAL B 328 -17.42 3.24 -8.83
N GLY B 329 -16.84 2.06 -9.05
CA GLY B 329 -15.41 1.97 -9.35
C GLY B 329 -14.59 2.12 -8.09
N ARG B 330 -13.33 1.74 -8.15
CA ARG B 330 -12.40 1.92 -7.03
C ARG B 330 -12.22 3.41 -6.68
N PHE B 331 -11.97 4.22 -7.70
CA PHE B 331 -11.85 5.66 -7.57
C PHE B 331 -12.67 6.38 -8.64
N ARG B 332 -13.02 5.65 -9.69
CA ARG B 332 -13.90 6.11 -10.76
C ARG B 332 -14.28 4.85 -11.55
N PRO B 333 -15.32 4.94 -12.41
CA PRO B 333 -15.66 3.77 -13.24
C PRO B 333 -14.48 3.30 -14.10
N SER B 334 -14.39 1.99 -14.26
CA SER B 334 -13.30 1.35 -14.99
C SER B 334 -13.38 1.62 -16.49
N GLU B 335 -12.26 1.53 -17.19
CA GLU B 335 -12.24 1.85 -18.62
C GLU B 335 -12.51 0.63 -19.53
N PRO B 336 -13.25 0.84 -20.63
CA PRO B 336 -13.56 -0.29 -21.50
C PRO B 336 -12.40 -0.61 -22.43
N HIS B 337 -12.24 -1.88 -22.75
CA HIS B 337 -11.28 -2.32 -23.73
C HIS B 337 -12.08 -2.97 -24.85
N PHE B 338 -12.07 -2.32 -26.02
CA PHE B 338 -12.88 -2.75 -27.15
C PHE B 338 -12.17 -3.76 -28.04
N THR B 339 -12.98 -4.58 -28.72
CA THR B 339 -12.47 -5.50 -29.73
C THR B 339 -12.17 -4.70 -31.00
N LEU B 340 -11.40 -5.28 -31.91
CA LEU B 340 -11.03 -4.60 -33.14
C LEU B 340 -12.25 -4.00 -33.86
N ASP B 341 -13.31 -4.79 -34.04
CA ASP B 341 -14.52 -4.28 -34.71
C ASP B 341 -15.27 -3.22 -33.88
N GLY B 342 -15.00 -3.20 -32.57
CA GLY B 342 -15.63 -2.24 -31.67
C GLY B 342 -17.09 -2.53 -31.39
N ASN B 343 -17.48 -3.79 -31.46
CA ASN B 343 -18.85 -4.20 -31.19
C ASN B 343 -18.98 -4.90 -29.86
N SER B 344 -17.84 -5.10 -29.22
CA SER B 344 -17.75 -5.75 -27.92
C SER B 344 -16.74 -5.02 -27.08
N PHE B 345 -16.84 -5.16 -25.76
CA PHE B 345 -15.80 -4.67 -24.88
C PHE B 345 -15.73 -5.44 -23.57
N TYR B 346 -14.55 -5.37 -22.98
CA TYR B 346 -14.28 -5.99 -21.71
C TYR B 346 -14.01 -4.90 -20.70
N LYS B 347 -14.60 -5.02 -19.51
CA LYS B 347 -14.29 -4.11 -18.42
C LYS B 347 -14.59 -4.67 -17.03
N ILE B 348 -13.79 -4.19 -16.07
CA ILE B 348 -13.86 -4.64 -14.69
C ILE B 348 -15.00 -3.94 -13.97
N ILE B 349 -15.92 -4.74 -13.42
CA ILE B 349 -16.99 -4.24 -12.56
C ILE B 349 -17.21 -5.23 -11.41
N SER B 350 -17.87 -4.80 -10.34
CA SER B 350 -18.06 -5.75 -9.25
C SER B 350 -19.24 -6.69 -9.51
N ASN B 351 -18.99 -7.96 -9.29
CA ASN B 351 -20.00 -9.00 -9.46
C ASN B 351 -20.99 -8.97 -8.30
N GLU B 352 -21.91 -9.93 -8.30
CA GLU B 352 -22.96 -10.05 -7.29
C GLU B 352 -22.42 -10.18 -5.85
N GLU B 353 -21.38 -10.99 -5.67
CA GLU B 353 -20.76 -11.17 -4.35
C GLU B 353 -19.75 -10.04 -4.04
N GLY B 354 -19.88 -8.93 -4.75
CA GLY B 354 -19.07 -7.73 -4.50
C GLY B 354 -17.60 -7.76 -4.88
N TYR B 355 -17.20 -8.66 -5.79
CA TYR B 355 -15.80 -8.69 -6.25
C TYR B 355 -15.67 -8.17 -7.68
N ARG B 356 -14.59 -7.45 -7.93
CA ARG B 356 -14.37 -6.84 -9.23
C ARG B 356 -13.78 -7.83 -10.21
N HIS B 357 -14.52 -8.06 -11.30
CA HIS B 357 -14.14 -9.04 -12.31
C HIS B 357 -14.42 -8.52 -13.72
N ILE B 358 -13.86 -9.22 -14.72
CA ILE B 358 -13.93 -8.80 -16.12
C ILE B 358 -15.28 -9.22 -16.70
N CYS B 359 -16.10 -8.24 -17.04
CA CYS B 359 -17.39 -8.54 -17.64
C CYS B 359 -17.31 -8.32 -19.14
N TYR B 360 -17.88 -9.27 -19.89
CA TYR B 360 -17.91 -9.17 -21.35
C TYR B 360 -19.23 -8.60 -21.84
N PHE B 361 -19.17 -7.41 -22.42
CA PHE B 361 -20.38 -6.72 -22.87
C PHE B 361 -20.49 -6.75 -24.39
N GLN B 362 -21.72 -6.82 -24.87
CA GLN B 362 -22.01 -6.57 -26.26
C GLN B 362 -22.50 -5.12 -26.37
N ILE B 363 -22.05 -4.43 -27.43
CA ILE B 363 -22.36 -3.02 -27.68
C ILE B 363 -23.80 -2.59 -27.35
N ASP B 364 -24.79 -3.40 -27.71
CA ASP B 364 -26.19 -3.04 -27.50
C ASP B 364 -27.04 -4.13 -26.85
N LYS B 365 -26.56 -4.61 -25.70
CA LYS B 365 -27.29 -5.52 -24.82
C LYS B 365 -26.98 -5.11 -23.39
N LYS B 366 -27.96 -5.23 -22.50
CA LYS B 366 -27.78 -4.79 -21.12
C LYS B 366 -26.94 -5.74 -20.26
N ASP B 367 -27.17 -7.04 -20.41
CA ASP B 367 -26.53 -8.05 -19.56
C ASP B 367 -25.18 -8.53 -20.06
N CYS B 368 -24.15 -8.35 -19.23
CA CYS B 368 -22.84 -8.85 -19.56
C CYS B 368 -22.60 -10.16 -18.83
N THR B 369 -21.68 -10.98 -19.35
CA THR B 369 -21.33 -12.21 -18.67
C THR B 369 -19.93 -12.11 -18.06
N PHE B 370 -19.79 -12.63 -16.85
CA PHE B 370 -18.51 -12.58 -16.17
C PHE B 370 -17.58 -13.67 -16.66
N ILE B 371 -16.39 -13.24 -17.09
CA ILE B 371 -15.40 -14.17 -17.63
C ILE B 371 -14.37 -14.60 -16.57
N THR B 372 -14.32 -13.85 -15.46
CA THR B 372 -13.55 -14.26 -14.28
C THR B 372 -14.48 -14.27 -13.06
N LYS B 373 -14.19 -15.16 -12.11
CA LYS B 373 -15.00 -15.36 -10.90
C LYS B 373 -14.07 -15.65 -9.75
N GLY B 374 -14.49 -15.31 -8.54
CA GLY B 374 -13.76 -15.75 -7.37
C GLY B 374 -13.73 -14.74 -6.25
N THR B 375 -13.10 -15.13 -5.14
CA THR B 375 -12.94 -14.26 -3.99
C THR B 375 -11.56 -13.59 -4.06
N TRP B 376 -11.38 -12.82 -5.12
CA TRP B 376 -10.18 -12.04 -5.37
C TRP B 376 -10.60 -11.02 -6.42
N GLU B 377 -9.70 -10.16 -6.85
CA GLU B 377 -10.09 -9.14 -7.78
C GLU B 377 -9.13 -9.00 -8.91
N VAL B 378 -9.66 -8.59 -10.05
CA VAL B 378 -8.86 -8.23 -11.19
C VAL B 378 -8.41 -6.80 -10.95
N ILE B 379 -7.11 -6.56 -11.06
CA ILE B 379 -6.57 -5.22 -10.84
C ILE B 379 -6.73 -4.38 -12.10
N GLY B 380 -6.32 -4.94 -13.23
CA GLY B 380 -6.46 -4.25 -14.51
C GLY B 380 -6.32 -5.13 -15.74
N ILE B 381 -7.08 -4.80 -16.78
CA ILE B 381 -6.92 -5.44 -18.10
C ILE B 381 -5.73 -4.75 -18.79
N GLU B 382 -4.73 -5.54 -19.17
CA GLU B 382 -3.51 -4.97 -19.69
C GLU B 382 -3.35 -5.07 -21.20
N ALA B 383 -3.96 -6.09 -21.81
CA ALA B 383 -3.86 -6.28 -23.26
C ALA B 383 -4.98 -7.16 -23.80
N LEU B 384 -5.42 -6.83 -25.01
CA LEU B 384 -6.46 -7.58 -25.68
C LEU B 384 -6.07 -7.83 -27.14
N THR B 385 -6.04 -9.11 -27.51
CA THR B 385 -5.80 -9.51 -28.89
C THR B 385 -7.02 -10.31 -29.35
N SER B 386 -6.91 -10.87 -30.54
CA SER B 386 -7.98 -11.64 -31.13
C SER B 386 -8.35 -12.91 -30.33
N ASP B 387 -7.36 -13.55 -29.71
CA ASP B 387 -7.54 -14.86 -29.06
C ASP B 387 -7.44 -14.82 -27.54
N TYR B 388 -6.65 -13.90 -27.01
CA TYR B 388 -6.41 -13.83 -25.58
C TYR B 388 -6.64 -12.43 -25.01
N LEU B 389 -6.98 -12.40 -23.73
CA LEU B 389 -7.01 -11.16 -22.96
C LEU B 389 -6.05 -11.33 -21.79
N TYR B 390 -5.23 -10.30 -21.59
CA TYR B 390 -4.21 -10.30 -20.55
C TYR B 390 -4.64 -9.36 -19.43
N TYR B 391 -4.49 -9.82 -18.18
CA TYR B 391 -4.95 -9.04 -17.04
C TYR B 391 -4.12 -9.34 -15.81
N ILE B 392 -4.14 -8.40 -14.85
CA ILE B 392 -3.39 -8.55 -13.59
C ILE B 392 -4.37 -8.70 -12.45
N SER B 393 -4.11 -9.65 -11.56
CA SER B 393 -5.01 -9.92 -10.43
C SER B 393 -4.23 -10.41 -9.23
N ASN B 394 -4.93 -10.55 -8.11
CA ASN B 394 -4.32 -11.02 -6.87
C ASN B 394 -4.84 -12.40 -6.46
N GLU B 395 -5.08 -13.25 -7.46
CA GLU B 395 -5.61 -14.57 -7.20
C GLU B 395 -4.61 -15.51 -6.50
N TYR B 396 -3.37 -15.52 -6.96
CA TYR B 396 -2.35 -16.46 -6.50
C TYR B 396 -2.27 -16.63 -4.97
N LYS B 397 -2.58 -17.83 -4.50
CA LYS B 397 -2.52 -18.20 -3.07
C LYS B 397 -3.45 -17.34 -2.19
N GLY B 398 -4.39 -16.64 -2.83
CA GLY B 398 -5.34 -15.79 -2.12
C GLY B 398 -4.66 -14.75 -1.26
N MET B 399 -3.68 -14.06 -1.85
CA MET B 399 -2.94 -12.98 -1.21
C MET B 399 -3.27 -11.68 -1.91
N PRO B 400 -4.15 -10.86 -1.30
CA PRO B 400 -4.60 -9.62 -1.88
C PRO B 400 -3.44 -8.68 -2.19
N GLY B 401 -2.34 -8.86 -1.47
CA GLY B 401 -1.18 -7.99 -1.59
C GLY B 401 -0.23 -8.36 -2.69
N GLY B 402 -0.59 -9.39 -3.45
CA GLY B 402 0.21 -9.92 -4.56
C GLY B 402 -0.34 -9.50 -5.91
N ARG B 403 0.46 -9.69 -6.96
CA ARG B 403 0.06 -9.28 -8.30
C ARG B 403 0.69 -10.23 -9.30
N ASN B 404 -0.13 -10.85 -10.14
CA ASN B 404 0.38 -11.68 -11.21
C ASN B 404 -0.34 -11.45 -12.53
N LEU B 405 0.33 -11.82 -13.62
CA LEU B 405 -0.20 -11.65 -14.97
C LEU B 405 -0.91 -12.92 -15.36
N TYR B 406 -2.10 -12.76 -15.92
CA TYR B 406 -2.87 -13.90 -16.35
C TYR B 406 -3.27 -13.72 -17.78
N LYS B 407 -3.53 -14.85 -18.43
CA LYS B 407 -3.89 -14.94 -19.82
C LYS B 407 -5.17 -15.77 -19.86
N ILE B 408 -6.24 -15.18 -20.36
CA ILE B 408 -7.50 -15.91 -20.47
C ILE B 408 -7.91 -16.11 -21.92
N GLN B 409 -8.27 -17.35 -22.26
CA GLN B 409 -8.74 -17.67 -23.60
C GLN B 409 -10.15 -17.13 -23.79
N LEU B 410 -10.32 -16.34 -24.86
CA LEU B 410 -11.60 -15.73 -25.19
C LEU B 410 -12.68 -16.75 -25.54
N SER B 411 -12.27 -17.85 -26.19
CA SER B 411 -13.24 -18.86 -26.60
C SER B 411 -13.49 -19.92 -25.53
N ASP B 412 -12.63 -19.99 -24.51
CA ASP B 412 -12.81 -20.95 -23.41
C ASP B 412 -12.41 -20.31 -22.09
N TYR B 413 -13.41 -19.86 -21.32
CA TYR B 413 -13.19 -19.18 -20.04
C TYR B 413 -12.55 -20.05 -18.95
N THR B 414 -12.66 -21.38 -19.10
CA THR B 414 -12.02 -22.35 -18.20
C THR B 414 -10.52 -22.43 -18.45
N LYS B 415 -10.08 -21.88 -19.57
CA LYS B 415 -8.68 -21.95 -19.97
C LYS B 415 -7.91 -20.69 -19.55
N VAL B 416 -7.59 -20.63 -18.26
CA VAL B 416 -6.81 -19.53 -17.67
C VAL B 416 -5.39 -19.99 -17.33
N THR B 417 -4.40 -19.26 -17.84
CA THR B 417 -2.99 -19.56 -17.57
C THR B 417 -2.37 -18.40 -16.76
N CYS B 418 -1.65 -18.70 -15.69
CA CYS B 418 -0.89 -17.67 -14.99
C CYS B 418 0.48 -17.55 -15.66
N LEU B 419 0.81 -16.35 -16.11
CA LEU B 419 2.05 -16.13 -16.87
C LEU B 419 3.23 -15.78 -15.99
N SER B 420 2.97 -15.45 -14.73
CA SER B 420 4.04 -14.93 -13.90
C SER B 420 4.16 -15.60 -12.55
N CYS B 421 3.14 -16.34 -12.15
CA CYS B 421 3.09 -16.93 -10.82
C CYS B 421 4.36 -17.67 -10.47
N GLU B 422 4.76 -18.58 -11.35
CA GLU B 422 5.81 -19.54 -11.08
C GLU B 422 7.19 -19.20 -11.65
N LEU B 423 7.30 -18.06 -12.33
CA LEU B 423 8.58 -17.63 -12.91
C LEU B 423 9.70 -17.59 -11.87
N ASN B 424 9.42 -16.97 -10.74
CA ASN B 424 10.40 -16.88 -9.67
C ASN B 424 9.68 -16.83 -8.32
N PRO B 425 9.06 -17.95 -7.91
CA PRO B 425 8.11 -17.98 -6.79
C PRO B 425 8.52 -17.18 -5.54
N GLU B 426 9.79 -17.24 -5.17
CA GLU B 426 10.21 -16.63 -3.91
C GLU B 426 10.60 -15.15 -3.97
N ARG B 427 11.35 -14.75 -4.99
CA ARG B 427 11.74 -13.33 -5.07
C ARG B 427 10.69 -12.46 -5.76
N CYS B 428 9.74 -13.08 -6.45
CA CYS B 428 8.77 -12.35 -7.25
C CYS B 428 7.30 -12.71 -7.02
N GLN B 429 6.57 -11.80 -6.38
CA GLN B 429 5.15 -11.98 -6.08
C GLN B 429 4.33 -10.72 -6.35
N TYR B 430 4.95 -9.73 -7.01
CA TYR B 430 4.30 -8.46 -7.33
C TYR B 430 4.71 -8.00 -8.70
N TYR B 431 3.81 -8.17 -9.66
CA TYR B 431 4.15 -7.97 -11.05
C TYR B 431 3.35 -6.82 -11.69
N SER B 432 3.98 -6.16 -12.66
CA SER B 432 3.32 -5.27 -13.60
C SER B 432 3.88 -5.53 -15.00
N VAL B 433 3.16 -5.13 -16.04
CA VAL B 433 3.58 -5.53 -17.38
C VAL B 433 3.59 -4.37 -18.40
N SER B 434 4.40 -4.52 -19.44
CA SER B 434 4.41 -3.55 -20.53
C SER B 434 4.41 -4.29 -21.87
N PHE B 435 3.28 -4.24 -22.59
CA PHE B 435 3.09 -4.96 -23.86
C PHE B 435 3.56 -4.20 -25.08
N SER B 436 4.03 -4.93 -26.08
CA SER B 436 4.38 -4.35 -27.36
C SER B 436 3.09 -3.91 -28.07
N LYS B 437 3.25 -3.12 -29.13
CA LYS B 437 2.13 -2.50 -29.85
C LYS B 437 0.96 -3.44 -30.20
N GLU B 438 1.26 -4.67 -30.62
CA GLU B 438 0.22 -5.69 -30.87
C GLU B 438 0.25 -6.83 -29.85
N ALA B 439 0.92 -6.61 -28.72
CA ALA B 439 1.04 -7.60 -27.64
C ALA B 439 1.83 -8.86 -28.07
N LYS B 440 2.77 -8.69 -28.99
CA LYS B 440 3.58 -9.80 -29.45
C LYS B 440 4.67 -10.06 -28.43
N TYR B 441 5.11 -8.97 -27.79
CA TYR B 441 6.11 -9.01 -26.74
C TYR B 441 5.61 -8.29 -25.51
N TYR B 442 6.23 -8.57 -24.37
CA TYR B 442 5.95 -7.80 -23.17
C TYR B 442 7.09 -7.86 -22.18
N GLN B 443 7.32 -6.73 -21.52
CA GLN B 443 8.26 -6.66 -20.43
C GLN B 443 7.51 -6.90 -19.12
N LEU B 444 8.07 -7.76 -18.28
CA LEU B 444 7.55 -7.99 -16.94
C LEU B 444 8.37 -7.25 -15.89
N ARG B 445 7.66 -6.62 -14.96
CA ARG B 445 8.30 -5.86 -13.89
C ARG B 445 7.88 -6.39 -12.51
N CYS B 446 8.83 -6.99 -11.82
CA CYS B 446 8.63 -7.58 -10.51
C CYS B 446 9.17 -6.64 -9.42
N SER B 447 8.35 -6.34 -8.42
CA SER B 447 8.76 -5.37 -7.40
C SER B 447 9.25 -6.03 -6.12
N GLY B 448 8.66 -7.17 -5.77
CA GLY B 448 8.99 -7.85 -4.53
C GLY B 448 8.43 -9.26 -4.43
N PRO B 449 8.68 -9.92 -3.30
CA PRO B 449 9.25 -9.40 -2.07
C PRO B 449 10.76 -9.24 -2.12
N GLY B 450 11.40 -9.82 -3.13
CA GLY B 450 12.86 -9.69 -3.28
C GLY B 450 13.18 -8.47 -4.13
N LEU B 451 14.44 -8.36 -4.52
CA LEU B 451 14.92 -7.25 -5.34
C LEU B 451 14.17 -7.15 -6.67
N PRO B 452 13.79 -5.94 -7.08
CA PRO B 452 13.11 -5.77 -8.36
C PRO B 452 13.84 -6.44 -9.54
N LEU B 453 13.06 -7.05 -10.42
CA LEU B 453 13.57 -7.80 -11.55
C LEU B 453 12.78 -7.47 -12.81
N TYR B 454 13.50 -7.20 -13.89
CA TYR B 454 12.90 -6.84 -15.17
C TYR B 454 13.28 -7.85 -16.26
N THR B 455 12.27 -8.34 -16.98
CA THR B 455 12.48 -9.40 -17.96
C THR B 455 11.62 -9.18 -19.19
N LEU B 456 12.06 -9.70 -20.33
CA LEU B 456 11.33 -9.55 -21.58
C LEU B 456 10.76 -10.89 -22.05
N HIS B 457 9.61 -10.86 -22.70
CA HIS B 457 8.94 -12.10 -23.10
C HIS B 457 8.30 -12.07 -24.48
N SER B 458 8.25 -13.25 -25.08
CA SER B 458 7.47 -13.50 -26.27
C SER B 458 6.15 -14.13 -25.80
N SER B 459 5.04 -13.54 -26.23
CA SER B 459 3.73 -13.98 -25.75
C SER B 459 3.13 -15.13 -26.57
N VAL B 460 3.72 -15.41 -27.73
CA VAL B 460 3.24 -16.51 -28.58
C VAL B 460 3.41 -17.89 -27.90
N ASN B 461 4.53 -18.09 -27.21
CA ASN B 461 4.80 -19.35 -26.53
C ASN B 461 5.00 -19.16 -25.03
N ASP B 462 4.97 -17.89 -24.61
CA ASP B 462 5.19 -17.47 -23.22
C ASP B 462 6.50 -18.05 -22.69
N LYS B 463 7.59 -17.45 -23.12
CA LYS B 463 8.92 -17.86 -22.67
C LYS B 463 9.83 -16.65 -22.58
N GLY B 464 10.69 -16.66 -21.56
CA GLY B 464 11.64 -15.58 -21.32
C GLY B 464 12.68 -15.51 -22.42
N LEU B 465 12.92 -14.30 -22.90
CA LEU B 465 13.93 -14.04 -23.91
C LEU B 465 15.23 -13.63 -23.22
N ARG B 466 15.12 -12.78 -22.19
CA ARG B 466 16.29 -12.35 -21.42
C ARG B 466 15.97 -11.48 -20.20
N VAL B 467 16.87 -11.53 -19.24
CA VAL B 467 16.87 -10.69 -18.07
C VAL B 467 17.32 -9.30 -18.51
N LEU B 468 16.43 -8.32 -18.27
CA LEU B 468 16.72 -6.91 -18.59
C LEU B 468 17.50 -6.20 -17.47
N GLU B 469 17.10 -6.43 -16.21
CA GLU B 469 17.78 -5.85 -15.04
C GLU B 469 17.49 -6.70 -13.83
N ASP B 470 18.56 -7.15 -13.17
CA ASP B 470 18.46 -8.10 -12.07
C ASP B 470 18.91 -7.55 -10.72
N ASN B 471 19.32 -6.28 -10.72
CA ASN B 471 19.78 -5.56 -9.52
C ASN B 471 20.85 -6.27 -8.73
N SER B 472 21.85 -6.81 -9.45
CA SER B 472 22.89 -7.56 -8.81
C SER B 472 23.93 -6.64 -8.20
N ALA B 473 24.14 -5.48 -8.82
CA ALA B 473 25.03 -4.46 -8.26
C ALA B 473 24.56 -4.03 -6.86
N LEU B 474 23.24 -3.95 -6.67
CA LEU B 474 22.63 -3.67 -5.38
C LEU B 474 22.68 -4.89 -4.44
N ASP B 475 22.50 -6.08 -5.01
CA ASP B 475 22.59 -7.31 -4.28
C ASP B 475 23.99 -7.43 -3.66
N LYS B 476 25.00 -6.98 -4.39
CA LYS B 476 26.38 -7.02 -3.91
C LYS B 476 26.50 -6.22 -2.63
N MET B 477 26.05 -4.96 -2.69
CA MET B 477 26.17 -4.02 -1.57
C MET B 477 25.37 -4.41 -0.32
N LEU B 478 24.23 -5.03 -0.53
CA LEU B 478 23.36 -5.44 0.58
C LEU B 478 23.89 -6.60 1.42
N GLN B 479 24.81 -7.35 0.83
CA GLN B 479 25.32 -8.63 1.38
C GLN B 479 25.91 -8.47 2.78
N ASN B 480 26.54 -7.33 3.01
CA ASN B 480 27.24 -6.98 4.24
C ASN B 480 26.36 -6.18 5.22
N VAL B 481 25.13 -5.90 4.79
CA VAL B 481 24.23 -4.99 5.50
C VAL B 481 23.18 -5.75 6.26
N GLN B 482 22.95 -5.38 7.52
CA GLN B 482 21.89 -5.99 8.32
C GLN B 482 20.56 -5.37 7.91
N MET B 483 19.89 -5.99 6.95
CA MET B 483 18.61 -5.52 6.46
C MET B 483 17.41 -6.03 7.26
N PRO B 484 16.27 -5.32 7.19
CA PRO B 484 15.08 -5.85 7.84
C PRO B 484 14.40 -6.89 6.96
N SER B 485 13.45 -7.61 7.53
CA SER B 485 12.62 -8.54 6.77
C SER B 485 11.18 -8.05 6.80
N LYS B 486 10.35 -8.53 5.88
CA LYS B 486 8.94 -8.22 5.94
C LYS B 486 8.15 -9.47 6.33
N LYS B 487 7.10 -9.29 7.11
CA LYS B 487 6.21 -10.41 7.38
C LYS B 487 4.79 -10.02 7.00
N LEU B 488 4.32 -10.60 5.90
CA LEU B 488 2.99 -10.34 5.39
C LEU B 488 2.09 -11.50 5.79
N ASP B 489 1.15 -11.22 6.69
CA ASP B 489 0.20 -12.22 7.19
C ASP B 489 -1.16 -11.56 7.49
N PHE B 490 -2.06 -12.27 8.17
CA PHE B 490 -3.40 -11.76 8.41
C PHE B 490 -3.95 -12.11 9.79
N ILE B 491 -5.04 -11.46 10.19
CA ILE B 491 -5.79 -11.82 11.41
C ILE B 491 -7.29 -11.81 11.19
N ILE B 492 -7.97 -12.71 11.90
CA ILE B 492 -9.42 -12.82 11.80
C ILE B 492 -10.07 -11.80 12.74
N LEU B 493 -11.14 -11.19 12.27
CA LEU B 493 -11.91 -10.18 13.01
C LEU B 493 -13.32 -10.22 12.43
N ASN B 494 -14.32 -10.45 13.29
CA ASN B 494 -15.69 -10.71 12.83
C ASN B 494 -15.67 -11.74 11.69
N GLU B 495 -14.86 -12.77 11.90
CA GLU B 495 -14.61 -13.87 10.96
C GLU B 495 -14.15 -13.46 9.54
N THR B 496 -13.79 -12.19 9.39
CA THR B 496 -13.20 -11.67 8.18
C THR B 496 -11.68 -11.63 8.35
N LYS B 497 -10.95 -12.01 7.30
CA LYS B 497 -9.48 -11.92 7.27
C LYS B 497 -9.05 -10.49 7.01
N PHE B 498 -8.09 -10.00 7.81
CA PHE B 498 -7.51 -8.68 7.61
C PHE B 498 -6.00 -8.77 7.63
N TRP B 499 -5.39 -8.18 6.60
CA TRP B 499 -3.96 -8.31 6.36
C TRP B 499 -3.12 -7.15 6.91
N TYR B 500 -1.91 -7.48 7.34
CA TYR B 500 -0.96 -6.52 7.90
C TYR B 500 0.42 -6.89 7.40
N GLN B 501 1.32 -5.91 7.38
CA GLN B 501 2.73 -6.19 7.11
C GLN B 501 3.58 -5.58 8.21
N MET B 502 4.69 -6.24 8.51
CA MET B 502 5.61 -5.79 9.54
C MET B 502 7.00 -5.77 8.98
N ILE B 503 7.64 -4.60 9.02
CA ILE B 503 9.05 -4.48 8.70
C ILE B 503 9.77 -4.83 9.99
N LEU B 504 10.34 -6.02 10.05
CA LEU B 504 10.96 -6.53 11.29
C LEU B 504 12.47 -6.27 11.29
N PRO B 505 13.00 -5.83 12.45
CA PRO B 505 14.44 -5.57 12.59
C PRO B 505 15.28 -6.85 12.41
N PRO B 506 16.57 -6.69 12.04
CA PRO B 506 17.48 -7.83 11.85
C PRO B 506 17.59 -8.70 13.11
N HIS B 507 17.80 -10.00 12.92
CA HIS B 507 17.95 -10.94 14.05
C HIS B 507 16.78 -10.79 15.01
N PHE B 508 15.58 -10.75 14.44
CA PHE B 508 14.35 -10.55 15.19
C PHE B 508 14.11 -11.65 16.22
N ASP B 509 13.89 -11.25 17.47
CA ASP B 509 13.62 -12.20 18.52
C ASP B 509 12.19 -12.03 19.01
N LYS B 510 11.36 -13.06 18.79
CA LYS B 510 9.95 -13.06 19.20
C LYS B 510 9.76 -13.02 20.72
N SER B 511 10.84 -13.25 21.46
CA SER B 511 10.77 -13.25 22.92
C SER B 511 11.15 -11.88 23.48
N LYS B 512 11.65 -11.01 22.62
CA LYS B 512 12.05 -9.65 22.98
C LYS B 512 10.86 -8.71 22.77
N LYS B 513 10.88 -7.55 23.40
CA LYS B 513 9.84 -6.54 23.19
C LYS B 513 10.38 -5.34 22.40
N TYR B 514 9.81 -5.12 21.22
CA TYR B 514 10.24 -4.00 20.37
C TYR B 514 9.25 -2.85 20.42
N PRO B 515 9.74 -1.62 20.24
CA PRO B 515 8.87 -0.47 20.00
C PRO B 515 8.21 -0.60 18.62
N LEU B 516 7.01 -0.06 18.46
CA LEU B 516 6.27 -0.25 17.22
C LEU B 516 5.69 1.03 16.60
N LEU B 517 5.98 1.22 15.32
CA LEU B 517 5.41 2.35 14.61
C LEU B 517 4.35 1.84 13.62
N LEU B 518 3.13 2.32 13.80
CA LEU B 518 2.04 1.97 12.92
C LEU B 518 2.04 3.00 11.79
N ASP B 519 2.41 2.55 10.61
CA ASP B 519 2.46 3.41 9.45
C ASP B 519 1.14 3.25 8.71
N VAL B 520 0.34 4.31 8.67
CA VAL B 520 -1.02 4.28 8.12
C VAL B 520 -1.29 5.19 6.89
N TYR B 521 -2.09 4.65 5.98
CA TYR B 521 -2.79 5.39 4.94
C TYR B 521 -4.29 5.21 5.29
N ALA B 522 -4.82 4.01 5.01
CA ALA B 522 -6.17 3.60 5.46
C ALA B 522 -7.34 4.34 4.79
N GLY B 523 -7.05 5.05 3.72
CA GLY B 523 -8.10 5.70 2.95
C GLY B 523 -8.92 4.69 2.15
N PRO B 524 -10.02 5.15 1.56
CA PRO B 524 -10.80 4.25 0.73
C PRO B 524 -9.98 3.61 -0.39
N CYS B 525 -10.00 2.28 -0.40
CA CYS B 525 -9.31 1.47 -1.39
C CYS B 525 -7.79 1.52 -1.22
N SER B 526 -7.33 1.62 0.01
CA SER B 526 -5.88 1.65 0.27
C SER B 526 -5.40 0.22 0.45
N GLN B 527 -4.09 0.06 0.35
CA GLN B 527 -3.44 -1.22 0.60
C GLN B 527 -2.03 -0.92 1.04
N LYS B 528 -1.79 -1.09 2.34
CA LYS B 528 -0.49 -0.85 2.90
C LYS B 528 0.16 -2.16 3.27
N ALA B 529 -0.48 -3.26 2.90
CA ALA B 529 0.08 -4.61 3.13
C ALA B 529 0.25 -5.33 1.80
N ASP B 530 1.47 -5.30 1.28
CA ASP B 530 1.76 -5.89 -0.01
C ASP B 530 3.13 -6.53 -0.05
N THR B 531 3.44 -7.19 -1.17
CA THR B 531 4.70 -7.89 -1.34
C THR B 531 5.82 -7.03 -1.97
N VAL B 532 5.63 -5.71 -2.06
CA VAL B 532 6.63 -4.85 -2.71
C VAL B 532 7.90 -4.67 -1.86
N PHE B 533 9.06 -4.66 -2.52
CA PHE B 533 10.33 -4.39 -1.85
C PHE B 533 10.60 -2.88 -1.84
N ARG B 534 10.86 -2.33 -0.65
CA ARG B 534 11.07 -0.88 -0.47
C ARG B 534 12.32 -0.53 0.33
N LEU B 535 12.98 0.53 -0.14
CA LEU B 535 14.08 1.15 0.58
C LEU B 535 13.60 2.53 0.99
N ASN B 536 13.01 2.59 2.19
CA ASN B 536 12.37 3.79 2.67
C ASN B 536 12.72 4.16 4.13
N TRP B 537 11.97 5.09 4.70
CA TRP B 537 12.20 5.52 6.09
C TRP B 537 12.08 4.34 7.03
N ALA B 538 11.06 3.50 6.81
CA ALA B 538 10.81 2.32 7.64
C ALA B 538 12.00 1.36 7.64
N THR B 539 12.68 1.26 6.51
CA THR B 539 13.85 0.39 6.39
C THR B 539 14.89 0.78 7.45
N TYR B 540 15.23 2.07 7.48
CA TYR B 540 16.12 2.65 8.47
C TYR B 540 15.70 2.39 9.93
N LEU B 541 14.48 2.79 10.25
CA LEU B 541 13.91 2.58 11.59
C LEU B 541 14.02 1.13 12.08
N ALA B 542 13.88 0.19 11.16
CA ALA B 542 14.05 -1.21 11.48
C ALA B 542 15.53 -1.58 11.54
N SER B 543 16.24 -1.40 10.42
CA SER B 543 17.66 -1.74 10.31
C SER B 543 18.53 -1.09 11.37
N THR B 544 18.29 0.19 11.64
CA THR B 544 19.19 0.95 12.51
C THR B 544 18.66 1.13 13.92
N GLU B 545 17.39 1.48 14.06
CA GLU B 545 16.84 1.80 15.38
C GLU B 545 16.13 0.65 16.08
N ASN B 546 16.02 -0.50 15.42
CA ASN B 546 15.28 -1.65 15.96
C ASN B 546 13.82 -1.36 16.30
N ILE B 547 13.16 -0.61 15.43
CA ILE B 547 11.73 -0.37 15.54
C ILE B 547 11.01 -1.24 14.52
N ILE B 548 9.91 -1.86 14.94
CA ILE B 548 9.04 -2.59 14.02
C ILE B 548 8.12 -1.57 13.39
N VAL B 549 8.07 -1.56 12.06
CA VAL B 549 7.12 -0.70 11.36
C VAL B 549 6.01 -1.57 10.77
N ALA B 550 4.82 -1.44 11.34
CA ALA B 550 3.66 -2.21 10.91
C ALA B 550 2.72 -1.34 10.09
N SER B 551 1.86 -1.99 9.31
CA SER B 551 0.79 -1.34 8.56
C SER B 551 -0.31 -2.34 8.48
N PHE B 552 -1.55 -1.86 8.51
CA PHE B 552 -2.72 -2.73 8.59
C PHE B 552 -3.84 -2.25 7.68
N ASP B 553 -4.43 -3.20 6.95
CA ASP B 553 -5.53 -2.94 6.05
C ASP B 553 -6.86 -3.40 6.68
N GLY B 554 -7.55 -2.46 7.32
CA GLY B 554 -8.83 -2.71 7.95
C GLY B 554 -9.95 -2.37 7.01
N ARG B 555 -11.14 -2.15 7.56
CA ARG B 555 -12.29 -1.82 6.73
C ARG B 555 -11.98 -0.61 5.85
N GLY B 556 -12.52 -0.62 4.64
CA GLY B 556 -12.35 0.48 3.71
C GLY B 556 -11.18 0.29 2.77
N SER B 557 -10.31 -0.67 3.08
CA SER B 557 -9.18 -0.97 2.22
C SER B 557 -9.65 -1.76 1.01
N GLY B 558 -8.85 -1.71 -0.07
CA GLY B 558 -9.26 -2.23 -1.36
C GLY B 558 -8.66 -3.55 -1.79
N TYR B 559 -9.14 -4.04 -2.94
CA TYR B 559 -8.66 -5.26 -3.56
C TYR B 559 -9.09 -6.57 -2.86
N GLN B 560 -10.13 -6.52 -2.04
CA GLN B 560 -10.67 -7.72 -1.36
C GLN B 560 -12.18 -7.67 -1.26
N GLY B 561 -12.82 -7.03 -2.23
CA GLY B 561 -14.27 -6.97 -2.27
C GLY B 561 -14.86 -5.69 -1.70
N ASP B 562 -16.10 -5.42 -2.08
CA ASP B 562 -16.82 -4.25 -1.62
C ASP B 562 -17.36 -4.31 -0.18
N LYS B 563 -17.48 -5.52 0.39
CA LYS B 563 -17.91 -5.66 1.79
C LYS B 563 -16.90 -4.94 2.67
N ILE B 564 -15.62 -5.23 2.43
CA ILE B 564 -14.52 -4.55 3.10
C ILE B 564 -14.41 -3.10 2.66
N MET B 565 -14.43 -2.84 1.36
CA MET B 565 -14.15 -1.50 0.86
C MET B 565 -15.24 -0.47 1.11
N HIS B 566 -16.51 -0.90 1.08
CA HIS B 566 -17.62 0.04 1.21
C HIS B 566 -18.12 0.23 2.63
N ALA B 567 -17.62 -0.58 3.55
CA ALA B 567 -18.05 -0.54 4.95
C ALA B 567 -17.99 0.88 5.53
N ILE B 568 -17.06 1.69 5.01
CA ILE B 568 -16.90 3.07 5.46
C ILE B 568 -17.75 4.08 4.70
N ASN B 569 -18.55 3.60 3.75
CA ASN B 569 -19.39 4.50 2.95
C ASN B 569 -20.15 5.50 3.81
N ARG B 570 -20.03 6.78 3.45
CA ARG B 570 -20.68 7.89 4.15
C ARG B 570 -20.19 8.12 5.58
N ARG B 571 -19.23 7.32 6.03
CA ARG B 571 -18.73 7.43 7.42
C ARG B 571 -17.21 7.42 7.55
N LEU B 572 -16.51 8.31 6.86
CA LEU B 572 -15.07 8.42 7.05
C LEU B 572 -14.75 8.84 8.49
N GLY B 573 -13.65 8.33 9.01
CA GLY B 573 -13.21 8.64 10.36
C GLY B 573 -13.86 7.76 11.42
N THR B 574 -14.37 6.60 11.01
CA THR B 574 -15.00 5.69 11.97
C THR B 574 -14.34 4.31 12.03
N PHE B 575 -14.77 3.39 11.17
CA PHE B 575 -14.31 2.00 11.23
C PHE B 575 -12.82 1.86 10.96
N GLU B 576 -12.32 2.57 9.94
CA GLU B 576 -10.91 2.48 9.58
C GLU B 576 -10.03 3.00 10.72
N VAL B 577 -10.54 3.99 11.45
CA VAL B 577 -9.82 4.57 12.57
C VAL B 577 -9.74 3.56 13.70
N GLU B 578 -10.90 2.95 14.00
CA GLU B 578 -11.01 1.97 15.06
C GLU B 578 -10.24 0.69 14.70
N ASP B 579 -10.17 0.40 13.40
CA ASP B 579 -9.48 -0.80 12.94
C ASP B 579 -7.98 -0.67 13.12
N GLN B 580 -7.45 0.53 12.91
CA GLN B 580 -6.05 0.79 13.19
C GLN B 580 -5.78 0.60 14.70
N ILE B 581 -6.60 1.22 15.55
CA ILE B 581 -6.50 1.02 17.02
C ILE B 581 -6.54 -0.46 17.39
N GLU B 582 -7.54 -1.18 16.89
CA GLU B 582 -7.66 -2.61 17.13
C GLU B 582 -6.42 -3.39 16.70
N ALA B 583 -5.85 -3.00 15.56
CA ALA B 583 -4.66 -3.65 15.02
C ALA B 583 -3.53 -3.60 16.04
N ALA B 584 -3.32 -2.41 16.63
CA ALA B 584 -2.29 -2.18 17.65
C ALA B 584 -2.51 -3.04 18.91
N ARG B 585 -3.77 -3.18 19.32
CA ARG B 585 -4.09 -4.08 20.42
C ARG B 585 -3.69 -5.51 20.06
N GLN B 586 -3.93 -5.90 18.81
CA GLN B 586 -3.60 -7.23 18.32
C GLN B 586 -2.10 -7.47 18.28
N PHE B 587 -1.35 -6.52 17.73
CA PHE B 587 0.11 -6.62 17.67
C PHE B 587 0.71 -6.78 19.07
N SER B 588 0.19 -6.03 20.03
CA SER B 588 0.58 -6.17 21.44
C SER B 588 0.36 -7.59 21.94
N LYS B 589 -0.77 -8.19 21.58
CA LYS B 589 -1.12 -9.55 21.98
C LYS B 589 -0.28 -10.63 21.27
N MET B 590 0.66 -10.23 20.44
CA MET B 590 1.57 -11.17 19.79
C MET B 590 2.84 -11.37 20.64
N GLY B 591 2.97 -10.55 21.69
CA GLY B 591 4.01 -10.76 22.70
C GLY B 591 5.36 -10.12 22.48
N PHE B 592 5.62 -9.64 21.26
CA PHE B 592 6.91 -9.03 20.95
C PHE B 592 6.90 -7.51 20.80
N VAL B 593 5.84 -6.87 21.31
CA VAL B 593 5.68 -5.41 21.23
C VAL B 593 5.70 -4.79 22.63
N ASP B 594 6.56 -3.80 22.83
CA ASP B 594 6.56 -2.97 24.05
C ASP B 594 5.38 -2.02 23.96
N ASN B 595 4.32 -2.30 24.73
CA ASN B 595 3.09 -1.54 24.56
C ASN B 595 3.03 -0.24 25.34
N LYS B 596 4.17 0.16 25.90
CA LYS B 596 4.33 1.51 26.44
C LYS B 596 5.01 2.40 25.38
N ARG B 597 5.47 1.78 24.29
CA ARG B 597 6.16 2.47 23.19
C ARG B 597 5.56 2.10 21.85
N ILE B 598 4.37 2.64 21.58
CA ILE B 598 3.67 2.39 20.33
C ILE B 598 3.29 3.72 19.73
N ALA B 599 3.67 3.92 18.47
CA ALA B 599 3.46 5.19 17.80
C ALA B 599 2.71 4.98 16.49
N ILE B 600 2.28 6.09 15.89
CA ILE B 600 1.51 6.06 14.66
C ILE B 600 1.87 7.27 13.81
N TRP B 601 2.05 7.09 12.50
CA TRP B 601 2.24 8.24 11.64
C TRP B 601 1.57 8.03 10.30
N GLY B 602 1.34 9.14 9.58
CA GLY B 602 0.75 9.09 8.25
C GLY B 602 0.74 10.44 7.54
N TRP B 603 0.59 10.39 6.23
CA TRP B 603 0.63 11.54 5.35
C TRP B 603 -0.73 11.58 4.67
N SER B 604 -1.26 12.78 4.40
CA SER B 604 -2.57 12.93 3.71
C SER B 604 -3.71 12.26 4.50
N TYR B 605 -4.42 11.29 3.92
CA TYR B 605 -5.50 10.56 4.66
C TYR B 605 -4.91 9.87 5.87
N GLY B 606 -3.66 9.42 5.73
CA GLY B 606 -2.91 8.78 6.80
C GLY B 606 -2.73 9.67 8.02
N GLY B 607 -2.54 10.96 7.76
CA GLY B 607 -2.38 11.96 8.80
C GLY B 607 -3.68 12.22 9.53
N TYR B 608 -4.76 12.27 8.77
CA TYR B 608 -6.10 12.38 9.34
C TYR B 608 -6.34 11.22 10.30
N VAL B 609 -6.15 9.98 9.83
CA VAL B 609 -6.38 8.80 10.69
C VAL B 609 -5.46 8.85 11.92
N THR B 610 -4.20 9.25 11.72
CA THR B 610 -3.28 9.34 12.83
C THR B 610 -3.89 10.22 13.91
N SER B 611 -4.33 11.39 13.51
CA SER B 611 -4.89 12.40 14.39
C SER B 611 -6.16 11.92 15.08
N MET B 612 -7.05 11.30 14.32
CA MET B 612 -8.30 10.81 14.88
C MET B 612 -8.01 9.75 15.93
N VAL B 613 -6.97 8.96 15.67
CA VAL B 613 -6.51 7.93 16.60
C VAL B 613 -5.89 8.55 17.86
N LEU B 614 -4.96 9.49 17.69
CA LEU B 614 -4.33 10.13 18.84
C LEU B 614 -5.34 10.94 19.62
N GLY B 615 -6.38 11.43 18.94
CA GLY B 615 -7.43 12.19 19.58
C GLY B 615 -8.57 11.37 20.16
N SER B 616 -8.42 10.04 20.19
CA SER B 616 -9.55 9.16 20.55
C SER B 616 -9.56 8.69 22.00
N GLY B 617 -8.52 9.06 22.73
CA GLY B 617 -8.35 8.68 24.14
C GLY B 617 -8.37 7.18 24.37
N SER B 618 -7.67 6.43 23.50
CA SER B 618 -7.71 4.98 23.56
C SER B 618 -6.68 4.43 24.52
N GLY B 619 -5.66 5.22 24.81
CA GLY B 619 -4.59 4.82 25.71
C GLY B 619 -3.50 3.99 25.07
N VAL B 620 -3.78 3.46 23.89
CA VAL B 620 -2.84 2.58 23.17
C VAL B 620 -1.54 3.26 22.65
N PHE B 621 -1.66 4.49 22.14
CA PHE B 621 -0.55 5.16 21.46
C PHE B 621 0.12 6.24 22.30
N LYS B 622 1.44 6.29 22.25
CA LYS B 622 2.21 7.19 23.08
C LYS B 622 2.45 8.52 22.37
N CYS B 623 2.72 8.43 21.07
CA CYS B 623 2.94 9.61 20.24
C CYS B 623 2.56 9.36 18.79
N GLY B 624 2.54 10.42 17.99
CA GLY B 624 2.29 10.27 16.57
C GLY B 624 2.69 11.48 15.76
N ILE B 625 2.82 11.28 14.45
CA ILE B 625 3.17 12.35 13.53
C ILE B 625 2.10 12.47 12.46
N ALA B 626 1.52 13.66 12.29
CA ALA B 626 0.61 13.87 11.17
C ALA B 626 1.30 14.80 10.16
N VAL B 627 1.39 14.38 8.90
CA VAL B 627 2.03 15.20 7.87
C VAL B 627 0.98 15.58 6.85
N ALA B 628 0.70 16.87 6.73
CA ALA B 628 -0.28 17.36 5.77
C ALA B 628 -1.63 16.62 5.86
N PRO B 629 -2.19 16.47 7.09
CA PRO B 629 -3.45 15.75 7.19
C PRO B 629 -4.67 16.61 6.90
N VAL B 630 -5.72 16.01 6.35
CA VAL B 630 -7.07 16.56 6.41
C VAL B 630 -7.50 16.64 7.88
N SER B 631 -8.21 17.71 8.25
CA SER B 631 -8.65 17.91 9.63
C SER B 631 -10.17 17.97 9.67
N ARG B 632 -10.75 18.57 8.64
CA ARG B 632 -12.19 18.45 8.46
C ARG B 632 -12.60 18.42 7.00
N TRP B 633 -13.48 17.48 6.68
CA TRP B 633 -13.89 17.16 5.30
C TRP B 633 -14.53 18.25 4.49
N GLU B 634 -15.11 19.26 5.14
CA GLU B 634 -15.60 20.43 4.41
C GLU B 634 -14.44 21.23 3.84
N TYR B 635 -13.21 20.92 4.28
CA TYR B 635 -12.01 21.62 3.82
C TYR B 635 -11.40 20.98 2.58
N TYR B 636 -11.67 19.68 2.39
CA TYR B 636 -11.09 18.95 1.26
C TYR B 636 -11.95 19.03 -0.01
N ASP B 637 -11.39 18.62 -1.16
CA ASP B 637 -12.08 18.79 -2.44
C ASP B 637 -13.33 17.92 -2.59
N SER B 638 -14.27 18.40 -3.40
CA SER B 638 -15.56 17.77 -3.63
C SER B 638 -15.53 16.37 -4.25
N VAL B 639 -14.76 16.22 -5.33
CA VAL B 639 -14.72 14.93 -6.02
C VAL B 639 -14.34 13.80 -5.06
N TYR B 640 -13.19 13.91 -4.42
CA TYR B 640 -12.74 12.89 -3.48
C TYR B 640 -13.69 12.76 -2.30
N THR B 641 -13.96 13.88 -1.63
CA THR B 641 -14.73 13.84 -0.38
C THR B 641 -16.17 13.37 -0.55
N GLU B 642 -16.85 13.90 -1.57
CA GLU B 642 -18.24 13.55 -1.81
C GLU B 642 -18.39 12.11 -2.27
N ARG B 643 -17.35 11.59 -2.93
CA ARG B 643 -17.36 10.20 -3.31
C ARG B 643 -17.72 9.30 -2.12
N TYR B 644 -17.18 9.61 -0.94
CA TYR B 644 -17.36 8.78 0.25
C TYR B 644 -18.31 9.39 1.27
N MET B 645 -18.54 10.70 1.18
CA MET B 645 -19.26 11.40 2.24
C MET B 645 -20.62 12.00 1.85
N GLY B 646 -20.98 11.92 0.58
CA GLY B 646 -22.15 12.63 0.09
C GLY B 646 -21.95 14.14 0.21
N LEU B 647 -23.05 14.87 0.38
CA LEU B 647 -23.01 16.32 0.49
C LEU B 647 -23.08 16.83 1.93
N PRO B 648 -22.34 17.92 2.24
CA PRO B 648 -22.40 18.49 3.59
C PRO B 648 -23.64 19.38 3.82
N THR B 649 -24.82 18.82 3.55
CA THR B 649 -26.08 19.54 3.75
C THR B 649 -26.98 18.76 4.70
N PRO B 650 -27.86 19.46 5.45
CA PRO B 650 -28.77 18.83 6.41
C PRO B 650 -29.55 17.62 5.87
N GLU B 651 -30.02 17.72 4.63
CA GLU B 651 -30.76 16.64 3.97
C GLU B 651 -29.89 15.48 3.48
N ASP B 652 -28.56 15.65 3.46
CA ASP B 652 -27.65 14.59 3.05
C ASP B 652 -26.83 14.03 4.24
N ASN B 653 -25.65 14.59 4.49
CA ASN B 653 -24.70 14.01 5.44
C ASN B 653 -23.95 15.00 6.32
N LEU B 654 -24.54 16.18 6.54
CA LEU B 654 -23.87 17.21 7.34
C LEU B 654 -23.47 16.70 8.72
N ASP B 655 -24.36 15.91 9.33
CA ASP B 655 -24.14 15.38 10.68
C ASP B 655 -22.81 14.66 10.83
N HIS B 656 -22.47 13.79 9.89
CA HIS B 656 -21.22 13.07 10.00
C HIS B 656 -19.99 13.89 9.61
N TYR B 657 -20.17 14.85 8.71
CA TYR B 657 -19.12 15.83 8.40
C TYR B 657 -18.73 16.54 9.69
N ARG B 658 -19.73 16.97 10.45
CA ARG B 658 -19.57 17.73 11.69
C ARG B 658 -18.98 16.89 12.83
N ASN B 659 -19.27 15.60 12.82
CA ASN B 659 -18.81 14.70 13.87
C ASN B 659 -17.46 14.02 13.62
N SER B 660 -16.90 14.19 12.42
CA SER B 660 -15.69 13.45 12.04
C SER B 660 -14.42 14.32 11.87
N THR B 661 -14.41 15.47 12.53
CA THR B 661 -13.27 16.37 12.47
C THR B 661 -12.24 16.02 13.55
N VAL B 662 -11.03 16.52 13.37
CA VAL B 662 -9.94 16.27 14.31
C VAL B 662 -10.08 17.23 15.49
N MET B 663 -10.48 18.47 15.18
CA MET B 663 -10.63 19.54 16.17
C MET B 663 -11.39 19.11 17.40
N SER B 664 -12.61 18.60 17.21
CA SER B 664 -13.48 18.27 18.33
C SER B 664 -12.92 17.21 19.29
N ARG B 665 -11.80 16.59 18.89
CA ARG B 665 -11.12 15.63 19.75
C ARG B 665 -9.86 16.22 20.38
N ALA B 666 -9.71 17.54 20.30
CA ALA B 666 -8.49 18.22 20.77
C ALA B 666 -8.15 17.95 22.23
N GLU B 667 -9.19 17.91 23.07
CA GLU B 667 -9.04 17.67 24.51
C GLU B 667 -8.23 16.38 24.78
N ASN B 668 -8.41 15.39 23.91
CA ASN B 668 -7.79 14.09 24.09
C ASN B 668 -6.30 14.03 23.85
N PHE B 669 -5.80 14.95 23.04
CA PHE B 669 -4.37 15.03 22.75
C PHE B 669 -3.51 15.32 24.00
N LYS B 670 -4.15 15.46 25.16
CA LYS B 670 -3.46 15.70 26.42
C LYS B 670 -2.70 14.47 26.93
N GLN B 671 -2.91 13.33 26.28
CA GLN B 671 -2.38 12.07 26.75
C GLN B 671 -1.25 11.55 25.84
N VAL B 672 -1.09 12.20 24.71
CA VAL B 672 -0.16 11.75 23.69
C VAL B 672 0.80 12.87 23.31
N GLU B 673 1.94 12.51 22.72
CA GLU B 673 2.90 13.48 22.19
C GLU B 673 2.63 13.64 20.70
N TYR B 674 2.28 14.83 20.27
CA TYR B 674 1.83 15.04 18.90
C TYR B 674 2.73 15.97 18.07
N LEU B 675 3.23 15.44 16.95
CA LEU B 675 4.00 16.23 15.98
C LEU B 675 3.17 16.49 14.74
N LEU B 676 3.10 17.76 14.32
CA LEU B 676 2.20 18.17 13.25
C LEU B 676 2.95 18.96 12.19
N ILE B 677 2.95 18.43 10.97
CA ILE B 677 3.80 18.96 9.91
C ILE B 677 2.97 19.31 8.68
N HIS B 678 3.29 20.45 8.04
CA HIS B 678 2.53 20.92 6.90
C HIS B 678 3.28 21.95 6.05
N GLY B 679 3.18 21.82 4.72
CA GLY B 679 3.82 22.76 3.80
C GLY B 679 2.91 23.93 3.49
N THR B 680 3.45 25.12 3.62
CA THR B 680 2.65 26.35 3.48
C THR B 680 2.00 26.53 2.11
N ALA B 681 2.62 25.98 1.08
CA ALA B 681 2.10 26.13 -0.29
C ALA B 681 1.45 24.85 -0.77
N ASP B 682 0.80 24.16 0.14
CA ASP B 682 0.13 22.92 -0.16
C ASP B 682 -1.20 23.29 -0.81
N ASP B 683 -1.30 22.97 -2.09
CA ASP B 683 -2.48 23.29 -2.89
C ASP B 683 -3.51 22.16 -2.83
N ASN B 684 -3.07 20.99 -2.39
CA ASN B 684 -3.94 19.82 -2.28
C ASN B 684 -4.69 19.94 -1.00
N VAL B 685 -4.03 19.57 0.09
CA VAL B 685 -4.60 19.62 1.46
C VAL B 685 -4.11 20.92 2.04
N HIS B 686 -4.97 21.93 2.07
CA HIS B 686 -4.51 23.29 2.35
C HIS B 686 -3.92 23.46 3.74
N PHE B 687 -2.93 24.36 3.86
CA PHE B 687 -2.30 24.65 5.14
C PHE B 687 -3.34 24.93 6.20
N GLN B 688 -4.40 25.63 5.79
CA GLN B 688 -5.58 25.92 6.55
C GLN B 688 -5.94 24.77 7.48
N GLN B 689 -5.81 23.56 6.95
CA GLN B 689 -6.31 22.40 7.64
C GLN B 689 -5.49 22.13 8.89
N SER B 690 -4.17 22.37 8.83
CA SER B 690 -3.33 22.21 10.01
C SER B 690 -3.41 23.44 10.88
N ALA B 691 -3.83 24.55 10.30
CA ALA B 691 -3.83 25.78 11.08
C ALA B 691 -5.02 25.74 12.02
N GLN B 692 -6.05 25.00 11.62
CA GLN B 692 -7.22 24.75 12.45
C GLN B 692 -6.97 23.70 13.50
N ILE B 693 -6.13 22.70 13.22
CA ILE B 693 -5.80 21.72 14.28
C ILE B 693 -5.00 22.43 15.36
N SER B 694 -3.93 23.15 14.98
CA SER B 694 -3.10 23.89 15.93
C SER B 694 -3.91 24.86 16.78
N LYS B 695 -4.86 25.57 16.18
CA LYS B 695 -5.70 26.50 16.94
C LYS B 695 -6.64 25.81 17.98
N ALA B 696 -7.10 24.61 17.65
CA ALA B 696 -7.96 23.82 18.56
C ALA B 696 -7.19 23.28 19.75
N LEU B 697 -5.94 22.87 19.49
CA LEU B 697 -5.06 22.35 20.53
C LEU B 697 -4.60 23.46 21.47
N VAL B 698 -4.42 24.66 20.92
CA VAL B 698 -4.17 25.84 21.73
C VAL B 698 -5.37 26.18 22.64
N ASP B 699 -6.58 26.19 22.07
CA ASP B 699 -7.79 26.55 22.80
C ASP B 699 -8.07 25.64 24.01
N VAL B 700 -7.61 24.39 23.98
CA VAL B 700 -7.75 23.51 25.15
C VAL B 700 -6.46 23.38 25.97
N GLY B 701 -5.43 24.15 25.61
CA GLY B 701 -4.17 24.19 26.35
C GLY B 701 -3.29 22.95 26.23
N VAL B 702 -3.35 22.26 25.10
CA VAL B 702 -2.54 21.07 24.87
C VAL B 702 -1.18 21.42 24.24
N ASP B 703 -0.09 20.91 24.81
CA ASP B 703 1.23 21.13 24.21
C ASP B 703 1.49 20.14 23.06
N PHE B 704 2.04 20.64 21.96
CA PHE B 704 2.40 19.78 20.85
C PHE B 704 3.64 20.35 20.20
N GLN B 705 4.21 19.59 19.26
CA GLN B 705 5.36 20.02 18.48
C GLN B 705 4.85 20.27 17.10
N ALA B 706 5.52 21.16 16.36
CA ALA B 706 5.07 21.52 15.03
C ALA B 706 6.18 21.99 14.08
N MET B 707 5.86 21.95 12.79
CA MET B 707 6.83 22.30 11.79
C MET B 707 6.10 22.61 10.50
N TRP B 708 6.31 23.83 10.01
CA TRP B 708 5.81 24.24 8.72
C TRP B 708 6.98 24.23 7.73
N TYR B 709 6.68 24.05 6.44
CA TYR B 709 7.68 24.01 5.39
C TYR B 709 7.40 25.09 4.35
N THR B 710 8.13 26.18 4.45
CA THR B 710 7.88 27.34 3.60
C THR B 710 7.89 26.95 2.13
N ASP B 711 6.78 27.21 1.45
CA ASP B 711 6.65 27.01 -0.01
C ASP B 711 6.71 25.56 -0.47
N GLU B 712 6.54 24.62 0.46
CA GLU B 712 6.48 23.22 0.10
C GLU B 712 5.03 22.86 -0.17
N ASP B 713 4.82 21.90 -1.06
CA ASP B 713 3.47 21.50 -1.38
C ASP B 713 3.11 20.20 -0.68
N HIS B 714 2.12 19.47 -1.19
CA HIS B 714 1.64 18.28 -0.49
C HIS B 714 2.68 17.18 -0.39
N GLY B 715 3.63 17.22 -1.33
CA GLY B 715 4.67 16.21 -1.36
C GLY B 715 5.84 16.51 -0.42
N ILE B 716 5.96 17.76 0.03
CA ILE B 716 7.19 18.27 0.70
C ILE B 716 8.37 17.58 0.02
N ALA B 717 8.36 17.63 -1.30
CA ALA B 717 9.22 16.77 -2.11
C ALA B 717 10.56 17.36 -2.58
N SER B 718 10.84 18.63 -2.30
CA SER B 718 12.14 19.15 -2.73
C SER B 718 13.29 18.47 -1.97
N SER B 719 14.43 18.37 -2.64
CA SER B 719 15.62 17.69 -2.12
C SER B 719 15.92 18.03 -0.65
N THR B 720 16.10 19.32 -0.35
CA THR B 720 16.41 19.74 1.01
C THR B 720 15.25 19.56 2.00
N ALA B 721 14.01 19.78 1.56
CA ALA B 721 12.86 19.73 2.46
C ALA B 721 12.57 18.30 2.88
N HIS B 722 12.66 17.38 1.92
CA HIS B 722 12.56 15.95 2.13
C HIS B 722 13.51 15.40 3.20
N GLN B 723 14.76 15.83 3.14
CA GLN B 723 15.79 15.37 4.07
C GLN B 723 15.59 15.96 5.43
N HIS B 724 15.09 17.18 5.43
CA HIS B 724 14.89 17.88 6.69
C HIS B 724 13.71 17.34 7.49
N ILE B 725 12.63 16.98 6.82
CA ILE B 725 11.43 16.47 7.49
C ILE B 725 11.71 15.07 8.03
N TYR B 726 12.35 14.23 7.21
CA TYR B 726 12.66 12.87 7.66
C TYR B 726 13.62 12.83 8.85
N THR B 727 14.63 13.71 8.82
CA THR B 727 15.51 13.93 9.96
C THR B 727 14.68 14.40 11.17
N HIS B 728 13.84 15.42 10.96
CA HIS B 728 13.04 15.97 12.05
C HIS B 728 12.13 14.89 12.71
N MET B 729 11.45 14.10 11.88
CA MET B 729 10.60 13.02 12.32
C MET B 729 11.38 11.94 13.07
N SER B 730 12.58 11.63 12.58
CA SER B 730 13.46 10.63 13.20
C SER B 730 13.90 11.07 14.59
N HIS B 731 14.16 12.36 14.77
CA HIS B 731 14.49 12.89 16.10
C HIS B 731 13.30 12.74 17.06
N PHE B 732 12.11 13.11 16.58
CA PHE B 732 10.89 13.04 17.38
C PHE B 732 10.61 11.61 17.81
N ILE B 733 10.76 10.67 16.88
CA ILE B 733 10.48 9.25 17.16
C ILE B 733 11.48 8.65 18.13
N LYS B 734 12.77 8.92 17.92
CA LYS B 734 13.82 8.42 18.80
C LYS B 734 13.60 8.93 20.23
N GLN B 735 13.16 10.19 20.33
CA GLN B 735 12.85 10.82 21.59
C GLN B 735 11.66 10.17 22.31
N CYS B 736 10.58 9.92 21.58
CA CYS B 736 9.38 9.35 22.13
C CYS B 736 9.60 7.89 22.57
N PHE B 737 10.57 7.22 21.94
CA PHE B 737 10.94 5.84 22.28
C PHE B 737 12.17 5.74 23.18
N SER B 738 12.75 6.88 23.54
CA SER B 738 13.93 6.93 24.41
C SER B 738 15.16 6.25 23.77
N LEU B 739 15.29 6.38 22.45
CA LEU B 739 16.45 5.83 21.74
C LEU B 739 17.58 6.87 21.66
N PRO B 740 18.80 6.49 22.12
CA PRO B 740 19.92 7.43 22.27
C PRO B 740 20.39 8.11 20.97
N LYS C 15 53.33 -14.59 -47.35
CA LYS C 15 53.62 -15.98 -46.91
C LYS C 15 52.82 -16.36 -45.65
N THR C 16 52.67 -17.66 -45.41
CA THR C 16 51.77 -18.15 -44.37
C THR C 16 52.46 -18.93 -43.26
N TYR C 17 51.74 -19.13 -42.15
CA TYR C 17 52.21 -20.00 -41.07
C TYR C 17 52.23 -21.47 -41.53
N THR C 18 53.43 -22.00 -41.73
CA THR C 18 53.62 -23.33 -42.32
C THR C 18 53.76 -24.41 -41.25
N LEU C 19 53.64 -25.67 -41.66
CA LEU C 19 53.82 -26.76 -40.73
C LEU C 19 55.25 -26.76 -40.18
N THR C 20 56.21 -26.43 -41.04
CA THR C 20 57.61 -26.30 -40.62
C THR C 20 57.74 -25.17 -39.60
N ASP C 21 57.05 -24.06 -39.83
CA ASP C 21 57.08 -22.94 -38.90
C ASP C 21 56.70 -23.40 -37.52
N TYR C 22 55.61 -24.17 -37.44
CA TYR C 22 55.19 -24.77 -36.19
C TYR C 22 56.27 -25.73 -35.70
N LEU C 23 56.62 -26.72 -36.51
CA LEU C 23 57.52 -27.79 -36.06
C LEU C 23 58.93 -27.36 -35.70
N LYS C 24 59.50 -26.43 -36.47
CA LYS C 24 60.82 -25.90 -36.20
C LYS C 24 60.78 -24.79 -35.16
N ASN C 25 59.57 -24.34 -34.81
CA ASN C 25 59.37 -23.25 -33.84
C ASN C 25 60.09 -21.97 -34.30
N THR C 26 59.72 -21.53 -35.49
CA THR C 26 60.29 -20.36 -36.16
C THR C 26 59.88 -19.07 -35.47
N TYR C 27 58.63 -19.03 -35.01
CA TYR C 27 58.06 -17.84 -34.38
C TYR C 27 57.88 -18.09 -32.89
N ARG C 28 58.93 -17.76 -32.13
CA ARG C 28 59.03 -18.12 -30.73
C ARG C 28 58.27 -17.16 -29.81
N LEU C 29 57.69 -17.72 -28.74
CA LEU C 29 57.05 -16.92 -27.71
C LEU C 29 58.04 -16.61 -26.59
N LYS C 30 58.33 -15.32 -26.39
CA LYS C 30 59.19 -14.90 -25.29
C LYS C 30 58.44 -14.92 -23.95
N LEU C 31 59.07 -15.50 -22.94
CA LEU C 31 58.53 -15.54 -21.59
C LEU C 31 59.28 -14.53 -20.73
N TYR C 32 58.95 -14.51 -19.45
CA TYR C 32 59.68 -13.75 -18.45
C TYR C 32 59.52 -14.46 -17.12
N SER C 33 60.19 -15.60 -17.00
CA SER C 33 60.16 -16.42 -15.80
C SER C 33 61.00 -15.80 -14.70
N LEU C 34 60.42 -15.69 -13.50
CA LEU C 34 61.14 -15.17 -12.33
C LEU C 34 60.83 -15.95 -11.05
N ARG C 35 61.77 -15.91 -10.11
CA ARG C 35 61.60 -16.53 -8.80
C ARG C 35 61.84 -15.50 -7.70
N TRP C 36 60.78 -15.18 -6.95
CA TRP C 36 60.86 -14.22 -5.84
C TRP C 36 61.75 -14.77 -4.73
N ILE C 37 62.69 -13.94 -4.28
CA ILE C 37 63.68 -14.32 -3.27
C ILE C 37 63.31 -13.76 -1.88
N SER C 38 62.64 -12.61 -1.89
CA SER C 38 62.21 -11.94 -0.67
C SER C 38 60.84 -11.31 -0.95
N ASP C 39 60.61 -10.15 -0.34
CA ASP C 39 59.36 -9.42 -0.52
C ASP C 39 59.47 -8.32 -1.58
N HIS C 40 60.69 -8.08 -2.06
CA HIS C 40 60.93 -7.02 -3.04
C HIS C 40 62.07 -7.33 -4.03
N GLU C 41 62.49 -8.59 -4.08
CA GLU C 41 63.57 -9.00 -4.97
C GLU C 41 63.31 -10.38 -5.63
N TYR C 42 63.77 -10.52 -6.87
CA TYR C 42 63.61 -11.78 -7.62
C TYR C 42 64.78 -12.04 -8.57
N LEU C 43 64.90 -13.29 -9.02
CA LEU C 43 65.95 -13.69 -9.94
C LEU C 43 65.45 -13.77 -11.38
N TYR C 44 66.37 -13.63 -12.33
CA TYR C 44 66.04 -13.71 -13.75
C TYR C 44 67.18 -14.31 -14.57
N LYS C 45 66.87 -15.39 -15.29
CA LYS C 45 67.84 -16.10 -16.12
C LYS C 45 67.96 -15.45 -17.50
N GLN C 46 68.53 -16.19 -18.46
CA GLN C 46 68.69 -15.75 -19.86
C GLN C 46 68.88 -16.96 -20.80
N ASN C 49 73.47 -16.71 -17.53
CA ASN C 49 73.63 -15.64 -16.56
C ASN C 49 72.41 -15.46 -15.65
N ILE C 50 72.66 -15.29 -14.35
CA ILE C 50 71.58 -15.11 -13.37
C ILE C 50 71.71 -13.75 -12.67
N LEU C 51 70.65 -12.95 -12.78
CA LEU C 51 70.63 -11.60 -12.22
C LEU C 51 69.67 -11.50 -11.03
N VAL C 52 69.75 -10.38 -10.30
CA VAL C 52 68.79 -10.07 -9.23
C VAL C 52 68.19 -8.70 -9.54
N PHE C 53 66.86 -8.63 -9.57
CA PHE C 53 66.17 -7.39 -9.85
C PHE C 53 65.50 -6.83 -8.61
N ASN C 54 65.55 -5.50 -8.50
CA ASN C 54 64.93 -4.79 -7.40
C ASN C 54 63.57 -4.25 -7.86
N ALA C 55 62.50 -4.81 -7.30
CA ALA C 55 61.15 -4.38 -7.62
C ALA C 55 60.93 -2.93 -7.19
N GLU C 56 61.54 -2.56 -6.07
CA GLU C 56 61.53 -1.19 -5.55
C GLU C 56 61.81 -0.18 -6.66
N TYR C 57 62.93 -0.38 -7.36
CA TYR C 57 63.36 0.54 -8.42
C TYR C 57 63.58 -0.17 -9.75
N GLY C 58 64.56 -1.07 -9.79
CA GLY C 58 64.87 -1.83 -11.00
C GLY C 58 66.34 -2.04 -11.26
N ASN C 59 67.19 -1.62 -10.32
CA ASN C 59 68.62 -1.82 -10.50
C ASN C 59 68.99 -3.30 -10.51
N SER C 60 69.45 -3.76 -11.66
CA SER C 60 69.85 -5.14 -11.85
C SER C 60 71.36 -5.28 -11.67
N SER C 61 71.74 -6.17 -10.75
CA SER C 61 73.15 -6.50 -10.54
C SER C 61 73.31 -8.01 -10.57
N VAL C 62 74.41 -8.47 -11.18
CA VAL C 62 74.67 -9.88 -11.42
C VAL C 62 74.75 -10.70 -10.12
N PHE C 63 74.25 -11.94 -10.18
CA PHE C 63 74.28 -12.85 -9.04
C PHE C 63 75.12 -14.09 -9.35
N LEU C 64 75.01 -14.57 -10.58
CA LEU C 64 75.82 -15.68 -11.06
C LEU C 64 76.30 -15.45 -12.50
N GLU C 65 77.61 -15.57 -12.68
CA GLU C 65 78.23 -15.42 -13.98
C GLU C 65 77.88 -16.61 -14.86
N ASN C 66 77.85 -16.39 -16.18
CA ASN C 66 77.63 -17.47 -17.13
C ASN C 66 78.80 -18.47 -17.14
N SER C 67 79.90 -18.06 -16.50
CA SER C 67 81.12 -18.87 -16.43
C SER C 67 81.51 -19.30 -15.01
N THR C 68 80.53 -19.30 -14.08
CA THR C 68 80.77 -19.75 -12.70
C THR C 68 80.99 -21.26 -12.67
N PHE C 69 80.23 -21.98 -13.48
CA PHE C 69 80.35 -23.43 -13.60
C PHE C 69 80.71 -23.81 -15.04
N ASP C 70 81.57 -22.99 -15.63
CA ASP C 70 82.02 -23.15 -17.01
C ASP C 70 82.89 -24.40 -17.17
N GLU C 71 83.51 -24.83 -16.07
CA GLU C 71 84.26 -26.08 -16.05
C GLU C 71 83.79 -26.99 -14.89
N PHE C 72 82.48 -27.23 -14.87
CA PHE C 72 81.84 -28.08 -13.88
C PHE C 72 82.05 -29.56 -14.20
N GLY C 73 82.22 -29.87 -15.49
CA GLY C 73 82.43 -31.23 -15.95
C GLY C 73 81.13 -31.94 -16.34
N HIS C 74 80.01 -31.39 -15.88
CA HIS C 74 78.68 -31.92 -16.17
C HIS C 74 77.78 -30.85 -16.79
N SER C 75 76.55 -31.24 -17.13
CA SER C 75 75.57 -30.32 -17.70
C SER C 75 74.46 -30.00 -16.67
N ILE C 76 74.29 -28.72 -16.36
CA ILE C 76 73.33 -28.30 -15.34
C ILE C 76 71.91 -28.25 -15.90
N ASN C 77 71.06 -29.15 -15.42
CA ASN C 77 69.65 -29.16 -15.82
C ASN C 77 68.89 -27.97 -15.25
N ASP C 78 69.02 -27.78 -13.94
CA ASP C 78 68.26 -26.76 -13.22
C ASP C 78 69.01 -26.33 -11.95
N TYR C 79 68.69 -25.13 -11.46
CA TYR C 79 69.29 -24.58 -10.23
C TYR C 79 68.21 -24.27 -9.19
N SER C 80 68.61 -24.22 -7.92
CA SER C 80 67.69 -23.97 -6.81
C SER C 80 68.43 -23.39 -5.60
N ILE C 81 68.25 -22.08 -5.36
CA ILE C 81 68.90 -21.41 -4.23
C ILE C 81 68.17 -21.74 -2.93
N SER C 82 68.91 -21.77 -1.82
CA SER C 82 68.30 -21.91 -0.50
C SER C 82 67.67 -20.57 -0.11
N PRO C 83 66.60 -20.60 0.71
CA PRO C 83 65.89 -19.38 1.15
C PRO C 83 66.72 -18.35 1.93
N ASP C 84 67.89 -18.74 2.45
CA ASP C 84 68.77 -17.78 3.11
C ASP C 84 69.90 -17.31 2.18
N GLY C 85 69.85 -17.74 0.93
CA GLY C 85 70.81 -17.35 -0.10
C GLY C 85 72.26 -17.72 0.19
N GLN C 86 72.45 -18.74 1.02
CA GLN C 86 73.78 -19.21 1.40
C GLN C 86 74.26 -20.36 0.52
N PHE C 87 73.31 -21.09 -0.06
CA PHE C 87 73.63 -22.29 -0.84
C PHE C 87 72.82 -22.39 -2.14
N ILE C 88 73.49 -22.81 -3.20
CA ILE C 88 72.84 -23.09 -4.47
C ILE C 88 72.90 -24.59 -4.78
N LEU C 89 71.73 -25.16 -5.03
CA LEU C 89 71.61 -26.59 -5.36
C LEU C 89 71.72 -26.77 -6.87
N LEU C 90 72.47 -27.78 -7.28
CA LEU C 90 72.67 -28.04 -8.71
C LEU C 90 72.11 -29.39 -9.12
N GLU C 91 71.22 -29.36 -10.11
CA GLU C 91 70.57 -30.55 -10.62
C GLU C 91 71.21 -30.92 -11.95
N TYR C 92 71.68 -32.16 -12.04
CA TYR C 92 72.26 -32.71 -13.27
C TYR C 92 71.97 -34.20 -13.37
N ASN C 93 72.23 -34.78 -14.54
CA ASN C 93 71.85 -36.17 -14.83
C ASN C 93 70.34 -36.37 -14.69
N TYR C 94 69.57 -35.54 -15.39
CA TYR C 94 68.11 -35.61 -15.38
C TYR C 94 67.64 -36.82 -16.16
N VAL C 95 66.92 -37.72 -15.48
CA VAL C 95 66.30 -38.86 -16.15
C VAL C 95 64.80 -38.91 -15.80
N LYS C 96 63.99 -38.55 -16.79
CA LYS C 96 62.53 -38.42 -16.65
C LYS C 96 61.86 -39.74 -16.32
N GLN C 97 60.87 -39.70 -15.45
CA GLN C 97 60.08 -40.90 -15.22
C GLN C 97 58.68 -40.70 -15.81
N TRP C 98 57.75 -40.24 -14.99
CA TRP C 98 56.40 -39.97 -15.48
C TRP C 98 56.25 -38.50 -15.81
N ARG C 99 55.05 -37.94 -15.60
CA ARG C 99 54.74 -36.57 -16.01
C ARG C 99 55.46 -35.51 -15.17
N HIS C 100 55.62 -35.79 -13.87
CA HIS C 100 56.28 -34.87 -12.95
C HIS C 100 57.54 -35.50 -12.35
N SER C 101 57.45 -36.79 -12.02
CA SER C 101 58.57 -37.52 -11.44
C SER C 101 59.82 -37.57 -12.32
N TYR C 102 60.97 -37.56 -11.66
CA TYR C 102 62.26 -37.78 -12.32
C TYR C 102 63.31 -38.17 -11.29
N THR C 103 64.51 -38.46 -11.78
CA THR C 103 65.64 -38.84 -10.95
C THR C 103 66.84 -37.99 -11.39
N ALA C 104 67.65 -37.54 -10.42
CA ALA C 104 68.83 -36.72 -10.73
C ALA C 104 69.99 -36.84 -9.73
N SER C 105 71.16 -36.35 -10.14
CA SER C 105 72.32 -36.20 -9.28
C SER C 105 72.39 -34.74 -8.84
N TYR C 106 72.89 -34.52 -7.62
CA TYR C 106 72.89 -33.20 -7.01
C TYR C 106 74.21 -32.80 -6.33
N ASP C 107 74.62 -31.56 -6.59
CA ASP C 107 75.77 -30.97 -5.92
C ASP C 107 75.35 -29.64 -5.28
N ILE C 108 75.83 -29.40 -4.06
CA ILE C 108 75.59 -28.13 -3.38
C ILE C 108 76.84 -27.24 -3.52
N TYR C 109 76.60 -25.93 -3.58
CA TYR C 109 77.66 -24.96 -3.76
C TYR C 109 77.49 -23.84 -2.73
N ASP C 110 78.56 -23.56 -1.99
CA ASP C 110 78.55 -22.54 -0.94
C ASP C 110 78.63 -21.16 -1.58
N LEU C 111 77.71 -20.28 -1.22
CA LEU C 111 77.67 -18.92 -1.76
C LEU C 111 78.58 -17.93 -1.02
N ASN C 112 78.89 -18.23 0.23
CA ASN C 112 79.82 -17.44 1.03
C ASN C 112 81.26 -17.75 0.62
N LYS C 113 81.65 -19.02 0.76
CA LYS C 113 83.00 -19.49 0.41
C LYS C 113 83.17 -19.60 -1.10
N ARG C 114 82.05 -19.56 -1.82
CA ARG C 114 81.96 -19.80 -3.27
C ARG C 114 82.85 -20.93 -3.82
N GLN C 115 82.51 -22.15 -3.41
CA GLN C 115 83.15 -23.38 -3.86
C GLN C 115 82.20 -24.56 -3.71
N LEU C 116 82.50 -25.66 -4.40
CA LEU C 116 81.66 -26.87 -4.34
C LEU C 116 81.90 -27.64 -3.04
N ILE C 117 80.82 -28.07 -2.39
CA ILE C 117 80.93 -28.93 -1.20
C ILE C 117 81.25 -30.36 -1.64
N THR C 118 82.24 -30.96 -0.98
CA THR C 118 82.83 -32.22 -1.45
C THR C 118 82.57 -33.48 -0.58
N GLU C 119 82.16 -33.30 0.67
CA GLU C 119 81.84 -34.47 1.50
C GLU C 119 80.38 -34.48 1.99
N GLU C 120 79.87 -35.69 2.23
CA GLU C 120 78.48 -35.95 2.65
C GLU C 120 77.45 -35.54 1.60
N ARG C 121 77.80 -35.77 0.33
CA ARG C 121 77.00 -35.33 -0.81
C ARG C 121 75.69 -36.09 -0.98
N ILE C 122 74.72 -35.44 -1.61
CA ILE C 122 73.44 -36.05 -1.97
C ILE C 122 73.69 -37.13 -3.03
N PRO C 123 73.22 -38.36 -2.77
CA PRO C 123 73.51 -39.52 -3.62
C PRO C 123 73.03 -39.39 -5.06
N ASN C 124 73.55 -40.26 -5.93
CA ASN C 124 73.05 -40.40 -7.29
C ASN C 124 71.66 -41.00 -7.22
N ASN C 125 70.85 -40.74 -8.25
CA ASN C 125 69.47 -41.25 -8.35
C ASN C 125 68.55 -40.78 -7.23
N THR C 126 68.67 -39.50 -6.89
CA THR C 126 67.78 -38.89 -5.91
C THR C 126 66.44 -38.57 -6.58
N GLN C 127 65.37 -38.90 -5.86
CA GLN C 127 64.02 -38.83 -6.40
C GLN C 127 63.35 -37.47 -6.22
N TRP C 128 63.66 -36.80 -5.11
CA TRP C 128 63.19 -35.43 -4.86
C TRP C 128 64.09 -34.72 -3.85
N VAL C 129 64.23 -33.40 -4.00
CA VAL C 129 64.95 -32.56 -3.06
C VAL C 129 64.20 -31.24 -2.84
N THR C 130 64.10 -30.83 -1.57
CA THR C 130 63.46 -29.57 -1.22
C THR C 130 64.15 -28.88 -0.02
N TRP C 131 64.45 -27.60 -0.17
CA TRP C 131 64.94 -26.80 0.94
C TRP C 131 63.81 -26.63 1.92
N SER C 132 64.14 -26.28 3.16
CA SER C 132 63.13 -25.84 4.11
C SER C 132 62.67 -24.45 3.62
N PRO C 133 61.50 -23.98 4.07
CA PRO C 133 61.00 -22.69 3.56
C PRO C 133 61.85 -21.49 4.00
N VAL C 134 62.56 -21.67 5.12
CA VAL C 134 63.51 -20.67 5.63
C VAL C 134 64.81 -21.38 6.05
N GLY C 135 65.94 -20.69 5.91
CA GLY C 135 67.22 -21.27 6.26
C GLY C 135 67.81 -22.12 5.15
N HIS C 136 68.45 -23.22 5.52
CA HIS C 136 69.03 -24.15 4.55
C HIS C 136 68.96 -25.62 4.96
N LYS C 137 67.98 -25.97 5.79
CA LYS C 137 67.66 -27.37 6.08
C LYS C 137 67.25 -28.03 4.77
N LEU C 138 67.54 -29.32 4.64
CA LEU C 138 67.33 -29.98 3.37
C LEU C 138 66.76 -31.40 3.53
N ALA C 139 65.74 -31.69 2.74
CA ALA C 139 65.13 -33.02 2.72
C ALA C 139 65.23 -33.62 1.32
N TYR C 140 65.47 -34.93 1.27
CA TYR C 140 65.52 -35.64 0.01
C TYR C 140 65.06 -37.09 0.14
N VAL C 141 64.58 -37.63 -0.98
CA VAL C 141 64.13 -39.01 -1.06
C VAL C 141 65.03 -39.78 -2.02
N TRP C 142 65.54 -40.90 -1.53
CA TRP C 142 66.46 -41.74 -2.28
C TRP C 142 66.13 -43.17 -1.90
N ASN C 143 65.98 -44.02 -2.90
CA ASN C 143 65.55 -45.41 -2.71
C ASN C 143 64.27 -45.51 -1.92
N ASN C 144 63.36 -44.58 -2.21
CA ASN C 144 62.02 -44.51 -1.60
C ASN C 144 62.01 -44.22 -0.10
N ASP C 145 63.14 -43.77 0.44
CA ASP C 145 63.21 -43.38 1.85
C ASP C 145 63.56 -41.90 2.00
N ILE C 146 63.22 -41.33 3.16
CA ILE C 146 63.44 -39.90 3.44
C ILE C 146 64.70 -39.66 4.26
N TYR C 147 65.49 -38.67 3.81
CA TYR C 147 66.71 -38.28 4.49
C TYR C 147 66.71 -36.77 4.71
N VAL C 148 67.19 -36.34 5.88
CA VAL C 148 67.27 -34.91 6.22
C VAL C 148 68.70 -34.47 6.59
N LYS C 149 69.21 -33.47 5.87
CA LYS C 149 70.47 -32.83 6.20
C LYS C 149 70.19 -31.47 6.84
N ILE C 150 70.65 -31.28 8.06
CA ILE C 150 70.46 -30.02 8.78
C ILE C 150 71.42 -28.98 8.20
N GLU C 151 72.58 -29.47 7.76
CA GLU C 151 73.58 -28.64 7.12
C GLU C 151 74.06 -29.40 5.89
N PRO C 152 74.32 -28.69 4.78
CA PRO C 152 74.88 -29.30 3.57
C PRO C 152 76.08 -30.22 3.80
N ASN C 153 77.00 -29.80 4.69
CA ASN C 153 78.23 -30.53 4.96
C ASN C 153 78.09 -31.69 5.95
N LEU C 154 77.04 -31.66 6.78
CA LEU C 154 76.81 -32.70 7.79
C LEU C 154 76.26 -33.99 7.17
N PRO C 155 76.48 -35.14 7.85
CA PRO C 155 75.84 -36.37 7.40
C PRO C 155 74.32 -36.28 7.60
N SER C 156 73.56 -36.88 6.69
CA SER C 156 72.10 -36.81 6.77
C SER C 156 71.54 -37.79 7.79
N TYR C 157 70.34 -37.47 8.27
CA TYR C 157 69.61 -38.36 9.16
C TYR C 157 68.58 -39.09 8.32
N ARG C 158 68.49 -40.40 8.53
CA ARG C 158 67.53 -41.23 7.83
C ARG C 158 66.22 -41.28 8.61
N ILE C 159 65.17 -40.72 8.01
CA ILE C 159 63.84 -40.60 8.63
C ILE C 159 63.02 -41.89 8.52
N THR C 160 63.14 -42.57 7.38
CA THR C 160 62.40 -43.80 7.13
C THR C 160 63.34 -44.92 6.68
N TRP C 161 62.94 -46.16 6.99
CA TRP C 161 63.75 -47.34 6.68
C TRP C 161 62.90 -48.42 6.00
N THR C 162 61.76 -48.02 5.43
CA THR C 162 60.80 -48.98 4.88
C THR C 162 60.64 -48.93 3.36
N GLY C 163 61.32 -47.96 2.73
CA GLY C 163 61.24 -47.75 1.28
C GLY C 163 61.64 -48.96 0.44
N LYS C 164 60.71 -49.39 -0.42
CA LYS C 164 60.90 -50.56 -1.27
C LYS C 164 60.28 -50.32 -2.64
N GLU C 165 61.08 -50.47 -3.69
CA GLU C 165 60.68 -50.18 -5.06
C GLU C 165 59.35 -50.82 -5.42
N ASP C 166 58.43 -50.01 -5.96
CA ASP C 166 57.08 -50.46 -6.37
C ASP C 166 56.18 -51.00 -5.24
N ILE C 167 56.58 -50.81 -3.98
CA ILE C 167 55.75 -51.27 -2.86
C ILE C 167 55.53 -50.16 -1.82
N ILE C 168 56.61 -49.62 -1.26
CA ILE C 168 56.53 -48.58 -0.23
C ILE C 168 57.19 -47.27 -0.70
N TYR C 169 56.45 -46.17 -0.56
CA TYR C 169 56.88 -44.87 -1.02
C TYR C 169 56.81 -43.86 0.11
N ASN C 170 57.95 -43.39 0.57
CA ASN C 170 57.99 -42.37 1.61
C ASN C 170 58.44 -41.04 1.02
N GLY C 171 57.59 -40.02 1.13
CA GLY C 171 57.93 -38.68 0.68
C GLY C 171 57.79 -38.46 -0.80
N ILE C 172 57.37 -39.50 -1.52
CA ILE C 172 57.08 -39.42 -2.95
C ILE C 172 55.77 -40.16 -3.25
N THR C 173 55.08 -39.75 -4.29
CA THR C 173 53.83 -40.38 -4.68
C THR C 173 54.06 -41.61 -5.54
N ASP C 174 53.03 -42.46 -5.61
CA ASP C 174 53.03 -43.59 -6.56
C ASP C 174 52.33 -43.11 -7.83
N TRP C 175 52.25 -43.96 -8.86
CA TRP C 175 51.78 -43.51 -10.19
C TRP C 175 50.46 -42.72 -10.13
N VAL C 176 49.46 -43.29 -9.45
CA VAL C 176 48.13 -42.70 -9.48
C VAL C 176 48.00 -41.44 -8.65
N TYR C 177 48.81 -41.34 -7.60
CA TYR C 177 48.86 -40.12 -6.79
C TYR C 177 49.60 -38.99 -7.51
N GLU C 178 50.61 -39.35 -8.30
CA GLU C 178 51.36 -38.38 -9.08
C GLU C 178 50.51 -37.76 -10.18
N GLU C 179 49.85 -38.59 -10.97
CA GLU C 179 49.12 -38.13 -12.14
C GLU C 179 47.74 -37.54 -11.83
N GLU C 180 47.11 -38.02 -10.75
CA GLU C 180 45.69 -37.75 -10.51
C GLU C 180 45.29 -37.05 -9.22
N VAL C 181 46.17 -37.03 -8.22
CA VAL C 181 45.83 -36.40 -6.94
C VAL C 181 46.64 -35.13 -6.67
N PHE C 182 47.97 -35.26 -6.62
CA PHE C 182 48.85 -34.14 -6.29
C PHE C 182 49.51 -33.43 -7.47
N SER C 183 49.38 -34.00 -8.67
CA SER C 183 50.02 -33.43 -9.87
C SER C 183 51.46 -33.06 -9.54
N ALA C 184 52.12 -33.96 -8.81
CA ALA C 184 53.52 -33.80 -8.42
C ALA C 184 54.07 -35.09 -7.84
N TYR C 185 55.40 -35.20 -7.87
CA TYR C 185 56.12 -36.36 -7.36
C TYR C 185 56.29 -36.36 -5.84
N SER C 186 56.46 -35.17 -5.25
CA SER C 186 56.79 -35.09 -3.83
C SER C 186 55.58 -35.24 -2.90
N ALA C 187 55.84 -35.86 -1.75
CA ALA C 187 54.86 -35.97 -0.69
C ALA C 187 55.56 -35.58 0.62
N LEU C 188 56.22 -34.42 0.57
CA LEU C 188 56.94 -33.82 1.68
C LEU C 188 56.48 -32.39 1.88
N TRP C 189 56.00 -32.08 3.08
CA TRP C 189 55.56 -30.72 3.39
C TRP C 189 56.24 -30.22 4.65
N TRP C 190 57.10 -29.21 4.50
CA TRP C 190 57.75 -28.56 5.63
C TRP C 190 56.75 -27.65 6.36
N SER C 191 56.93 -27.47 7.67
CA SER C 191 56.17 -26.44 8.40
C SER C 191 56.79 -25.08 8.05
N PRO C 192 56.01 -23.98 8.18
CA PRO C 192 56.49 -22.66 7.69
C PRO C 192 57.91 -22.26 8.10
N ASN C 193 58.28 -22.43 9.38
CA ASN C 193 59.65 -22.10 9.81
C ASN C 193 60.65 -23.26 9.74
N GLY C 194 60.23 -24.36 9.11
CA GLY C 194 61.09 -25.52 8.88
C GLY C 194 61.48 -26.32 10.11
N THR C 195 60.55 -26.45 11.07
CA THR C 195 60.80 -27.23 12.29
C THR C 195 60.36 -28.67 12.08
N PHE C 196 59.10 -28.84 11.70
CA PHE C 196 58.55 -30.15 11.38
C PHE C 196 58.64 -30.47 9.88
N LEU C 197 58.78 -31.75 9.58
CA LEU C 197 58.63 -32.24 8.21
C LEU C 197 57.48 -33.24 8.22
N ALA C 198 56.43 -32.92 7.47
CA ALA C 198 55.29 -33.81 7.30
C ALA C 198 55.44 -34.57 6.00
N TYR C 199 55.06 -35.85 6.01
CA TYR C 199 55.19 -36.67 4.81
C TYR C 199 54.14 -37.77 4.70
N ALA C 200 53.96 -38.25 3.47
CA ALA C 200 53.06 -39.36 3.18
C ALA C 200 53.83 -40.63 2.79
N GLN C 201 53.33 -41.77 3.26
CA GLN C 201 53.77 -43.09 2.84
C GLN C 201 52.65 -43.83 2.11
N PHE C 202 52.95 -44.30 0.90
CA PHE C 202 52.00 -45.06 0.07
C PHE C 202 52.37 -46.54 0.04
N ASN C 203 51.35 -47.39 0.01
CA ASN C 203 51.53 -48.84 0.02
C ASN C 203 50.87 -49.49 -1.21
N ASP C 204 51.68 -50.02 -2.12
CA ASP C 204 51.16 -50.56 -3.39
C ASP C 204 51.12 -52.09 -3.48
N THR C 205 51.23 -52.75 -2.32
CA THR C 205 51.35 -54.21 -2.24
C THR C 205 50.33 -54.98 -3.10
N GLU C 206 49.06 -54.62 -3.00
CA GLU C 206 48.07 -55.38 -3.74
C GLU C 206 47.61 -54.69 -5.04
N VAL C 207 48.29 -53.60 -5.39
CA VAL C 207 47.97 -52.88 -6.61
C VAL C 207 48.45 -53.67 -7.83
N PRO C 208 47.51 -54.18 -8.65
CA PRO C 208 47.94 -54.94 -9.82
C PRO C 208 48.89 -54.12 -10.70
N LEU C 209 49.74 -54.79 -11.46
CA LEU C 209 50.74 -54.10 -12.28
C LEU C 209 50.30 -54.07 -13.71
N ILE C 210 50.49 -52.94 -14.36
CA ILE C 210 50.39 -52.89 -15.82
C ILE C 210 51.75 -53.34 -16.33
N GLU C 211 51.77 -54.21 -17.35
CA GLU C 211 53.02 -54.62 -17.98
C GLU C 211 53.05 -54.25 -19.47
N TYR C 212 54.19 -53.75 -19.94
CA TYR C 212 54.34 -53.39 -21.37
C TYR C 212 55.78 -53.41 -21.89
N SER C 213 55.93 -53.59 -23.19
CA SER C 213 57.26 -53.76 -23.79
C SER C 213 57.98 -52.45 -24.03
N PHE C 214 59.21 -52.35 -23.51
CA PHE C 214 60.06 -51.25 -23.90
C PHE C 214 61.12 -51.78 -24.84
N TYR C 215 61.17 -51.24 -26.06
CA TYR C 215 62.07 -51.75 -27.10
C TYR C 215 63.50 -51.23 -26.98
N SER C 216 63.65 -50.05 -26.39
CA SER C 216 64.94 -49.36 -26.24
C SER C 216 65.71 -49.18 -27.55
N ASP C 217 67.02 -48.97 -27.43
CA ASP C 217 67.92 -48.81 -28.58
C ASP C 217 67.97 -50.00 -29.51
N GLU C 218 68.28 -49.72 -30.77
CA GLU C 218 68.48 -50.74 -31.79
C GLU C 218 69.40 -51.85 -31.26
N SER C 219 70.27 -51.48 -30.32
CA SER C 219 71.21 -52.43 -29.70
C SER C 219 70.63 -53.42 -28.67
N LEU C 220 69.47 -53.11 -28.06
CA LEU C 220 68.84 -54.02 -27.08
C LEU C 220 68.33 -55.28 -27.79
N GLN C 221 68.95 -56.43 -27.52
CA GLN C 221 68.61 -57.65 -28.26
C GLN C 221 67.27 -58.25 -27.82
N TYR C 222 67.02 -58.24 -26.53
CA TYR C 222 65.72 -58.67 -26.03
C TYR C 222 65.00 -57.47 -25.45
N PRO C 223 63.72 -57.28 -25.85
CA PRO C 223 62.90 -56.19 -25.36
C PRO C 223 62.69 -56.30 -23.87
N LYS C 224 62.62 -55.15 -23.23
CA LYS C 224 62.48 -55.03 -21.80
C LYS C 224 60.99 -54.95 -21.47
N THR C 225 60.58 -55.52 -20.35
CA THR C 225 59.18 -55.40 -19.94
C THR C 225 59.06 -54.48 -18.74
N VAL C 226 58.35 -53.37 -18.92
CA VAL C 226 58.11 -52.43 -17.85
C VAL C 226 56.94 -52.91 -17.01
N ARG C 227 57.10 -52.82 -15.69
CA ARG C 227 56.09 -53.21 -14.71
C ARG C 227 55.87 -52.06 -13.72
N VAL C 228 54.64 -51.54 -13.68
CA VAL C 228 54.31 -50.39 -12.84
C VAL C 228 52.98 -50.69 -12.14
N PRO C 229 52.92 -50.53 -10.79
CA PRO C 229 51.65 -50.65 -10.08
C PRO C 229 50.69 -49.56 -10.54
N TYR C 230 49.48 -49.95 -10.93
CA TYR C 230 48.57 -49.02 -11.56
C TYR C 230 47.18 -49.53 -11.38
N PRO C 231 46.37 -48.79 -10.61
CA PRO C 231 45.05 -49.31 -10.37
C PRO C 231 44.06 -48.88 -11.45
N LYS C 232 43.62 -49.84 -12.25
CA LYS C 232 42.53 -49.59 -13.19
C LYS C 232 41.21 -49.56 -12.39
N ALA C 233 40.16 -49.05 -13.02
CA ALA C 233 38.87 -48.84 -12.37
C ALA C 233 38.36 -50.06 -11.57
N GLY C 234 38.15 -49.87 -10.27
CA GLY C 234 37.59 -50.90 -9.41
C GLY C 234 38.61 -51.87 -8.87
N ALA C 235 39.87 -51.71 -9.25
CA ALA C 235 40.95 -52.54 -8.74
C ALA C 235 41.37 -52.07 -7.35
N VAL C 236 42.19 -52.87 -6.67
CA VAL C 236 42.75 -52.50 -5.37
C VAL C 236 43.64 -51.25 -5.54
N ASN C 237 43.35 -50.23 -4.72
CA ASN C 237 44.10 -48.98 -4.71
C ASN C 237 45.26 -49.01 -3.71
N PRO C 238 46.26 -48.14 -3.90
CA PRO C 238 47.27 -47.91 -2.88
C PRO C 238 46.62 -47.40 -1.60
N THR C 239 47.07 -47.91 -0.44
CA THR C 239 46.65 -47.36 0.85
C THR C 239 47.64 -46.25 1.23
N VAL C 240 47.31 -45.45 2.23
CA VAL C 240 48.11 -44.27 2.54
C VAL C 240 48.11 -43.94 4.03
N LYS C 241 49.30 -43.58 4.54
CA LYS C 241 49.46 -43.15 5.92
C LYS C 241 50.10 -41.77 5.94
N PHE C 242 49.91 -41.04 7.03
CA PHE C 242 50.51 -39.71 7.19
C PHE C 242 51.33 -39.56 8.47
N PHE C 243 52.53 -38.99 8.34
CA PHE C 243 53.47 -38.82 9.45
C PHE C 243 54.01 -37.40 9.55
N VAL C 244 54.44 -37.03 10.75
CA VAL C 244 55.15 -35.76 10.98
C VAL C 244 56.29 -36.02 11.96
N VAL C 245 57.50 -35.65 11.54
CA VAL C 245 58.68 -35.78 12.36
C VAL C 245 59.24 -34.39 12.74
N ASN C 246 59.74 -34.27 13.97
CA ASN C 246 60.38 -33.06 14.44
C ASN C 246 61.85 -33.11 14.01
N THR C 247 62.26 -32.18 13.16
CA THR C 247 63.64 -32.16 12.65
C THR C 247 64.65 -31.44 13.56
N ASP C 248 64.17 -30.58 14.45
CA ASP C 248 65.06 -29.85 15.36
C ASP C 248 65.69 -30.72 16.45
N SER C 249 64.93 -31.70 16.93
CA SER C 249 65.39 -32.63 17.97
C SER C 249 65.86 -33.94 17.35
N LEU C 250 66.78 -33.84 16.38
CA LEU C 250 67.22 -35.00 15.62
C LEU C 250 68.57 -35.53 16.09
N SER C 251 68.62 -36.82 16.42
CA SER C 251 69.81 -37.44 17.01
C SER C 251 70.48 -38.45 16.08
N SER C 252 71.80 -38.48 16.09
CA SER C 252 72.57 -39.42 15.26
C SER C 252 72.77 -40.77 15.96
N VAL C 253 72.52 -40.82 17.27
CA VAL C 253 72.70 -42.04 18.06
C VAL C 253 71.38 -42.82 18.20
N THR C 254 70.29 -42.28 17.67
CA THR C 254 68.98 -42.95 17.71
C THR C 254 68.16 -42.73 16.42
N ASN C 255 67.35 -43.73 16.06
CA ASN C 255 66.43 -43.61 14.91
C ASN C 255 65.36 -42.55 15.18
N ALA C 256 65.12 -41.68 14.21
CA ALA C 256 64.10 -40.63 14.33
C ALA C 256 62.69 -41.21 14.40
N THR C 257 61.92 -40.75 15.37
CA THR C 257 60.55 -41.24 15.58
C THR C 257 59.50 -40.33 14.92
N SER C 258 58.77 -40.89 13.96
CA SER C 258 57.72 -40.16 13.23
C SER C 258 56.34 -40.33 13.85
N ILE C 259 55.63 -39.22 14.00
CA ILE C 259 54.28 -39.24 14.59
C ILE C 259 53.23 -39.43 13.51
N GLN C 260 52.43 -40.48 13.66
CA GLN C 260 51.36 -40.74 12.71
C GLN C 260 50.08 -40.00 13.09
N ILE C 261 49.51 -39.31 12.11
CA ILE C 261 48.17 -38.75 12.24
C ILE C 261 47.26 -39.66 11.45
N THR C 262 46.32 -40.30 12.14
CA THR C 262 45.36 -41.21 11.51
C THR C 262 44.26 -40.42 10.81
N ALA C 263 43.55 -41.10 9.90
CA ALA C 263 42.43 -40.47 9.19
C ALA C 263 41.17 -40.57 10.05
N PRO C 264 40.19 -39.69 9.81
CA PRO C 264 38.96 -39.72 10.63
C PRO C 264 38.16 -41.00 10.42
N ALA C 265 37.38 -41.38 11.44
CA ALA C 265 36.54 -42.59 11.40
C ALA C 265 35.76 -42.71 10.10
N SER C 266 35.12 -41.63 9.69
CA SER C 266 34.29 -41.62 8.49
C SER C 266 35.05 -42.01 7.22
N MET C 267 36.37 -41.93 7.26
CA MET C 267 37.22 -42.35 6.12
C MET C 267 37.73 -43.77 6.32
N LEU C 268 38.11 -44.11 7.55
CA LEU C 268 38.61 -45.45 7.88
C LEU C 268 37.63 -46.58 7.56
N ILE C 269 36.34 -46.30 7.60
CA ILE C 269 35.31 -47.28 7.24
C ILE C 269 35.54 -47.98 5.88
N GLY C 270 36.31 -47.37 4.99
CA GLY C 270 36.57 -47.96 3.67
C GLY C 270 37.75 -47.35 2.93
N ASP C 271 37.77 -47.56 1.62
CA ASP C 271 38.83 -47.01 0.77
C ASP C 271 38.79 -45.48 0.74
N HIS C 272 39.93 -44.84 0.90
CA HIS C 272 40.01 -43.39 0.87
C HIS C 272 41.31 -42.89 0.24
N TYR C 273 41.44 -41.57 0.12
CA TYR C 273 42.68 -40.94 -0.32
C TYR C 273 43.00 -39.77 0.58
N LEU C 274 44.29 -39.49 0.71
CA LEU C 274 44.73 -38.23 1.26
C LEU C 274 44.79 -37.30 0.06
N CYS C 275 44.05 -36.18 0.10
CA CYS C 275 43.98 -35.35 -1.12
C CYS C 275 44.53 -33.94 -1.01
N ASP C 276 44.90 -33.53 0.19
CA ASP C 276 45.46 -32.19 0.40
C ASP C 276 46.19 -32.02 1.74
N VAL C 277 47.33 -31.35 1.71
CA VAL C 277 48.08 -31.02 2.92
C VAL C 277 48.43 -29.53 2.92
N THR C 278 48.06 -28.84 4.00
CA THR C 278 48.35 -27.41 4.17
C THR C 278 48.69 -27.13 5.63
N TRP C 279 49.81 -26.48 5.87
CA TRP C 279 50.15 -26.01 7.23
C TRP C 279 49.43 -24.70 7.50
N ALA C 280 48.83 -24.58 8.68
CA ALA C 280 48.16 -23.34 9.08
C ALA C 280 49.13 -22.40 9.80
N THR C 281 49.89 -22.97 10.74
CA THR C 281 50.87 -22.24 11.54
C THR C 281 52.06 -23.17 11.78
N GLN C 282 52.89 -22.83 12.76
CA GLN C 282 54.09 -23.61 13.09
C GLN C 282 53.77 -24.92 13.80
N GLU C 283 52.62 -24.96 14.46
CA GLU C 283 52.19 -26.12 15.23
C GLU C 283 50.81 -26.64 14.81
N ARG C 284 50.33 -26.18 13.66
CA ARG C 284 48.99 -26.55 13.19
C ARG C 284 48.96 -26.92 11.71
N ILE C 285 48.52 -28.14 11.43
CA ILE C 285 48.45 -28.66 10.07
C ILE C 285 47.02 -29.08 9.69
N SER C 286 46.61 -28.77 8.46
CA SER C 286 45.30 -29.21 7.97
C SER C 286 45.43 -30.23 6.83
N LEU C 287 44.69 -31.33 6.95
CA LEU C 287 44.70 -32.40 5.96
C LEU C 287 43.31 -32.68 5.42
N GLN C 288 43.21 -32.95 4.12
CA GLN C 288 41.94 -33.32 3.53
C GLN C 288 41.96 -34.73 3.00
N TRP C 289 41.00 -35.52 3.48
CA TRP C 289 40.84 -36.89 3.05
C TRP C 289 39.61 -36.96 2.16
N LEU C 290 39.60 -37.93 1.23
CA LEU C 290 38.52 -38.08 0.25
C LEU C 290 38.13 -39.56 0.19
N ARG C 291 36.85 -39.88 0.30
CA ARG C 291 36.41 -41.27 0.16
C ARG C 291 36.65 -41.76 -1.26
N ARG C 292 36.71 -43.09 -1.43
CA ARG C 292 36.94 -43.67 -2.76
C ARG C 292 35.83 -43.25 -3.74
N ILE C 293 34.59 -43.23 -3.25
CA ILE C 293 33.51 -42.57 -3.98
C ILE C 293 33.71 -41.09 -3.69
N GLN C 294 34.06 -40.32 -4.72
CA GLN C 294 34.56 -38.98 -4.49
C GLN C 294 33.49 -37.89 -4.30
N ASN C 295 32.49 -38.17 -3.47
CA ASN C 295 31.47 -37.17 -3.16
C ASN C 295 31.34 -36.82 -1.68
N TYR C 296 32.40 -37.11 -0.92
CA TYR C 296 32.42 -36.86 0.51
C TYR C 296 33.88 -36.72 0.97
N SER C 297 34.27 -35.54 1.43
CA SER C 297 35.60 -35.33 1.99
C SER C 297 35.56 -34.62 3.34
N VAL C 298 36.54 -34.94 4.18
CA VAL C 298 36.68 -34.35 5.49
C VAL C 298 38.02 -33.61 5.60
N MET C 299 37.99 -32.44 6.22
CA MET C 299 39.21 -31.74 6.55
C MET C 299 39.47 -31.79 8.04
N ASP C 300 40.62 -32.34 8.40
CA ASP C 300 41.07 -32.40 9.79
C ASP C 300 42.08 -31.29 10.08
N ILE C 301 41.86 -30.57 11.18
CA ILE C 301 42.84 -29.61 11.67
C ILE C 301 43.49 -30.25 12.88
N CYS C 302 44.80 -30.40 12.83
CA CYS C 302 45.54 -31.09 13.87
C CYS C 302 46.60 -30.22 14.55
N ASP C 303 46.62 -30.28 15.88
CA ASP C 303 47.52 -29.45 16.69
C ASP C 303 48.62 -30.23 17.39
N TYR C 304 49.81 -29.64 17.42
CA TYR C 304 50.94 -30.21 18.13
C TYR C 304 50.82 -29.97 19.65
N ASP C 305 50.92 -31.05 20.42
CA ASP C 305 50.88 -30.97 21.89
C ASP C 305 52.30 -30.98 22.44
N GLU C 306 52.67 -29.91 23.14
CA GLU C 306 53.99 -29.74 23.75
C GLU C 306 54.39 -30.87 24.72
N SER C 307 53.48 -31.22 25.62
CA SER C 307 53.74 -32.20 26.68
C SER C 307 53.80 -33.67 26.21
N SER C 308 52.83 -34.09 25.40
CA SER C 308 52.77 -35.47 24.92
C SER C 308 53.63 -35.72 23.66
N GLY C 309 53.96 -34.64 22.94
CA GLY C 309 54.74 -34.75 21.71
C GLY C 309 53.95 -35.31 20.52
N ARG C 310 52.65 -35.48 20.73
CA ARG C 310 51.78 -36.07 19.72
C ARG C 310 50.89 -35.01 19.08
N TRP C 311 50.22 -35.38 17.98
CA TRP C 311 49.33 -34.48 17.25
C TRP C 311 47.87 -34.90 17.42
N ASN C 312 47.03 -33.97 17.88
CA ASN C 312 45.62 -34.25 18.07
C ASN C 312 44.75 -33.44 17.12
N CYS C 313 43.69 -34.08 16.61
CA CYS C 313 42.72 -33.43 15.76
C CYS C 313 41.37 -33.57 16.44
N LEU C 314 40.82 -32.43 16.87
CA LEU C 314 39.54 -32.41 17.57
C LEU C 314 38.40 -32.62 16.58
N VAL C 315 37.50 -33.55 16.91
CA VAL C 315 36.31 -33.85 16.10
C VAL C 315 35.49 -32.59 15.84
N ALA C 316 35.54 -31.65 16.77
CA ALA C 316 34.80 -30.38 16.66
C ALA C 316 35.44 -29.41 15.66
N ARG C 317 36.61 -29.78 15.14
CA ARG C 317 37.31 -28.95 14.16
C ARG C 317 37.30 -29.56 12.76
N GLN C 318 36.49 -30.59 12.56
CA GLN C 318 36.38 -31.27 11.28
C GLN C 318 35.37 -30.59 10.39
N HIS C 319 35.73 -30.45 9.11
CA HIS C 319 34.86 -29.81 8.15
C HIS C 319 34.54 -30.72 6.98
N ILE C 320 33.25 -30.86 6.71
CA ILE C 320 32.75 -31.77 5.71
C ILE C 320 32.39 -31.01 4.44
N GLU C 321 32.91 -31.50 3.32
CA GLU C 321 32.57 -30.99 2.01
C GLU C 321 31.99 -32.19 1.24
N MET C 322 30.67 -32.21 1.10
CA MET C 322 30.00 -33.26 0.34
C MET C 322 29.31 -32.69 -0.90
N SER C 323 28.91 -33.55 -1.82
CA SER C 323 28.16 -33.16 -3.01
C SER C 323 27.09 -34.18 -3.31
N THR C 324 25.93 -33.71 -3.74
CA THR C 324 24.83 -34.61 -4.09
C THR C 324 24.70 -34.79 -5.59
N THR C 325 25.12 -33.77 -6.34
CA THR C 325 24.92 -33.77 -7.77
C THR C 325 26.10 -34.36 -8.52
N GLY C 326 27.28 -34.38 -7.88
CA GLY C 326 28.48 -34.91 -8.52
C GLY C 326 29.59 -35.26 -7.54
N TRP C 327 30.83 -34.98 -7.96
CA TRP C 327 32.00 -35.14 -7.12
C TRP C 327 32.34 -33.81 -6.45
N VAL C 328 33.39 -33.82 -5.65
CA VAL C 328 33.72 -32.67 -4.82
C VAL C 328 34.98 -32.01 -5.36
N GLY C 329 34.93 -30.69 -5.52
CA GLY C 329 36.01 -29.93 -6.13
C GLY C 329 35.98 -30.09 -7.64
N ARG C 330 36.85 -29.36 -8.34
CA ARG C 330 36.94 -29.49 -9.79
C ARG C 330 37.60 -30.81 -10.17
N PHE C 331 38.73 -31.13 -9.54
CA PHE C 331 39.43 -32.41 -9.71
C PHE C 331 39.70 -33.03 -8.34
N ARG C 332 39.73 -32.18 -7.32
CA ARG C 332 39.92 -32.58 -5.93
C ARG C 332 39.43 -31.42 -5.07
N PRO C 333 39.04 -31.66 -3.80
CA PRO C 333 38.62 -30.52 -2.98
C PRO C 333 39.68 -29.41 -2.95
N SER C 334 39.25 -28.16 -3.06
CA SER C 334 40.13 -26.99 -3.03
C SER C 334 40.97 -26.86 -1.74
N GLU C 335 42.04 -26.11 -1.82
CA GLU C 335 42.95 -25.92 -0.69
C GLU C 335 42.56 -24.70 0.18
N PRO C 336 42.73 -24.83 1.51
CA PRO C 336 42.44 -23.71 2.40
C PRO C 336 43.53 -22.65 2.42
N HIS C 337 43.15 -21.40 2.63
CA HIS C 337 44.12 -20.33 2.84
C HIS C 337 43.90 -19.72 4.21
N PHE C 338 44.78 -20.09 5.13
CA PHE C 338 44.65 -19.71 6.53
C PHE C 338 45.09 -18.29 6.81
N THR C 339 44.35 -17.65 7.73
CA THR C 339 44.73 -16.37 8.29
C THR C 339 46.00 -16.57 9.14
N LEU C 340 46.81 -15.53 9.28
CA LEU C 340 48.10 -15.59 10.00
C LEU C 340 48.04 -16.29 11.37
N ASP C 341 46.97 -16.09 12.12
CA ASP C 341 46.85 -16.77 13.41
C ASP C 341 46.39 -18.23 13.27
N GLY C 342 45.87 -18.58 12.10
CA GLY C 342 45.43 -19.96 11.82
C GLY C 342 44.11 -20.40 12.44
N ASN C 343 43.30 -19.44 12.89
CA ASN C 343 41.99 -19.76 13.48
C ASN C 343 40.88 -19.63 12.44
N SER C 344 41.24 -19.15 11.26
CA SER C 344 40.31 -18.98 10.17
C SER C 344 40.97 -19.32 8.85
N PHE C 345 40.16 -19.61 7.84
CA PHE C 345 40.66 -19.85 6.48
C PHE C 345 39.64 -19.55 5.39
N TYR C 346 40.17 -19.28 4.20
CA TYR C 346 39.37 -19.08 2.99
C TYR C 346 39.57 -20.27 2.07
N LYS C 347 38.48 -20.78 1.50
CA LYS C 347 38.60 -21.76 0.42
C LYS C 347 37.42 -21.71 -0.54
N ILE C 348 37.70 -22.01 -1.81
CA ILE C 348 36.68 -22.03 -2.84
C ILE C 348 35.82 -23.28 -2.68
N ILE C 349 34.52 -23.08 -2.54
CA ILE C 349 33.58 -24.18 -2.58
C ILE C 349 32.43 -23.79 -3.49
N SER C 350 31.69 -24.78 -3.99
CA SER C 350 30.55 -24.44 -4.81
C SER C 350 29.43 -24.00 -3.89
N ASN C 351 28.73 -22.92 -4.24
CA ASN C 351 27.64 -22.42 -3.42
C ASN C 351 26.36 -23.21 -3.63
N GLU C 352 25.24 -22.70 -3.13
CA GLU C 352 23.96 -23.38 -3.30
C GLU C 352 23.46 -23.33 -4.74
N GLU C 353 23.73 -22.22 -5.44
CA GLU C 353 23.34 -22.11 -6.85
C GLU C 353 24.31 -22.83 -7.83
N GLY C 354 25.33 -23.50 -7.28
CA GLY C 354 26.22 -24.36 -8.05
C GLY C 354 27.52 -23.72 -8.49
N TYR C 355 27.75 -22.49 -8.04
CA TYR C 355 28.93 -21.75 -8.46
C TYR C 355 30.02 -21.72 -7.39
N ARG C 356 31.27 -21.78 -7.86
CA ARG C 356 32.42 -21.83 -6.97
C ARG C 356 32.86 -20.45 -6.52
N HIS C 357 32.78 -20.23 -5.21
CA HIS C 357 33.09 -18.93 -4.62
C HIS C 357 33.86 -19.06 -3.31
N ILE C 358 34.47 -17.95 -2.89
CA ILE C 358 35.30 -17.93 -1.69
C ILE C 358 34.46 -17.94 -0.42
N CYS C 359 34.71 -18.91 0.45
CA CYS C 359 34.02 -19.01 1.73
C CYS C 359 35.01 -18.84 2.88
N TYR C 360 34.64 -17.99 3.83
CA TYR C 360 35.42 -17.76 5.03
C TYR C 360 34.97 -18.72 6.12
N PHE C 361 35.93 -19.44 6.69
CA PHE C 361 35.64 -20.47 7.67
C PHE C 361 36.21 -20.20 9.05
N GLN C 362 35.44 -20.56 10.08
CA GLN C 362 35.90 -20.59 11.46
C GLN C 362 36.37 -21.99 11.78
N ILE C 363 37.61 -22.13 12.22
CA ILE C 363 38.15 -23.43 12.64
C ILE C 363 37.18 -24.19 13.57
N ASP C 364 36.48 -23.44 14.42
CA ASP C 364 35.59 -24.01 15.41
C ASP C 364 34.18 -24.29 14.89
N LYS C 365 33.66 -23.40 14.06
CA LYS C 365 32.23 -23.40 13.71
C LYS C 365 31.85 -24.08 12.37
N LYS C 366 30.65 -24.66 12.36
CA LYS C 366 30.12 -25.47 11.25
C LYS C 366 29.90 -24.71 9.93
N ASP C 367 29.23 -23.56 10.00
CA ASP C 367 28.85 -22.80 8.81
C ASP C 367 29.85 -21.72 8.42
N CYS C 368 30.01 -21.50 7.10
CA CYS C 368 30.87 -20.44 6.60
C CYS C 368 30.04 -19.28 6.02
N THR C 369 30.69 -18.17 5.67
CA THR C 369 30.02 -17.08 5.00
C THR C 369 30.74 -16.77 3.68
N PHE C 370 29.99 -16.64 2.59
CA PHE C 370 30.57 -16.38 1.28
C PHE C 370 30.94 -14.93 1.12
N ILE C 371 32.09 -14.67 0.51
CA ILE C 371 32.50 -13.29 0.29
C ILE C 371 32.49 -12.91 -1.18
N THR C 372 32.27 -13.89 -2.05
CA THR C 372 31.98 -13.61 -3.46
C THR C 372 30.73 -14.38 -3.88
N LYS C 373 30.05 -13.91 -4.93
CA LYS C 373 28.87 -14.58 -5.49
C LYS C 373 28.61 -14.16 -6.95
N GLY C 374 27.68 -14.85 -7.59
CA GLY C 374 27.31 -14.54 -8.97
C GLY C 374 27.37 -15.74 -9.89
N THR C 375 26.90 -15.54 -11.13
CA THR C 375 26.98 -16.57 -12.16
C THR C 375 28.29 -16.42 -12.91
N TRP C 376 29.37 -16.67 -12.17
CA TRP C 376 30.73 -16.74 -12.69
C TRP C 376 31.47 -17.49 -11.61
N GLU C 377 32.72 -17.85 -11.87
CA GLU C 377 33.44 -18.66 -10.91
C GLU C 377 34.75 -18.04 -10.46
N VAL C 378 35.13 -18.34 -9.23
CA VAL C 378 36.45 -18.03 -8.72
C VAL C 378 37.36 -19.18 -9.14
N ILE C 379 38.47 -18.87 -9.81
CA ILE C 379 39.43 -19.86 -10.29
C ILE C 379 40.44 -20.21 -9.20
N GLY C 380 41.04 -19.20 -8.57
CA GLY C 380 42.01 -19.45 -7.51
C GLY C 380 42.29 -18.25 -6.63
N ILE C 381 42.46 -18.52 -5.33
CA ILE C 381 42.95 -17.53 -4.39
C ILE C 381 44.46 -17.45 -4.57
N GLU C 382 44.94 -16.27 -4.94
CA GLU C 382 46.36 -16.11 -5.28
C GLU C 382 47.20 -15.56 -4.14
N ALA C 383 46.60 -14.74 -3.28
CA ALA C 383 47.32 -14.21 -2.11
C ALA C 383 46.40 -13.66 -1.03
N LEU C 384 46.79 -13.89 0.22
CA LEU C 384 46.06 -13.36 1.37
C LEU C 384 46.98 -12.52 2.23
N THR C 385 46.70 -11.22 2.29
CA THR C 385 47.40 -10.36 3.26
C THR C 385 46.50 -10.16 4.47
N SER C 386 46.82 -9.17 5.29
CA SER C 386 46.02 -8.88 6.46
C SER C 386 44.82 -8.01 6.10
N ASP C 387 44.95 -7.27 4.99
CA ASP C 387 43.95 -6.30 4.59
C ASP C 387 43.27 -6.62 3.26
N TYR C 388 43.88 -7.51 2.47
CA TYR C 388 43.33 -7.88 1.17
C TYR C 388 43.50 -9.35 0.82
N LEU C 389 42.43 -9.94 0.27
CA LEU C 389 42.45 -11.26 -0.36
C LEU C 389 42.46 -11.05 -1.87
N TYR C 390 43.50 -11.58 -2.52
CA TYR C 390 43.64 -11.54 -3.97
C TYR C 390 43.17 -12.84 -4.62
N TYR C 391 42.44 -12.72 -5.73
CA TYR C 391 41.93 -13.90 -6.42
C TYR C 391 41.77 -13.65 -7.93
N ILE C 392 41.62 -14.74 -8.66
CA ILE C 392 41.45 -14.71 -10.11
C ILE C 392 40.13 -15.39 -10.45
N SER C 393 39.34 -14.75 -11.32
CA SER C 393 38.04 -15.29 -11.71
C SER C 393 37.72 -14.97 -13.16
N ASN C 394 36.64 -15.58 -13.66
CA ASN C 394 36.13 -15.30 -15.01
C ASN C 394 34.87 -14.40 -15.04
N GLU C 395 34.73 -13.53 -14.05
CA GLU C 395 33.58 -12.62 -13.93
C GLU C 395 33.48 -11.58 -15.04
N TYR C 396 34.60 -10.98 -15.42
CA TYR C 396 34.61 -9.89 -16.41
C TYR C 396 33.85 -10.19 -17.69
N LYS C 397 32.93 -9.30 -18.03
CA LYS C 397 32.08 -9.37 -19.25
C LYS C 397 31.32 -10.69 -19.42
N GLY C 398 31.23 -11.47 -18.35
CA GLY C 398 30.52 -12.74 -18.37
C GLY C 398 31.12 -13.77 -19.31
N MET C 399 32.44 -13.70 -19.49
CA MET C 399 33.17 -14.62 -20.35
C MET C 399 33.78 -15.71 -19.49
N PRO C 400 33.33 -16.96 -19.63
CA PRO C 400 33.88 -17.99 -18.77
C PRO C 400 35.31 -18.35 -19.16
N GLY C 401 35.73 -17.89 -20.34
CA GLY C 401 37.05 -18.18 -20.88
C GLY C 401 38.08 -17.09 -20.65
N GLY C 402 37.67 -16.03 -19.96
CA GLY C 402 38.59 -14.95 -19.55
C GLY C 402 39.14 -15.16 -18.14
N ARG C 403 40.24 -14.47 -17.81
CA ARG C 403 40.82 -14.57 -16.47
C ARG C 403 41.34 -13.22 -16.00
N ASN C 404 40.82 -12.75 -14.87
CA ASN C 404 41.26 -11.49 -14.31
C ASN C 404 41.62 -11.55 -12.83
N LEU C 405 42.39 -10.56 -12.39
CA LEU C 405 42.84 -10.46 -11.01
C LEU C 405 41.95 -9.51 -10.23
N TYR C 406 41.55 -9.94 -9.04
CA TYR C 406 40.66 -9.17 -8.21
C TYR C 406 41.23 -9.03 -6.82
N LYS C 407 40.82 -7.97 -6.13
CA LYS C 407 41.30 -7.64 -4.78
C LYS C 407 40.09 -7.41 -3.88
N ILE C 408 39.97 -8.18 -2.81
CA ILE C 408 38.88 -8.00 -1.86
C ILE C 408 39.38 -7.22 -0.63
N GLN C 409 38.71 -6.11 -0.34
CA GLN C 409 38.99 -5.34 0.89
C GLN C 409 38.42 -6.09 2.09
N LEU C 410 39.31 -6.63 2.92
CA LEU C 410 38.89 -7.48 4.03
C LEU C 410 38.04 -6.81 5.12
N SER C 411 38.04 -5.47 5.16
CA SER C 411 37.20 -4.72 6.10
C SER C 411 35.75 -4.54 5.61
N ASP C 412 35.56 -4.59 4.29
CA ASP C 412 34.22 -4.58 3.68
C ASP C 412 34.30 -5.41 2.41
N TYR C 413 34.08 -6.72 2.52
CA TYR C 413 34.25 -7.63 1.38
C TYR C 413 33.44 -7.24 0.14
N THR C 414 32.39 -6.47 0.37
CA THR C 414 31.56 -5.89 -0.68
C THR C 414 32.36 -5.01 -1.65
N LYS C 415 33.38 -4.35 -1.12
CA LYS C 415 34.28 -3.53 -1.93
C LYS C 415 35.33 -4.41 -2.57
N VAL C 416 35.25 -4.52 -3.89
CA VAL C 416 36.16 -5.35 -4.68
C VAL C 416 36.67 -4.55 -5.87
N THR C 417 37.98 -4.58 -6.10
CA THR C 417 38.59 -3.87 -7.23
C THR C 417 39.18 -4.86 -8.23
N CYS C 418 38.91 -4.66 -9.51
CA CYS C 418 39.55 -5.47 -10.55
C CYS C 418 40.88 -4.83 -10.95
N LEU C 419 41.97 -5.56 -10.73
CA LEU C 419 43.32 -5.04 -10.93
C LEU C 419 43.85 -5.21 -12.34
N SER C 420 43.20 -6.06 -13.13
CA SER C 420 43.72 -6.40 -14.46
C SER C 420 42.75 -6.11 -15.61
N CYS C 421 41.46 -5.98 -15.28
CA CYS C 421 40.43 -5.75 -16.28
C CYS C 421 40.80 -4.69 -17.32
N GLU C 422 41.01 -3.46 -16.85
CA GLU C 422 41.16 -2.29 -17.71
C GLU C 422 42.58 -1.99 -18.20
N LEU C 423 43.54 -2.81 -17.78
CA LEU C 423 44.95 -2.58 -18.14
C LEU C 423 45.24 -2.51 -19.64
N ASN C 424 44.64 -3.43 -20.40
CA ASN C 424 44.71 -3.44 -21.85
C ASN C 424 43.60 -4.33 -22.40
N PRO C 425 42.34 -3.83 -22.35
CA PRO C 425 41.13 -4.61 -22.62
C PRO C 425 41.11 -5.38 -23.96
N GLU C 426 41.75 -4.83 -24.98
CA GLU C 426 41.78 -5.41 -26.32
C GLU C 426 42.74 -6.59 -26.40
N ARG C 427 44.03 -6.34 -26.14
CA ARG C 427 45.07 -7.36 -26.30
C ARG C 427 45.18 -8.32 -25.11
N CYS C 428 44.51 -8.01 -24.01
CA CYS C 428 44.69 -8.74 -22.76
C CYS C 428 43.42 -9.10 -21.97
N GLN C 429 43.07 -10.39 -21.96
CA GLN C 429 41.88 -10.88 -21.29
C GLN C 429 42.14 -12.16 -20.48
N TYR C 430 43.36 -12.67 -20.55
CA TYR C 430 43.73 -13.88 -19.81
C TYR C 430 44.96 -13.60 -18.96
N TYR C 431 44.77 -13.58 -17.64
CA TYR C 431 45.86 -13.22 -16.72
C TYR C 431 46.20 -14.30 -15.69
N SER C 432 47.48 -14.41 -15.40
CA SER C 432 47.93 -15.12 -14.21
C SER C 432 48.80 -14.16 -13.41
N VAL C 433 49.11 -14.50 -12.17
CA VAL C 433 49.82 -13.59 -11.30
C VAL C 433 50.83 -14.28 -10.39
N SER C 434 51.93 -13.59 -10.14
CA SER C 434 52.98 -14.07 -9.25
C SER C 434 53.28 -13.00 -8.19
N PHE C 435 52.98 -13.31 -6.93
CA PHE C 435 53.21 -12.39 -5.80
C PHE C 435 54.54 -12.61 -5.08
N SER C 436 55.11 -11.50 -4.59
CA SER C 436 56.30 -11.56 -3.73
C SER C 436 55.92 -12.10 -2.33
N LYS C 437 56.93 -12.51 -1.56
CA LYS C 437 56.78 -13.19 -0.27
C LYS C 437 55.60 -12.70 0.62
N GLU C 438 55.46 -11.38 0.75
CA GLU C 438 54.34 -10.79 1.52
C GLU C 438 53.33 -10.02 0.64
N ALA C 439 53.40 -10.27 -0.67
CA ALA C 439 52.50 -9.67 -1.67
C ALA C 439 52.66 -8.16 -1.85
N LYS C 440 53.87 -7.66 -1.61
CA LYS C 440 54.20 -6.24 -1.80
C LYS C 440 54.21 -5.87 -3.28
N TYR C 441 54.65 -6.80 -4.12
CA TYR C 441 54.66 -6.60 -5.56
C TYR C 441 54.00 -7.77 -6.29
N TYR C 442 53.65 -7.56 -7.55
CA TYR C 442 53.13 -8.66 -8.38
C TYR C 442 53.42 -8.54 -9.88
N GLN C 443 53.74 -9.70 -10.46
CA GLN C 443 53.90 -9.86 -11.89
C GLN C 443 52.60 -10.34 -12.51
N LEU C 444 52.16 -9.64 -13.55
CA LEU C 444 51.02 -10.06 -14.34
C LEU C 444 51.47 -10.70 -15.63
N ARG C 445 51.06 -11.96 -15.83
CA ARG C 445 51.28 -12.67 -17.09
C ARG C 445 49.98 -12.71 -17.89
N CYS C 446 49.98 -12.03 -19.05
CA CYS C 446 48.83 -11.97 -19.94
C CYS C 446 49.03 -12.96 -21.09
N SER C 447 48.11 -13.93 -21.24
CA SER C 447 48.24 -15.01 -22.23
C SER C 447 47.48 -14.83 -23.55
N GLY C 448 46.75 -13.73 -23.67
CA GLY C 448 45.97 -13.46 -24.87
C GLY C 448 44.82 -12.51 -24.57
N PRO C 449 43.99 -12.18 -25.58
CA PRO C 449 43.97 -12.73 -26.95
C PRO C 449 45.14 -12.31 -27.81
N GLY C 450 45.64 -11.08 -27.61
CA GLY C 450 46.83 -10.62 -28.33
C GLY C 450 48.07 -11.30 -27.79
N LEU C 451 49.23 -10.87 -28.27
CA LEU C 451 50.52 -11.43 -27.87
C LEU C 451 50.71 -11.38 -26.35
N PRO C 452 51.39 -12.37 -25.76
CA PRO C 452 51.61 -12.34 -24.32
C PRO C 452 52.25 -11.05 -23.80
N LEU C 453 51.83 -10.62 -22.60
CA LEU C 453 52.33 -9.40 -21.98
C LEU C 453 52.70 -9.62 -20.51
N TYR C 454 53.95 -9.31 -20.16
CA TYR C 454 54.48 -9.47 -18.81
C TYR C 454 54.78 -8.12 -18.17
N THR C 455 54.04 -7.78 -17.12
CA THR C 455 54.22 -6.50 -16.45
C THR C 455 54.43 -6.67 -14.94
N LEU C 456 55.12 -5.71 -14.34
CA LEU C 456 55.42 -5.72 -12.91
C LEU C 456 54.62 -4.62 -12.22
N HIS C 457 54.09 -4.91 -11.03
CA HIS C 457 53.22 -3.97 -10.32
C HIS C 457 53.50 -3.85 -8.82
N SER C 458 53.29 -2.63 -8.32
CA SER C 458 53.32 -2.35 -6.89
C SER C 458 51.91 -2.52 -6.34
N SER C 459 51.76 -3.31 -5.28
CA SER C 459 50.43 -3.56 -4.73
C SER C 459 50.02 -2.60 -3.61
N VAL C 460 50.92 -1.66 -3.28
CA VAL C 460 50.63 -0.67 -2.24
C VAL C 460 49.53 0.31 -2.70
N ASN C 461 49.40 0.48 -4.02
CA ASN C 461 48.35 1.30 -4.62
C ASN C 461 47.94 0.78 -6.01
N ASP C 462 48.49 -0.39 -6.36
CA ASP C 462 48.26 -1.07 -7.63
C ASP C 462 48.71 -0.26 -8.85
N LYS C 463 49.83 0.45 -8.70
CA LYS C 463 50.39 1.23 -9.80
C LYS C 463 51.28 0.37 -10.70
N GLY C 464 51.29 0.70 -11.99
CA GLY C 464 52.06 -0.04 -12.98
C GLY C 464 53.52 0.39 -12.96
N LEU C 465 54.39 -0.53 -12.57
CA LEU C 465 55.81 -0.23 -12.50
C LEU C 465 56.48 -0.24 -13.87
N ARG C 466 56.55 -1.41 -14.51
CA ARG C 466 57.22 -1.53 -15.81
C ARG C 466 56.77 -2.72 -16.67
N VAL C 467 57.10 -2.65 -17.96
CA VAL C 467 56.88 -3.74 -18.90
C VAL C 467 58.12 -4.64 -18.89
N LEU C 468 57.93 -5.88 -18.46
CA LEU C 468 59.02 -6.87 -18.40
C LEU C 468 59.21 -7.58 -19.73
N GLU C 469 58.11 -7.82 -20.45
CA GLU C 469 58.13 -8.48 -21.75
C GLU C 469 56.82 -8.23 -22.50
N ASP C 470 56.93 -7.68 -23.71
CA ASP C 470 55.75 -7.37 -24.53
C ASP C 470 55.77 -8.04 -25.90
N ASN C 471 56.77 -8.92 -26.11
CA ASN C 471 56.91 -9.71 -27.35
C ASN C 471 57.00 -8.90 -28.64
N SER C 472 57.52 -7.68 -28.56
CA SER C 472 57.61 -6.80 -29.73
C SER C 472 58.42 -7.40 -30.88
N ALA C 473 59.38 -8.26 -30.56
CA ALA C 473 60.16 -8.98 -31.58
C ALA C 473 59.27 -9.85 -32.47
N LEU C 474 58.44 -10.68 -31.83
CA LEU C 474 57.49 -11.54 -32.51
C LEU C 474 56.43 -10.77 -33.30
N ASP C 475 56.02 -9.62 -32.77
CA ASP C 475 55.05 -8.77 -33.44
C ASP C 475 55.63 -8.26 -34.76
N LYS C 476 56.94 -8.01 -34.76
CA LYS C 476 57.63 -7.54 -35.97
C LYS C 476 57.65 -8.61 -37.04
N MET C 477 57.81 -9.85 -36.62
CA MET C 477 57.89 -10.99 -37.55
C MET C 477 56.51 -11.39 -38.07
N LEU C 478 55.52 -11.40 -37.18
CA LEU C 478 54.14 -11.72 -37.54
C LEU C 478 53.48 -10.71 -38.46
N GLN C 479 54.13 -9.55 -38.59
CA GLN C 479 53.69 -8.47 -39.47
C GLN C 479 53.57 -8.96 -40.91
N ASN C 480 54.54 -9.76 -41.33
CA ASN C 480 54.59 -10.34 -42.67
C ASN C 480 53.68 -11.56 -42.89
N VAL C 481 53.54 -12.40 -41.87
CA VAL C 481 52.74 -13.64 -41.96
C VAL C 481 51.25 -13.37 -42.09
N GLN C 482 50.60 -14.11 -42.99
CA GLN C 482 49.15 -14.15 -43.07
C GLN C 482 48.61 -14.98 -41.91
N MET C 483 48.12 -14.32 -40.87
CA MET C 483 47.65 -14.99 -39.67
C MET C 483 46.14 -15.21 -39.63
N PRO C 484 45.71 -16.33 -39.03
CA PRO C 484 44.29 -16.56 -38.78
C PRO C 484 43.79 -15.63 -37.70
N SER C 485 42.50 -15.66 -37.45
CA SER C 485 41.91 -14.88 -36.36
C SER C 485 41.05 -15.81 -35.52
N LYS C 486 41.08 -15.60 -34.21
CA LYS C 486 40.24 -16.35 -33.30
C LYS C 486 38.91 -15.63 -33.17
N LYS C 487 37.87 -16.40 -32.85
CA LYS C 487 36.52 -15.87 -32.65
C LYS C 487 35.88 -16.65 -31.52
N LEU C 488 35.73 -15.98 -30.39
CA LEU C 488 35.13 -16.57 -29.21
C LEU C 488 33.67 -16.16 -29.19
N ASP C 489 32.78 -17.11 -28.95
CA ASP C 489 31.35 -16.80 -28.90
C ASP C 489 30.55 -17.96 -28.29
N PHE C 490 29.23 -17.80 -28.29
CA PHE C 490 28.35 -18.81 -27.71
C PHE C 490 27.17 -19.11 -28.61
N ILE C 491 26.49 -20.21 -28.32
CA ILE C 491 25.24 -20.57 -28.96
C ILE C 491 24.28 -20.97 -27.85
N ILE C 492 22.98 -20.87 -28.12
CA ILE C 492 21.96 -21.22 -27.13
C ILE C 492 21.43 -22.63 -27.38
N LEU C 493 21.60 -23.50 -26.38
CA LEU C 493 21.00 -24.83 -26.38
C LEU C 493 20.12 -24.94 -25.15
N ASN C 494 18.90 -25.45 -25.33
CA ASN C 494 17.96 -25.59 -24.22
C ASN C 494 18.03 -24.42 -23.22
N GLU C 495 18.11 -23.20 -23.78
CA GLU C 495 18.13 -21.95 -23.01
C GLU C 495 19.32 -21.81 -22.06
N THR C 496 20.42 -22.49 -22.41
CA THR C 496 21.70 -22.37 -21.72
C THR C 496 22.78 -21.97 -22.73
N LYS C 497 23.65 -21.05 -22.35
CA LYS C 497 24.75 -20.62 -23.20
C LYS C 497 25.89 -21.65 -23.19
N PHE C 498 26.50 -21.85 -24.37
CA PHE C 498 27.65 -22.72 -24.53
C PHE C 498 28.62 -22.05 -25.46
N TRP C 499 29.87 -21.98 -25.03
CA TRP C 499 30.90 -21.27 -25.72
C TRP C 499 31.70 -22.12 -26.67
N TYR C 500 32.20 -21.48 -27.71
CA TYR C 500 32.98 -22.15 -28.71
C TYR C 500 33.96 -21.12 -29.27
N GLN C 501 35.06 -21.58 -29.82
CA GLN C 501 35.96 -20.69 -30.53
C GLN C 501 36.25 -21.31 -31.86
N MET C 502 36.53 -20.45 -32.85
CA MET C 502 37.00 -20.87 -34.16
C MET C 502 38.32 -20.19 -34.48
N ILE C 503 39.18 -20.90 -35.20
CA ILE C 503 40.42 -20.33 -35.70
C ILE C 503 40.15 -20.16 -37.17
N LEU C 504 40.10 -18.91 -37.63
CA LEU C 504 39.60 -18.58 -38.95
C LEU C 504 40.71 -18.15 -39.89
N PRO C 505 40.74 -18.72 -41.11
CA PRO C 505 41.78 -18.41 -42.11
C PRO C 505 41.89 -16.93 -42.50
N PRO C 506 43.08 -16.49 -42.95
CA PRO C 506 43.24 -15.13 -43.48
C PRO C 506 42.18 -14.79 -44.53
N HIS C 507 41.69 -13.56 -44.50
CA HIS C 507 40.68 -13.08 -45.46
C HIS C 507 39.45 -13.96 -45.50
N PHE C 508 39.00 -14.32 -44.30
CA PHE C 508 37.80 -15.12 -44.13
C PHE C 508 36.62 -14.48 -44.85
N ASP C 509 35.86 -15.32 -45.54
CA ASP C 509 34.74 -14.87 -46.36
C ASP C 509 33.48 -15.67 -45.99
N LYS C 510 32.59 -15.05 -45.21
CA LYS C 510 31.37 -15.70 -44.72
C LYS C 510 30.44 -16.37 -45.74
N SER C 511 30.62 -16.04 -47.01
CA SER C 511 29.77 -16.61 -48.07
C SER C 511 30.46 -17.78 -48.79
N LYS C 512 31.75 -17.96 -48.54
CA LYS C 512 32.50 -19.09 -49.08
C LYS C 512 32.29 -20.31 -48.16
N LYS C 513 32.38 -21.51 -48.73
CA LYS C 513 32.20 -22.74 -47.95
C LYS C 513 33.55 -23.34 -47.55
N TYR C 514 33.78 -23.43 -46.25
CA TYR C 514 35.08 -23.86 -45.72
C TYR C 514 35.02 -25.23 -45.07
N PRO C 515 36.10 -26.04 -45.25
CA PRO C 515 36.22 -27.29 -44.50
C PRO C 515 36.48 -27.00 -43.03
N LEU C 516 36.09 -27.92 -42.17
CA LEU C 516 36.18 -27.66 -40.74
C LEU C 516 36.64 -28.88 -39.92
N LEU C 517 37.57 -28.61 -39.00
CA LEU C 517 38.06 -29.62 -38.09
C LEU C 517 37.64 -29.24 -36.68
N LEU C 518 36.91 -30.14 -36.03
CA LEU C 518 36.54 -29.96 -34.63
C LEU C 518 37.65 -30.49 -33.72
N ASP C 519 38.19 -29.58 -32.90
CA ASP C 519 39.29 -29.85 -31.97
C ASP C 519 38.69 -30.14 -30.60
N VAL C 520 38.87 -31.35 -30.11
CA VAL C 520 38.06 -31.80 -28.97
C VAL C 520 38.87 -32.27 -27.76
N TYR C 521 38.48 -31.78 -26.59
CA TYR C 521 38.96 -32.35 -25.33
C TYR C 521 37.69 -32.88 -24.65
N ALA C 522 36.89 -31.99 -24.07
CA ALA C 522 35.51 -32.27 -23.68
C ALA C 522 35.30 -33.17 -22.45
N GLY C 523 36.38 -33.43 -21.71
CA GLY C 523 36.27 -34.18 -20.45
C GLY C 523 35.70 -33.35 -19.29
N PRO C 524 35.36 -34.00 -18.18
CA PRO C 524 34.88 -33.21 -17.05
C PRO C 524 35.80 -32.01 -16.76
N CYS C 525 35.19 -30.84 -16.63
CA CYS C 525 35.90 -29.63 -16.25
C CYS C 525 36.90 -29.13 -17.33
N SER C 526 36.73 -29.60 -18.54
CA SER C 526 37.54 -29.15 -19.64
C SER C 526 37.09 -27.76 -20.05
N GLN C 527 37.97 -27.04 -20.72
CA GLN C 527 37.60 -25.76 -21.31
C GLN C 527 38.50 -25.52 -22.50
N LYS C 528 37.89 -25.57 -23.69
CA LYS C 528 38.63 -25.45 -24.93
C LYS C 528 38.32 -24.15 -25.66
N ALA C 529 37.37 -23.39 -25.11
CA ALA C 529 37.02 -22.10 -25.66
C ALA C 529 37.47 -21.00 -24.71
N ASP C 530 38.59 -20.36 -25.04
CA ASP C 530 39.12 -19.30 -24.21
C ASP C 530 39.73 -18.18 -25.04
N THR C 531 40.35 -17.25 -24.32
CA THR C 531 40.95 -16.06 -24.88
C THR C 531 42.48 -16.15 -24.90
N VAL C 532 43.02 -17.37 -24.77
CA VAL C 532 44.46 -17.57 -24.85
C VAL C 532 44.92 -17.56 -26.31
N PHE C 533 46.02 -16.85 -26.56
CA PHE C 533 46.66 -16.83 -27.87
C PHE C 533 47.55 -18.08 -28.02
N ARG C 534 47.35 -18.85 -29.08
CA ARG C 534 48.16 -20.05 -29.30
C ARG C 534 48.79 -20.09 -30.69
N LEU C 535 50.06 -20.50 -30.75
CA LEU C 535 50.71 -20.83 -32.00
C LEU C 535 50.86 -22.35 -32.05
N ASN C 536 49.94 -23.00 -32.76
CA ASN C 536 49.91 -24.46 -32.79
C ASN C 536 49.58 -25.02 -34.17
N TRP C 537 49.35 -26.33 -34.21
CA TRP C 537 48.99 -27.03 -35.44
C TRP C 537 47.75 -26.39 -36.08
N ALA C 538 46.79 -26.01 -35.26
CA ALA C 538 45.58 -25.35 -35.75
C ALA C 538 45.90 -24.03 -36.49
N THR C 539 46.88 -23.30 -35.96
CA THR C 539 47.38 -22.10 -36.60
C THR C 539 47.80 -22.37 -38.05
N TYR C 540 48.48 -23.49 -38.26
CA TYR C 540 48.89 -23.91 -39.61
C TYR C 540 47.68 -24.30 -40.47
N LEU C 541 46.79 -25.09 -39.87
CA LEU C 541 45.60 -25.53 -40.57
C LEU C 541 44.74 -24.35 -41.04
N ALA C 542 44.60 -23.36 -40.16
CA ALA C 542 43.85 -22.18 -40.50
C ALA C 542 44.63 -21.28 -41.47
N SER C 543 45.92 -21.06 -41.22
CA SER C 543 46.73 -20.13 -42.03
C SER C 543 47.15 -20.61 -43.41
N THR C 544 47.50 -21.89 -43.52
CA THR C 544 47.98 -22.46 -44.78
C THR C 544 46.93 -23.32 -45.46
N GLU C 545 46.20 -24.12 -44.71
CA GLU C 545 45.29 -25.07 -45.30
C GLU C 545 43.85 -24.57 -45.48
N ASN C 546 43.58 -23.32 -45.10
CA ASN C 546 42.23 -22.76 -45.17
C ASN C 546 41.17 -23.65 -44.51
N ILE C 547 41.50 -24.19 -43.33
CA ILE C 547 40.59 -25.05 -42.59
C ILE C 547 40.14 -24.31 -41.35
N ILE C 548 38.83 -24.25 -41.13
CA ILE C 548 38.34 -23.73 -39.85
C ILE C 548 38.64 -24.77 -38.78
N VAL C 549 39.30 -24.35 -37.71
CA VAL C 549 39.50 -25.25 -36.58
C VAL C 549 38.66 -24.72 -35.45
N ALA C 550 37.63 -25.49 -35.08
CA ALA C 550 36.70 -25.08 -34.06
C ALA C 550 36.83 -25.94 -32.82
N SER C 551 36.58 -25.32 -31.67
CA SER C 551 36.50 -26.05 -30.40
C SER C 551 35.18 -25.70 -29.71
N PHE C 552 34.66 -26.61 -28.89
CA PHE C 552 33.36 -26.39 -28.25
C PHE C 552 33.24 -26.98 -26.85
N ASP C 553 32.74 -26.16 -25.93
CA ASP C 553 32.58 -26.55 -24.52
C ASP C 553 31.09 -26.78 -24.17
N GLY C 554 30.63 -28.01 -24.37
CA GLY C 554 29.26 -28.41 -24.02
C GLY C 554 29.12 -28.88 -22.58
N ARG C 555 28.24 -29.84 -22.33
CA ARG C 555 27.99 -30.33 -20.94
C ARG C 555 29.14 -31.14 -20.38
N GLY C 556 29.49 -30.85 -19.13
CA GLY C 556 30.62 -31.48 -18.48
C GLY C 556 31.77 -30.50 -18.39
N SER C 557 31.78 -29.51 -19.29
CA SER C 557 32.83 -28.51 -19.34
C SER C 557 32.91 -27.70 -18.05
N GLY C 558 34.06 -27.07 -17.82
CA GLY C 558 34.34 -26.42 -16.54
C GLY C 558 34.01 -24.95 -16.43
N TYR C 559 34.20 -24.42 -15.24
CA TYR C 559 34.19 -22.97 -14.96
C TYR C 559 32.88 -22.22 -15.26
N GLN C 560 31.75 -22.93 -15.28
CA GLN C 560 30.45 -22.30 -15.55
C GLN C 560 29.37 -22.80 -14.60
N GLY C 561 29.76 -23.34 -13.44
CA GLY C 561 28.79 -23.89 -12.48
C GLY C 561 28.65 -25.40 -12.56
N ASP C 562 28.09 -25.99 -11.51
CA ASP C 562 27.89 -27.44 -11.41
C ASP C 562 26.76 -27.97 -12.30
N LYS C 563 25.73 -27.16 -12.52
CA LYS C 563 24.65 -27.56 -13.41
C LYS C 563 25.22 -28.15 -14.71
N ILE C 564 26.10 -27.38 -15.35
CA ILE C 564 26.82 -27.83 -16.53
C ILE C 564 27.87 -28.94 -16.23
N MET C 565 28.75 -28.71 -15.26
CA MET C 565 29.89 -29.62 -15.05
C MET C 565 29.48 -31.00 -14.53
N HIS C 566 28.45 -31.07 -13.70
CA HIS C 566 27.99 -32.37 -13.22
C HIS C 566 27.00 -33.08 -14.15
N ALA C 567 26.63 -32.45 -15.26
CA ALA C 567 25.67 -33.04 -16.22
C ALA C 567 26.08 -34.43 -16.72
N ILE C 568 27.37 -34.75 -16.68
CA ILE C 568 27.86 -36.04 -17.16
C ILE C 568 28.22 -37.00 -16.02
N ASN C 569 27.83 -36.65 -14.79
CA ASN C 569 28.10 -37.48 -13.61
C ASN C 569 27.58 -38.88 -13.86
N ARG C 570 28.47 -39.86 -13.83
CA ARG C 570 28.10 -41.28 -13.97
C ARG C 570 27.67 -41.69 -15.37
N ARG C 571 27.62 -40.73 -16.28
CA ARG C 571 27.20 -41.02 -17.62
C ARG C 571 28.24 -40.49 -18.60
N LEU C 572 29.51 -40.85 -18.38
CA LEU C 572 30.57 -40.51 -19.37
C LEU C 572 30.27 -41.15 -20.70
N GLY C 573 30.64 -40.46 -21.77
CA GLY C 573 30.42 -40.99 -23.11
C GLY C 573 29.01 -40.80 -23.62
N THR C 574 28.29 -39.84 -23.05
CA THR C 574 26.95 -39.51 -23.53
C THR C 574 26.79 -38.03 -23.89
N PHE C 575 26.35 -37.21 -22.92
CA PHE C 575 26.05 -35.80 -23.22
C PHE C 575 27.17 -35.04 -23.93
N GLU C 576 28.41 -35.25 -23.53
CA GLU C 576 29.52 -34.49 -24.09
C GLU C 576 29.82 -34.88 -25.55
N VAL C 577 29.53 -36.14 -25.87
CA VAL C 577 29.62 -36.70 -27.22
C VAL C 577 28.55 -36.05 -28.08
N GLU C 578 27.31 -36.15 -27.64
CA GLU C 578 26.13 -35.58 -28.31
C GLU C 578 26.27 -34.09 -28.56
N ASP C 579 26.83 -33.36 -27.59
CA ASP C 579 26.96 -31.92 -27.72
C ASP C 579 28.05 -31.55 -28.73
N GLN C 580 29.06 -32.40 -28.88
CA GLN C 580 30.07 -32.17 -29.90
C GLN C 580 29.45 -32.31 -31.30
N ILE C 581 28.54 -33.28 -31.45
CA ILE C 581 27.84 -33.51 -32.72
C ILE C 581 26.91 -32.35 -32.99
N GLU C 582 26.11 -31.98 -31.99
CA GLU C 582 25.21 -30.84 -32.14
C GLU C 582 25.95 -29.55 -32.52
N ALA C 583 27.08 -29.29 -31.88
CA ALA C 583 27.89 -28.11 -32.18
C ALA C 583 28.17 -28.03 -33.66
N ALA C 584 28.60 -29.16 -34.23
CA ALA C 584 28.94 -29.25 -35.64
C ALA C 584 27.73 -29.01 -36.52
N ARG C 585 26.55 -29.45 -36.06
CA ARG C 585 25.28 -29.18 -36.75
C ARG C 585 24.97 -27.69 -36.79
N GLN C 586 25.20 -26.99 -35.67
CA GLN C 586 25.05 -25.53 -35.63
C GLN C 586 26.07 -24.84 -36.54
N PHE C 587 27.31 -25.34 -36.54
CA PHE C 587 28.36 -24.76 -37.38
C PHE C 587 28.09 -24.89 -38.88
N SER C 588 27.41 -25.96 -39.30
CA SER C 588 26.99 -26.08 -40.72
C SER C 588 25.91 -25.07 -41.04
N LYS C 589 25.00 -24.85 -40.09
CA LYS C 589 23.88 -23.92 -40.25
C LYS C 589 24.30 -22.46 -40.31
N MET C 590 25.50 -22.15 -39.83
CA MET C 590 26.04 -20.81 -39.92
C MET C 590 26.36 -20.43 -41.38
N GLY C 591 26.40 -21.43 -42.26
CA GLY C 591 26.45 -21.20 -43.71
C GLY C 591 27.80 -21.01 -44.38
N PHE C 592 28.89 -20.97 -43.60
CA PHE C 592 30.23 -20.89 -44.19
C PHE C 592 31.02 -22.21 -44.08
N VAL C 593 30.30 -23.30 -43.77
CA VAL C 593 30.94 -24.61 -43.59
C VAL C 593 30.53 -25.59 -44.69
N ASP C 594 31.52 -26.14 -45.38
CA ASP C 594 31.30 -27.21 -46.33
C ASP C 594 30.95 -28.45 -45.53
N ASN C 595 29.69 -28.87 -45.57
CA ASN C 595 29.33 -30.02 -44.74
C ASN C 595 29.67 -31.39 -45.36
N LYS C 596 30.36 -31.37 -46.51
CA LYS C 596 30.89 -32.59 -47.09
C LYS C 596 32.29 -32.83 -46.57
N ARG C 597 32.82 -31.83 -45.85
CA ARG C 597 34.18 -31.91 -45.31
C ARG C 597 34.28 -31.42 -43.87
N ILE C 598 33.65 -32.16 -42.97
CA ILE C 598 33.74 -31.90 -41.54
C ILE C 598 34.51 -33.05 -40.86
N ALA C 599 35.61 -32.71 -40.19
CA ALA C 599 36.43 -33.68 -39.47
C ALA C 599 36.43 -33.37 -37.97
N ILE C 600 37.00 -34.30 -37.20
CA ILE C 600 37.08 -34.17 -35.74
C ILE C 600 38.32 -34.91 -35.26
N TRP C 601 39.01 -34.35 -34.27
CA TRP C 601 40.23 -35.01 -33.79
C TRP C 601 40.50 -34.60 -32.36
N GLY C 602 41.19 -35.47 -31.62
CA GLY C 602 41.39 -35.27 -30.16
C GLY C 602 42.38 -36.25 -29.54
N TRP C 603 42.93 -35.84 -28.39
CA TRP C 603 43.89 -36.61 -27.61
C TRP C 603 43.29 -36.96 -26.26
N SER C 604 43.71 -38.07 -25.67
CA SER C 604 43.30 -38.47 -24.31
C SER C 604 41.78 -38.62 -24.21
N TYR C 605 41.11 -37.82 -23.38
CA TYR C 605 39.65 -37.83 -23.38
C TYR C 605 39.15 -37.40 -24.79
N GLY C 606 39.81 -36.40 -25.37
CA GLY C 606 39.50 -35.93 -26.73
C GLY C 606 39.41 -37.07 -27.72
N GLY C 607 40.40 -37.96 -27.69
CA GLY C 607 40.41 -39.15 -28.55
C GLY C 607 39.27 -40.13 -28.31
N TYR C 608 38.87 -40.29 -27.03
CA TYR C 608 37.70 -41.11 -26.71
C TYR C 608 36.47 -40.46 -27.34
N VAL C 609 36.26 -39.17 -27.07
CA VAL C 609 35.12 -38.44 -27.68
C VAL C 609 35.12 -38.56 -29.20
N THR C 610 36.27 -38.24 -29.83
CA THR C 610 36.44 -38.35 -31.28
C THR C 610 36.02 -39.74 -31.77
N SER C 611 36.50 -40.77 -31.10
CA SER C 611 36.17 -42.14 -31.48
C SER C 611 34.68 -42.40 -31.27
N MET C 612 34.14 -42.00 -30.12
CA MET C 612 32.69 -42.09 -29.86
C MET C 612 31.81 -41.38 -30.90
N VAL C 613 32.27 -40.24 -31.42
CA VAL C 613 31.52 -39.50 -32.45
C VAL C 613 31.61 -40.17 -33.84
N LEU C 614 32.80 -40.63 -34.19
CA LEU C 614 32.95 -41.31 -35.48
C LEU C 614 32.09 -42.59 -35.51
N GLY C 615 31.93 -43.26 -34.38
CA GLY C 615 31.07 -44.44 -34.34
C GLY C 615 29.62 -44.20 -33.93
N SER C 616 29.17 -42.95 -34.01
CA SER C 616 27.81 -42.62 -33.59
C SER C 616 26.78 -42.81 -34.70
N GLY C 617 27.21 -42.87 -35.95
CA GLY C 617 26.27 -42.92 -37.06
C GLY C 617 25.50 -41.61 -37.19
N SER C 618 26.14 -40.48 -36.87
CA SER C 618 25.47 -39.18 -36.97
C SER C 618 25.45 -38.68 -38.40
N GLY C 619 26.45 -39.09 -39.17
CA GLY C 619 26.57 -38.67 -40.56
C GLY C 619 27.17 -37.30 -40.75
N VAL C 620 27.49 -36.63 -39.65
CA VAL C 620 28.03 -35.27 -39.71
C VAL C 620 29.50 -35.23 -40.17
N PHE C 621 30.29 -36.19 -39.67
CA PHE C 621 31.74 -36.16 -39.88
C PHE C 621 32.20 -37.13 -40.94
N LYS C 622 33.07 -36.63 -41.84
CA LYS C 622 33.58 -37.43 -42.95
C LYS C 622 34.68 -38.35 -42.44
N CYS C 623 35.52 -37.81 -41.56
CA CYS C 623 36.68 -38.51 -41.03
C CYS C 623 37.06 -38.00 -39.65
N GLY C 624 37.97 -38.69 -38.97
CA GLY C 624 38.42 -38.23 -37.67
C GLY C 624 39.71 -38.86 -37.22
N ILE C 625 40.38 -38.20 -36.26
CA ILE C 625 41.68 -38.69 -35.77
C ILE C 625 41.78 -38.86 -34.24
N ALA C 626 42.21 -40.01 -33.77
CA ALA C 626 42.19 -40.24 -32.31
C ALA C 626 43.57 -40.62 -31.82
N VAL C 627 44.16 -39.77 -30.99
CA VAL C 627 45.54 -39.96 -30.54
C VAL C 627 45.52 -40.38 -29.08
N ALA C 628 46.06 -41.57 -28.79
CA ALA C 628 45.98 -42.21 -27.48
C ALA C 628 44.62 -42.04 -26.80
N PRO C 629 43.55 -42.62 -27.38
CA PRO C 629 42.23 -42.51 -26.76
C PRO C 629 41.96 -43.54 -25.68
N VAL C 630 41.07 -43.20 -24.74
CA VAL C 630 40.46 -44.23 -23.92
C VAL C 630 39.49 -44.96 -24.83
N SER C 631 39.47 -46.29 -24.71
CA SER C 631 38.52 -47.09 -25.47
C SER C 631 37.44 -47.63 -24.53
N ARG C 632 37.83 -47.98 -23.31
CA ARG C 632 36.82 -48.32 -22.31
C ARG C 632 37.31 -48.01 -20.92
N TRP C 633 36.37 -47.59 -20.06
CA TRP C 633 36.73 -47.01 -18.77
C TRP C 633 37.37 -47.96 -17.74
N GLU C 634 37.21 -49.27 -17.91
CA GLU C 634 37.83 -50.23 -16.99
C GLU C 634 39.34 -50.32 -17.27
N TYR C 635 39.76 -49.78 -18.40
CA TYR C 635 41.18 -49.74 -18.77
C TYR C 635 41.89 -48.53 -18.20
N TYR C 636 41.16 -47.47 -17.91
CA TYR C 636 41.75 -46.28 -17.28
C TYR C 636 41.87 -46.36 -15.76
N ASP C 637 42.73 -45.52 -15.19
CA ASP C 637 42.98 -45.55 -13.75
C ASP C 637 41.76 -45.25 -12.87
N SER C 638 41.83 -45.65 -11.61
CA SER C 638 40.69 -45.57 -10.70
C SER C 638 40.35 -44.18 -10.17
N VAL C 639 41.35 -43.31 -10.02
CA VAL C 639 41.07 -42.04 -9.33
C VAL C 639 40.27 -41.12 -10.22
N TYR C 640 40.70 -41.04 -11.48
CA TYR C 640 40.06 -40.18 -12.44
C TYR C 640 38.75 -40.79 -12.86
N THR C 641 38.78 -42.06 -13.23
CA THR C 641 37.61 -42.76 -13.76
C THR C 641 36.47 -42.86 -12.75
N GLU C 642 36.76 -43.33 -11.53
CA GLU C 642 35.71 -43.54 -10.53
C GLU C 642 35.09 -42.22 -10.08
N ARG C 643 35.87 -41.14 -10.14
CA ARG C 643 35.38 -39.80 -9.80
C ARG C 643 34.06 -39.52 -10.55
N TYR C 644 34.05 -39.82 -11.85
CA TYR C 644 32.91 -39.54 -12.70
C TYR C 644 32.02 -40.76 -12.93
N MET C 645 32.58 -41.97 -12.84
CA MET C 645 31.86 -43.19 -13.20
C MET C 645 31.39 -44.06 -12.05
N GLY C 646 31.87 -43.78 -10.83
CA GLY C 646 31.62 -44.71 -9.72
C GLY C 646 32.35 -46.02 -9.97
N LEU C 647 31.85 -47.09 -9.36
CA LEU C 647 32.51 -48.39 -9.51
C LEU C 647 31.89 -49.22 -10.62
N PRO C 648 32.71 -50.03 -11.32
CA PRO C 648 32.20 -51.03 -12.26
C PRO C 648 31.75 -52.35 -11.60
N THR C 649 30.73 -52.27 -10.75
CA THR C 649 30.10 -53.47 -10.16
C THR C 649 28.58 -53.48 -10.41
N PRO C 650 27.96 -54.68 -10.40
CA PRO C 650 26.50 -54.82 -10.57
C PRO C 650 25.68 -53.97 -9.62
N GLU C 651 26.24 -53.62 -8.47
CA GLU C 651 25.54 -52.79 -7.49
C GLU C 651 25.94 -51.32 -7.52
N ASP C 652 26.73 -50.94 -8.52
CA ASP C 652 27.07 -49.55 -8.73
C ASP C 652 26.74 -49.15 -10.17
N ASN C 653 27.75 -49.05 -11.03
CA ASN C 653 27.59 -48.45 -12.35
C ASN C 653 28.16 -49.29 -13.51
N LEU C 654 28.13 -50.61 -13.34
CA LEU C 654 28.66 -51.54 -14.34
C LEU C 654 28.02 -51.39 -15.72
N ASP C 655 26.69 -51.23 -15.77
CA ASP C 655 25.99 -51.19 -17.05
C ASP C 655 26.47 -50.05 -17.96
N HIS C 656 26.71 -48.88 -17.40
CA HIS C 656 27.14 -47.78 -18.23
C HIS C 656 28.62 -47.89 -18.61
N TYR C 657 29.42 -48.49 -17.72
CA TYR C 657 30.79 -48.87 -18.05
C TYR C 657 30.77 -49.74 -19.31
N ARG C 658 29.82 -50.67 -19.36
CA ARG C 658 29.69 -51.59 -20.48
C ARG C 658 29.05 -50.91 -21.69
N ASN C 659 28.15 -49.97 -21.45
CA ASN C 659 27.42 -49.33 -22.55
C ASN C 659 28.21 -48.18 -23.23
N SER C 660 29.42 -47.89 -22.74
CA SER C 660 30.13 -46.69 -23.19
C SER C 660 31.56 -46.94 -23.69
N THR C 661 31.75 -48.08 -24.33
CA THR C 661 33.00 -48.45 -24.91
C THR C 661 32.98 -48.01 -26.39
N VAL C 662 34.15 -47.73 -26.98
CA VAL C 662 34.21 -47.46 -28.42
C VAL C 662 34.11 -48.74 -29.27
N MET C 663 34.47 -49.88 -28.67
CA MET C 663 34.43 -51.20 -29.33
C MET C 663 33.04 -51.59 -29.77
N SER C 664 32.05 -51.34 -28.92
CA SER C 664 30.70 -51.78 -29.18
C SER C 664 30.03 -50.93 -30.26
N ARG C 665 30.74 -49.91 -30.75
CA ARG C 665 30.26 -49.07 -31.85
C ARG C 665 31.12 -49.25 -33.13
N ALA C 666 31.92 -50.32 -33.17
CA ALA C 666 32.83 -50.62 -34.27
C ALA C 666 32.18 -50.68 -35.65
N GLU C 667 31.01 -51.33 -35.72
CA GLU C 667 30.33 -51.45 -37.00
C GLU C 667 30.12 -50.10 -37.70
N ASN C 668 29.85 -49.05 -36.93
CA ASN C 668 29.54 -47.73 -37.47
C ASN C 668 30.73 -46.98 -38.06
N PHE C 669 31.93 -47.53 -37.89
CA PHE C 669 33.14 -46.94 -38.45
C PHE C 669 33.25 -47.19 -39.95
N LYS C 670 32.38 -48.08 -40.46
CA LYS C 670 32.21 -48.20 -41.91
C LYS C 670 31.74 -46.88 -42.54
N GLN C 671 31.38 -45.92 -41.71
CA GLN C 671 30.77 -44.69 -42.19
C GLN C 671 31.71 -43.47 -42.20
N VAL C 672 32.96 -43.67 -41.81
CA VAL C 672 33.94 -42.61 -41.67
C VAL C 672 35.31 -43.14 -42.04
N GLU C 673 36.25 -42.23 -42.31
CA GLU C 673 37.68 -42.54 -42.42
C GLU C 673 38.36 -42.17 -41.10
N TYR C 674 38.94 -43.18 -40.43
CA TYR C 674 39.51 -43.08 -39.09
C TYR C 674 41.02 -43.21 -39.05
N LEU C 675 41.70 -42.36 -38.28
CA LEU C 675 43.12 -42.58 -37.95
C LEU C 675 43.33 -42.78 -36.46
N LEU C 676 43.91 -43.92 -36.08
CA LEU C 676 44.16 -44.26 -34.68
C LEU C 676 45.66 -44.28 -34.39
N ILE C 677 46.09 -43.50 -33.40
CA ILE C 677 47.51 -43.32 -33.12
C ILE C 677 47.81 -43.54 -31.65
N HIS C 678 48.75 -44.44 -31.34
CA HIS C 678 49.08 -44.69 -29.94
C HIS C 678 50.56 -45.01 -29.76
N GLY C 679 51.16 -44.45 -28.72
CA GLY C 679 52.55 -44.77 -28.40
C GLY C 679 52.59 -46.07 -27.62
N THR C 680 53.58 -46.91 -27.90
CA THR C 680 53.70 -48.22 -27.27
C THR C 680 54.09 -48.17 -25.80
N ALA C 681 54.95 -47.20 -25.44
CA ALA C 681 55.35 -47.01 -24.04
C ALA C 681 54.45 -46.04 -23.26
N ASP C 682 53.21 -45.89 -23.70
CA ASP C 682 52.25 -45.05 -22.96
C ASP C 682 51.87 -45.74 -21.63
N ASP C 683 52.25 -45.12 -20.52
CA ASP C 683 51.99 -45.60 -19.16
C ASP C 683 50.70 -45.05 -18.61
N ASN C 684 50.24 -43.95 -19.22
CA ASN C 684 49.03 -43.26 -18.76
C ASN C 684 47.78 -43.96 -19.32
N VAL C 685 47.56 -43.77 -20.62
CA VAL C 685 46.56 -44.52 -21.33
C VAL C 685 47.31 -45.62 -22.04
N HIS C 686 47.10 -46.85 -21.59
CA HIS C 686 47.89 -47.96 -22.09
C HIS C 686 47.59 -48.29 -23.54
N PHE C 687 48.60 -48.79 -24.25
CA PHE C 687 48.46 -49.14 -25.67
C PHE C 687 47.30 -50.14 -25.83
N GLN C 688 47.12 -51.01 -24.83
CA GLN C 688 45.94 -51.88 -24.67
C GLN C 688 44.66 -51.27 -25.22
N GLN C 689 44.33 -50.08 -24.74
CA GLN C 689 43.14 -49.35 -25.13
C GLN C 689 42.92 -49.22 -26.66
N SER C 690 43.96 -48.82 -27.39
CA SER C 690 43.87 -48.76 -28.86
C SER C 690 44.00 -50.15 -29.51
N ALA C 691 44.80 -51.02 -28.89
CA ALA C 691 44.89 -52.41 -29.34
C ALA C 691 43.47 -53.01 -29.42
N GLN C 692 42.67 -52.77 -28.39
CA GLN C 692 41.28 -53.24 -28.38
C GLN C 692 40.35 -52.53 -29.36
N ILE C 693 40.65 -51.28 -29.73
CA ILE C 693 39.86 -50.63 -30.76
C ILE C 693 40.16 -51.32 -32.08
N SER C 694 41.45 -51.47 -32.39
CA SER C 694 41.85 -52.09 -33.65
C SER C 694 41.32 -53.52 -33.81
N LYS C 695 41.51 -54.37 -32.80
CA LYS C 695 40.98 -55.74 -32.85
C LYS C 695 39.48 -55.74 -33.17
N ALA C 696 38.72 -54.83 -32.55
CA ALA C 696 37.28 -54.74 -32.83
C ALA C 696 36.94 -54.17 -34.24
N LEU C 697 37.78 -53.30 -34.79
CA LEU C 697 37.49 -52.83 -36.16
C LEU C 697 37.76 -53.93 -37.17
N VAL C 698 38.78 -54.72 -36.88
CA VAL C 698 39.13 -55.84 -37.72
C VAL C 698 38.01 -56.88 -37.59
N ASP C 699 37.53 -57.15 -36.38
CA ASP C 699 36.51 -58.19 -36.18
C ASP C 699 35.18 -57.96 -36.93
N VAL C 700 34.92 -56.73 -37.38
CA VAL C 700 33.71 -56.41 -38.16
C VAL C 700 34.04 -55.91 -39.55
N GLY C 701 35.32 -55.95 -39.91
CA GLY C 701 35.72 -55.71 -41.29
C GLY C 701 35.69 -54.26 -41.69
N VAL C 702 36.10 -53.40 -40.76
CA VAL C 702 36.19 -51.98 -41.01
C VAL C 702 37.62 -51.62 -41.37
N ASP C 703 37.83 -50.96 -42.50
CA ASP C 703 39.15 -50.44 -42.82
C ASP C 703 39.37 -49.10 -42.11
N PHE C 704 40.60 -48.89 -41.67
CA PHE C 704 40.99 -47.71 -40.89
C PHE C 704 42.49 -47.55 -41.02
N GLN C 705 43.01 -46.49 -40.44
CA GLN C 705 44.45 -46.25 -40.52
C GLN C 705 44.99 -46.22 -39.12
N ALA C 706 46.21 -46.70 -38.97
CA ALA C 706 46.82 -46.76 -37.65
C ALA C 706 48.25 -46.29 -37.69
N MET C 707 48.71 -45.77 -36.56
CA MET C 707 50.12 -45.48 -36.38
C MET C 707 50.47 -45.80 -34.93
N TRP C 708 51.55 -46.56 -34.76
CA TRP C 708 52.13 -46.77 -33.44
C TRP C 708 53.42 -45.97 -33.39
N TYR C 709 53.76 -45.49 -32.21
CA TYR C 709 55.06 -44.86 -31.97
C TYR C 709 55.82 -45.63 -30.92
N THR C 710 56.95 -46.19 -31.33
CA THR C 710 57.78 -47.05 -30.51
C THR C 710 58.34 -46.31 -29.30
N ASP C 711 58.07 -46.83 -28.10
CA ASP C 711 58.65 -46.30 -26.86
C ASP C 711 58.23 -44.89 -26.49
N GLU C 712 57.36 -44.28 -27.29
CA GLU C 712 56.80 -42.98 -26.97
C GLU C 712 55.69 -43.17 -25.96
N ASP C 713 55.47 -42.17 -25.12
CA ASP C 713 54.45 -42.26 -24.10
C ASP C 713 53.26 -41.34 -24.39
N HIS C 714 52.48 -41.04 -23.37
CA HIS C 714 51.25 -40.30 -23.59
C HIS C 714 51.38 -38.95 -24.29
N GLY C 715 52.55 -38.31 -24.16
CA GLY C 715 52.76 -37.02 -24.76
C GLY C 715 53.26 -37.05 -26.20
N ILE C 716 53.69 -38.23 -26.68
CA ILE C 716 54.40 -38.41 -27.97
C ILE C 716 55.25 -37.15 -28.25
N ALA C 717 56.08 -36.87 -27.25
CA ALA C 717 56.67 -35.58 -27.07
C ALA C 717 58.14 -35.53 -27.44
N SER C 718 58.72 -36.68 -27.81
CA SER C 718 60.05 -36.67 -28.41
C SER C 718 60.08 -35.66 -29.53
N SER C 719 61.19 -34.96 -29.66
CA SER C 719 61.34 -33.98 -30.73
C SER C 719 60.94 -34.59 -32.07
N THR C 720 61.53 -35.74 -32.40
CA THR C 720 61.31 -36.37 -33.70
C THR C 720 59.95 -37.02 -33.83
N ALA C 721 59.43 -37.58 -32.73
CA ALA C 721 58.09 -38.17 -32.72
C ALA C 721 57.05 -37.08 -32.90
N HIS C 722 57.22 -35.99 -32.14
CA HIS C 722 56.30 -34.86 -32.21
C HIS C 722 56.17 -34.34 -33.64
N GLN C 723 57.30 -34.24 -34.35
CA GLN C 723 57.28 -33.77 -35.72
C GLN C 723 56.64 -34.80 -36.64
N HIS C 724 56.99 -36.07 -36.43
CA HIS C 724 56.45 -37.14 -37.26
C HIS C 724 54.94 -37.23 -37.17
N ILE C 725 54.39 -37.13 -35.96
CA ILE C 725 52.95 -37.25 -35.79
C ILE C 725 52.17 -36.11 -36.44
N TYR C 726 52.59 -34.86 -36.22
CA TYR C 726 51.90 -33.75 -36.89
C TYR C 726 52.04 -33.82 -38.41
N THR C 727 53.21 -34.23 -38.90
CA THR C 727 53.40 -34.43 -40.32
C THR C 727 52.40 -35.46 -40.87
N HIS C 728 52.20 -36.53 -40.12
CA HIS C 728 51.35 -37.65 -40.54
C HIS C 728 49.87 -37.32 -40.46
N MET C 729 49.47 -36.67 -39.37
CA MET C 729 48.09 -36.23 -39.14
C MET C 729 47.62 -35.23 -40.18
N SER C 730 48.56 -34.40 -40.67
CA SER C 730 48.30 -33.39 -41.69
C SER C 730 47.93 -34.03 -43.00
N HIS C 731 48.77 -34.93 -43.49
CA HIS C 731 48.54 -35.62 -44.76
C HIS C 731 47.19 -36.27 -44.77
N PHE C 732 46.85 -36.88 -43.65
CA PHE C 732 45.55 -37.53 -43.51
C PHE C 732 44.38 -36.56 -43.63
N ILE C 733 44.52 -35.39 -43.01
CA ILE C 733 43.50 -34.33 -43.11
C ILE C 733 43.39 -33.81 -44.55
N LYS C 734 44.54 -33.42 -45.12
CA LYS C 734 44.60 -32.97 -46.52
C LYS C 734 44.02 -34.00 -47.48
N GLN C 735 44.16 -35.28 -47.17
CA GLN C 735 43.59 -36.37 -47.96
C GLN C 735 42.08 -36.39 -47.77
N CYS C 736 41.65 -36.23 -46.51
CA CYS C 736 40.24 -36.29 -46.15
C CYS C 736 39.46 -35.11 -46.72
N PHE C 737 40.10 -33.95 -46.78
CA PHE C 737 39.49 -32.73 -47.33
C PHE C 737 39.84 -32.47 -48.80
N SER C 738 40.49 -33.43 -49.44
CA SER C 738 40.92 -33.33 -50.84
C SER C 738 41.74 -32.07 -51.09
N LEU C 739 42.71 -31.80 -50.21
CA LEU C 739 43.60 -30.66 -50.36
C LEU C 739 44.93 -31.13 -50.95
N PRO C 740 45.50 -30.36 -51.89
CA PRO C 740 46.69 -30.76 -52.66
C PRO C 740 47.93 -31.03 -51.79
N LYS D 15 -17.44 -36.22 9.07
CA LYS D 15 -18.37 -37.15 8.36
C LYS D 15 -19.60 -36.45 7.77
N THR D 16 -20.26 -37.10 6.80
CA THR D 16 -21.36 -36.52 6.03
C THR D 16 -22.70 -37.23 6.24
N TYR D 17 -23.79 -36.56 5.88
CA TYR D 17 -25.14 -37.14 5.96
C TYR D 17 -25.29 -38.23 4.88
N THR D 18 -25.30 -39.49 5.32
CA THR D 18 -25.26 -40.63 4.41
C THR D 18 -26.65 -41.07 3.93
N LEU D 19 -26.69 -41.96 2.95
CA LEU D 19 -27.94 -42.55 2.50
C LEU D 19 -28.55 -43.35 3.66
N THR D 20 -27.70 -44.07 4.39
CA THR D 20 -28.13 -44.88 5.52
C THR D 20 -28.68 -44.02 6.65
N ASP D 21 -28.15 -42.80 6.79
CA ASP D 21 -28.68 -41.83 7.74
C ASP D 21 -30.11 -41.45 7.35
N TYR D 22 -30.31 -41.20 6.06
CA TYR D 22 -31.63 -40.89 5.56
C TYR D 22 -32.58 -42.08 5.70
N LEU D 23 -32.08 -43.28 5.46
CA LEU D 23 -32.92 -44.49 5.47
C LEU D 23 -33.25 -45.03 6.86
N LYS D 24 -32.31 -44.91 7.79
CA LYS D 24 -32.49 -45.40 9.16
C LYS D 24 -32.84 -44.34 10.20
N ASN D 25 -33.02 -43.09 9.75
CA ASN D 25 -33.32 -41.94 10.60
C ASN D 25 -32.39 -41.79 11.80
N THR D 26 -31.09 -41.75 11.53
CA THR D 26 -30.11 -41.56 12.58
C THR D 26 -30.21 -40.16 13.20
N TYR D 27 -30.59 -39.19 12.38
CA TYR D 27 -30.78 -37.82 12.83
C TYR D 27 -32.23 -37.45 12.73
N ARG D 28 -32.96 -37.69 13.83
CA ARG D 28 -34.40 -37.51 13.88
C ARG D 28 -34.82 -36.11 14.38
N LEU D 29 -35.86 -35.54 13.78
CA LEU D 29 -36.46 -34.28 14.23
C LEU D 29 -37.47 -34.59 15.32
N LYS D 30 -37.39 -33.87 16.43
CA LYS D 30 -38.39 -33.98 17.49
C LYS D 30 -39.56 -33.03 17.23
N LEU D 31 -40.75 -33.48 17.59
CA LEU D 31 -41.97 -32.70 17.42
C LEU D 31 -42.61 -32.42 18.78
N TYR D 32 -43.71 -31.67 18.79
CA TYR D 32 -44.47 -31.43 20.01
C TYR D 32 -45.96 -31.37 19.70
N SER D 33 -46.51 -32.51 19.30
CA SER D 33 -47.92 -32.63 19.02
C SER D 33 -48.70 -32.60 20.34
N LEU D 34 -49.62 -31.64 20.46
CA LEU D 34 -50.48 -31.55 21.63
C LEU D 34 -51.94 -31.65 21.22
N ARG D 35 -52.82 -31.83 22.22
CA ARG D 35 -54.24 -32.06 21.97
C ARG D 35 -55.08 -31.17 22.90
N TRP D 36 -55.70 -30.14 22.33
CA TRP D 36 -56.46 -29.16 23.13
C TRP D 36 -57.78 -29.69 23.68
N ILE D 37 -57.72 -30.24 24.91
CA ILE D 37 -58.93 -30.67 25.62
C ILE D 37 -59.66 -29.43 26.12
N SER D 38 -59.14 -28.81 27.18
CA SER D 38 -59.72 -27.59 27.73
C SER D 38 -59.05 -26.36 27.13
N ASP D 39 -59.55 -25.19 27.54
CA ASP D 39 -59.06 -23.92 27.03
C ASP D 39 -57.73 -23.50 27.66
N HIS D 40 -57.11 -24.40 28.43
CA HIS D 40 -55.88 -24.10 29.16
C HIS D 40 -54.99 -25.32 29.45
N GLU D 41 -55.45 -26.50 29.03
CA GLU D 41 -54.73 -27.75 29.29
C GLU D 41 -54.65 -28.65 28.05
N TYR D 42 -53.74 -29.63 28.09
CA TYR D 42 -53.55 -30.61 27.02
C TYR D 42 -52.78 -31.84 27.53
N LEU D 43 -52.38 -32.73 26.61
CA LEU D 43 -51.47 -33.83 26.94
C LEU D 43 -50.33 -34.01 25.91
N TYR D 44 -49.30 -34.75 26.31
CA TYR D 44 -48.12 -34.99 25.48
C TYR D 44 -47.68 -36.46 25.54
N SER D 75 -49.04 -52.10 21.70
CA SER D 75 -49.88 -53.09 21.02
C SER D 75 -51.18 -52.46 20.48
N ILE D 76 -51.53 -51.30 21.04
CA ILE D 76 -52.79 -50.61 20.75
C ILE D 76 -52.49 -49.35 19.93
N ASN D 77 -53.10 -49.26 18.75
CA ASN D 77 -52.73 -48.26 17.73
C ASN D 77 -52.90 -46.79 18.10
N ASP D 78 -54.14 -46.37 18.39
CA ASP D 78 -54.42 -44.98 18.71
C ASP D 78 -55.57 -44.87 19.73
N TYR D 79 -55.81 -43.65 20.22
CA TYR D 79 -56.83 -43.36 21.23
C TYR D 79 -57.50 -42.00 21.02
N SER D 80 -58.79 -41.91 21.37
CA SER D 80 -59.56 -40.69 21.22
C SER D 80 -60.44 -40.41 22.43
N ILE D 81 -60.02 -39.46 23.25
CA ILE D 81 -60.75 -39.04 24.46
C ILE D 81 -62.07 -38.36 24.08
N SER D 82 -63.15 -38.75 24.76
CA SER D 82 -64.44 -38.11 24.58
C SER D 82 -64.34 -36.66 25.06
N PRO D 83 -64.94 -35.72 24.32
CA PRO D 83 -64.88 -34.29 24.63
C PRO D 83 -65.15 -33.91 26.09
N ASP D 84 -66.05 -34.64 26.77
CA ASP D 84 -66.35 -34.36 28.18
C ASP D 84 -65.22 -34.82 29.10
N GLY D 85 -64.59 -35.95 28.74
CA GLY D 85 -63.48 -36.50 29.51
C GLY D 85 -63.81 -37.75 30.30
N GLN D 86 -65.02 -38.27 30.16
CA GLN D 86 -65.44 -39.47 30.89
C GLN D 86 -64.99 -40.78 30.24
N PHE D 87 -64.90 -40.79 28.91
CA PHE D 87 -64.60 -42.01 28.17
C PHE D 87 -63.43 -41.88 27.18
N ILE D 88 -62.64 -42.94 27.08
CA ILE D 88 -61.54 -43.02 26.12
C ILE D 88 -61.78 -44.13 25.10
N LEU D 89 -61.48 -43.84 23.84
CA LEU D 89 -61.65 -44.81 22.76
C LEU D 89 -60.31 -45.43 22.34
N LEU D 90 -60.26 -46.77 22.33
CA LEU D 90 -59.05 -47.53 21.97
C LEU D 90 -59.13 -48.04 20.54
N GLU D 91 -58.01 -48.00 19.83
CA GLU D 91 -57.95 -48.43 18.44
C GLU D 91 -56.91 -49.52 18.29
N TYR D 92 -57.34 -50.70 17.84
CA TYR D 92 -56.42 -51.80 17.55
C TYR D 92 -56.88 -52.55 16.29
N ASN D 93 -56.07 -53.50 15.80
CA ASN D 93 -56.38 -54.26 14.59
C ASN D 93 -56.43 -53.38 13.32
N TYR D 94 -55.63 -52.33 13.34
CA TYR D 94 -55.52 -51.37 12.25
C TYR D 94 -55.13 -52.05 10.94
N VAL D 95 -55.89 -51.77 9.90
CA VAL D 95 -55.59 -52.28 8.58
C VAL D 95 -55.81 -51.14 7.60
N LYS D 96 -54.71 -50.61 7.05
CA LYS D 96 -54.76 -49.51 6.09
C LYS D 96 -55.52 -49.92 4.84
N GLN D 97 -56.31 -48.98 4.30
CA GLN D 97 -56.91 -49.14 2.99
C GLN D 97 -56.20 -48.20 2.01
N TRP D 98 -56.77 -47.01 1.77
CA TRP D 98 -56.15 -46.05 0.86
C TRP D 98 -55.33 -45.03 1.64
N ARG D 99 -55.19 -43.82 1.09
CA ARG D 99 -54.36 -42.78 1.71
C ARG D 99 -54.80 -42.37 3.12
N HIS D 100 -56.11 -42.28 3.32
CA HIS D 100 -56.68 -41.88 4.61
C HIS D 100 -57.51 -42.99 5.25
N SER D 101 -58.22 -43.75 4.42
CA SER D 101 -59.10 -44.84 4.88
C SER D 101 -58.37 -46.04 5.48
N TYR D 102 -59.03 -46.63 6.47
CA TYR D 102 -58.55 -47.84 7.16
C TYR D 102 -59.67 -48.54 7.93
N THR D 103 -59.33 -49.66 8.55
CA THR D 103 -60.27 -50.51 9.28
C THR D 103 -59.67 -50.93 10.61
N ALA D 104 -60.50 -51.03 11.65
CA ALA D 104 -60.00 -51.37 12.98
C ALA D 104 -61.04 -51.98 13.93
N SER D 105 -60.56 -52.50 15.05
CA SER D 105 -61.39 -52.87 16.18
C SER D 105 -61.28 -51.81 17.27
N TYR D 106 -62.41 -51.47 17.88
CA TYR D 106 -62.42 -50.43 18.92
C TYR D 106 -62.98 -50.89 20.26
N ASP D 107 -62.41 -50.38 21.34
CA ASP D 107 -62.87 -50.63 22.71
C ASP D 107 -62.97 -49.33 23.50
N ILE D 108 -63.91 -49.29 24.43
CA ILE D 108 -64.15 -48.09 25.25
C ILE D 108 -63.86 -48.35 26.74
N TYR D 109 -63.36 -47.31 27.40
CA TYR D 109 -62.98 -47.39 28.81
C TYR D 109 -63.43 -46.11 29.55
N ASP D 110 -64.11 -46.28 30.68
CA ASP D 110 -64.62 -45.15 31.50
C ASP D 110 -63.49 -44.25 32.02
N ILE D 117 -65.62 -50.01 29.56
CA ILE D 117 -66.70 -50.88 29.10
C ILE D 117 -66.23 -52.33 29.05
N THR D 118 -67.21 -53.23 29.01
CA THR D 118 -66.96 -54.68 28.97
C THR D 118 -67.94 -55.37 28.01
N GLU D 119 -69.09 -54.75 27.76
CA GLU D 119 -70.12 -55.34 26.90
C GLU D 119 -70.79 -54.35 25.95
N GLU D 120 -71.50 -54.87 24.95
CA GLU D 120 -72.14 -54.09 23.87
C GLU D 120 -71.10 -53.36 23.03
N ARG D 121 -70.05 -54.11 22.66
CA ARG D 121 -68.84 -53.56 22.03
C ARG D 121 -69.01 -53.15 20.58
N ILE D 122 -68.19 -52.20 20.13
CA ILE D 122 -68.15 -51.79 18.73
C ILE D 122 -67.47 -52.92 17.94
N PRO D 123 -68.12 -53.39 16.85
CA PRO D 123 -67.64 -54.60 16.17
C PRO D 123 -66.25 -54.48 15.53
N ASN D 124 -65.63 -55.63 15.32
CA ASN D 124 -64.42 -55.73 14.53
C ASN D 124 -64.72 -55.18 13.13
N ASN D 125 -63.69 -54.71 12.42
CA ASN D 125 -63.82 -54.20 11.04
C ASN D 125 -64.61 -52.89 10.87
N THR D 126 -64.43 -51.94 11.80
CA THR D 126 -65.08 -50.63 11.73
C THR D 126 -64.28 -49.64 10.86
N GLN D 127 -64.99 -48.95 9.98
CA GLN D 127 -64.38 -48.08 8.98
C GLN D 127 -64.13 -46.64 9.47
N TRP D 128 -65.01 -46.14 10.32
CA TRP D 128 -64.84 -44.82 10.93
C TRP D 128 -65.60 -44.69 12.25
N VAL D 129 -65.04 -43.91 13.17
CA VAL D 129 -65.64 -43.60 14.47
C VAL D 129 -65.43 -42.12 14.77
N THR D 130 -66.36 -41.52 15.51
CA THR D 130 -66.20 -40.13 15.94
C THR D 130 -67.07 -39.75 17.14
N TRP D 131 -66.51 -38.90 17.98
CA TRP D 131 -67.23 -38.34 19.12
C TRP D 131 -68.01 -37.11 18.66
N SER D 132 -69.08 -36.79 19.41
CA SER D 132 -69.81 -35.54 19.23
C SER D 132 -68.97 -34.44 19.88
N PRO D 133 -68.95 -33.23 19.32
CA PRO D 133 -68.06 -32.16 19.79
C PRO D 133 -68.06 -31.91 21.31
N VAL D 134 -69.16 -32.24 21.99
CA VAL D 134 -69.22 -32.23 23.46
C VAL D 134 -70.05 -33.39 23.99
N GLY D 135 -69.58 -33.99 25.09
CA GLY D 135 -70.24 -35.13 25.71
C GLY D 135 -69.57 -36.44 25.36
N HIS D 136 -70.35 -37.51 25.31
CA HIS D 136 -69.85 -38.85 25.00
C HIS D 136 -70.75 -39.63 24.03
N LYS D 137 -71.33 -38.90 23.06
CA LYS D 137 -72.06 -39.52 21.96
C LYS D 137 -71.04 -40.00 20.93
N LEU D 138 -71.28 -41.20 20.38
CA LEU D 138 -70.32 -41.83 19.51
C LEU D 138 -70.99 -42.39 18.27
N ALA D 139 -70.62 -41.86 17.11
CA ALA D 139 -71.13 -42.33 15.83
C ALA D 139 -70.07 -43.09 15.05
N TYR D 140 -70.43 -44.26 14.53
CA TYR D 140 -69.50 -45.07 13.76
C TYR D 140 -70.08 -45.65 12.48
N VAL D 141 -69.19 -46.03 11.56
CA VAL D 141 -69.56 -46.65 10.30
C VAL D 141 -69.01 -48.08 10.24
N TRP D 142 -69.90 -49.04 10.06
CA TRP D 142 -69.52 -50.45 9.91
C TRP D 142 -70.36 -51.05 8.80
N ASN D 143 -69.72 -51.85 7.95
CA ASN D 143 -70.35 -52.40 6.74
C ASN D 143 -71.03 -51.33 5.88
N ASN D 144 -70.43 -50.14 5.85
CA ASN D 144 -70.90 -49.02 5.03
C ASN D 144 -72.14 -48.29 5.55
N ASP D 145 -72.64 -48.72 6.71
CA ASP D 145 -73.82 -48.13 7.34
C ASP D 145 -73.48 -47.35 8.61
N ILE D 146 -74.24 -46.31 8.89
CA ILE D 146 -74.02 -45.46 10.07
C ILE D 146 -74.75 -45.95 11.31
N TYR D 147 -74.07 -45.84 12.46
CA TYR D 147 -74.60 -46.27 13.75
C TYR D 147 -74.30 -45.18 14.78
N VAL D 148 -75.13 -45.06 15.81
CA VAL D 148 -74.90 -44.09 16.90
C VAL D 148 -75.05 -44.75 18.27
N LYS D 149 -74.11 -44.47 19.18
CA LYS D 149 -74.22 -44.91 20.57
C LYS D 149 -74.34 -43.70 21.50
N ILE D 150 -75.54 -43.52 22.06
CA ILE D 150 -75.84 -42.42 22.97
C ILE D 150 -74.95 -42.52 24.21
N GLU D 151 -74.93 -43.71 24.81
CA GLU D 151 -74.00 -44.04 25.88
C GLU D 151 -73.17 -45.27 25.49
N PRO D 152 -71.83 -45.18 25.62
CA PRO D 152 -70.85 -46.23 25.34
C PRO D 152 -71.30 -47.68 25.59
N ASN D 153 -72.11 -47.91 26.63
CA ASN D 153 -72.55 -49.27 26.99
C ASN D 153 -74.00 -49.61 26.59
N LEU D 154 -74.66 -48.68 25.92
CA LEU D 154 -76.01 -48.89 25.39
C LEU D 154 -75.95 -49.59 24.03
N PRO D 155 -77.07 -50.20 23.58
CA PRO D 155 -77.12 -50.68 22.21
C PRO D 155 -77.05 -49.50 21.24
N SER D 156 -76.48 -49.73 20.06
CA SER D 156 -76.36 -48.68 19.05
C SER D 156 -77.60 -48.61 18.17
N TYR D 157 -77.80 -47.47 17.52
CA TYR D 157 -78.96 -47.28 16.67
C TYR D 157 -78.56 -47.15 15.21
N ARG D 158 -78.98 -48.12 14.41
CA ARG D 158 -78.67 -48.14 12.99
C ARG D 158 -79.38 -46.98 12.27
N ILE D 159 -78.60 -46.13 11.64
CA ILE D 159 -79.14 -44.97 10.94
C ILE D 159 -79.56 -45.34 9.53
N THR D 160 -78.71 -46.09 8.82
CA THR D 160 -78.93 -46.42 7.41
C THR D 160 -79.00 -47.92 7.19
N TRP D 161 -79.69 -48.31 6.12
CA TRP D 161 -79.87 -49.72 5.79
C TRP D 161 -79.51 -50.00 4.33
N THR D 162 -78.80 -49.06 3.70
CA THR D 162 -78.46 -49.17 2.28
C THR D 162 -77.02 -49.57 1.99
N GLY D 163 -76.15 -49.46 2.99
CA GLY D 163 -74.73 -49.76 2.84
C GLY D 163 -74.43 -51.07 2.13
N LYS D 164 -73.74 -50.97 0.99
CA LYS D 164 -73.30 -52.14 0.24
C LYS D 164 -71.88 -51.94 -0.29
N GLU D 165 -71.04 -52.93 -0.04
CA GLU D 165 -69.63 -52.87 -0.37
C GLU D 165 -69.37 -52.53 -1.85
N ASP D 166 -68.55 -51.50 -2.06
CA ASP D 166 -68.19 -51.03 -3.39
C ASP D 166 -69.34 -50.37 -4.18
N ILE D 167 -70.46 -50.09 -3.52
CA ILE D 167 -71.60 -49.47 -4.21
C ILE D 167 -72.28 -48.31 -3.46
N ILE D 168 -72.66 -48.53 -2.20
CA ILE D 168 -73.35 -47.50 -1.42
C ILE D 168 -72.56 -47.14 -0.17
N TYR D 169 -72.19 -45.86 -0.07
CA TYR D 169 -71.39 -45.37 1.05
C TYR D 169 -72.17 -44.39 1.91
N ASN D 170 -72.32 -44.74 3.18
CA ASN D 170 -72.98 -43.87 4.16
C ASN D 170 -72.02 -43.49 5.26
N GLY D 171 -71.66 -42.20 5.31
CA GLY D 171 -70.77 -41.69 6.35
C GLY D 171 -69.30 -41.96 6.11
N ILE D 172 -68.96 -42.41 4.90
CA ILE D 172 -67.57 -42.56 4.45
C ILE D 172 -67.50 -42.26 2.96
N THR D 173 -66.33 -41.85 2.48
CA THR D 173 -66.18 -41.54 1.06
C THR D 173 -65.83 -42.78 0.26
N ASP D 174 -66.00 -42.67 -1.05
CA ASP D 174 -65.49 -43.67 -1.97
C ASP D 174 -64.05 -43.24 -2.31
N TRP D 175 -63.43 -43.91 -3.27
CA TRP D 175 -62.04 -43.65 -3.57
C TRP D 175 -61.81 -42.19 -3.91
N VAL D 176 -62.50 -41.70 -4.92
CA VAL D 176 -62.23 -40.38 -5.48
C VAL D 176 -62.45 -39.21 -4.51
N TYR D 177 -63.51 -39.29 -3.71
CA TYR D 177 -63.82 -38.27 -2.71
C TYR D 177 -62.76 -38.24 -1.61
N GLU D 178 -62.22 -39.41 -1.28
CA GLU D 178 -61.17 -39.53 -0.28
C GLU D 178 -59.86 -38.89 -0.76
N GLU D 179 -59.42 -39.29 -1.95
CA GLU D 179 -58.18 -38.79 -2.49
C GLU D 179 -58.26 -37.33 -2.96
N GLU D 180 -59.36 -36.94 -3.57
CA GLU D 180 -59.42 -35.64 -4.26
C GLU D 180 -60.43 -34.60 -3.77
N VAL D 181 -61.33 -34.97 -2.87
CA VAL D 181 -62.30 -33.98 -2.38
C VAL D 181 -62.13 -33.65 -0.90
N PHE D 182 -62.33 -34.65 -0.04
CA PHE D 182 -62.30 -34.39 1.40
C PHE D 182 -60.96 -34.58 2.08
N SER D 183 -60.02 -35.25 1.41
CA SER D 183 -58.73 -35.62 2.00
C SER D 183 -58.94 -36.34 3.33
N ALA D 184 -60.02 -37.12 3.39
CA ALA D 184 -60.38 -37.88 4.60
C ALA D 184 -61.36 -39.00 4.26
N TYR D 185 -61.44 -39.99 5.13
CA TYR D 185 -62.38 -41.09 4.95
C TYR D 185 -63.78 -40.67 5.37
N SER D 186 -63.87 -40.00 6.52
CA SER D 186 -65.17 -39.69 7.11
C SER D 186 -66.02 -38.77 6.25
N ALA D 187 -67.31 -39.09 6.21
CA ALA D 187 -68.29 -38.26 5.56
C ALA D 187 -69.38 -38.01 6.62
N LEU D 188 -68.93 -37.62 7.81
CA LEU D 188 -69.79 -37.30 8.95
C LEU D 188 -69.47 -35.92 9.48
N TRP D 189 -70.50 -35.19 9.90
CA TRP D 189 -70.33 -33.87 10.50
C TRP D 189 -71.39 -33.66 11.58
N TRP D 190 -70.93 -33.59 12.84
CA TRP D 190 -71.80 -33.35 13.98
C TRP D 190 -72.23 -31.90 14.09
N SER D 191 -73.37 -31.66 14.73
CA SER D 191 -73.76 -30.32 15.16
C SER D 191 -72.94 -30.00 16.41
N PRO D 192 -72.43 -28.76 16.50
CA PRO D 192 -71.55 -28.30 17.59
C PRO D 192 -71.86 -28.82 19.00
N ASN D 193 -73.12 -29.10 19.33
CA ASN D 193 -73.45 -29.59 20.68
C ASN D 193 -73.65 -31.10 20.79
N GLY D 194 -74.08 -31.74 19.70
CA GLY D 194 -74.28 -33.20 19.67
C GLY D 194 -75.70 -33.62 19.44
N THR D 195 -76.38 -32.94 18.51
CA THR D 195 -77.78 -33.17 18.22
C THR D 195 -78.00 -33.66 16.78
N PHE D 196 -77.56 -32.86 15.82
CA PHE D 196 -77.72 -33.18 14.43
C PHE D 196 -76.43 -33.75 13.83
N LEU D 197 -76.54 -34.99 13.33
CA LEU D 197 -75.45 -35.66 12.66
C LEU D 197 -75.64 -35.61 11.15
N ALA D 198 -74.92 -34.70 10.51
CA ALA D 198 -74.91 -34.56 9.07
C ALA D 198 -74.04 -35.66 8.48
N TYR D 199 -74.44 -36.17 7.31
CA TYR D 199 -73.64 -37.15 6.61
C TYR D 199 -73.87 -37.17 5.11
N ALA D 200 -72.91 -37.75 4.40
CA ALA D 200 -73.01 -37.88 2.96
C ALA D 200 -73.21 -39.33 2.54
N GLN D 201 -73.79 -39.51 1.37
CA GLN D 201 -73.98 -40.82 0.76
C GLN D 201 -73.48 -40.79 -0.67
N PHE D 202 -72.71 -41.81 -1.04
CA PHE D 202 -72.12 -41.89 -2.36
C PHE D 202 -72.60 -43.14 -3.07
N ASN D 203 -72.96 -42.99 -4.34
CA ASN D 203 -73.49 -44.08 -5.17
C ASN D 203 -72.54 -44.39 -6.32
N ASP D 204 -71.93 -45.57 -6.26
CA ASP D 204 -70.89 -45.98 -7.22
C ASP D 204 -71.36 -46.98 -8.28
N THR D 205 -72.67 -47.18 -8.37
CA THR D 205 -73.24 -48.24 -9.19
C THR D 205 -72.73 -48.24 -10.64
N GLU D 206 -72.71 -47.07 -11.28
CA GLU D 206 -72.31 -47.02 -12.68
C GLU D 206 -70.83 -46.72 -12.93
N VAL D 207 -70.09 -46.45 -11.86
CA VAL D 207 -68.64 -46.17 -11.94
C VAL D 207 -67.82 -47.43 -12.30
N PRO D 208 -67.02 -47.36 -13.38
CA PRO D 208 -66.24 -48.52 -13.79
C PRO D 208 -65.09 -48.82 -12.83
N LEU D 209 -64.80 -50.11 -12.63
CA LEU D 209 -63.74 -50.56 -11.72
C LEU D 209 -62.36 -50.52 -12.36
N ILE D 210 -61.34 -50.14 -11.58
CA ILE D 210 -59.97 -50.48 -11.96
C ILE D 210 -59.69 -51.88 -11.40
N GLU D 211 -59.09 -52.73 -12.22
CA GLU D 211 -58.73 -54.06 -11.78
C GLU D 211 -57.22 -54.24 -11.88
N TYR D 212 -56.61 -54.75 -10.82
CA TYR D 212 -55.18 -55.04 -10.87
C TYR D 212 -54.81 -56.25 -10.02
N SER D 213 -53.68 -56.88 -10.37
CA SER D 213 -53.22 -58.06 -9.65
C SER D 213 -52.55 -57.72 -8.33
N PHE D 214 -52.87 -58.52 -7.31
CA PHE D 214 -52.20 -58.47 -6.04
C PHE D 214 -51.66 -59.88 -5.84
N TYR D 215 -50.36 -59.97 -5.65
CA TYR D 215 -49.68 -61.26 -5.57
C TYR D 215 -49.61 -61.80 -4.15
N SER D 216 -49.55 -60.93 -3.16
CA SER D 216 -49.60 -61.36 -1.75
C SER D 216 -48.38 -62.15 -1.24
N ASP D 217 -48.52 -62.76 -0.09
CA ASP D 217 -47.51 -63.61 0.49
C ASP D 217 -47.20 -64.77 -0.46
N GLU D 218 -45.90 -65.03 -0.63
CA GLU D 218 -45.39 -66.16 -1.40
C GLU D 218 -46.27 -67.41 -1.42
N SER D 219 -46.97 -67.65 -0.31
CA SER D 219 -47.82 -68.82 -0.11
C SER D 219 -49.14 -68.80 -0.94
N LEU D 220 -49.50 -67.64 -1.49
CA LEU D 220 -50.72 -67.54 -2.32
C LEU D 220 -50.47 -68.13 -3.70
N GLN D 221 -51.13 -69.24 -4.00
CA GLN D 221 -50.90 -69.95 -5.24
C GLN D 221 -51.41 -69.17 -6.44
N TYR D 222 -52.65 -68.70 -6.34
CA TYR D 222 -53.26 -67.91 -7.39
C TYR D 222 -53.34 -66.46 -6.95
N PRO D 223 -52.76 -65.54 -7.74
CA PRO D 223 -52.87 -64.10 -7.40
C PRO D 223 -54.32 -63.62 -7.37
N LYS D 224 -54.60 -62.71 -6.45
CA LYS D 224 -55.92 -62.10 -6.29
C LYS D 224 -56.05 -60.93 -7.28
N THR D 225 -57.28 -60.67 -7.73
CA THR D 225 -57.57 -59.44 -8.47
C THR D 225 -58.29 -58.49 -7.52
N VAL D 226 -57.74 -57.30 -7.37
CA VAL D 226 -58.36 -56.24 -6.61
C VAL D 226 -59.25 -55.44 -7.56
N ARG D 227 -60.44 -55.09 -7.10
CA ARG D 227 -61.40 -54.33 -7.91
C ARG D 227 -61.89 -53.13 -7.13
N VAL D 228 -61.64 -51.94 -7.66
CA VAL D 228 -62.04 -50.68 -7.00
C VAL D 228 -62.83 -49.79 -7.97
N PRO D 229 -63.98 -49.26 -7.53
CA PRO D 229 -64.70 -48.23 -8.28
C PRO D 229 -63.85 -46.96 -8.40
N TYR D 230 -63.45 -46.61 -9.62
CA TYR D 230 -62.52 -45.51 -9.85
C TYR D 230 -62.87 -44.85 -11.18
N PRO D 231 -63.35 -43.60 -11.13
CA PRO D 231 -63.69 -42.90 -12.36
C PRO D 231 -62.49 -42.19 -12.99
N LYS D 232 -62.06 -42.67 -14.15
CA LYS D 232 -61.00 -42.01 -14.89
C LYS D 232 -61.61 -40.85 -15.67
N ALA D 233 -60.75 -39.98 -16.18
CA ALA D 233 -61.18 -38.79 -16.93
C ALA D 233 -62.27 -39.10 -17.95
N GLY D 234 -63.43 -38.46 -17.76
CA GLY D 234 -64.55 -38.59 -18.68
C GLY D 234 -65.51 -39.72 -18.35
N ALA D 235 -65.11 -40.63 -17.46
CA ALA D 235 -65.98 -41.76 -17.12
C ALA D 235 -67.15 -41.34 -16.23
N VAL D 236 -68.03 -42.29 -15.90
CA VAL D 236 -69.18 -42.03 -15.04
C VAL D 236 -68.72 -41.81 -13.60
N ASN D 237 -69.00 -40.62 -13.07
CA ASN D 237 -68.70 -40.29 -11.69
C ASN D 237 -69.74 -40.81 -10.71
N PRO D 238 -69.37 -40.95 -9.43
CA PRO D 238 -70.36 -41.26 -8.39
C PRO D 238 -71.34 -40.11 -8.15
N THR D 239 -72.54 -40.43 -7.67
CA THR D 239 -73.54 -39.41 -7.35
C THR D 239 -73.57 -39.24 -5.85
N VAL D 240 -74.10 -38.12 -5.38
CA VAL D 240 -74.09 -37.86 -3.94
C VAL D 240 -75.39 -37.23 -3.43
N LYS D 241 -75.86 -37.75 -2.31
CA LYS D 241 -76.99 -37.19 -1.59
C LYS D 241 -76.51 -36.77 -0.21
N PHE D 242 -77.19 -35.77 0.37
CA PHE D 242 -76.85 -35.29 1.71
C PHE D 242 -78.03 -35.44 2.66
N PHE D 243 -77.73 -35.77 3.92
CA PHE D 243 -78.74 -36.03 4.93
C PHE D 243 -78.34 -35.44 6.28
N VAL D 244 -79.36 -35.21 7.13
CA VAL D 244 -79.15 -34.77 8.51
C VAL D 244 -80.11 -35.55 9.42
N VAL D 245 -79.69 -35.83 10.65
CA VAL D 245 -80.51 -36.59 11.58
C VAL D 245 -80.38 -36.08 13.03
N ASN D 246 -81.52 -35.88 13.69
CA ASN D 246 -81.56 -35.53 15.11
C ASN D 246 -81.28 -36.76 15.95
N THR D 247 -80.10 -36.76 16.58
CA THR D 247 -79.60 -37.92 17.34
C THR D 247 -80.27 -38.08 18.71
N ASP D 248 -80.83 -36.99 19.23
CA ASP D 248 -81.50 -37.00 20.52
C ASP D 248 -82.85 -37.72 20.42
N SER D 249 -83.76 -37.17 19.62
CA SER D 249 -85.06 -37.81 19.37
C SER D 249 -84.84 -39.02 18.47
N LEU D 250 -84.28 -40.08 19.06
CA LEU D 250 -83.92 -41.29 18.34
C LEU D 250 -84.72 -42.47 18.88
N SER D 251 -85.75 -42.85 18.12
CA SER D 251 -86.65 -43.93 18.54
C SER D 251 -85.88 -45.23 18.77
N SER D 252 -85.81 -45.64 20.04
CA SER D 252 -85.16 -46.90 20.42
C SER D 252 -86.02 -48.10 20.03
N VAL D 253 -87.25 -47.82 19.58
CA VAL D 253 -88.21 -48.85 19.18
C VAL D 253 -88.22 -49.01 17.67
N THR D 254 -88.25 -47.89 16.94
CA THR D 254 -88.37 -47.90 15.49
C THR D 254 -87.20 -47.22 14.76
N ASN D 255 -87.00 -47.59 13.50
CA ASN D 255 -85.94 -47.04 12.64
C ASN D 255 -85.92 -45.50 12.63
N ALA D 256 -84.71 -44.93 12.70
CA ALA D 256 -84.51 -43.49 12.70
C ALA D 256 -84.70 -42.87 11.33
N THR D 257 -85.39 -41.73 11.28
CA THR D 257 -85.66 -41.03 10.03
C THR D 257 -84.50 -40.08 9.68
N SER D 258 -84.25 -39.88 8.39
CA SER D 258 -83.15 -39.03 7.91
C SER D 258 -83.63 -37.98 6.91
N ILE D 259 -83.39 -36.71 7.23
CA ILE D 259 -83.85 -35.60 6.40
C ILE D 259 -82.84 -35.19 5.32
N GLN D 260 -83.25 -35.36 4.06
CA GLN D 260 -82.44 -35.00 2.92
C GLN D 260 -82.46 -33.52 2.61
N ILE D 261 -81.28 -32.91 2.61
CA ILE D 261 -81.08 -31.59 2.04
C ILE D 261 -80.63 -31.83 0.60
N THR D 262 -81.46 -31.43 -0.35
CA THR D 262 -81.14 -31.61 -1.77
C THR D 262 -80.13 -30.56 -2.24
N ALA D 263 -79.60 -30.76 -3.44
CA ALA D 263 -78.66 -29.81 -4.03
C ALA D 263 -79.42 -28.76 -4.86
N PRO D 264 -78.83 -27.55 -5.03
CA PRO D 264 -79.47 -26.48 -5.80
C PRO D 264 -79.70 -26.86 -7.26
N ALA D 265 -80.64 -26.15 -7.89
CA ALA D 265 -81.08 -26.41 -9.26
C ALA D 265 -79.96 -26.32 -10.30
N SER D 266 -79.08 -25.34 -10.12
CA SER D 266 -77.96 -25.08 -11.03
C SER D 266 -76.96 -26.23 -11.11
N MET D 267 -77.00 -27.10 -10.10
CA MET D 267 -76.09 -28.25 -10.03
C MET D 267 -76.71 -29.49 -10.65
N LEU D 268 -77.99 -29.71 -10.37
CA LEU D 268 -78.73 -30.89 -10.84
C LEU D 268 -78.91 -30.92 -12.37
N ILE D 269 -78.58 -29.82 -13.03
CA ILE D 269 -78.59 -29.72 -14.50
C ILE D 269 -77.48 -30.58 -15.14
N GLY D 270 -76.35 -30.73 -14.44
CA GLY D 270 -75.25 -31.59 -14.90
C GLY D 270 -74.71 -32.46 -13.78
N ASP D 271 -73.49 -32.98 -13.98
CA ASP D 271 -72.79 -33.73 -12.95
C ASP D 271 -72.18 -32.78 -11.93
N HIS D 272 -72.27 -33.14 -10.66
CA HIS D 272 -71.87 -32.24 -9.58
C HIS D 272 -71.25 -32.99 -8.40
N TYR D 273 -70.47 -32.28 -7.59
CA TYR D 273 -69.91 -32.85 -6.37
C TYR D 273 -70.33 -32.05 -5.16
N LEU D 274 -70.31 -32.69 -4.00
CA LEU D 274 -70.39 -32.00 -2.72
C LEU D 274 -68.94 -31.77 -2.29
N CYS D 275 -68.53 -30.51 -2.14
CA CYS D 275 -67.13 -30.21 -1.82
C CYS D 275 -66.85 -29.58 -0.45
N ASP D 276 -67.90 -29.28 0.31
CA ASP D 276 -67.72 -28.72 1.66
C ASP D 276 -68.97 -28.80 2.52
N VAL D 277 -68.76 -29.10 3.80
CA VAL D 277 -69.82 -29.14 4.80
C VAL D 277 -69.33 -28.44 6.07
N THR D 278 -70.01 -27.36 6.45
CA THR D 278 -69.63 -26.57 7.62
C THR D 278 -70.85 -26.15 8.45
N TRP D 279 -70.79 -26.43 9.75
CA TRP D 279 -71.84 -26.01 10.68
C TRP D 279 -71.65 -24.55 11.09
N ALA D 280 -72.78 -23.87 11.31
CA ALA D 280 -72.76 -22.47 11.74
C ALA D 280 -73.25 -22.33 13.17
N THR D 281 -74.44 -22.87 13.44
CA THR D 281 -75.05 -22.84 14.77
C THR D 281 -75.37 -24.26 15.21
N GLN D 282 -76.40 -24.39 16.05
CA GLN D 282 -76.91 -25.69 16.43
C GLN D 282 -77.97 -26.16 15.44
N GLU D 283 -78.53 -25.21 14.70
CA GLU D 283 -79.65 -25.46 13.80
C GLU D 283 -79.47 -24.81 12.40
N ARG D 284 -78.17 -24.40 12.15
CA ARG D 284 -77.82 -23.81 10.87
C ARG D 284 -76.57 -24.49 10.31
N ILE D 285 -76.61 -24.87 9.03
CA ILE D 285 -75.51 -25.59 8.40
C ILE D 285 -75.30 -25.10 6.95
N SER D 286 -74.03 -25.17 6.49
CA SER D 286 -73.66 -24.70 5.15
C SER D 286 -73.09 -25.81 4.25
N LEU D 287 -73.43 -25.74 2.96
CA LEU D 287 -73.04 -26.74 1.97
C LEU D 287 -72.51 -26.09 0.71
N GLN D 288 -71.41 -26.61 0.18
CA GLN D 288 -70.88 -26.13 -1.11
C GLN D 288 -70.88 -27.22 -2.17
N TRP D 289 -71.48 -26.91 -3.32
CA TRP D 289 -71.62 -27.82 -4.43
C TRP D 289 -70.73 -27.35 -5.57
N LEU D 290 -70.32 -28.28 -6.42
CA LEU D 290 -69.35 -27.97 -7.44
C LEU D 290 -69.69 -28.69 -8.74
N ARG D 291 -69.89 -27.93 -9.82
CA ARG D 291 -70.12 -28.50 -11.14
C ARG D 291 -68.95 -29.39 -11.57
N ARG D 292 -69.23 -30.40 -12.39
CA ARG D 292 -68.18 -31.27 -12.91
C ARG D 292 -67.15 -30.47 -13.71
N ILE D 293 -67.61 -29.37 -14.31
CA ILE D 293 -66.71 -28.35 -14.84
C ILE D 293 -66.46 -27.46 -13.63
N GLN D 294 -65.26 -27.56 -13.06
CA GLN D 294 -64.98 -26.95 -11.76
C GLN D 294 -64.64 -25.45 -11.79
N ASN D 295 -65.36 -24.69 -12.62
CA ASN D 295 -65.22 -23.23 -12.63
C ASN D 295 -66.51 -22.54 -12.20
N TYR D 296 -67.36 -23.29 -11.51
CA TYR D 296 -68.66 -22.81 -11.05
C TYR D 296 -69.10 -23.56 -9.79
N SER D 297 -69.21 -22.85 -8.68
CA SER D 297 -69.65 -23.45 -7.42
C SER D 297 -70.74 -22.62 -6.75
N VAL D 298 -71.54 -23.28 -5.90
CA VAL D 298 -72.62 -22.61 -5.17
C VAL D 298 -72.70 -23.08 -3.71
N MET D 299 -72.93 -22.13 -2.80
CA MET D 299 -73.13 -22.45 -1.38
C MET D 299 -74.58 -22.27 -0.95
N ASP D 300 -75.02 -23.10 -0.01
CA ASP D 300 -76.36 -23.02 0.58
C ASP D 300 -76.30 -22.95 2.11
N ILE D 301 -76.96 -21.96 2.68
CA ILE D 301 -77.14 -21.86 4.13
C ILE D 301 -78.50 -22.50 4.43
N CYS D 302 -78.54 -23.35 5.45
CA CYS D 302 -79.75 -24.12 5.73
C CYS D 302 -80.16 -24.14 7.20
N ASP D 303 -81.36 -23.64 7.46
CA ASP D 303 -81.95 -23.60 8.80
C ASP D 303 -82.88 -24.78 9.07
N TYR D 304 -82.75 -25.35 10.27
CA TYR D 304 -83.69 -26.35 10.74
C TYR D 304 -84.97 -25.66 11.20
N ASP D 305 -86.13 -26.24 10.90
CA ASP D 305 -87.40 -25.69 11.36
C ASP D 305 -88.00 -26.50 12.50
N GLU D 306 -88.25 -25.81 13.61
CA GLU D 306 -88.80 -26.40 14.84
C GLU D 306 -90.11 -27.18 14.60
N SER D 307 -91.00 -26.59 13.80
CA SER D 307 -92.35 -27.10 13.59
C SER D 307 -92.50 -28.07 12.42
N SER D 308 -91.97 -27.69 11.25
CA SER D 308 -92.08 -28.54 10.04
C SER D 308 -91.18 -29.77 10.09
N GLY D 309 -90.09 -29.68 10.85
CA GLY D 309 -89.14 -30.79 10.99
C GLY D 309 -88.07 -30.82 9.91
N ARG D 310 -88.38 -30.27 8.74
CA ARG D 310 -87.47 -30.27 7.60
C ARG D 310 -86.28 -29.31 7.76
N TRP D 311 -85.51 -29.16 6.67
CA TRP D 311 -84.43 -28.17 6.61
C TRP D 311 -84.65 -27.26 5.39
N ASN D 312 -84.49 -25.96 5.60
CA ASN D 312 -84.80 -24.97 4.56
C ASN D 312 -83.57 -24.18 4.12
N CYS D 313 -83.31 -24.19 2.80
CA CYS D 313 -82.21 -23.40 2.24
C CYS D 313 -82.78 -22.41 1.22
N LEU D 314 -82.92 -21.16 1.63
CA LEU D 314 -83.53 -20.14 0.80
C LEU D 314 -82.61 -19.60 -0.28
N VAL D 315 -83.20 -19.30 -1.44
CA VAL D 315 -82.51 -18.76 -2.62
C VAL D 315 -81.75 -17.46 -2.34
N ALA D 316 -82.28 -16.65 -1.43
CA ALA D 316 -81.64 -15.38 -1.05
C ALA D 316 -80.31 -15.60 -0.33
N ARG D 317 -80.17 -16.75 0.31
CA ARG D 317 -78.94 -17.11 1.03
C ARG D 317 -77.87 -17.75 0.12
N GLN D 318 -78.18 -17.95 -1.16
CA GLN D 318 -77.24 -18.56 -2.11
C GLN D 318 -76.09 -17.64 -2.50
N HIS D 319 -74.88 -18.20 -2.56
CA HIS D 319 -73.70 -17.47 -3.01
C HIS D 319 -72.97 -18.22 -4.12
N ILE D 320 -72.44 -17.47 -5.08
CA ILE D 320 -71.77 -18.04 -6.23
C ILE D 320 -70.31 -17.63 -6.30
N GLU D 321 -69.43 -18.62 -6.49
CA GLU D 321 -68.03 -18.37 -6.79
C GLU D 321 -67.72 -18.85 -8.20
N MET D 322 -67.62 -17.90 -9.12
CA MET D 322 -67.26 -18.16 -10.52
C MET D 322 -65.74 -18.06 -10.67
N SER D 323 -65.24 -18.46 -11.85
CA SER D 323 -63.83 -18.30 -12.21
C SER D 323 -63.70 -18.38 -13.73
N THR D 324 -63.41 -17.25 -14.37
CA THR D 324 -63.33 -17.20 -15.82
C THR D 324 -61.99 -17.72 -16.35
N THR D 325 -60.94 -17.55 -15.55
CA THR D 325 -59.56 -17.89 -15.96
C THR D 325 -59.15 -19.35 -15.73
N GLY D 326 -59.82 -20.03 -14.80
CA GLY D 326 -59.49 -21.43 -14.49
C GLY D 326 -60.53 -22.17 -13.67
N TRP D 327 -60.09 -22.75 -12.56
CA TRP D 327 -60.98 -23.51 -11.67
C TRP D 327 -61.27 -22.72 -10.39
N VAL D 328 -62.12 -23.27 -9.52
CA VAL D 328 -62.55 -22.58 -8.29
C VAL D 328 -61.79 -23.05 -7.04
N GLY D 329 -61.03 -22.13 -6.46
CA GLY D 329 -60.21 -22.42 -5.28
C GLY D 329 -58.84 -22.95 -5.66
N ARG D 330 -58.09 -23.40 -4.66
CA ARG D 330 -56.78 -24.00 -4.89
C ARG D 330 -56.93 -25.47 -5.31
N PHE D 331 -57.61 -26.26 -4.48
CA PHE D 331 -57.93 -27.65 -4.80
C PHE D 331 -59.42 -27.91 -4.58
N ARG D 332 -60.04 -27.01 -3.82
CA ARG D 332 -61.47 -26.99 -3.57
C ARG D 332 -61.84 -25.63 -2.95
N PRO D 333 -63.10 -25.20 -3.09
CA PRO D 333 -63.51 -23.90 -2.55
C PRO D 333 -63.19 -23.77 -1.07
N SER D 334 -62.80 -22.57 -0.63
CA SER D 334 -62.44 -22.33 0.77
C SER D 334 -63.62 -22.56 1.72
N GLU D 335 -63.33 -23.07 2.92
CA GLU D 335 -64.38 -23.26 3.94
C GLU D 335 -64.65 -21.97 4.72
N PRO D 336 -65.94 -21.68 5.02
CA PRO D 336 -66.32 -20.48 5.76
C PRO D 336 -66.23 -20.65 7.28
N HIS D 337 -65.88 -19.55 7.97
CA HIS D 337 -65.84 -19.51 9.43
C HIS D 337 -66.92 -18.56 9.92
N PHE D 338 -67.80 -19.08 10.77
CA PHE D 338 -68.98 -18.33 11.21
C PHE D 338 -68.85 -17.62 12.56
N THR D 339 -69.38 -16.39 12.61
CA THR D 339 -69.47 -15.62 13.85
C THR D 339 -70.46 -16.28 14.80
N LEU D 340 -70.34 -15.94 16.08
CA LEU D 340 -71.13 -16.57 17.14
C LEU D 340 -72.64 -16.65 16.89
N ASP D 341 -73.20 -15.63 16.23
CA ASP D 341 -74.64 -15.63 15.92
C ASP D 341 -74.99 -16.46 14.67
N GLY D 342 -74.16 -16.34 13.63
CA GLY D 342 -74.34 -17.11 12.41
C GLY D 342 -74.79 -16.32 11.19
N ASN D 343 -74.83 -14.99 11.31
CA ASN D 343 -75.28 -14.13 10.21
C ASN D 343 -74.13 -13.60 9.35
N SER D 344 -72.91 -13.93 9.74
CA SER D 344 -71.70 -13.50 9.03
C SER D 344 -70.60 -14.56 9.05
N PHE D 345 -69.93 -14.71 7.92
CA PHE D 345 -68.82 -15.66 7.79
C PHE D 345 -67.69 -15.10 6.92
N TYR D 346 -66.49 -15.67 7.07
CA TYR D 346 -65.36 -15.27 6.25
C TYR D 346 -64.78 -16.46 5.49
N LYS D 347 -64.51 -16.27 4.20
CA LYS D 347 -63.84 -17.26 3.36
C LYS D 347 -62.89 -16.62 2.34
N ILE D 348 -61.83 -17.36 1.98
CA ILE D 348 -60.81 -16.89 1.07
C ILE D 348 -61.25 -17.08 -0.39
N ILE D 349 -61.25 -15.98 -1.15
CA ILE D 349 -61.49 -16.04 -2.60
C ILE D 349 -60.47 -15.15 -3.31
N SER D 350 -60.35 -15.32 -4.63
CA SER D 350 -59.45 -14.52 -5.44
C SER D 350 -60.11 -13.23 -5.91
N ASN D 351 -59.43 -12.10 -5.68
CA ASN D 351 -59.96 -10.80 -6.05
C ASN D 351 -59.86 -10.49 -7.56
N GLU D 352 -60.34 -9.32 -7.96
CA GLU D 352 -60.34 -8.90 -9.36
C GLU D 352 -58.95 -8.90 -10.02
N GLU D 353 -57.90 -8.66 -9.23
CA GLU D 353 -56.52 -8.68 -9.73
C GLU D 353 -55.86 -10.06 -9.54
N GLY D 354 -56.65 -11.02 -9.08
CA GLY D 354 -56.23 -12.42 -9.01
C GLY D 354 -55.37 -12.83 -7.83
N TYR D 355 -55.69 -12.32 -6.64
CA TYR D 355 -55.00 -12.73 -5.41
C TYR D 355 -56.00 -13.23 -4.38
N ARG D 356 -55.61 -14.22 -3.60
CA ARG D 356 -56.51 -14.84 -2.63
C ARG D 356 -56.48 -14.16 -1.27
N HIS D 357 -57.61 -13.56 -0.92
CA HIS D 357 -57.75 -12.75 0.29
C HIS D 357 -59.07 -13.02 1.01
N ILE D 358 -59.25 -12.41 2.18
CA ILE D 358 -60.44 -12.64 3.01
C ILE D 358 -61.56 -11.65 2.67
N CYS D 359 -62.76 -12.19 2.42
CA CYS D 359 -63.93 -11.39 2.07
C CYS D 359 -65.01 -11.50 3.15
N TYR D 360 -65.51 -10.35 3.62
CA TYR D 360 -66.58 -10.32 4.62
C TYR D 360 -67.92 -10.59 3.96
N PHE D 361 -68.60 -11.65 4.41
CA PHE D 361 -69.88 -12.04 3.83
C PHE D 361 -71.09 -11.79 4.72
N GLN D 362 -72.13 -11.23 4.10
CA GLN D 362 -73.44 -11.10 4.73
C GLN D 362 -74.32 -12.18 4.12
N ILE D 363 -74.96 -12.95 5.00
CA ILE D 363 -75.85 -14.05 4.59
C ILE D 363 -76.86 -13.63 3.50
N ASP D 364 -77.33 -12.39 3.60
CA ASP D 364 -78.40 -11.87 2.75
C ASP D 364 -77.92 -11.31 1.41
N LYS D 365 -76.90 -10.45 1.45
CA LYS D 365 -76.39 -9.76 0.25
C LYS D 365 -75.53 -10.68 -0.63
N LYS D 366 -75.50 -10.39 -1.93
CA LYS D 366 -74.71 -11.15 -2.89
C LYS D 366 -73.31 -10.53 -3.10
N ASP D 367 -73.06 -9.43 -2.41
CA ASP D 367 -71.76 -8.76 -2.47
C ASP D 367 -71.01 -8.87 -1.16
N CYS D 368 -69.73 -9.20 -1.25
CA CYS D 368 -68.85 -9.19 -0.09
C CYS D 368 -67.76 -8.14 -0.31
N THR D 369 -67.12 -7.70 0.76
CA THR D 369 -66.03 -6.74 0.67
C THR D 369 -64.71 -7.30 1.20
N PHE D 370 -63.65 -7.10 0.43
CA PHE D 370 -62.32 -7.60 0.77
C PHE D 370 -61.69 -6.87 1.96
N ILE D 371 -61.30 -7.64 2.97
CA ILE D 371 -60.70 -7.09 4.18
C ILE D 371 -59.16 -7.11 4.14
N THR D 372 -58.60 -7.77 3.11
CA THR D 372 -57.15 -7.75 2.85
C THR D 372 -56.90 -7.58 1.34
N LYS D 373 -55.82 -6.88 1.02
CA LYS D 373 -55.43 -6.60 -0.38
C LYS D 373 -53.91 -6.70 -0.57
N GLY D 374 -53.46 -6.80 -1.82
CA GLY D 374 -52.01 -6.79 -2.12
C GLY D 374 -51.46 -7.96 -2.92
N THR D 375 -50.22 -7.79 -3.40
CA THR D 375 -49.55 -8.82 -4.19
C THR D 375 -48.96 -9.92 -3.27
N TRP D 376 -49.86 -10.78 -2.81
CA TRP D 376 -49.55 -11.88 -1.90
C TRP D 376 -50.86 -12.62 -1.60
N GLU D 377 -50.79 -13.79 -0.97
CA GLU D 377 -51.99 -14.57 -0.69
C GLU D 377 -52.18 -14.98 0.77
N VAL D 378 -53.43 -14.95 1.21
CA VAL D 378 -53.80 -15.50 2.51
C VAL D 378 -53.82 -17.01 2.34
N ILE D 379 -53.13 -17.73 3.23
CA ILE D 379 -53.06 -19.19 3.17
C ILE D 379 -54.30 -19.82 3.76
N GLY D 380 -54.58 -19.53 5.02
CA GLY D 380 -55.74 -20.09 5.72
C GLY D 380 -56.23 -19.29 6.91
N ILE D 381 -57.54 -19.35 7.17
CA ILE D 381 -58.14 -18.72 8.35
C ILE D 381 -58.06 -19.69 9.51
N GLU D 382 -57.37 -19.28 10.57
CA GLU D 382 -57.04 -20.21 11.65
C GLU D 382 -57.91 -20.10 12.90
N ALA D 383 -58.34 -18.88 13.24
CA ALA D 383 -59.16 -18.66 14.43
C ALA D 383 -60.05 -17.42 14.35
N LEU D 384 -61.22 -17.50 14.98
CA LEU D 384 -62.14 -16.37 15.04
C LEU D 384 -62.69 -16.17 16.46
N THR D 385 -62.26 -15.09 17.11
CA THR D 385 -62.79 -14.72 18.43
C THR D 385 -63.65 -13.48 18.34
N SER D 386 -64.23 -13.10 19.48
CA SER D 386 -65.06 -11.92 19.63
C SER D 386 -64.49 -10.66 18.97
N ASP D 387 -63.22 -10.34 19.24
CA ASP D 387 -62.59 -9.12 18.70
C ASP D 387 -61.67 -9.30 17.48
N TYR D 388 -61.02 -10.45 17.39
CA TYR D 388 -59.97 -10.63 16.38
C TYR D 388 -60.13 -11.84 15.44
N LEU D 389 -59.60 -11.68 14.24
CA LEU D 389 -59.56 -12.72 13.22
C LEU D 389 -58.11 -13.11 12.95
N TYR D 390 -57.82 -14.40 13.02
CA TYR D 390 -56.46 -14.91 12.84
C TYR D 390 -56.28 -15.65 11.51
N TYR D 391 -55.20 -15.31 10.79
CA TYR D 391 -54.89 -15.97 9.53
C TYR D 391 -53.39 -16.11 9.28
N ILE D 392 -53.02 -17.01 8.37
CA ILE D 392 -51.64 -17.18 7.96
C ILE D 392 -51.50 -16.73 6.50
N SER D 393 -50.38 -16.07 6.18
CA SER D 393 -50.14 -15.61 4.81
C SER D 393 -48.65 -15.54 4.45
N ASN D 394 -48.37 -15.29 3.17
CA ASN D 394 -47.02 -15.22 2.64
C ASN D 394 -46.60 -13.80 2.23
N GLU D 395 -47.09 -12.82 2.96
CA GLU D 395 -46.81 -11.40 2.68
C GLU D 395 -45.41 -11.00 3.12
N TYR D 396 -45.04 -11.40 4.34
CA TYR D 396 -43.81 -10.97 4.98
C TYR D 396 -42.59 -11.09 4.08
N LYS D 397 -41.95 -9.94 3.84
CA LYS D 397 -40.75 -9.83 3.00
C LYS D 397 -41.00 -10.18 1.52
N GLY D 398 -42.27 -10.17 1.12
CA GLY D 398 -42.67 -10.51 -0.25
C GLY D 398 -42.25 -11.91 -0.63
N MET D 399 -42.39 -12.84 0.30
CA MET D 399 -41.88 -14.20 0.14
C MET D 399 -42.99 -15.22 0.11
N PRO D 400 -43.32 -15.72 -1.09
CA PRO D 400 -44.36 -16.74 -1.29
C PRO D 400 -44.11 -18.01 -0.48
N GLY D 401 -42.83 -18.35 -0.29
CA GLY D 401 -42.44 -19.54 0.45
C GLY D 401 -42.35 -19.41 1.96
N GLY D 402 -42.76 -18.26 2.48
CA GLY D 402 -42.77 -18.02 3.93
C GLY D 402 -44.17 -18.04 4.49
N ARG D 403 -44.29 -18.52 5.73
CA ARG D 403 -45.59 -18.57 6.39
C ARG D 403 -45.54 -17.83 7.71
N ASN D 404 -46.50 -16.93 7.93
CA ASN D 404 -46.61 -16.21 9.20
C ASN D 404 -48.05 -16.05 9.69
N LEU D 405 -48.20 -15.82 10.99
CA LEU D 405 -49.52 -15.64 11.60
C LEU D 405 -49.85 -14.16 11.82
N TYR D 406 -50.95 -13.72 11.22
CA TYR D 406 -51.40 -12.34 11.34
C TYR D 406 -52.68 -12.22 12.17
N LYS D 407 -52.81 -11.07 12.84
CA LYS D 407 -53.97 -10.71 13.65
C LYS D 407 -54.61 -9.46 13.04
N ILE D 408 -55.89 -9.56 12.70
CA ILE D 408 -56.63 -8.43 12.12
C ILE D 408 -57.90 -8.11 12.92
N GLN D 409 -58.05 -6.84 13.31
CA GLN D 409 -59.20 -6.37 14.08
C GLN D 409 -60.44 -6.22 13.20
N LEU D 410 -61.54 -6.81 13.65
CA LEU D 410 -62.80 -6.81 12.90
C LEU D 410 -63.39 -5.41 12.71
N SER D 411 -63.22 -4.53 13.69
CA SER D 411 -63.74 -3.17 13.58
C SER D 411 -62.89 -2.30 12.64
N ASP D 412 -61.57 -2.45 12.71
CA ASP D 412 -60.65 -1.63 11.93
C ASP D 412 -59.68 -2.48 11.09
N TYR D 413 -59.73 -2.30 9.78
CA TYR D 413 -58.89 -3.08 8.86
C TYR D 413 -57.52 -2.45 8.56
N THR D 414 -57.06 -1.57 9.45
CA THR D 414 -55.70 -1.06 9.40
C THR D 414 -54.91 -1.74 10.52
N LYS D 415 -55.65 -2.22 11.52
CA LYS D 415 -55.08 -2.91 12.68
C LYS D 415 -54.58 -4.31 12.28
N VAL D 416 -53.33 -4.37 11.84
CA VAL D 416 -52.70 -5.62 11.35
C VAL D 416 -51.47 -5.97 12.19
N THR D 417 -51.60 -7.01 13.01
CA THR D 417 -50.52 -7.38 13.94
C THR D 417 -49.95 -8.78 13.64
N CYS D 418 -48.71 -8.83 13.14
CA CYS D 418 -48.04 -10.11 12.90
C CYS D 418 -47.53 -10.67 14.22
N LEU D 419 -47.94 -11.88 14.55
CA LEU D 419 -47.57 -12.49 15.82
C LEU D 419 -46.29 -13.32 15.74
N SER D 420 -45.82 -13.61 14.53
CA SER D 420 -44.70 -14.53 14.34
C SER D 420 -43.50 -13.98 13.55
N CYS D 421 -43.72 -12.94 12.75
CA CYS D 421 -42.67 -12.36 11.91
C CYS D 421 -41.43 -11.98 12.72
N GLU D 422 -41.67 -11.47 13.93
CA GLU D 422 -40.65 -10.83 14.74
C GLU D 422 -39.91 -11.75 15.71
N LEU D 423 -40.52 -12.89 16.05
CA LEU D 423 -40.00 -13.82 17.08
C LEU D 423 -38.52 -14.21 16.89
N ASN D 424 -38.25 -15.19 16.04
CA ASN D 424 -36.88 -15.44 15.62
C ASN D 424 -36.78 -15.28 14.10
N PRO D 425 -36.27 -14.12 13.66
CA PRO D 425 -36.28 -13.74 12.24
C PRO D 425 -35.44 -14.64 11.33
N GLU D 426 -34.29 -15.08 11.82
CA GLU D 426 -33.36 -15.86 11.00
C GLU D 426 -33.70 -17.35 10.92
N ARG D 427 -34.11 -17.93 12.05
CA ARG D 427 -34.41 -19.36 12.06
C ARG D 427 -35.87 -19.68 11.74
N CYS D 428 -36.74 -18.66 11.77
CA CYS D 428 -38.18 -18.88 11.63
C CYS D 428 -38.92 -18.02 10.60
N GLN D 429 -39.23 -18.64 9.46
CA GLN D 429 -39.97 -17.97 8.39
C GLN D 429 -41.18 -18.78 7.93
N TYR D 430 -41.30 -20.00 8.43
CA TYR D 430 -42.39 -20.86 8.03
C TYR D 430 -43.12 -21.37 9.27
N TYR D 431 -44.30 -20.81 9.53
CA TYR D 431 -45.07 -21.10 10.75
C TYR D 431 -46.42 -21.75 10.45
N SER D 432 -46.89 -22.52 11.42
CA SER D 432 -48.26 -23.03 11.45
C SER D 432 -48.73 -22.93 12.90
N VAL D 433 -50.05 -22.88 13.12
CA VAL D 433 -50.58 -22.56 14.46
C VAL D 433 -51.69 -23.49 14.92
N SER D 434 -51.84 -23.62 16.24
CA SER D 434 -52.89 -24.42 16.84
C SER D 434 -53.53 -23.71 18.03
N PHE D 435 -54.83 -23.41 17.93
CA PHE D 435 -55.53 -22.63 18.95
C PHE D 435 -56.30 -23.48 19.97
N SER D 436 -56.44 -22.95 21.18
CA SER D 436 -57.12 -23.63 22.28
C SER D 436 -58.65 -23.66 22.13
N LYS D 437 -59.30 -24.40 23.03
CA LYS D 437 -60.76 -24.63 23.04
C LYS D 437 -61.60 -23.40 22.63
N GLU D 438 -61.29 -22.25 23.23
CA GLU D 438 -61.94 -20.99 22.86
C GLU D 438 -60.90 -19.96 22.40
N ALA D 439 -59.72 -20.46 22.02
CA ALA D 439 -58.61 -19.64 21.49
C ALA D 439 -57.99 -18.65 22.49
N LYS D 440 -57.90 -19.06 23.75
CA LYS D 440 -57.32 -18.22 24.80
C LYS D 440 -55.81 -18.23 24.66
N TYR D 441 -55.28 -19.34 24.16
CA TYR D 441 -53.85 -19.47 23.90
C TYR D 441 -53.62 -20.11 22.52
N TYR D 442 -52.38 -20.09 22.05
CA TYR D 442 -52.03 -20.75 20.80
C TYR D 442 -50.61 -21.33 20.78
N GLN D 443 -50.45 -22.44 20.07
CA GLN D 443 -49.15 -23.09 19.90
C GLN D 443 -48.59 -22.80 18.51
N LEU D 444 -47.34 -22.35 18.47
CA LEU D 444 -46.68 -22.05 17.21
C LEU D 444 -45.69 -23.11 16.81
N ARG D 445 -45.94 -23.71 15.65
CA ARG D 445 -45.00 -24.62 15.00
C ARG D 445 -44.18 -23.85 13.99
N CYS D 446 -42.90 -23.69 14.29
CA CYS D 446 -41.96 -23.10 13.35
C CYS D 446 -41.28 -24.23 12.61
N SER D 447 -41.47 -24.28 11.30
CA SER D 447 -40.73 -25.20 10.43
C SER D 447 -39.54 -24.46 9.81
N GLY D 448 -39.57 -23.12 9.92
CA GLY D 448 -38.61 -22.18 9.32
C GLY D 448 -37.21 -22.67 9.05
N PRO D 449 -36.38 -21.86 8.36
CA PRO D 449 -35.09 -22.30 7.84
C PRO D 449 -34.25 -23.15 8.79
N GLY D 450 -34.24 -22.81 10.08
CA GLY D 450 -33.46 -23.56 11.06
C GLY D 450 -34.21 -24.78 11.59
N LEU D 451 -33.62 -25.44 12.58
CA LEU D 451 -34.25 -26.59 13.21
C LEU D 451 -35.61 -26.18 13.79
N PRO D 452 -36.67 -26.99 13.56
CA PRO D 452 -38.02 -26.64 13.99
C PRO D 452 -38.13 -26.26 15.46
N LEU D 453 -39.07 -25.35 15.76
CA LEU D 453 -39.23 -24.79 17.09
C LEU D 453 -40.70 -24.76 17.53
N TYR D 454 -40.94 -25.23 18.75
CA TYR D 454 -42.30 -25.34 19.27
C TYR D 454 -42.48 -24.49 20.54
N THR D 455 -43.26 -23.42 20.41
CA THR D 455 -43.47 -22.47 21.51
C THR D 455 -44.95 -22.24 21.83
N LEU D 456 -45.23 -21.97 23.11
CA LEU D 456 -46.59 -21.65 23.56
C LEU D 456 -46.74 -20.15 23.79
N HIS D 457 -47.82 -19.58 23.28
CA HIS D 457 -48.12 -18.15 23.42
C HIS D 457 -49.48 -17.89 24.07
N SER D 458 -49.62 -16.74 24.71
CA SER D 458 -50.89 -16.33 25.30
C SER D 458 -51.54 -15.30 24.37
N SER D 459 -52.73 -15.64 23.86
CA SER D 459 -53.42 -14.80 22.87
C SER D 459 -54.05 -13.55 23.48
N VAL D 460 -54.20 -13.55 24.80
CA VAL D 460 -54.79 -12.42 25.52
C VAL D 460 -53.88 -11.18 25.50
N ASN D 461 -52.57 -11.39 25.62
CA ASN D 461 -51.61 -10.27 25.69
C ASN D 461 -50.41 -10.37 24.73
N ASP D 462 -50.38 -11.43 23.92
CA ASP D 462 -49.34 -11.68 22.91
C ASP D 462 -47.93 -11.84 23.47
N LYS D 463 -47.80 -12.72 24.45
CA LYS D 463 -46.47 -13.04 24.98
C LYS D 463 -46.32 -14.55 25.16
N GLY D 464 -45.09 -15.03 24.96
CA GLY D 464 -44.80 -16.45 25.05
C GLY D 464 -44.62 -16.97 26.46
N LEU D 465 -45.32 -18.07 26.77
CA LEU D 465 -45.15 -18.77 28.04
C LEU D 465 -43.79 -19.46 28.09
N ARG D 466 -43.65 -20.57 27.37
CA ARG D 466 -42.39 -21.33 27.37
C ARG D 466 -42.05 -21.94 26.01
N VAL D 467 -40.82 -22.41 25.89
CA VAL D 467 -40.36 -23.19 24.75
C VAL D 467 -40.69 -24.65 25.06
N LEU D 468 -41.51 -25.26 24.20
CA LEU D 468 -41.94 -26.66 24.39
C LEU D 468 -40.88 -27.65 23.90
N GLU D 469 -40.41 -27.43 22.67
CA GLU D 469 -39.34 -28.22 22.05
C GLU D 469 -38.55 -27.33 21.11
N ASP D 470 -37.23 -27.49 21.10
CA ASP D 470 -36.33 -26.61 20.34
C ASP D 470 -35.31 -27.38 19.50
N ASN D 471 -35.41 -28.71 19.53
CA ASN D 471 -34.49 -29.61 18.82
C ASN D 471 -33.01 -29.35 19.07
N SER D 472 -32.63 -29.02 20.30
CA SER D 472 -31.21 -28.77 20.62
C SER D 472 -30.37 -30.04 20.65
N ALA D 473 -31.02 -31.17 20.95
CA ALA D 473 -30.39 -32.49 20.91
C ALA D 473 -29.91 -32.83 19.49
N LEU D 474 -30.79 -32.65 18.52
CA LEU D 474 -30.48 -32.86 17.11
C LEU D 474 -29.43 -31.84 16.65
N ASP D 475 -29.51 -30.64 17.22
CA ASP D 475 -28.56 -29.56 17.00
C ASP D 475 -27.14 -29.99 17.39
N LYS D 476 -27.05 -30.77 18.48
CA LYS D 476 -25.77 -31.31 18.97
C LYS D 476 -25.15 -32.25 17.94
N MET D 477 -25.92 -33.27 17.54
CA MET D 477 -25.46 -34.29 16.62
C MET D 477 -25.05 -33.71 15.27
N LEU D 478 -25.90 -32.83 14.74
CA LEU D 478 -25.70 -32.19 13.44
C LEU D 478 -24.44 -31.32 13.33
N GLN D 479 -23.94 -30.88 14.47
CA GLN D 479 -22.79 -29.99 14.51
C GLN D 479 -21.51 -30.76 14.16
N ASN D 480 -21.57 -32.07 14.36
CA ASN D 480 -20.51 -33.01 14.04
C ASN D 480 -20.49 -33.37 12.54
N VAL D 481 -21.64 -33.15 11.88
CA VAL D 481 -21.85 -33.53 10.47
C VAL D 481 -21.70 -32.34 9.52
N GLN D 482 -21.14 -32.59 8.33
CA GLN D 482 -21.06 -31.57 7.28
C GLN D 482 -22.39 -31.45 6.50
N MET D 483 -23.31 -30.66 7.04
CA MET D 483 -24.63 -30.46 6.45
C MET D 483 -24.61 -29.53 5.24
N PRO D 484 -25.55 -29.73 4.30
CA PRO D 484 -25.66 -28.78 3.19
C PRO D 484 -26.45 -27.57 3.64
N SER D 485 -26.44 -26.52 2.85
CA SER D 485 -27.21 -25.32 3.16
C SER D 485 -28.35 -25.18 2.15
N LYS D 486 -29.31 -24.32 2.45
CA LYS D 486 -30.39 -24.02 1.52
C LYS D 486 -30.31 -22.56 1.05
N LYS D 487 -30.38 -22.34 -0.25
CA LYS D 487 -30.54 -20.99 -0.77
C LYS D 487 -31.94 -20.88 -1.36
N LEU D 488 -32.64 -19.77 -1.08
CA LEU D 488 -33.97 -19.53 -1.63
C LEU D 488 -34.06 -18.11 -2.20
N ASP D 489 -34.18 -18.02 -3.52
CA ASP D 489 -34.16 -16.74 -4.21
C ASP D 489 -35.13 -16.78 -5.40
N PHE D 490 -35.05 -15.78 -6.28
CA PHE D 490 -35.92 -15.72 -7.45
C PHE D 490 -35.14 -15.37 -8.71
N ILE D 491 -35.85 -15.34 -9.84
CA ILE D 491 -35.32 -14.82 -11.10
C ILE D 491 -36.44 -14.11 -11.88
N ILE D 492 -36.07 -13.07 -12.61
CA ILE D 492 -37.00 -12.32 -13.44
C ILE D 492 -37.13 -13.00 -14.79
N LEU D 493 -38.35 -13.42 -15.11
CA LEU D 493 -38.67 -14.03 -16.39
C LEU D 493 -39.94 -13.39 -16.96
N ASN D 494 -39.80 -12.76 -18.12
CA ASN D 494 -40.89 -11.99 -18.74
C ASN D 494 -41.50 -10.98 -17.76
N GLU D 495 -40.61 -10.41 -16.95
CA GLU D 495 -40.94 -9.40 -15.93
C GLU D 495 -41.82 -9.94 -14.80
N THR D 496 -41.61 -11.21 -14.47
CA THR D 496 -42.31 -11.89 -13.37
C THR D 496 -41.28 -12.60 -12.48
N LYS D 497 -41.48 -12.50 -11.16
CA LYS D 497 -40.63 -13.20 -10.20
C LYS D 497 -40.99 -14.68 -10.12
N PHE D 498 -39.97 -15.53 -10.29
CA PHE D 498 -40.13 -16.98 -10.20
C PHE D 498 -39.14 -17.59 -9.21
N TRP D 499 -39.69 -18.08 -8.09
CA TRP D 499 -38.86 -18.52 -6.97
C TRP D 499 -38.30 -19.91 -7.15
N TYR D 500 -37.11 -20.11 -6.62
CA TYR D 500 -36.44 -21.40 -6.66
C TYR D 500 -35.71 -21.63 -5.35
N GLN D 501 -35.38 -22.89 -5.07
CA GLN D 501 -34.51 -23.22 -3.95
C GLN D 501 -33.37 -24.11 -4.41
N MET D 502 -32.28 -24.13 -3.66
CA MET D 502 -31.16 -25.03 -3.96
C MET D 502 -30.60 -25.66 -2.70
N ILE D 503 -30.34 -26.96 -2.76
CA ILE D 503 -29.60 -27.60 -1.69
C ILE D 503 -28.13 -27.61 -2.13
N LEU D 504 -27.27 -26.92 -1.39
CA LEU D 504 -25.88 -26.74 -1.82
C LEU D 504 -24.92 -27.52 -0.95
N PRO D 505 -24.06 -28.34 -1.59
CA PRO D 505 -23.06 -29.12 -0.88
C PRO D 505 -22.29 -28.29 0.15
N PRO D 506 -21.91 -28.90 1.31
CA PRO D 506 -21.09 -28.18 2.29
C PRO D 506 -19.88 -27.58 1.58
N HIS D 507 -19.35 -26.48 2.12
CA HIS D 507 -18.16 -25.83 1.53
C HIS D 507 -18.40 -25.43 0.08
N PHE D 508 -19.65 -25.08 -0.22
CA PHE D 508 -20.07 -24.71 -1.56
C PHE D 508 -19.11 -23.72 -2.18
N ASP D 509 -18.65 -24.02 -3.38
CA ASP D 509 -17.68 -23.18 -4.04
C ASP D 509 -18.18 -22.73 -5.40
N LYS D 510 -18.64 -21.48 -5.45
CA LYS D 510 -19.15 -20.87 -6.67
C LYS D 510 -18.22 -20.95 -7.88
N SER D 511 -16.94 -21.25 -7.64
CA SER D 511 -15.95 -21.33 -8.73
C SER D 511 -15.87 -22.72 -9.35
N LYS D 512 -16.27 -23.74 -8.58
CA LYS D 512 -16.32 -25.11 -9.06
C LYS D 512 -17.60 -25.38 -9.85
N LYS D 513 -17.54 -26.38 -10.74
CA LYS D 513 -18.71 -26.82 -11.50
C LYS D 513 -19.32 -28.09 -10.88
N TYR D 514 -20.55 -27.96 -10.38
CA TYR D 514 -21.28 -29.08 -9.77
C TYR D 514 -22.31 -29.72 -10.69
N PRO D 515 -22.54 -31.04 -10.51
CA PRO D 515 -23.67 -31.67 -11.17
C PRO D 515 -24.97 -31.23 -10.50
N LEU D 516 -26.02 -31.06 -11.30
CA LEU D 516 -27.30 -30.61 -10.76
C LEU D 516 -28.45 -31.60 -10.97
N LEU D 517 -29.32 -31.66 -9.98
CA LEU D 517 -30.52 -32.49 -10.04
C LEU D 517 -31.73 -31.60 -9.86
N LEU D 518 -32.62 -31.60 -10.83
CA LEU D 518 -33.87 -30.88 -10.72
C LEU D 518 -34.93 -31.78 -10.06
N ASP D 519 -35.25 -31.48 -8.80
CA ASP D 519 -36.30 -32.16 -8.03
C ASP D 519 -37.61 -31.46 -8.35
N VAL D 520 -38.60 -32.17 -8.88
CA VAL D 520 -39.82 -31.50 -9.32
C VAL D 520 -41.17 -32.08 -8.92
N TYR D 521 -42.09 -31.18 -8.57
CA TYR D 521 -43.52 -31.47 -8.48
C TYR D 521 -44.16 -30.78 -9.69
N ALA D 522 -44.22 -29.45 -9.66
CA ALA D 522 -44.69 -28.60 -10.80
C ALA D 522 -46.17 -28.70 -11.21
N GLY D 523 -46.97 -29.39 -10.42
CA GLY D 523 -48.40 -29.52 -10.67
C GLY D 523 -49.18 -28.29 -10.25
N PRO D 524 -50.44 -28.19 -10.69
CA PRO D 524 -51.29 -27.08 -10.28
C PRO D 524 -51.25 -26.79 -8.77
N CYS D 525 -50.83 -25.56 -8.45
CA CYS D 525 -50.79 -25.05 -7.08
C CYS D 525 -49.69 -25.66 -6.21
N SER D 526 -48.67 -26.20 -6.86
CA SER D 526 -47.53 -26.75 -6.15
C SER D 526 -46.67 -25.62 -5.63
N GLN D 527 -45.83 -25.94 -4.64
CA GLN D 527 -44.78 -25.05 -4.18
C GLN D 527 -43.60 -25.88 -3.70
N LYS D 528 -42.51 -25.84 -4.47
CA LYS D 528 -41.34 -26.62 -4.14
C LYS D 528 -40.29 -25.78 -3.45
N ALA D 529 -40.24 -24.50 -3.80
CA ALA D 529 -39.28 -23.55 -3.24
C ALA D 529 -39.91 -22.83 -2.04
N ASP D 530 -39.51 -23.26 -0.85
CA ASP D 530 -40.02 -22.68 0.39
C ASP D 530 -38.94 -22.59 1.46
N THR D 531 -39.36 -22.29 2.69
CA THR D 531 -38.43 -22.03 3.77
C THR D 531 -38.30 -23.20 4.74
N VAL D 532 -38.94 -24.32 4.43
CA VAL D 532 -38.99 -25.49 5.34
C VAL D 532 -37.63 -26.20 5.46
N PHE D 533 -37.30 -26.58 6.70
CA PHE D 533 -36.12 -27.42 6.96
C PHE D 533 -36.49 -28.88 6.72
N ARG D 534 -35.67 -29.56 5.94
CA ARG D 534 -35.92 -30.96 5.61
C ARG D 534 -34.68 -31.80 5.76
N LEU D 535 -34.87 -33.02 6.23
CA LEU D 535 -33.81 -34.03 6.22
C LEU D 535 -34.30 -35.16 5.34
N ASN D 536 -33.83 -35.18 4.11
CA ASN D 536 -34.37 -36.11 3.13
C ASN D 536 -33.31 -36.67 2.18
N TRP D 537 -33.74 -37.32 1.11
CA TRP D 537 -32.81 -37.86 0.13
C TRP D 537 -31.95 -36.75 -0.52
N ALA D 538 -32.56 -35.59 -0.78
CA ALA D 538 -31.84 -34.41 -1.32
C ALA D 538 -30.72 -33.98 -0.39
N THR D 539 -30.92 -34.21 0.92
CA THR D 539 -29.92 -33.85 1.91
C THR D 539 -28.70 -34.74 1.75
N TYR D 540 -28.92 -36.03 1.58
CA TYR D 540 -27.82 -36.97 1.39
C TYR D 540 -27.04 -36.67 0.09
N LEU D 541 -27.76 -36.37 -0.98
CA LEU D 541 -27.13 -36.16 -2.27
C LEU D 541 -26.15 -35.01 -2.20
N ALA D 542 -26.58 -33.93 -1.56
CA ALA D 542 -25.77 -32.72 -1.48
C ALA D 542 -24.62 -32.84 -0.48
N SER D 543 -24.93 -33.44 0.68
CA SER D 543 -23.96 -33.65 1.76
C SER D 543 -22.86 -34.64 1.39
N THR D 544 -23.24 -35.78 0.81
CA THR D 544 -22.29 -36.87 0.55
C THR D 544 -21.85 -36.93 -0.89
N GLU D 545 -22.77 -36.66 -1.82
CA GLU D 545 -22.44 -36.85 -3.22
C GLU D 545 -22.03 -35.55 -3.95
N ASN D 546 -22.04 -34.42 -3.24
CA ASN D 546 -21.77 -33.09 -3.84
C ASN D 546 -22.63 -32.74 -5.05
N ILE D 547 -23.89 -33.14 -5.04
CA ILE D 547 -24.84 -32.79 -6.09
C ILE D 547 -25.69 -31.61 -5.62
N ILE D 548 -25.87 -30.60 -6.46
CA ILE D 548 -26.84 -29.55 -6.15
C ILE D 548 -28.26 -30.00 -6.51
N VAL D 549 -29.14 -30.05 -5.52
CA VAL D 549 -30.53 -30.45 -5.71
C VAL D 549 -31.42 -29.20 -5.72
N ALA D 550 -31.97 -28.87 -6.89
CA ALA D 550 -32.76 -27.66 -7.08
C ALA D 550 -34.24 -27.92 -7.38
N SER D 551 -35.11 -27.02 -6.92
CA SER D 551 -36.51 -27.03 -7.31
C SER D 551 -36.92 -25.62 -7.78
N PHE D 552 -37.84 -25.55 -8.74
CA PHE D 552 -38.25 -24.28 -9.33
C PHE D 552 -39.76 -24.16 -9.42
N ASP D 553 -40.32 -23.03 -8.99
CA ASP D 553 -41.77 -22.81 -9.12
C ASP D 553 -42.08 -22.01 -10.38
N GLY D 554 -42.65 -22.69 -11.38
CA GLY D 554 -42.99 -22.07 -12.64
C GLY D 554 -44.49 -21.81 -12.73
N ARG D 555 -44.96 -21.57 -13.94
CA ARG D 555 -46.37 -21.29 -14.16
C ARG D 555 -47.21 -22.50 -13.82
N GLY D 556 -48.21 -22.28 -12.99
CA GLY D 556 -49.05 -23.34 -12.46
C GLY D 556 -48.86 -23.44 -10.97
N SER D 557 -47.67 -23.07 -10.49
CA SER D 557 -47.39 -23.13 -9.05
C SER D 557 -48.31 -22.17 -8.31
N GLY D 558 -48.45 -22.36 -7.00
CA GLY D 558 -49.44 -21.62 -6.23
C GLY D 558 -48.92 -20.51 -5.35
N TYR D 559 -49.88 -19.81 -4.73
CA TYR D 559 -49.62 -18.76 -3.73
C TYR D 559 -48.96 -17.51 -4.33
N GLN D 560 -49.22 -17.25 -5.60
CA GLN D 560 -48.70 -16.07 -6.30
C GLN D 560 -49.76 -15.45 -7.21
N GLY D 561 -51.02 -15.76 -6.95
CA GLY D 561 -52.13 -15.26 -7.76
C GLY D 561 -52.54 -16.15 -8.94
N ASP D 562 -53.79 -15.98 -9.38
CA ASP D 562 -54.34 -16.70 -10.52
C ASP D 562 -53.55 -16.51 -11.82
N LYS D 563 -52.85 -15.39 -11.94
CA LYS D 563 -52.05 -15.11 -13.13
C LYS D 563 -51.06 -16.24 -13.36
N ILE D 564 -50.38 -16.64 -12.30
CA ILE D 564 -49.39 -17.70 -12.36
C ILE D 564 -50.03 -19.10 -12.32
N MET D 565 -50.87 -19.34 -11.30
CA MET D 565 -51.50 -20.65 -11.09
C MET D 565 -52.41 -21.09 -12.24
N HIS D 566 -53.10 -20.14 -12.86
CA HIS D 566 -54.07 -20.45 -13.91
C HIS D 566 -53.49 -20.40 -15.32
N ALA D 567 -52.19 -20.15 -15.43
CA ALA D 567 -51.51 -20.07 -16.72
C ALA D 567 -51.55 -21.38 -17.50
N ILE D 568 -51.67 -22.49 -16.78
CA ILE D 568 -51.75 -23.82 -17.40
C ILE D 568 -53.16 -24.43 -17.49
N ASN D 569 -54.19 -23.63 -17.19
CA ASN D 569 -55.56 -24.11 -17.28
C ASN D 569 -55.85 -24.70 -18.66
N ARG D 570 -56.40 -25.92 -18.68
CA ARG D 570 -56.70 -26.66 -19.92
C ARG D 570 -55.45 -26.98 -20.72
N ARG D 571 -54.28 -26.69 -20.14
CA ARG D 571 -52.99 -26.84 -20.83
C ARG D 571 -51.94 -27.45 -19.89
N LEU D 572 -52.23 -28.63 -19.37
CA LEU D 572 -51.26 -29.41 -18.60
C LEU D 572 -50.21 -30.00 -19.52
N GLY D 573 -48.96 -29.94 -19.07
CA GLY D 573 -47.85 -30.46 -19.86
C GLY D 573 -47.40 -29.47 -20.92
N THR D 574 -47.59 -28.18 -20.65
CA THR D 574 -47.16 -27.14 -21.57
C THR D 574 -46.19 -26.18 -20.88
N PHE D 575 -46.73 -25.18 -20.18
CA PHE D 575 -45.89 -24.14 -19.57
C PHE D 575 -45.11 -24.57 -18.32
N GLU D 576 -45.65 -25.51 -17.53
CA GLU D 576 -44.92 -25.99 -16.35
C GLU D 576 -43.74 -26.86 -16.77
N VAL D 577 -43.86 -27.50 -17.93
CA VAL D 577 -42.77 -28.29 -18.51
C VAL D 577 -41.65 -27.38 -19.05
N GLU D 578 -42.01 -26.48 -19.97
CA GLU D 578 -41.07 -25.52 -20.53
C GLU D 578 -40.35 -24.72 -19.43
N ASP D 579 -41.09 -24.35 -18.39
CA ASP D 579 -40.53 -23.56 -17.27
C ASP D 579 -39.45 -24.31 -16.49
N GLN D 580 -39.62 -25.62 -16.32
CA GLN D 580 -38.59 -26.44 -15.68
C GLN D 580 -37.35 -26.58 -16.55
N ILE D 581 -37.54 -26.63 -17.87
CA ILE D 581 -36.42 -26.67 -18.79
C ILE D 581 -35.63 -25.36 -18.71
N GLU D 582 -36.34 -24.23 -18.84
CA GLU D 582 -35.72 -22.90 -18.75
C GLU D 582 -34.99 -22.68 -17.41
N ALA D 583 -35.54 -23.26 -16.35
CA ALA D 583 -34.98 -23.17 -15.00
C ALA D 583 -33.56 -23.75 -14.95
N ALA D 584 -33.40 -24.94 -15.52
CA ALA D 584 -32.10 -25.58 -15.63
C ALA D 584 -31.17 -24.75 -16.49
N ARG D 585 -31.71 -24.17 -17.57
CA ARG D 585 -30.97 -23.26 -18.43
C ARG D 585 -30.53 -22.02 -17.66
N GLN D 586 -31.37 -21.60 -16.73
CA GLN D 586 -31.07 -20.45 -15.87
C GLN D 586 -30.02 -20.78 -14.80
N PHE D 587 -30.10 -21.97 -14.21
CA PHE D 587 -29.11 -22.41 -13.24
C PHE D 587 -27.75 -22.59 -13.90
N SER D 588 -27.75 -22.99 -15.17
CA SER D 588 -26.52 -23.07 -15.95
C SER D 588 -25.80 -21.73 -16.05
N LYS D 589 -26.53 -20.68 -16.41
CA LYS D 589 -25.95 -19.34 -16.56
C LYS D 589 -25.32 -18.77 -15.28
N MET D 590 -25.70 -19.32 -14.13
CA MET D 590 -25.11 -18.93 -12.85
C MET D 590 -23.65 -19.37 -12.69
N GLY D 591 -23.21 -20.31 -13.54
CA GLY D 591 -21.78 -20.64 -13.70
C GLY D 591 -21.10 -21.61 -12.75
N PHE D 592 -21.83 -22.15 -11.78
CA PHE D 592 -21.27 -23.15 -10.87
C PHE D 592 -21.90 -24.52 -11.15
N VAL D 593 -22.56 -24.63 -12.30
CA VAL D 593 -23.21 -25.88 -12.68
C VAL D 593 -22.53 -26.52 -13.88
N ASP D 594 -21.99 -27.72 -13.65
CA ASP D 594 -21.53 -28.57 -14.73
C ASP D 594 -22.77 -28.99 -15.51
N ASN D 595 -22.95 -28.38 -16.68
CA ASN D 595 -24.17 -28.61 -17.46
C ASN D 595 -24.13 -29.83 -18.39
N LYS D 596 -23.07 -30.64 -18.27
CA LYS D 596 -23.04 -31.96 -18.88
C LYS D 596 -23.75 -32.92 -17.96
N ARG D 597 -23.88 -32.55 -16.68
CA ARG D 597 -24.46 -33.44 -15.70
C ARG D 597 -25.66 -32.84 -14.98
N ILE D 598 -26.72 -32.61 -15.75
CA ILE D 598 -27.98 -32.11 -15.20
C ILE D 598 -29.02 -33.22 -15.35
N ALA D 599 -29.66 -33.55 -14.23
CA ALA D 599 -30.63 -34.63 -14.22
C ALA D 599 -31.93 -34.07 -13.73
N ILE D 600 -33.00 -34.83 -13.89
CA ILE D 600 -34.29 -34.42 -13.37
C ILE D 600 -35.02 -35.64 -12.78
N TRP D 601 -35.78 -35.44 -11.71
CA TRP D 601 -36.58 -36.53 -11.15
C TRP D 601 -37.84 -36.01 -10.48
N GLY D 602 -38.81 -36.90 -10.35
CA GLY D 602 -40.08 -36.56 -9.71
C GLY D 602 -41.03 -37.74 -9.52
N TRP D 603 -41.90 -37.59 -8.53
CA TRP D 603 -42.88 -38.61 -8.19
C TRP D 603 -44.24 -38.03 -8.60
N SER D 604 -45.22 -38.91 -8.81
CA SER D 604 -46.58 -38.48 -9.13
C SER D 604 -46.63 -37.49 -10.31
N TYR D 605 -47.18 -36.30 -10.10
CA TYR D 605 -47.23 -35.30 -11.16
C TYR D 605 -45.81 -34.96 -11.59
N GLY D 606 -44.90 -34.89 -10.63
CA GLY D 606 -43.48 -34.61 -10.90
C GLY D 606 -42.85 -35.68 -11.76
N GLY D 607 -43.42 -36.88 -11.76
CA GLY D 607 -42.96 -37.93 -12.64
C GLY D 607 -43.42 -37.64 -14.05
N TYR D 608 -44.66 -37.18 -14.17
CA TYR D 608 -45.23 -36.76 -15.45
C TYR D 608 -44.34 -35.70 -16.08
N VAL D 609 -44.04 -34.64 -15.32
CA VAL D 609 -43.26 -33.53 -15.84
C VAL D 609 -41.85 -33.97 -16.22
N THR D 610 -41.26 -34.86 -15.42
CA THR D 610 -39.94 -35.41 -15.67
C THR D 610 -39.89 -36.13 -17.01
N SER D 611 -40.89 -36.95 -17.27
CA SER D 611 -40.98 -37.69 -18.53
C SER D 611 -41.21 -36.74 -19.71
N MET D 612 -42.13 -35.80 -19.54
CA MET D 612 -42.38 -34.78 -20.57
C MET D 612 -41.11 -33.98 -20.92
N VAL D 613 -40.38 -33.55 -19.90
CA VAL D 613 -39.12 -32.83 -20.07
C VAL D 613 -38.08 -33.68 -20.79
N LEU D 614 -37.88 -34.92 -20.32
CA LEU D 614 -36.95 -35.85 -20.98
C LEU D 614 -37.33 -36.16 -22.44
N GLY D 615 -38.61 -36.07 -22.78
CA GLY D 615 -39.05 -36.37 -24.13
C GLY D 615 -39.29 -35.14 -24.98
N SER D 616 -38.69 -34.01 -24.61
CA SER D 616 -38.89 -32.74 -25.30
C SER D 616 -37.81 -32.42 -26.35
N GLY D 617 -36.69 -33.12 -26.28
CA GLY D 617 -35.62 -32.92 -27.25
C GLY D 617 -34.80 -31.67 -27.02
N SER D 618 -34.90 -31.09 -25.83
CA SER D 618 -34.18 -29.86 -25.49
C SER D 618 -32.66 -30.07 -25.36
N GLY D 619 -32.26 -31.26 -24.92
CA GLY D 619 -30.85 -31.62 -24.81
C GLY D 619 -30.17 -31.00 -23.63
N VAL D 620 -30.95 -30.56 -22.64
CA VAL D 620 -30.40 -29.94 -21.45
C VAL D 620 -30.07 -31.02 -20.44
N PHE D 621 -31.00 -31.97 -20.27
CA PHE D 621 -30.87 -33.03 -19.30
C PHE D 621 -30.20 -34.27 -19.87
N LYS D 622 -29.40 -34.93 -19.03
CA LYS D 622 -28.59 -36.08 -19.44
C LYS D 622 -29.35 -37.36 -19.19
N CYS D 623 -29.84 -37.49 -17.96
CA CYS D 623 -30.64 -38.63 -17.51
C CYS D 623 -31.81 -38.14 -16.66
N GLY D 624 -32.64 -39.08 -16.19
CA GLY D 624 -33.83 -38.75 -15.37
C GLY D 624 -34.58 -39.93 -14.75
N ILE D 625 -35.39 -39.64 -13.74
CA ILE D 625 -36.14 -40.67 -13.02
C ILE D 625 -37.60 -40.28 -12.85
N ALA D 626 -38.50 -41.05 -13.44
CA ALA D 626 -39.93 -40.89 -13.21
C ALA D 626 -40.39 -41.97 -12.23
N VAL D 627 -40.99 -41.56 -11.11
CA VAL D 627 -41.63 -42.52 -10.19
C VAL D 627 -43.13 -42.37 -10.24
N ALA D 628 -43.81 -43.48 -10.57
CA ALA D 628 -45.28 -43.52 -10.64
C ALA D 628 -45.86 -42.31 -11.36
N PRO D 629 -45.36 -42.04 -12.59
CA PRO D 629 -45.84 -40.86 -13.30
C PRO D 629 -47.20 -41.12 -13.94
N VAL D 630 -47.86 -40.03 -14.34
CA VAL D 630 -49.02 -40.10 -15.21
C VAL D 630 -48.46 -40.09 -16.63
N SER D 631 -48.99 -40.94 -17.50
CA SER D 631 -48.52 -41.03 -18.88
C SER D 631 -49.46 -40.30 -19.83
N ARG D 632 -50.76 -40.50 -19.63
CA ARG D 632 -51.76 -39.67 -20.30
C ARG D 632 -52.96 -39.45 -19.41
N TRP D 633 -53.55 -38.25 -19.52
CA TRP D 633 -54.55 -37.80 -18.57
C TRP D 633 -55.88 -38.54 -18.59
N GLU D 634 -56.16 -39.24 -19.68
CA GLU D 634 -57.37 -40.04 -19.75
C GLU D 634 -57.29 -41.20 -18.77
N TYR D 635 -56.07 -41.52 -18.29
CA TYR D 635 -55.85 -42.62 -17.34
C TYR D 635 -56.06 -42.26 -15.88
N TYR D 636 -56.05 -40.96 -15.56
CA TYR D 636 -56.10 -40.51 -14.17
C TYR D 636 -57.51 -40.14 -13.72
N ASP D 637 -57.71 -39.94 -12.42
CA ASP D 637 -59.06 -39.72 -11.88
C ASP D 637 -59.73 -38.41 -12.34
N SER D 638 -61.04 -38.48 -12.50
CA SER D 638 -61.85 -37.39 -13.07
C SER D 638 -61.80 -36.10 -12.26
N VAL D 639 -61.99 -36.20 -10.94
CA VAL D 639 -61.99 -35.03 -10.08
C VAL D 639 -60.74 -34.17 -10.26
N TYR D 640 -59.56 -34.75 -10.09
CA TYR D 640 -58.30 -34.00 -10.23
C TYR D 640 -58.06 -33.53 -11.67
N THR D 641 -58.23 -34.43 -12.62
CA THR D 641 -57.88 -34.20 -14.03
C THR D 641 -58.73 -33.14 -14.74
N GLU D 642 -60.04 -33.28 -14.63
CA GLU D 642 -60.98 -32.37 -15.31
C GLU D 642 -60.95 -30.97 -14.74
N ARG D 643 -60.55 -30.85 -13.47
CA ARG D 643 -60.40 -29.57 -12.81
C ARG D 643 -59.52 -28.62 -13.64
N TYR D 644 -58.49 -29.18 -14.27
CA TYR D 644 -57.52 -28.38 -15.02
C TYR D 644 -57.62 -28.63 -16.51
N MET D 645 -58.20 -29.78 -16.88
CA MET D 645 -58.25 -30.22 -18.28
C MET D 645 -59.63 -30.17 -18.92
N GLY D 646 -60.67 -30.32 -18.11
CA GLY D 646 -62.02 -30.45 -18.64
C GLY D 646 -62.23 -31.85 -19.16
N LEU D 647 -63.32 -32.06 -19.89
CA LEU D 647 -63.69 -33.39 -20.37
C LEU D 647 -62.93 -33.78 -21.63
N PRO D 648 -62.57 -35.07 -21.76
CA PRO D 648 -61.95 -35.55 -22.99
C PRO D 648 -62.99 -35.92 -24.05
N THR D 649 -63.75 -34.92 -24.51
CA THR D 649 -64.76 -35.10 -25.55
C THR D 649 -64.44 -34.20 -26.74
N PRO D 650 -64.80 -34.62 -27.97
CA PRO D 650 -64.44 -33.86 -29.18
C PRO D 650 -64.99 -32.44 -29.16
N GLU D 651 -66.05 -32.22 -28.38
CA GLU D 651 -66.64 -30.89 -28.22
C GLU D 651 -66.12 -30.16 -26.97
N ASP D 652 -64.97 -30.60 -26.48
CA ASP D 652 -64.34 -29.97 -25.32
C ASP D 652 -62.82 -29.91 -25.45
N ASN D 653 -62.11 -30.78 -24.72
CA ASN D 653 -60.66 -30.71 -24.68
C ASN D 653 -59.92 -31.99 -25.12
N LEU D 654 -60.65 -32.91 -25.77
CA LEU D 654 -60.07 -34.14 -26.29
C LEU D 654 -58.95 -33.90 -27.31
N ASP D 655 -58.73 -32.64 -27.67
CA ASP D 655 -57.65 -32.28 -28.57
C ASP D 655 -56.33 -32.31 -27.82
N HIS D 656 -56.31 -31.65 -26.67
CA HIS D 656 -55.10 -31.50 -25.89
C HIS D 656 -54.76 -32.77 -25.12
N TYR D 657 -55.79 -33.45 -24.62
CA TYR D 657 -55.63 -34.77 -24.00
C TYR D 657 -54.78 -35.68 -24.87
N ARG D 658 -55.02 -35.65 -26.18
CA ARG D 658 -54.30 -36.46 -27.15
C ARG D 658 -52.89 -35.91 -27.43
N ASN D 659 -52.69 -34.63 -27.13
CA ASN D 659 -51.39 -33.98 -27.34
C ASN D 659 -50.45 -33.97 -26.13
N SER D 660 -50.96 -34.32 -24.96
CA SER D 660 -50.20 -34.19 -23.71
C SER D 660 -49.78 -35.51 -23.06
N THR D 661 -49.62 -36.55 -23.89
CA THR D 661 -49.23 -37.87 -23.42
C THR D 661 -47.71 -37.99 -23.49
N VAL D 662 -47.11 -38.75 -22.58
CA VAL D 662 -45.67 -38.98 -22.64
C VAL D 662 -45.29 -39.98 -23.74
N MET D 663 -46.23 -40.88 -24.06
CA MET D 663 -46.05 -41.84 -25.16
C MET D 663 -45.74 -41.15 -26.49
N SER D 664 -46.40 -40.01 -26.77
CA SER D 664 -46.22 -39.31 -28.04
C SER D 664 -44.82 -38.75 -28.21
N ARG D 665 -44.07 -38.72 -27.12
CA ARG D 665 -42.73 -38.14 -27.09
C ARG D 665 -41.64 -39.22 -27.08
N ALA D 666 -42.07 -40.48 -27.13
CA ALA D 666 -41.19 -41.64 -27.01
C ALA D 666 -39.91 -41.53 -27.84
N GLU D 667 -40.05 -41.07 -29.08
CA GLU D 667 -38.92 -40.92 -29.99
C GLU D 667 -37.74 -40.13 -29.40
N ASN D 668 -38.03 -39.01 -28.73
CA ASN D 668 -36.97 -38.13 -28.19
C ASN D 668 -36.21 -38.72 -27.00
N PHE D 669 -36.71 -39.81 -26.44
CA PHE D 669 -36.05 -40.53 -25.34
C PHE D 669 -34.72 -41.19 -25.75
N LYS D 670 -34.40 -41.17 -27.04
CA LYS D 670 -33.12 -41.69 -27.54
C LYS D 670 -31.93 -40.84 -27.10
N GLN D 671 -32.23 -39.69 -26.51
CA GLN D 671 -31.21 -38.72 -26.12
C GLN D 671 -30.82 -38.82 -24.65
N VAL D 672 -31.64 -39.49 -23.85
CA VAL D 672 -31.51 -39.45 -22.39
C VAL D 672 -31.45 -40.83 -21.72
N GLU D 673 -31.05 -40.87 -20.45
CA GLU D 673 -31.08 -42.10 -19.69
C GLU D 673 -32.27 -42.03 -18.77
N TYR D 674 -33.20 -42.92 -19.01
CA TYR D 674 -34.47 -42.86 -18.34
C TYR D 674 -34.60 -44.03 -17.36
N LEU D 675 -34.94 -43.73 -16.11
CA LEU D 675 -35.32 -44.79 -15.14
C LEU D 675 -36.76 -44.61 -14.82
N LEU D 676 -37.55 -45.67 -15.02
CA LEU D 676 -38.99 -45.66 -14.77
C LEU D 676 -39.31 -46.66 -13.66
N ILE D 677 -39.93 -46.15 -12.60
CA ILE D 677 -40.23 -46.96 -11.42
C ILE D 677 -41.71 -46.82 -11.15
N HIS D 678 -42.35 -47.94 -10.81
CA HIS D 678 -43.77 -47.91 -10.50
C HIS D 678 -44.16 -49.09 -9.60
N GLY D 679 -45.14 -48.88 -8.71
CA GLY D 679 -45.70 -49.95 -7.84
C GLY D 679 -46.83 -50.70 -8.54
N THR D 680 -46.79 -52.03 -8.49
CA THR D 680 -47.82 -52.86 -9.15
C THR D 680 -49.22 -52.77 -8.49
N ALA D 681 -49.26 -52.48 -7.20
CA ALA D 681 -50.55 -52.37 -6.49
C ALA D 681 -50.97 -50.90 -6.22
N ASP D 682 -50.52 -50.01 -7.10
CA ASP D 682 -50.83 -48.59 -7.05
C ASP D 682 -52.27 -48.31 -7.50
N ASP D 683 -53.12 -48.01 -6.52
CA ASP D 683 -54.53 -47.73 -6.73
C ASP D 683 -54.74 -46.32 -7.22
N ASN D 684 -53.73 -45.48 -7.00
CA ASN D 684 -53.83 -44.06 -7.28
C ASN D 684 -53.49 -43.75 -8.72
N VAL D 685 -52.18 -43.81 -9.05
CA VAL D 685 -51.69 -43.79 -10.43
C VAL D 685 -51.43 -45.27 -10.78
N HIS D 686 -52.23 -45.83 -11.69
CA HIS D 686 -52.21 -47.25 -11.99
C HIS D 686 -50.97 -47.67 -12.76
N PHE D 687 -50.51 -48.90 -12.48
CA PHE D 687 -49.33 -49.46 -13.17
C PHE D 687 -49.48 -49.28 -14.68
N GLN D 688 -50.73 -49.43 -15.13
CA GLN D 688 -51.15 -49.12 -16.50
C GLN D 688 -50.38 -47.95 -17.10
N GLN D 689 -50.36 -46.81 -16.41
CA GLN D 689 -49.68 -45.61 -16.92
C GLN D 689 -48.21 -45.85 -17.26
N SER D 690 -47.50 -46.59 -16.41
CA SER D 690 -46.09 -46.90 -16.71
C SER D 690 -45.97 -48.00 -17.75
N ALA D 691 -46.90 -48.94 -17.71
CA ALA D 691 -46.95 -50.03 -18.68
C ALA D 691 -47.14 -49.48 -20.09
N GLN D 692 -47.87 -48.38 -20.23
CA GLN D 692 -48.03 -47.75 -21.54
C GLN D 692 -46.79 -46.97 -21.94
N ILE D 693 -46.16 -46.29 -20.98
CA ILE D 693 -44.90 -45.59 -21.25
C ILE D 693 -43.86 -46.59 -21.73
N SER D 694 -43.75 -47.70 -21.02
CA SER D 694 -42.72 -48.70 -21.35
C SER D 694 -42.95 -49.29 -22.75
N LYS D 695 -44.20 -49.63 -23.06
CA LYS D 695 -44.55 -50.11 -24.39
C LYS D 695 -44.25 -49.10 -25.54
N ALA D 696 -44.54 -47.81 -25.34
CA ALA D 696 -44.25 -46.81 -26.36
C ALA D 696 -42.76 -46.80 -26.68
N LEU D 697 -41.96 -46.76 -25.62
CA LEU D 697 -40.51 -46.77 -25.71
C LEU D 697 -39.98 -48.00 -26.44
N VAL D 698 -40.52 -49.17 -26.12
CA VAL D 698 -40.16 -50.39 -26.83
C VAL D 698 -40.41 -50.22 -28.35
N ASP D 699 -41.63 -49.80 -28.70
CA ASP D 699 -42.07 -49.75 -30.11
C ASP D 699 -41.32 -48.76 -31.02
N VAL D 700 -40.51 -47.89 -30.43
CA VAL D 700 -39.67 -46.95 -31.18
C VAL D 700 -38.17 -47.25 -31.04
N GLY D 701 -37.86 -48.23 -30.19
CA GLY D 701 -36.49 -48.74 -30.03
C GLY D 701 -35.61 -48.01 -29.04
N VAL D 702 -36.22 -47.36 -28.04
CA VAL D 702 -35.47 -46.63 -27.02
C VAL D 702 -35.18 -47.54 -25.82
N ASP D 703 -33.90 -47.64 -25.45
CA ASP D 703 -33.53 -48.40 -24.27
C ASP D 703 -33.71 -47.56 -23.01
N PHE D 704 -34.11 -48.20 -21.92
CA PHE D 704 -34.34 -47.49 -20.66
C PHE D 704 -34.15 -48.48 -19.52
N GLN D 705 -34.21 -47.97 -18.31
CA GLN D 705 -34.07 -48.77 -17.13
C GLN D 705 -35.44 -48.81 -16.50
N ALA D 706 -35.76 -49.91 -15.84
CA ALA D 706 -37.05 -50.01 -15.16
C ALA D 706 -36.97 -50.78 -13.85
N MET D 707 -37.95 -50.51 -12.99
CA MET D 707 -38.12 -51.29 -11.79
C MET D 707 -39.60 -51.25 -11.38
N TRP D 708 -40.17 -52.43 -11.16
CA TRP D 708 -41.51 -52.53 -10.61
C TRP D 708 -41.38 -52.84 -9.14
N TYR D 709 -42.40 -52.49 -8.35
CA TYR D 709 -42.43 -52.87 -6.94
C TYR D 709 -43.66 -53.69 -6.60
N THR D 710 -43.46 -55.00 -6.54
CA THR D 710 -44.53 -55.93 -6.29
C THR D 710 -45.34 -55.50 -5.07
N ASP D 711 -46.65 -55.35 -5.25
CA ASP D 711 -47.59 -55.07 -4.15
C ASP D 711 -47.44 -53.70 -3.46
N GLU D 712 -46.58 -52.85 -4.02
CA GLU D 712 -46.46 -51.46 -3.51
C GLU D 712 -47.52 -50.55 -4.13
N ASP D 713 -47.94 -49.53 -3.38
CA ASP D 713 -48.88 -48.57 -3.90
C ASP D 713 -48.18 -47.25 -4.25
N HIS D 714 -48.91 -46.13 -4.19
CA HIS D 714 -48.40 -44.89 -4.73
C HIS D 714 -47.25 -44.28 -3.96
N GLY D 715 -47.18 -44.59 -2.68
CA GLY D 715 -46.14 -44.04 -1.83
C GLY D 715 -44.91 -44.92 -1.78
N ILE D 716 -44.98 -46.12 -2.38
CA ILE D 716 -43.93 -47.14 -2.23
C ILE D 716 -43.30 -47.04 -0.82
N ALA D 717 -44.11 -47.33 0.18
CA ALA D 717 -43.81 -46.89 1.54
C ALA D 717 -43.42 -47.96 2.53
N SER D 718 -43.49 -49.23 2.16
CA SER D 718 -43.04 -50.32 3.05
C SER D 718 -41.62 -49.97 3.51
N SER D 719 -41.25 -50.35 4.72
CA SER D 719 -39.90 -50.06 5.16
C SER D 719 -38.87 -50.55 4.12
N THR D 720 -38.99 -51.82 3.72
CA THR D 720 -38.03 -52.40 2.78
C THR D 720 -38.04 -51.81 1.37
N ALA D 721 -39.20 -51.44 0.82
CA ALA D 721 -39.22 -50.90 -0.55
C ALA D 721 -38.79 -49.44 -0.59
N HIS D 722 -39.19 -48.68 0.43
CA HIS D 722 -38.72 -47.32 0.59
C HIS D 722 -37.18 -47.34 0.58
N GLN D 723 -36.59 -48.18 1.42
CA GLN D 723 -35.13 -48.33 1.40
C GLN D 723 -34.60 -48.75 0.03
N HIS D 724 -35.22 -49.78 -0.54
CA HIS D 724 -34.75 -50.32 -1.81
C HIS D 724 -34.85 -49.30 -2.97
N ILE D 725 -35.96 -48.56 -3.06
CA ILE D 725 -36.14 -47.62 -4.14
C ILE D 725 -35.12 -46.46 -4.10
N TYR D 726 -34.90 -45.89 -2.91
CA TYR D 726 -33.98 -44.78 -2.76
C TYR D 726 -32.56 -45.21 -3.03
N THR D 727 -32.23 -46.45 -2.63
CA THR D 727 -30.94 -47.04 -2.95
C THR D 727 -30.72 -47.22 -4.47
N HIS D 728 -31.74 -47.71 -5.17
CA HIS D 728 -31.66 -47.99 -6.60
C HIS D 728 -31.48 -46.67 -7.34
N MET D 729 -32.26 -45.68 -6.97
CA MET D 729 -32.20 -44.36 -7.58
C MET D 729 -30.85 -43.70 -7.35
N SER D 730 -30.26 -43.96 -6.18
CA SER D 730 -28.95 -43.43 -5.84
C SER D 730 -27.92 -43.99 -6.81
N HIS D 731 -27.91 -45.31 -6.97
CA HIS D 731 -27.01 -45.96 -7.93
C HIS D 731 -27.16 -45.33 -9.31
N PHE D 732 -28.42 -45.11 -9.71
CA PHE D 732 -28.70 -44.60 -11.03
C PHE D 732 -28.12 -43.20 -11.27
N ILE D 733 -28.37 -42.28 -10.34
CA ILE D 733 -27.82 -40.91 -10.39
C ILE D 733 -26.29 -40.90 -10.31
N LYS D 734 -25.73 -41.76 -9.44
CA LYS D 734 -24.26 -41.83 -9.32
C LYS D 734 -23.63 -42.27 -10.62
N GLN D 735 -24.20 -43.32 -11.23
CA GLN D 735 -23.70 -43.87 -12.48
C GLN D 735 -23.88 -42.88 -13.63
N CYS D 736 -24.96 -42.12 -13.60
CA CYS D 736 -25.24 -41.11 -14.62
C CYS D 736 -24.32 -39.87 -14.52
N PHE D 737 -23.89 -39.54 -13.29
CA PHE D 737 -23.01 -38.40 -13.02
C PHE D 737 -21.54 -38.80 -12.89
N SER D 738 -21.24 -40.08 -13.11
CA SER D 738 -19.86 -40.59 -12.99
C SER D 738 -19.26 -40.44 -11.58
N LEU D 739 -20.11 -40.60 -10.57
CA LEU D 739 -19.66 -40.53 -9.18
C LEU D 739 -19.32 -41.92 -8.68
N PRO D 740 -18.04 -42.12 -8.28
CA PRO D 740 -17.61 -43.40 -7.73
C PRO D 740 -17.84 -43.50 -6.22
C1 NAG E . -4.30 60.48 -3.59
C2 NAG E . -5.11 61.59 -4.27
C3 NAG E . -5.21 61.47 -5.81
C4 NAG E . -4.00 60.84 -6.50
C5 NAG E . -3.35 59.79 -5.59
C6 NAG E . -2.06 59.22 -6.16
C7 NAG E . -6.84 62.47 -2.75
C8 NAG E . -8.29 62.41 -2.33
N2 NAG E . -6.47 61.62 -3.72
O3 NAG E . -5.37 62.76 -6.33
O4 NAG E . -4.43 60.23 -7.71
O5 NAG E . -3.09 60.34 -4.31
O6 NAG E . -1.17 60.29 -6.41
O7 NAG E . -6.08 63.29 -2.22
C1 NAG E . -4.07 60.98 -8.89
C2 NAG E . -3.98 60.02 -10.08
C3 NAG E . -3.85 60.69 -11.43
C4 NAG E . -4.82 61.86 -11.61
C5 NAG E . -4.78 62.75 -10.36
C6 NAG E . -5.81 63.87 -10.40
C7 NAG E . -3.13 57.81 -9.60
C8 NAG E . -2.05 56.82 -9.95
N2 NAG E . -2.88 59.09 -9.90
O3 NAG E . -4.09 59.73 -12.44
O4 NAG E . -4.49 62.58 -12.78
O5 NAG E . -5.02 61.98 -9.18
O6 NAG E . -7.06 63.37 -9.99
O7 NAG E . -4.17 57.44 -9.06
C1 NAG F . -20.66 68.69 -0.30
C2 NAG F . -22.06 68.57 -0.93
C3 NAG F . -22.35 67.18 -1.51
C4 NAG F . -21.19 66.62 -2.35
C5 NAG F . -19.88 66.78 -1.57
C6 NAG F . -18.65 66.28 -2.36
C7 NAG F . -23.57 70.15 0.17
C8 NAG F . -24.25 70.41 1.49
N2 NAG F . -23.13 68.90 0.00
O3 NAG F . -23.52 67.24 -2.29
O4 NAG F . -21.49 65.28 -2.71
O5 NAG F . -19.69 68.13 -1.19
O6 NAG F . -18.05 67.31 -3.11
O7 NAG F . -23.45 71.03 -0.67
C1 NAG F . -21.44 65.11 -4.14
C2 NAG F . -21.95 63.75 -4.62
C3 NAG F . -21.75 63.64 -6.15
C4 NAG F . -22.38 64.84 -6.87
C5 NAG F . -21.88 66.15 -6.24
C6 NAG F . -22.55 67.39 -6.84
C7 NAG F . -21.94 61.90 -3.01
C8 NAG F . -22.67 60.67 -3.50
N2 NAG F . -21.30 62.65 -3.91
O3 NAG F . -22.26 62.43 -6.64
O4 NAG F . -22.11 64.79 -8.26
O5 NAG F . -22.13 66.13 -4.85
O6 NAG F . -22.21 68.55 -6.08
O7 NAG F . -21.94 62.15 -1.80
C1 NAG G . -19.19 29.10 -18.20
C2 NAG G . -19.65 29.85 -19.46
C3 NAG G . -20.33 31.17 -19.15
C4 NAG G . -21.35 31.02 -18.01
C5 NAG G . -20.76 30.25 -16.83
C6 NAG G . -21.77 29.98 -15.73
C7 NAG G . -18.37 29.44 -21.48
C8 NAG G . -17.70 30.15 -22.62
N2 NAG G . -18.53 30.12 -20.34
O3 NAG G . -20.99 31.63 -20.29
O4 NAG G . -21.75 32.32 -17.64
O5 NAG G . -20.27 29.00 -17.30
O6 NAG G . -21.46 28.75 -15.12
O7 NAG G . -18.76 28.28 -21.63
C1 NAG G . -23.17 32.46 -17.83
C2 NAG G . -23.73 33.45 -16.81
C3 NAG G . -24.82 34.41 -17.31
C4 NAG G . -25.57 34.00 -18.60
C5 NAG G . -24.96 32.74 -19.27
C6 NAG G . -25.41 32.57 -20.73
C7 NAG G . -23.93 33.09 -14.41
C8 NAG G . -25.10 33.20 -13.47
N2 NAG G . -24.21 32.72 -15.66
O3 NAG G . -24.24 35.68 -17.50
O4 NAG G . -26.93 33.77 -18.28
O5 NAG G . -23.55 32.76 -19.16
O6 NAG G . -24.81 33.55 -21.56
O7 NAG G . -22.78 33.34 -14.02
C1 NAG H . -12.53 32.83 -35.92
C2 NAG H . -12.60 34.03 -36.87
C3 NAG H . -12.03 35.29 -36.18
C4 NAG H . -12.72 35.53 -34.84
C5 NAG H . -12.54 34.26 -34.00
C6 NAG H . -13.04 34.35 -32.55
C7 NAG H . -12.48 33.67 -39.29
C8 NAG H . -12.07 34.67 -40.33
N2 NAG H . -11.88 33.75 -38.10
O3 NAG H . -12.14 36.42 -37.03
O4 NAG H . -12.15 36.68 -34.24
O5 NAG H . -13.14 33.17 -34.68
O6 NAG H . -14.43 34.53 -32.46
O7 NAG H . -13.34 32.83 -39.57
C1 NAG H . -13.13 37.66 -33.77
C2 NAG H . -12.40 38.92 -33.28
C3 NAG H . -13.34 40.08 -32.91
C4 NAG H . -14.59 40.19 -33.78
C5 NAG H . -15.16 38.80 -34.13
C6 NAG H . -16.38 38.91 -35.05
C7 NAG H . -10.29 38.15 -32.23
C8 NAG H . -9.29 38.95 -33.02
N2 NAG H . -11.54 38.61 -32.14
O3 NAG H . -12.67 41.32 -33.02
O4 NAG H . -15.54 40.97 -33.08
O5 NAG H . -14.13 38.01 -34.71
O6 NAG H . -16.35 37.93 -36.08
O7 NAG H . -9.94 37.10 -31.68
C1 NAG I . 51.44 -52.63 3.06
C2 NAG I . 51.99 -52.83 4.48
C3 NAG I . 51.88 -54.27 4.98
C4 NAG I . 50.71 -55.08 4.40
C5 NAG I . 50.39 -54.71 2.96
C6 NAG I . 49.15 -55.43 2.42
C7 NAG I . 53.92 -51.51 5.32
C8 NAG I . 55.37 -51.64 5.59
N2 NAG I . 53.39 -52.43 4.52
O3 NAG I . 51.70 -54.25 6.39
O4 NAG I . 51.04 -56.46 4.51
O5 NAG I . 50.23 -53.31 2.88
O6 NAG I . 48.01 -54.59 2.41
O7 NAG I . 53.29 -50.58 5.83
C1 NAG I . 50.09 -57.12 5.37
C2 NAG I . 50.00 -58.59 4.98
C3 NAG I . 49.45 -59.53 6.06
C4 NAG I . 49.59 -59.04 7.50
C5 NAG I . 49.40 -57.52 7.58
C6 NAG I . 49.45 -56.98 9.01
C7 NAG I . 49.54 -59.20 2.64
C8 NAG I . 48.74 -60.36 2.13
N2 NAG I . 49.15 -58.68 3.82
O3 NAG I . 50.08 -60.78 5.94
O4 NAG I . 48.65 -59.70 8.32
O5 NAG I . 50.39 -56.92 6.75
O6 NAG I . 50.76 -57.03 9.52
O7 NAG I . 50.49 -58.77 2.00
C1 NAG J . 67.17 -48.13 13.21
C2 NAG J . 68.32 -48.91 13.87
C3 NAG J . 68.71 -50.22 13.19
C4 NAG J . 67.68 -50.86 12.23
C5 NAG J . 66.72 -49.83 11.64
C6 NAG J . 65.54 -50.47 10.89
C7 NAG J . 70.21 -47.90 15.06
C8 NAG J . 71.54 -48.61 15.19
N2 NAG J . 69.52 -48.08 13.95
O3 NAG J . 69.07 -51.16 14.19
O4 NAG J . 68.42 -51.50 11.21
O5 NAG J . 66.20 -49.01 12.67
O6 NAG J . 64.47 -50.70 11.78
O7 NAG J . 69.81 -47.18 15.98
C1 NAG J . 68.22 -52.94 11.12
C2 NAG J . 69.34 -53.50 10.22
C3 NAG J . 69.33 -55.05 10.14
C4 NAG J . 68.98 -55.75 11.45
C5 NAG J . 67.89 -55.03 12.26
C6 NAG J . 67.77 -55.67 13.65
C7 NAG J . 69.84 -51.80 8.45
C8 NAG J . 71.14 -51.37 9.09
N2 NAG J . 69.26 -52.94 8.88
O3 NAG J . 70.59 -55.51 9.73
O4 NAG J . 68.60 -57.09 11.17
O5 NAG J . 68.16 -53.64 12.36
O6 NAG J . 67.19 -54.80 14.61
O7 NAG J . 69.33 -51.11 7.57
C1 NAG K . -77.62 -45.74 -7.16
C2 NAG K . -78.96 -46.16 -6.55
C3 NAG K . -79.62 -47.26 -7.39
C4 NAG K . -79.69 -46.88 -8.89
C5 NAG K . -78.35 -46.28 -9.38
C6 NAG K . -78.52 -45.62 -10.76
C7 NAG K . -79.44 -46.08 -4.16
C8 NAG K . -80.61 -46.83 -3.60
N2 NAG K . -78.80 -46.63 -5.19
O3 NAG K . -80.91 -47.51 -6.89
O4 NAG K . -80.03 -48.05 -9.63
O5 NAG K . -77.83 -45.31 -8.50
O6 NAG K . -77.33 -45.77 -11.49
O7 NAG K . -79.09 -45.01 -3.67
C1 NAG K . -81.38 -48.02 -10.15
C2 NAG K . -81.56 -49.19 -11.12
C3 NAG K . -82.96 -49.12 -11.75
C4 NAG K . -83.96 -49.28 -10.62
C5 NAG K . -83.72 -48.09 -9.66
C6 NAG K . -84.73 -48.04 -8.50
C7 NAG K . -79.59 -50.24 -12.05
C8 NAG K . -79.91 -51.55 -12.75
N2 NAG K . -80.52 -49.26 -12.12
O3 NAG K . -83.12 -50.13 -12.71
O4 NAG K . -85.28 -49.33 -11.14
O5 NAG K . -82.39 -48.15 -9.16
O6 NAG K . -84.54 -49.15 -7.66
O7 NAG K . -78.53 -50.10 -11.45
C1 NAG L . -86.15 -50.57 9.38
C2 NAG L . -86.62 -52.02 9.55
C3 NAG L . -85.91 -52.92 8.53
C4 NAG L . -86.17 -52.40 7.11
C5 NAG L . -85.74 -50.92 7.00
C6 NAG L . -86.13 -50.29 5.66
C7 NAG L . -86.89 -53.67 11.39
C8 NAG L . -85.99 -54.36 12.37
N2 NAG L . -86.46 -52.49 10.92
O3 NAG L . -86.34 -54.26 8.65
O4 NAG L . -85.50 -53.20 6.15
O5 NAG L . -86.33 -50.13 8.04
O6 NAG L . -85.53 -50.99 4.59
O7 NAG L . -87.97 -54.18 11.06
C1 NAG L . -86.37 -54.05 5.36
C2 NAG L . -86.10 -55.54 5.63
C3 NAG L . -86.91 -56.42 4.67
C4 NAG L . -88.39 -56.03 4.70
C5 NAG L . -88.53 -54.51 4.47
C6 NAG L . -89.98 -54.04 4.47
C7 NAG L . -83.89 -55.97 6.55
C8 NAG L . -82.51 -55.39 6.40
N2 NAG L . -84.69 -55.85 5.49
O3 NAG L . -86.75 -57.79 5.00
O4 NAG L . -89.09 -56.76 3.72
O5 NAG L . -87.77 -53.79 5.43
O6 NAG L . -90.50 -54.01 5.78
O7 NAG L . -84.24 -56.53 7.60
N17 RUM M . 7.01 46.30 17.55
C16 RUM M . 8.03 46.18 17.01
C15 RUM M . 9.15 46.04 16.38
C14 RUM M . 9.23 45.09 15.34
C13 RUM M . 10.42 44.92 14.62
C12 RUM M . 11.57 45.65 14.94
C11 RUM M . 11.54 46.59 15.98
C10 RUM M . 10.39 46.82 16.72
C9 RUM M . 10.42 47.87 17.81
N2 RUM M . 9.90 47.39 19.10
C3 RUM M . 8.83 48.06 19.80
N4 RUM M . 8.40 47.59 20.99
C5 RUM M . 8.92 46.50 21.60
C6 RUM M . 9.95 45.79 21.00
BR7 RUM M . 10.77 44.25 21.76
C1 RUM M . 10.47 46.25 19.70
O8 RUM M . 11.41 45.58 19.18
N18 RUM M . 8.22 49.26 19.34
C23 RUM M . 6.76 49.40 19.20
C22 RUM M . 6.41 50.54 18.23
N24 RUM M . 6.67 50.12 16.87
C21 RUM M . 7.23 51.79 18.52
C20 RUM M . 8.69 51.47 18.25
C19 RUM M . 9.19 50.35 19.15
C1 NAG N . -16.36 66.30 49.59
C2 NAG N . -17.33 66.62 48.42
C3 NAG N . -17.59 68.11 48.31
C4 NAG N . -17.94 68.75 49.65
C5 NAG N . -16.97 68.31 50.76
C6 NAG N . -17.41 68.80 52.13
C7 NAG N . -17.06 64.88 46.65
C8 NAG N . -16.89 64.76 45.16
N2 NAG N . -16.79 66.10 47.17
O3 NAG N . -18.63 68.37 47.39
O4 NAG N . -17.94 70.16 49.54
O5 NAG N . -16.87 66.90 50.77
O6 NAG N . -16.77 68.09 53.17
O7 NAG N . -17.40 63.90 47.30
C1 NAG O . -26.13 48.99 15.29
C2 NAG O . -27.37 49.90 15.30
C3 NAG O . -28.61 49.19 15.87
C4 NAG O . -28.85 47.87 15.13
C5 NAG O . -27.58 47.02 15.23
C6 NAG O . -27.76 45.62 14.59
C7 NAG O . -27.14 52.32 15.33
C8 NAG O . -27.02 53.57 16.16
N2 NAG O . -27.12 51.16 15.98
O3 NAG O . -29.75 50.02 15.78
O4 NAG O . -29.99 47.21 15.65
O5 NAG O . -26.45 47.73 14.69
O6 NAG O . -27.15 45.49 13.32
O7 NAG O . -27.25 52.41 14.10
C1 NAG P . -11.96 80.52 21.76
C2 NAG P . -13.13 81.37 22.32
C3 NAG P . -13.65 82.50 21.42
C4 NAG P . -12.63 83.06 20.40
C5 NAG P . -11.72 81.94 19.88
C6 NAG P . -10.66 82.44 18.88
C7 NAG P . -14.88 80.49 23.83
C8 NAG P . -16.35 80.19 23.79
N2 NAG P . -14.25 80.48 22.65
O3 NAG P . -14.07 83.56 22.24
O4 NAG P . -13.31 83.71 19.34
O5 NAG P . -11.09 81.31 20.98
O6 NAG P . -9.79 83.37 19.50
O7 NAG P . -14.30 80.73 24.90
C1 NAG Q . 21.32 63.09 6.52
C2 NAG Q . 22.60 63.92 6.39
C3 NAG Q . 23.35 63.58 5.11
C4 NAG Q . 23.69 62.10 5.10
C5 NAG Q . 22.43 61.23 5.35
C6 NAG Q . 22.63 60.23 6.50
C7 NAG Q . 22.85 66.07 7.45
C8 NAG Q . 23.24 67.48 7.13
N2 NAG Q . 22.32 65.35 6.46
O3 NAG Q . 24.58 64.27 5.05
O4 NAG Q . 24.32 61.81 3.88
O5 NAG Q . 21.26 62.00 5.60
O6 NAG Q . 23.22 59.06 6.02
O7 NAG Q . 23.02 65.60 8.58
N17 RUM R . -3.38 13.12 -2.35
C16 RUM R . -4.13 12.94 -1.45
C15 RUM R . -5.00 12.93 -0.51
C14 RUM R . -5.10 14.04 0.32
C13 RUM R . -6.02 14.09 1.37
C12 RUM R . -6.89 13.03 1.62
C11 RUM R . -6.84 11.89 0.82
C10 RUM R . -5.93 11.78 -0.24
C9 RUM R . -5.94 10.50 -1.05
N2 RUM R . -4.58 9.96 -1.17
C3 RUM R . -3.94 9.72 -2.42
N4 RUM R . -2.68 9.21 -2.45
C5 RUM R . -1.97 8.94 -1.36
C6 RUM R . -2.51 9.14 -0.08
BR7 RUM R . -1.51 8.73 1.47
C1 RUM R . -3.88 9.67 0.02
O8 RUM R . -4.38 9.87 1.16
N18 RUM R . -4.56 9.90 -3.68
C23 RUM R . -3.92 10.74 -4.70
C22 RUM R . -4.96 11.31 -5.67
N24 RUM R . -5.70 12.36 -5.02
C21 RUM R . -5.90 10.20 -6.13
C20 RUM R . -6.70 9.66 -4.95
C19 RUM R . -5.76 9.08 -3.89
C1 NAG S . 19.27 -6.40 -35.37
C2 NAG S . 19.07 -4.98 -35.95
C3 NAG S . 18.83 -4.92 -37.46
C4 NAG S . 19.68 -5.96 -38.22
C5 NAG S . 19.45 -7.33 -37.58
C6 NAG S . 20.11 -8.46 -38.35
C7 NAG S . 17.88 -3.13 -34.79
C8 NAG S . 16.51 -2.54 -34.65
N2 NAG S . 17.93 -4.38 -35.28
O3 NAG S . 19.06 -3.61 -37.93
O4 NAG S . 19.35 -5.98 -39.59
O5 NAG S . 19.95 -7.28 -36.26
O6 NAG S . 19.36 -8.76 -39.50
O7 NAG S . 18.89 -2.48 -34.46
C1 NAG T . 10.86 31.84 -26.12
C2 NAG T . 10.91 32.38 -27.56
C3 NAG T . 12.35 32.69 -27.98
C4 NAG T . 12.98 33.65 -26.97
C5 NAG T . 12.93 32.97 -25.59
C6 NAG T . 13.64 33.78 -24.49
C7 NAG T . 9.30 31.79 -29.35
C8 NAG T . 9.69 32.50 -30.62
N2 NAG T . 10.28 31.45 -28.49
O3 NAG T . 12.42 33.23 -29.29
O4 NAG T . 14.29 34.02 -27.36
O5 NAG T . 11.58 32.68 -25.24
O6 NAG T . 12.78 34.69 -23.85
O7 NAG T . 8.11 31.56 -29.13
C1 NAG U . -8.62 6.86 -40.47
C2 NAG U . -8.24 6.75 -41.96
C3 NAG U . -9.18 7.57 -42.86
C4 NAG U . -10.64 7.26 -42.53
C5 NAG U . -10.85 7.54 -41.04
C6 NAG U . -12.29 7.37 -40.59
C7 NAG U . -6.02 6.46 -42.97
C8 NAG U . -4.91 7.24 -43.61
N2 NAG U . -6.84 7.13 -42.16
O3 NAG U . -8.94 7.27 -44.22
O4 NAG U . -11.52 8.00 -43.36
O5 NAG U . -10.02 6.64 -40.30
O6 NAG U . -12.63 6.00 -40.68
O7 NAG U . -6.14 5.24 -43.20
C1 NAG V . -27.28 7.24 -4.54
C2 NAG V . -28.44 6.22 -4.47
C3 NAG V . -29.65 6.72 -3.70
C4 NAG V . -29.26 7.35 -2.37
C5 NAG V . -28.20 8.44 -2.62
C6 NAG V . -27.70 9.03 -1.30
C7 NAG V . -28.73 4.64 -6.27
C8 NAG V . -29.00 4.46 -7.74
N2 NAG V . -28.86 5.87 -5.81
O3 NAG V . -30.53 5.65 -3.44
O4 NAG V . -30.43 7.89 -1.76
O5 NAG V . -27.07 7.92 -3.32
O6 NAG V . -26.79 8.13 -0.68
O7 NAG V . -28.41 3.68 -5.56
N17 RUM W . 45.96 -37.27 -19.10
C16 RUM W . 44.91 -37.72 -19.31
C15 RUM W . 43.79 -38.28 -19.57
C14 RUM W . 43.80 -39.52 -20.18
C13 RUM W . 42.58 -40.16 -20.45
C12 RUM W . 41.35 -39.58 -20.14
C11 RUM W . 41.30 -38.33 -19.54
C10 RUM W . 42.48 -37.65 -19.23
C9 RUM W . 42.39 -36.28 -18.56
N2 RUM W . 43.19 -35.27 -19.26
C3 RUM W . 44.16 -34.47 -18.62
N4 RUM W . 44.86 -33.53 -19.33
C5 RUM W . 44.70 -33.32 -20.66
C6 RUM W . 43.78 -34.08 -21.36
BR7 RUM W . 43.47 -33.87 -23.21
C1 RUM W . 42.99 -35.09 -20.64
O8 RUM W . 42.18 -35.74 -21.30
N18 RUM W . 44.42 -34.50 -17.24
C23 RUM W . 45.80 -34.70 -16.73
C22 RUM W . 45.79 -35.26 -15.29
N24 RUM W . 45.55 -36.69 -15.31
C21 RUM W . 44.74 -34.53 -14.43
C20 RUM W . 43.36 -34.80 -15.01
C19 RUM W . 43.25 -34.18 -16.41
C1 NAG X . 70.08 -1.69 -5.89
C2 NAG X . 70.88 -2.90 -5.39
C3 NAG X . 71.35 -2.87 -3.93
C4 NAG X . 71.39 -1.48 -3.27
C5 NAG X . 70.24 -0.63 -3.79
C6 NAG X . 70.14 0.73 -3.10
C7 NAG X . 70.47 -5.19 -6.20
C8 NAG X . 70.82 -6.37 -5.35
N2 NAG X . 70.06 -4.09 -5.56
O3 NAG X . 72.63 -3.45 -3.83
O4 NAG X . 71.32 -1.65 -1.87
O5 NAG X . 70.40 -0.49 -5.19
O6 NAG X . 71.04 1.64 -3.66
O7 NAG X . 70.55 -5.25 -7.43
C1 NAG Y . 77.62 -40.86 -8.69
C2 NAG Y . 78.67 -40.86 -7.56
C3 NAG Y . 80.07 -40.51 -8.08
C4 NAG Y . 80.40 -41.40 -9.27
C5 NAG Y . 79.33 -41.19 -10.34
C6 NAG Y . 79.63 -41.92 -11.65
C7 NAG Y . 77.95 -40.37 -5.27
C8 NAG Y . 77.46 -39.32 -4.33
N2 NAG Y . 78.29 -39.94 -6.49
O3 NAG Y . 81.05 -40.65 -7.07
O4 NAG Y . 81.70 -41.11 -9.75
O5 NAG Y . 78.06 -41.59 -9.82
O6 NAG Y . 79.42 -43.31 -11.55
O7 NAG Y . 78.02 -41.54 -4.90
C1 NAG Z . 59.58 -22.64 14.68
C2 NAG Z . 60.62 -22.01 15.62
C3 NAG Z . 60.71 -22.73 16.97
C4 NAG Z . 59.33 -23.02 17.57
C5 NAG Z . 58.45 -23.69 16.52
C6 NAG Z . 57.03 -23.92 17.02
C7 NAG Z . 62.49 -20.94 14.43
C8 NAG Z . 63.57 -21.23 13.43
N2 NAG Z . 61.94 -22.02 15.00
O3 NAG Z . 61.45 -21.94 17.87
O4 NAG Z . 59.47 -23.80 18.74
O5 NAG Z . 58.37 -22.89 15.36
O6 NAG Z . 56.37 -22.67 17.09
O7 NAG Z . 62.15 -19.78 14.68
C1 NAG AA . 27.56 -40.17 -3.13
C2 NAG AA . 26.35 -39.56 -2.38
C3 NAG AA . 24.98 -40.26 -2.55
C4 NAG AA . 24.98 -41.70 -3.07
C5 NAG AA . 26.39 -42.25 -3.28
C6 NAG AA . 26.36 -43.54 -4.10
C7 NAG AA . 26.54 -38.29 -0.28
C8 NAG AA . 26.71 -38.41 1.21
N2 NAG AA . 26.65 -39.44 -0.96
O3 NAG AA . 24.16 -39.47 -3.39
O4 NAG AA . 24.29 -42.53 -2.17
O5 NAG AA . 27.20 -41.27 -3.93
O6 NAG AA . 26.04 -43.27 -5.45
O7 NAG AA . 26.33 -37.20 -0.82
N17 RUM BA . -51.10 -37.98 -5.43
C16 RUM BA . -51.06 -37.65 -6.54
C15 RUM BA . -51.03 -37.25 -7.75
C14 RUM BA . -50.84 -38.18 -8.77
C13 RUM BA . -50.82 -37.76 -10.10
C12 RUM BA . -50.97 -36.42 -10.45
C11 RUM BA . -51.14 -35.45 -9.46
C10 RUM BA . -51.19 -35.81 -8.12
C9 RUM BA . -51.39 -34.73 -7.06
N2 RUM BA . -50.36 -34.82 -6.02
C3 RUM BA . -50.66 -34.81 -4.63
N4 RUM BA . -49.66 -34.87 -3.71
C5 RUM BA . -48.37 -34.98 -4.03
C6 RUM BA . -47.98 -35.01 -5.38
BR7 RUM BA . -46.17 -35.13 -5.90
C1 RUM BA . -49.01 -34.93 -6.42
O8 RUM BA . -48.66 -34.95 -7.62
N18 RUM BA . -51.97 -34.66 -4.14
C23 RUM BA . -52.53 -35.65 -3.22
C22 RUM BA . -54.06 -35.70 -3.37
N24 RUM BA . -54.41 -36.37 -4.60
C21 RUM BA . -54.63 -34.28 -3.36
C20 RUM BA . -54.12 -33.53 -4.58
C19 RUM BA . -52.61 -33.39 -4.49
C1 NAG CA . -53.83 -27.09 43.52
C2 NAG CA . -53.47 -28.57 43.70
C3 NAG CA . -51.95 -28.79 43.60
C4 NAG CA . -51.28 -28.00 42.47
C5 NAG CA . -51.87 -26.59 42.27
C6 NAG CA . -51.41 -26.02 40.94
C7 NAG CA . -54.29 -30.33 45.22
C8 NAG CA . -54.10 -30.82 46.64
N2 NAG CA . -53.97 -29.05 44.99
O3 NAG CA . -51.71 -30.16 43.41
O4 NAG CA . -49.90 -27.87 42.75
O5 NAG CA . -53.29 -26.63 42.31
O6 NAG CA . -50.58 -24.90 41.18
O7 NAG CA . -54.71 -31.09 44.35
C1 NAG DA . -63.46 -59.82 17.14
C2 NAG DA . -64.59 -60.12 18.15
C3 NAG DA . -64.29 -61.25 19.14
C4 NAG DA . -63.78 -62.49 18.41
C5 NAG DA . -62.61 -62.09 17.49
C6 NAG DA . -62.10 -63.31 16.68
C7 NAG DA . -66.01 -58.19 18.62
C8 NAG DA . -65.91 -56.74 18.96
N2 NAG DA . -64.93 -58.92 18.90
O3 NAG DA . -65.44 -61.59 19.89
O4 NAG DA . -63.41 -63.46 19.36
O5 NAG DA . -62.96 -61.04 16.60
O6 NAG DA . -62.79 -63.45 15.46
O7 NAG DA . -67.03 -58.66 18.11
C1 NAG EA . -77.91 -29.47 22.32
C2 NAG EA . -78.90 -30.22 23.21
C3 NAG EA . -80.30 -29.67 22.96
C4 NAG EA . -80.34 -28.16 23.15
C5 NAG EA . -79.20 -27.45 22.39
C6 NAG EA . -79.09 -25.98 22.78
C7 NAG EA . -78.11 -32.49 23.73
C8 NAG EA . -76.99 -33.23 23.07
N2 NAG EA . -78.82 -31.66 22.97
O3 NAG EA . -81.23 -30.28 23.83
O4 NAG EA . -81.59 -27.68 22.69
O5 NAG EA . -77.95 -28.08 22.64
O6 NAG EA . -77.99 -25.40 22.13
O7 NAG EA . -78.34 -32.67 24.94
C1 NAG FA . -66.36 -22.78 -17.36
C2 NAG FA . -67.51 -21.81 -17.70
C3 NAG FA . -67.48 -21.24 -19.13
C4 NAG FA . -66.90 -22.23 -20.15
C5 NAG FA . -66.92 -23.65 -19.54
C6 NAG FA . -66.59 -24.78 -20.52
C7 NAG FA . -69.79 -21.84 -16.81
C8 NAG FA . -71.16 -22.34 -17.16
N2 NAG FA . -68.79 -22.45 -17.43
O3 NAG FA . -66.74 -20.04 -19.13
O4 NAG FA . -67.64 -22.18 -21.35
O5 NAG FA . -66.04 -23.68 -18.42
O6 NAG FA . -65.21 -24.77 -20.81
O7 NAG FA . -69.63 -20.94 -15.98
#